data_7R8N
#
_entry.id   7R8N
#
_cell.length_a   1.00
_cell.length_b   1.00
_cell.length_c   1.00
_cell.angle_alpha   90.00
_cell.angle_beta   90.00
_cell.angle_gamma   90.00
#
_symmetry.space_group_name_H-M   'P 1'
#
loop_
_entity.id
_entity.type
_entity.pdbx_description
1 polymer 'Spike glycoprotein'
2 polymer 'C051 Fab Heavy Chain'
3 polymer 'C051 Fab Light Chain'
4 branched 2-acetamido-2-deoxy-beta-D-glucopyranose-(1-4)-2-acetamido-2-deoxy-beta-D-glucopyranose
5 non-polymer 2-acetamido-2-deoxy-beta-D-glucopyranose
#
loop_
_entity_poly.entity_id
_entity_poly.type
_entity_poly.pdbx_seq_one_letter_code
_entity_poly.pdbx_strand_id
1 'polypeptide(L)'
;MFVFLVLLPLVSSQCVNLTTRTQLPPAYTNSFTRGVYYPDKVFRSSVLHSTQDLFLPFFSNVTWFHAIHVSGTNGTKRFD
NPVLPFNDGVYFASTEKSNIIRGWIFGTTLDSKTQSLLIVNNATNVVIKVCEFQFCNDPFLGVYYHKNNKSWMESEFRVY
SSANNCTFEYVSQPFLMDLEGKQGNFKNLREFVFKNIDGYFKIYSKHTPINLVRDLPQGFSALEPLVDLPIGINITRFQT
LLALHRSYLTPGDSSSGWTAGAAAYYVGYLQPRTFLLKYNENGTITDAVDCALDPLSETKCTLKSFTVEKGIYQTSNFRV
QPTESIVRFPNITNLCPFGEVFNATRFASVYAWNRKRISNCVADYSVLYNSASFSTFKCYGVSPTKLNDLCFTNVYADSF
VIRGDEVRQIAPGQTGKIADYNYKLPDDFTGCVIAWNSNNLDSKVGGNYNYLYRLFRKSNLKPFERDISTEIYQAGSTPC
NGVEGFNCYFPLQSYGFQPTNGVGYQPYRVVVLSFELLHAPATVCGPKKSTNLVKNKCVNFNFNGLTGTGVLTESNKKFL
PFQQFGRDIADTTDAVRDPQTLEILDITPCSFGGVSVITPGTNTSNQVAVLYQDVNCTEVPVAIHADQLTPTWRVYSTGS
NVFQTRAGCLIGAEHVNNSYECDIPIGAGICASYQTQTNSPASVASQSIIAYTMSLGAENSVAYSNNSIAIPTNFTISVT
TEILPVSMTKTSVDCTMYICGDSTECSNLLLQYGSFCTQLNRALTGIAVEQDKNTQEVFAQVKQIYKTPPIKDFGGFNFS
QILPDPSKPSKRSPIEDLLFNKVTLADAGFIKQYGDCLGDIAARDLICAQKFNGLTVLPPLLTDEMIAQYTSALLAGTIT
SGWTFGAGPALQIPFPMQMAYRFNGIGVTQNVLYENQKLIANQFNSAIGKIQDSLSSTPSALGKLQDVVNQNAQALNTLV
KQLSSNFGAISSVLNDILSRLDPPEAEVQIDRLITGRLQSLQTYVTQQLIRAAEIRASANLAATKMSECVLGQSKRVDFC
GKGYHLMSFPQSAPHGVVFLHVTYVPAQEKNFTTAPAICHDGKAHFPREGVFVSNGTHWFVTQRNFYEPQIITTDNTFVS
GNCDVVIGIVNNTVYDPLQPELDSFKEELDKYFKNHTSPDVDLGDISGINASVVNIQKEIDRLNEVAKNLNESLIDLQEL
GKYEQYIKWPSGRLVPRGSPGSGYIPEAPRDGQAYVRKDGEWVLLSTFLGHHHHHHGLNDIFEAQKIEWHE
;
A,B,E
2 'polypeptide(L)'
;EVQLVESGGGLIQAGGSLRLSCAASGFGVRNNYMSWVRQAPGKGLEWVSVIYSGGTTYYADSVKGRFTISRDNSKNTVFL
QMNSLRAEDTAVYYCAREGDVEGFSDLWSGYSRDRYYFDYWGQGTLVTVSSASTKGPSVFPLAPSSKSTSGGTAALGCLV
KDYFPEPVTVSWNSGALTSGVHTFPAVLQSSGLYSLSSVVTVPSSSLGTQTYICNVNHKPSNTKVDKRVEPKSCDKT
;
H,M,O
3 'polypeptide(L)'
;QSVLTQPASVSGSPGQSITFSCTGTSSDVGGYNYVSWYQQYPGKAPKLLIYDVTNRPSGVSDRFSGSKSGNTASLTISGL
QAEDEADYYCSSFTSSNTRVFGTGTKVTVLGQPKAAPSVTLFPPSSEELQANKATLVCLISDFYPGAVTVAWKADSSPVK
AGVETTTPSKQSNNKYAASSYLSLTPEQWKSHRSYSCQVTHEGSTVEKTVAPTECS
;
L,N,P
#
# COMPACT_ATOMS: atom_id res chain seq x y z
N CYS A 15 -24.90 -50.52 -37.53
CA CYS A 15 -25.89 -49.53 -37.16
C CYS A 15 -26.78 -49.30 -38.38
N VAL A 16 -28.06 -48.98 -38.16
CA VAL A 16 -29.01 -48.72 -39.23
C VAL A 16 -29.70 -47.38 -38.97
N ASN A 17 -29.80 -46.58 -40.02
CA ASN A 17 -30.40 -45.25 -39.98
C ASN A 17 -31.89 -45.41 -40.31
N LEU A 18 -32.72 -45.10 -39.32
CA LEU A 18 -34.17 -45.21 -39.41
C LEU A 18 -34.74 -43.91 -39.96
N THR A 19 -35.48 -44.02 -41.07
CA THR A 19 -36.03 -42.87 -41.78
C THR A 19 -37.55 -42.79 -41.69
N THR A 20 -38.23 -43.84 -41.26
CA THR A 20 -39.69 -43.85 -41.17
C THR A 20 -40.08 -43.08 -39.91
N ARG A 21 -39.88 -41.77 -40.00
CA ARG A 21 -40.05 -40.81 -38.92
C ARG A 21 -40.81 -39.62 -39.48
N THR A 22 -41.83 -39.15 -38.76
CA THR A 22 -42.55 -37.97 -39.21
C THR A 22 -41.67 -36.73 -38.99
N GLN A 23 -41.65 -35.86 -40.01
CA GLN A 23 -40.82 -34.65 -40.04
C GLN A 23 -41.66 -33.43 -39.71
N LEU A 24 -41.61 -32.99 -38.46
CA LEU A 24 -42.33 -31.80 -38.04
C LEU A 24 -41.35 -30.76 -37.53
N PRO A 25 -41.70 -29.48 -37.57
CA PRO A 25 -40.81 -28.45 -36.99
C PRO A 25 -40.76 -28.57 -35.47
N PRO A 26 -39.71 -28.04 -34.84
CA PRO A 26 -39.64 -28.06 -33.37
C PRO A 26 -40.79 -27.29 -32.71
N ALA A 27 -41.24 -27.80 -31.59
CA ALA A 27 -42.25 -27.19 -30.73
C ALA A 27 -41.57 -26.39 -29.62
N TYR A 28 -42.31 -25.48 -29.01
CA TYR A 28 -41.76 -24.65 -27.94
C TYR A 28 -42.74 -24.67 -26.77
N THR A 29 -42.17 -24.58 -25.57
CA THR A 29 -42.90 -24.56 -24.31
C THR A 29 -42.24 -23.56 -23.37
N ASN A 30 -42.75 -23.51 -22.14
CA ASN A 30 -42.26 -22.58 -21.12
C ASN A 30 -41.40 -23.39 -20.17
N SER A 31 -40.15 -22.96 -19.97
CA SER A 31 -39.24 -23.68 -19.08
C SER A 31 -39.61 -23.56 -17.61
N PHE A 32 -40.46 -22.60 -17.25
CA PHE A 32 -40.85 -22.29 -15.87
C PHE A 32 -39.65 -22.11 -14.95
N THR A 33 -39.49 -23.03 -13.98
CA THR A 33 -38.45 -22.93 -12.96
C THR A 33 -37.43 -24.07 -13.04
N ARG A 34 -37.28 -24.72 -14.19
CA ARG A 34 -36.33 -25.82 -14.30
C ARG A 34 -34.91 -25.34 -14.56
N GLY A 35 -33.97 -26.25 -14.30
CA GLY A 35 -32.56 -26.04 -14.61
C GLY A 35 -31.69 -25.54 -13.49
N VAL A 36 -32.19 -25.48 -12.25
CA VAL A 36 -31.38 -25.05 -11.11
C VAL A 36 -30.70 -26.25 -10.45
N TYR A 37 -29.40 -26.10 -10.21
CA TYR A 37 -28.56 -27.10 -9.58
C TYR A 37 -27.66 -26.54 -8.48
N TYR A 38 -27.16 -27.44 -7.65
CA TYR A 38 -26.20 -27.12 -6.60
C TYR A 38 -24.87 -26.76 -7.23
N PRO A 39 -24.39 -25.52 -7.11
CA PRO A 39 -23.18 -25.13 -7.87
C PRO A 39 -21.90 -25.72 -7.30
N ASP A 40 -21.94 -26.23 -6.07
CA ASP A 40 -20.75 -26.71 -5.38
C ASP A 40 -21.23 -27.84 -4.46
N LYS A 41 -20.33 -28.38 -3.66
CA LYS A 41 -20.57 -29.51 -2.76
C LYS A 41 -20.49 -29.05 -1.31
N VAL A 42 -20.80 -27.79 -1.07
CA VAL A 42 -20.68 -27.16 0.24
C VAL A 42 -22.08 -26.83 0.77
N PHE A 43 -22.29 -27.12 2.05
CA PHE A 43 -23.55 -26.88 2.73
C PHE A 43 -23.70 -25.42 3.11
N ARG A 44 -24.86 -24.87 2.82
CA ARG A 44 -25.19 -23.54 3.30
C ARG A 44 -26.65 -23.61 3.69
N SER A 45 -27.03 -22.79 4.67
CA SER A 45 -28.41 -22.84 5.15
C SER A 45 -28.80 -21.47 5.67
N SER A 46 -30.09 -21.16 5.53
CA SER A 46 -30.65 -19.87 5.94
C SER A 46 -29.85 -18.71 5.36
N VAL A 47 -29.41 -18.86 4.11
CA VAL A 47 -28.63 -17.83 3.44
C VAL A 47 -29.17 -17.66 2.04
N LEU A 48 -28.89 -16.50 1.46
CA LEU A 48 -29.11 -16.26 0.05
C LEU A 48 -27.72 -16.06 -0.54
N HIS A 49 -27.30 -16.96 -1.43
CA HIS A 49 -25.95 -16.91 -1.97
C HIS A 49 -26.01 -16.68 -3.47
N SER A 50 -25.28 -15.68 -3.94
CA SER A 50 -25.23 -15.32 -5.36
C SER A 50 -24.04 -15.98 -6.05
N THR A 51 -24.31 -16.72 -7.11
CA THR A 51 -23.31 -17.46 -7.87
C THR A 51 -23.46 -17.15 -9.34
N GLN A 52 -22.33 -16.96 -10.02
CA GLN A 52 -22.32 -16.79 -11.47
C GLN A 52 -21.77 -18.08 -12.07
N ASP A 53 -22.65 -18.79 -12.79
CA ASP A 53 -22.40 -20.10 -13.38
C ASP A 53 -23.35 -20.27 -14.55
N LEU A 54 -23.26 -21.42 -15.21
CA LEU A 54 -24.12 -21.74 -16.33
C LEU A 54 -25.41 -22.37 -15.81
N PHE A 55 -26.53 -21.66 -15.93
CA PHE A 55 -27.83 -22.14 -15.46
C PHE A 55 -28.83 -21.99 -16.59
N LEU A 56 -29.89 -22.81 -16.56
CA LEU A 56 -30.99 -22.64 -17.49
C LEU A 56 -31.84 -21.44 -17.06
N PRO A 57 -31.98 -20.42 -17.91
CA PRO A 57 -32.78 -19.24 -17.53
C PRO A 57 -34.24 -19.56 -17.26
N PHE A 58 -34.82 -18.81 -16.33
CA PHE A 58 -36.24 -18.93 -16.05
C PHE A 58 -37.06 -18.37 -17.21
N PHE A 59 -38.16 -19.05 -17.54
CA PHE A 59 -39.09 -18.65 -18.61
C PHE A 59 -38.36 -18.46 -19.94
N SER A 60 -37.37 -19.29 -20.22
CA SER A 60 -36.62 -19.13 -21.46
C SER A 60 -37.36 -19.75 -22.63
N ASN A 61 -36.97 -19.35 -23.83
CA ASN A 61 -37.57 -19.91 -25.04
C ASN A 61 -36.89 -21.26 -25.22
N VAL A 62 -37.56 -22.32 -24.79
CA VAL A 62 -37.04 -23.67 -24.79
C VAL A 62 -37.71 -24.50 -25.86
N THR A 63 -36.90 -25.18 -26.66
CA THR A 63 -37.42 -26.04 -27.71
C THR A 63 -37.93 -27.34 -27.10
N TRP A 64 -39.07 -27.78 -27.61
CA TRP A 64 -39.87 -28.84 -27.00
C TRP A 64 -39.98 -30.02 -27.96
N PHE A 65 -39.56 -31.19 -27.49
CA PHE A 65 -39.51 -32.42 -28.25
C PHE A 65 -40.41 -33.45 -27.58
N HIS A 66 -40.95 -34.36 -28.38
CA HIS A 66 -41.79 -35.43 -27.86
C HIS A 66 -41.10 -36.79 -28.04
N ARG A 78 -44.32 -41.70 -32.12
CA ARG A 78 -43.40 -41.77 -33.25
C ARG A 78 -42.03 -42.28 -32.81
N PHE A 79 -40.98 -41.60 -33.29
CA PHE A 79 -39.61 -41.86 -32.84
C PHE A 79 -38.79 -40.60 -33.07
N ASP A 80 -38.95 -39.60 -32.22
CA ASP A 80 -38.40 -38.26 -32.45
C ASP A 80 -37.14 -38.09 -31.61
N ASN A 81 -36.00 -37.90 -32.30
CA ASN A 81 -34.66 -37.77 -31.71
C ASN A 81 -33.60 -37.35 -32.73
N PRO A 82 -33.60 -36.12 -33.22
CA PRO A 82 -32.51 -35.69 -34.10
C PRO A 82 -31.29 -35.28 -33.27
N VAL A 83 -30.21 -34.95 -33.97
CA VAL A 83 -29.03 -34.39 -33.33
C VAL A 83 -29.25 -32.91 -33.03
N LEU A 84 -28.90 -32.50 -31.80
CA LEU A 84 -29.12 -31.11 -31.45
C LEU A 84 -27.78 -30.46 -31.13
N PRO A 85 -27.64 -29.15 -31.32
CA PRO A 85 -26.41 -28.46 -30.86
C PRO A 85 -26.22 -28.44 -29.35
N PHE A 86 -24.95 -28.42 -28.97
CA PHE A 86 -24.46 -28.24 -27.60
C PHE A 86 -23.51 -27.05 -27.61
N ASN A 87 -23.87 -25.97 -26.90
CA ASN A 87 -23.09 -24.73 -27.01
C ASN A 87 -22.24 -24.56 -25.77
N ASP A 88 -22.73 -23.90 -24.73
CA ASP A 88 -22.01 -23.80 -23.47
C ASP A 88 -22.31 -24.99 -22.57
N GLY A 89 -23.50 -25.54 -22.73
CA GLY A 89 -23.97 -26.70 -21.98
C GLY A 89 -25.46 -26.82 -22.19
N VAL A 90 -26.00 -27.98 -21.77
CA VAL A 90 -27.43 -28.22 -21.92
C VAL A 90 -28.03 -28.76 -20.64
N TYR A 91 -29.33 -28.54 -20.52
CA TYR A 91 -30.18 -29.08 -19.47
C TYR A 91 -31.05 -30.16 -20.11
N PHE A 92 -31.11 -31.32 -19.47
CA PHE A 92 -31.87 -32.44 -20.00
C PHE A 92 -32.85 -32.97 -18.96
N ALA A 93 -34.10 -33.18 -19.39
CA ALA A 93 -35.11 -33.77 -18.53
C ALA A 93 -36.00 -34.67 -19.38
N SER A 94 -36.44 -35.78 -18.78
CA SER A 94 -37.32 -36.72 -19.44
C SER A 94 -38.50 -37.11 -18.56
N THR A 95 -39.67 -37.28 -19.19
CA THR A 95 -40.84 -37.83 -18.52
C THR A 95 -41.16 -39.14 -19.24
N GLU A 96 -41.11 -40.25 -18.50
CA GLU A 96 -41.16 -41.58 -19.11
C GLU A 96 -41.88 -42.60 -18.24
N LYS A 97 -42.36 -43.67 -18.91
CA LYS A 97 -42.87 -44.85 -18.22
C LYS A 97 -42.08 -46.12 -18.45
N SER A 98 -41.18 -46.19 -19.42
CA SER A 98 -40.53 -47.48 -19.63
C SER A 98 -39.05 -47.33 -19.90
N ASN A 99 -38.42 -46.28 -19.36
CA ASN A 99 -36.97 -46.05 -19.40
C ASN A 99 -36.44 -46.24 -20.83
N ILE A 100 -36.84 -45.33 -21.70
CA ILE A 100 -36.46 -45.46 -23.10
C ILE A 100 -35.11 -44.80 -23.42
N ILE A 101 -34.77 -43.72 -22.72
CA ILE A 101 -33.50 -43.04 -22.95
C ILE A 101 -32.36 -43.94 -22.50
N ARG A 102 -31.31 -44.02 -23.33
CA ARG A 102 -30.15 -44.86 -23.04
C ARG A 102 -28.86 -44.10 -22.78
N GLY A 103 -28.64 -42.94 -23.39
CA GLY A 103 -27.38 -42.28 -23.18
C GLY A 103 -27.09 -41.24 -24.24
N TRP A 104 -25.83 -40.81 -24.27
CA TRP A 104 -25.36 -39.70 -25.09
C TRP A 104 -24.00 -40.00 -25.65
N ILE A 105 -23.69 -39.36 -26.78
CA ILE A 105 -22.37 -39.38 -27.42
C ILE A 105 -21.83 -37.96 -27.31
N PHE A 106 -20.61 -37.81 -26.79
CA PHE A 106 -20.01 -36.49 -26.68
C PHE A 106 -18.72 -36.39 -27.46
N GLY A 107 -18.48 -35.22 -28.03
CA GLY A 107 -17.28 -35.01 -28.78
C GLY A 107 -17.28 -33.66 -29.45
N THR A 108 -16.41 -33.58 -30.45
CA THR A 108 -16.12 -32.45 -31.31
C THR A 108 -16.80 -32.69 -32.64
N THR A 109 -16.80 -33.96 -33.04
CA THR A 109 -17.44 -34.47 -34.25
C THR A 109 -18.45 -35.55 -33.91
N LEU A 110 -18.25 -36.27 -32.80
CA LEU A 110 -19.16 -37.31 -32.27
C LEU A 110 -19.32 -38.49 -33.21
N ASP A 111 -18.28 -38.77 -33.99
CA ASP A 111 -18.25 -39.83 -34.99
C ASP A 111 -16.94 -40.61 -34.87
N SER A 112 -16.54 -40.93 -33.64
CA SER A 112 -15.33 -41.69 -33.30
C SER A 112 -14.03 -40.96 -33.67
N LYS A 113 -14.16 -39.72 -34.15
CA LYS A 113 -13.02 -38.88 -34.48
C LYS A 113 -12.37 -38.28 -33.25
N THR A 114 -13.11 -38.18 -32.15
CA THR A 114 -12.66 -37.65 -30.87
C THR A 114 -13.01 -38.63 -29.77
N GLN A 115 -12.46 -38.38 -28.58
CA GLN A 115 -12.76 -39.19 -27.41
C GLN A 115 -14.22 -38.95 -27.05
N SER A 116 -14.93 -40.02 -26.69
CA SER A 116 -16.35 -39.93 -26.41
C SER A 116 -16.78 -40.62 -25.13
N LEU A 117 -17.90 -40.16 -24.59
CA LEU A 117 -18.46 -40.71 -23.37
C LEU A 117 -19.69 -41.50 -23.75
N LEU A 118 -19.76 -42.75 -23.29
CA LEU A 118 -20.86 -43.67 -23.54
C LEU A 118 -21.47 -44.07 -22.21
N ILE A 119 -22.78 -43.88 -22.06
CA ILE A 119 -23.47 -44.28 -20.85
C ILE A 119 -24.43 -45.40 -21.24
N VAL A 120 -24.14 -46.61 -20.77
CA VAL A 120 -25.00 -47.75 -21.08
C VAL A 120 -26.00 -47.89 -19.95
N ASN A 121 -27.11 -48.59 -20.20
CA ASN A 121 -28.09 -48.75 -19.13
C ASN A 121 -27.54 -49.68 -18.05
N ASN A 122 -28.07 -49.50 -16.85
CA ASN A 122 -27.74 -50.22 -15.62
C ASN A 122 -28.21 -51.67 -15.51
N ALA A 123 -28.95 -52.24 -16.47
CA ALA A 123 -29.38 -53.64 -16.39
C ALA A 123 -28.18 -54.58 -16.18
N THR A 124 -27.10 -54.36 -16.93
CA THR A 124 -25.87 -55.09 -16.63
C THR A 124 -25.13 -54.44 -15.46
N ASN A 125 -24.63 -53.22 -15.66
CA ASN A 125 -23.99 -52.41 -14.62
C ASN A 125 -24.02 -50.96 -15.07
N VAL A 126 -24.10 -50.04 -14.11
CA VAL A 126 -24.01 -48.62 -14.44
C VAL A 126 -22.57 -48.38 -14.85
N VAL A 127 -22.35 -47.99 -16.10
CA VAL A 127 -20.96 -47.87 -16.54
C VAL A 127 -20.77 -46.65 -17.44
N ILE A 128 -19.76 -45.86 -17.11
CA ILE A 128 -19.26 -44.77 -17.94
C ILE A 128 -17.86 -45.23 -18.32
N LYS A 129 -17.64 -45.55 -19.58
CA LYS A 129 -16.33 -46.01 -20.04
C LYS A 129 -15.77 -44.89 -20.89
N VAL A 130 -14.68 -44.28 -20.44
CA VAL A 130 -14.07 -43.20 -21.21
C VAL A 130 -12.92 -43.79 -22.03
N CYS A 131 -13.15 -44.95 -22.62
CA CYS A 131 -12.11 -45.49 -23.49
C CYS A 131 -12.30 -44.88 -24.89
N GLU A 132 -11.26 -44.98 -25.71
CA GLU A 132 -11.36 -44.48 -27.08
C GLU A 132 -12.02 -45.55 -27.95
N PHE A 133 -13.25 -45.32 -28.36
CA PHE A 133 -13.99 -46.29 -29.15
C PHE A 133 -14.11 -45.84 -30.60
N GLN A 134 -14.14 -46.83 -31.48
CA GLN A 134 -14.50 -46.65 -32.89
C GLN A 134 -15.98 -46.96 -33.06
N PHE A 135 -16.79 -45.91 -33.10
CA PHE A 135 -18.24 -46.01 -33.15
C PHE A 135 -18.70 -46.14 -34.60
N CYS A 136 -19.89 -46.70 -34.78
CA CYS A 136 -20.56 -46.72 -36.07
C CYS A 136 -21.04 -45.29 -36.34
N ASN A 137 -21.41 -45.01 -37.59
CA ASN A 137 -21.86 -43.66 -37.93
C ASN A 137 -23.29 -43.35 -37.50
N ASP A 138 -23.96 -44.27 -36.79
CA ASP A 138 -25.25 -43.99 -36.15
C ASP A 138 -25.35 -44.93 -34.95
N PRO A 139 -24.53 -44.70 -33.92
CA PRO A 139 -24.46 -45.64 -32.79
C PRO A 139 -25.70 -45.71 -31.92
N PHE A 140 -25.91 -46.91 -31.39
CA PHE A 140 -27.01 -47.27 -30.51
C PHE A 140 -26.57 -48.61 -29.92
N LEU A 141 -27.29 -49.11 -28.92
CA LEU A 141 -27.07 -50.46 -28.44
C LEU A 141 -28.27 -51.35 -28.74
N GLY A 142 -28.01 -52.65 -28.77
CA GLY A 142 -29.02 -53.63 -29.11
C GLY A 142 -29.61 -54.27 -27.86
N VAL A 143 -30.80 -54.83 -28.05
CA VAL A 143 -31.53 -55.44 -26.96
C VAL A 143 -32.14 -56.76 -27.43
N TRP A 152 -38.79 -59.07 -22.90
CA TRP A 152 -37.76 -58.29 -23.57
C TRP A 152 -36.43 -58.55 -22.88
N MET A 153 -35.44 -59.06 -23.61
CA MET A 153 -34.13 -59.34 -23.05
C MET A 153 -33.06 -58.82 -23.98
N GLU A 154 -31.92 -58.42 -23.41
CA GLU A 154 -30.80 -57.96 -24.20
C GLU A 154 -30.08 -59.12 -24.88
N SER A 155 -29.72 -58.92 -26.14
CA SER A 155 -28.98 -59.90 -26.93
C SER A 155 -27.84 -59.17 -27.63
N GLU A 156 -28.21 -58.23 -28.49
CA GLU A 156 -27.26 -57.50 -29.31
C GLU A 156 -26.50 -56.48 -28.48
N PHE A 157 -25.24 -56.27 -28.83
CA PHE A 157 -24.42 -55.20 -28.27
C PHE A 157 -23.69 -54.61 -29.47
N ARG A 158 -24.17 -53.46 -29.97
CA ARG A 158 -23.69 -52.92 -31.24
C ARG A 158 -23.32 -51.44 -31.14
N VAL A 159 -22.44 -51.13 -30.20
CA VAL A 159 -22.00 -49.77 -29.95
C VAL A 159 -20.64 -49.50 -30.57
N TYR A 160 -19.71 -50.47 -30.49
CA TYR A 160 -18.38 -50.33 -31.03
C TYR A 160 -17.88 -51.69 -31.51
N SER A 161 -16.86 -51.65 -32.37
CA SER A 161 -16.17 -52.84 -32.84
C SER A 161 -14.81 -52.90 -32.15
N SER A 162 -13.90 -52.06 -32.64
CA SER A 162 -12.56 -51.92 -32.08
C SER A 162 -12.63 -51.12 -30.79
N ALA A 163 -11.73 -51.44 -29.86
CA ALA A 163 -11.71 -50.76 -28.56
C ALA A 163 -10.34 -50.87 -27.94
N ASN A 164 -9.61 -49.77 -27.95
CA ASN A 164 -8.30 -49.65 -27.33
C ASN A 164 -8.17 -48.21 -26.85
N ASN A 165 -6.99 -47.89 -26.31
CA ASN A 165 -6.66 -46.58 -25.72
C ASN A 165 -7.61 -46.28 -24.55
N CYS A 166 -7.76 -47.24 -23.65
CA CYS A 166 -8.62 -47.03 -22.48
C CYS A 166 -7.92 -46.19 -21.42
N THR A 167 -8.57 -45.11 -20.97
CA THR A 167 -7.98 -44.22 -19.99
C THR A 167 -8.71 -44.18 -18.65
N PHE A 168 -10.02 -44.41 -18.62
CA PHE A 168 -10.76 -44.32 -17.36
C PHE A 168 -11.93 -45.30 -17.36
N GLU A 169 -12.21 -45.89 -16.20
CA GLU A 169 -13.42 -46.68 -16.03
C GLU A 169 -13.90 -46.52 -14.59
N TYR A 170 -15.24 -46.49 -14.44
CA TYR A 170 -15.93 -46.44 -13.15
C TYR A 170 -17.24 -47.20 -13.27
N VAL A 171 -17.57 -48.04 -12.28
CA VAL A 171 -18.86 -48.73 -12.30
C VAL A 171 -19.62 -48.51 -11.00
N SER A 172 -20.78 -47.86 -11.10
CA SER A 172 -21.75 -47.67 -10.03
C SER A 172 -22.51 -48.97 -9.77
N GLN A 173 -22.99 -49.12 -8.53
CA GLN A 173 -23.85 -50.20 -8.05
C GLN A 173 -25.00 -50.57 -8.99
N PRO A 174 -25.14 -51.87 -9.29
CA PRO A 174 -26.16 -52.37 -10.22
C PRO A 174 -27.61 -51.96 -9.93
N PHE A 175 -28.37 -51.70 -11.00
CA PHE A 175 -29.79 -51.35 -10.98
C PHE A 175 -30.41 -51.99 -12.23
N LEU A 176 -31.50 -51.43 -12.78
CA LEU A 176 -32.06 -51.99 -14.02
C LEU A 176 -33.03 -50.99 -14.67
N MET A 177 -32.70 -50.61 -15.91
CA MET A 177 -33.48 -49.75 -16.80
C MET A 177 -34.31 -50.57 -17.79
N ASP A 178 -35.63 -50.59 -17.59
CA ASP A 178 -36.60 -51.24 -18.48
C ASP A 178 -36.27 -50.92 -19.94
N LEU A 179 -36.05 -51.96 -20.74
CA LEU A 179 -35.62 -51.82 -22.13
C LEU A 179 -36.78 -51.82 -23.12
N GLU A 180 -38.02 -51.74 -22.65
CA GLU A 180 -39.18 -51.72 -23.55
C GLU A 180 -40.38 -51.05 -22.89
N ASN A 185 -50.67 -39.30 -16.09
CA ASN A 185 -49.43 -38.69 -15.56
C ASN A 185 -48.29 -39.71 -15.52
N PHE A 186 -47.06 -39.23 -15.59
CA PHE A 186 -45.88 -40.07 -15.51
C PHE A 186 -45.38 -40.25 -14.08
N LYS A 187 -44.46 -41.21 -13.90
CA LYS A 187 -43.89 -41.48 -12.57
C LYS A 187 -42.38 -41.29 -12.43
N ASN A 188 -41.59 -41.51 -13.48
CA ASN A 188 -40.13 -41.47 -13.32
C ASN A 188 -39.55 -40.31 -14.13
N LEU A 189 -38.86 -39.41 -13.45
CA LEU A 189 -38.15 -38.29 -14.06
C LEU A 189 -36.64 -38.46 -13.92
N ARG A 190 -35.93 -38.35 -15.03
CA ARG A 190 -34.48 -38.38 -14.99
C ARG A 190 -34.02 -37.03 -15.54
N GLU A 191 -33.18 -36.35 -14.78
CA GLU A 191 -32.71 -35.01 -15.10
C GLU A 191 -31.21 -35.05 -15.20
N PHE A 192 -30.64 -34.35 -16.19
CA PHE A 192 -29.19 -34.33 -16.26
C PHE A 192 -28.67 -32.93 -16.57
N VAL A 193 -27.54 -32.58 -15.95
CA VAL A 193 -26.75 -31.42 -16.32
C VAL A 193 -25.34 -31.94 -16.59
N PHE A 194 -24.81 -31.61 -17.76
CA PHE A 194 -23.51 -32.07 -18.23
C PHE A 194 -22.60 -30.87 -18.48
N LYS A 195 -21.54 -30.76 -17.66
CA LYS A 195 -20.57 -29.69 -17.77
C LYS A 195 -19.17 -30.22 -18.05
N ASN A 196 -18.39 -29.38 -18.72
CA ASN A 196 -16.98 -29.68 -19.00
C ASN A 196 -16.19 -28.45 -18.58
N ILE A 197 -15.87 -28.36 -17.28
CA ILE A 197 -15.25 -27.17 -16.72
C ILE A 197 -14.02 -27.56 -15.93
N ASP A 198 -12.89 -26.90 -16.24
CA ASP A 198 -11.61 -26.89 -15.51
C ASP A 198 -11.14 -28.28 -15.09
N GLY A 199 -11.27 -29.27 -15.99
CA GLY A 199 -10.79 -30.59 -15.67
C GLY A 199 -11.83 -31.55 -15.10
N TYR A 200 -13.04 -31.09 -14.80
CA TYR A 200 -14.09 -31.95 -14.29
C TYR A 200 -15.16 -32.17 -15.36
N PHE A 201 -15.56 -33.42 -15.57
CA PHE A 201 -16.77 -33.72 -16.33
C PHE A 201 -17.79 -34.06 -15.24
N LYS A 202 -18.68 -33.13 -14.93
CA LYS A 202 -19.57 -33.30 -13.79
C LYS A 202 -20.97 -33.70 -14.24
N ILE A 203 -21.48 -34.81 -13.69
CA ILE A 203 -22.82 -35.34 -13.99
C ILE A 203 -23.74 -35.22 -12.79
N TYR A 204 -24.90 -34.61 -13.02
CA TYR A 204 -25.97 -34.45 -12.04
C TYR A 204 -27.23 -35.21 -12.42
N SER A 205 -27.97 -35.66 -11.41
CA SER A 205 -29.23 -36.34 -11.65
C SER A 205 -30.14 -36.09 -10.46
N LYS A 206 -31.45 -36.15 -10.72
CA LYS A 206 -32.45 -35.99 -9.68
C LYS A 206 -33.62 -36.90 -10.03
N HIS A 207 -34.20 -37.54 -9.03
CA HIS A 207 -35.38 -38.38 -9.25
C HIS A 207 -36.51 -37.83 -8.41
N THR A 208 -37.63 -37.49 -9.06
CA THR A 208 -38.79 -36.92 -8.38
C THR A 208 -40.07 -37.47 -9.01
N PRO A 209 -41.19 -37.39 -8.31
CA PRO A 209 -42.50 -37.55 -8.94
C PRO A 209 -42.89 -36.39 -9.85
N ILE A 210 -43.72 -36.71 -10.84
CA ILE A 210 -44.30 -35.74 -11.76
C ILE A 210 -45.78 -36.07 -11.89
N ASN A 211 -46.58 -35.08 -12.29
CA ASN A 211 -48.00 -35.29 -12.49
C ASN A 211 -48.52 -34.58 -13.74
N LEU A 212 -47.65 -34.05 -14.58
CA LEU A 212 -48.09 -33.43 -15.83
C LEU A 212 -48.12 -34.49 -16.93
N VAL A 213 -49.01 -34.28 -17.90
CA VAL A 213 -49.00 -35.11 -19.11
C VAL A 213 -48.00 -34.60 -20.14
N ARG A 214 -48.02 -33.29 -20.43
CA ARG A 214 -47.34 -32.75 -21.59
C ARG A 214 -46.43 -31.56 -21.32
N ASP A 215 -45.94 -31.36 -20.10
CA ASP A 215 -45.16 -30.16 -19.83
C ASP A 215 -44.25 -30.39 -18.64
N LEU A 216 -43.47 -29.34 -18.30
CA LEU A 216 -42.58 -29.27 -17.16
C LEU A 216 -43.31 -28.72 -15.95
N PRO A 217 -43.15 -29.35 -14.78
CA PRO A 217 -43.93 -28.96 -13.60
C PRO A 217 -43.51 -27.59 -13.10
N GLN A 218 -44.42 -26.96 -12.35
CA GLN A 218 -44.05 -25.77 -11.61
C GLN A 218 -43.64 -26.19 -10.21
N GLY A 219 -42.59 -25.57 -9.70
CA GLY A 219 -42.03 -25.97 -8.43
C GLY A 219 -40.53 -25.98 -8.59
N PHE A 220 -39.79 -26.38 -7.56
CA PHE A 220 -38.33 -26.25 -7.58
C PHE A 220 -37.66 -27.55 -7.17
N SER A 221 -36.56 -27.88 -7.83
CA SER A 221 -35.67 -28.94 -7.40
C SER A 221 -34.25 -28.61 -7.85
N ALA A 222 -33.28 -29.09 -7.08
CA ALA A 222 -31.88 -28.88 -7.38
C ALA A 222 -31.18 -30.21 -7.70
N LEU A 223 -30.26 -30.16 -8.65
CA LEU A 223 -29.56 -31.36 -9.11
C LEU A 223 -28.32 -31.58 -8.26
N GLU A 224 -28.25 -32.72 -7.57
CA GLU A 224 -27.07 -32.98 -6.77
C GLU A 224 -25.93 -33.61 -7.59
N PRO A 225 -24.67 -33.33 -7.25
CA PRO A 225 -23.56 -34.06 -7.85
C PRO A 225 -23.50 -35.53 -7.45
N LEU A 226 -23.18 -36.38 -8.41
CA LEU A 226 -23.05 -37.82 -8.17
C LEU A 226 -21.59 -38.28 -8.13
N VAL A 227 -20.81 -37.90 -9.15
CA VAL A 227 -19.41 -38.28 -9.32
C VAL A 227 -18.73 -37.20 -10.16
N ASP A 228 -17.45 -36.97 -9.85
CA ASP A 228 -16.57 -36.02 -10.53
C ASP A 228 -15.62 -36.82 -11.42
N LEU A 229 -15.81 -36.69 -12.73
CA LEU A 229 -15.06 -37.49 -13.68
C LEU A 229 -13.79 -36.75 -14.08
N PRO A 230 -12.60 -37.30 -13.83
CA PRO A 230 -11.34 -36.63 -14.12
C PRO A 230 -10.90 -36.74 -15.58
N ILE A 231 -11.74 -36.24 -16.48
CA ILE A 231 -11.49 -36.36 -17.92
C ILE A 231 -11.47 -34.98 -18.57
N GLY A 232 -10.31 -34.59 -19.09
CA GLY A 232 -10.13 -33.31 -19.74
C GLY A 232 -10.51 -33.31 -21.21
N ILE A 233 -11.79 -33.50 -21.53
CA ILE A 233 -12.23 -33.66 -22.91
C ILE A 233 -12.90 -32.37 -23.38
N ASN A 234 -12.99 -32.19 -24.70
CA ASN A 234 -13.68 -31.05 -25.34
C ASN A 234 -15.01 -31.54 -25.88
N ILE A 235 -16.12 -31.22 -25.21
CA ILE A 235 -17.43 -31.72 -25.63
C ILE A 235 -18.25 -30.57 -26.20
N THR A 236 -18.61 -30.71 -27.48
CA THR A 236 -19.44 -29.72 -28.18
C THR A 236 -20.70 -30.28 -28.84
N ARG A 237 -20.87 -31.58 -28.93
CA ARG A 237 -22.00 -32.12 -29.65
C ARG A 237 -22.57 -33.32 -28.90
N PHE A 238 -23.89 -33.51 -29.01
CA PHE A 238 -24.48 -34.69 -28.40
C PHE A 238 -25.69 -35.17 -29.17
N GLN A 239 -26.06 -36.42 -28.90
CA GLN A 239 -27.21 -37.09 -29.50
C GLN A 239 -27.87 -37.90 -28.40
N THR A 240 -29.20 -38.00 -28.45
CA THR A 240 -29.93 -38.73 -27.43
C THR A 240 -30.19 -40.15 -27.94
N LEU A 241 -29.93 -41.14 -27.08
CA LEU A 241 -30.19 -42.53 -27.40
C LEU A 241 -31.54 -42.95 -26.87
N LEU A 242 -32.39 -43.51 -27.74
CA LEU A 242 -33.71 -43.97 -27.32
C LEU A 242 -33.85 -45.44 -27.66
N ALA A 243 -34.67 -46.14 -26.88
CA ALA A 243 -35.05 -47.52 -27.20
C ALA A 243 -36.55 -47.62 -27.44
N TRP A 258 -38.16 -54.83 -33.62
CA TRP A 258 -38.01 -53.82 -32.58
C TRP A 258 -39.29 -52.98 -32.42
N THR A 259 -39.47 -52.38 -31.25
CA THR A 259 -40.66 -51.57 -30.96
C THR A 259 -40.24 -50.25 -30.32
N ALA A 260 -41.18 -49.31 -30.28
CA ALA A 260 -40.98 -48.01 -29.66
C ALA A 260 -41.69 -47.99 -28.31
N GLY A 261 -41.13 -47.25 -27.36
CA GLY A 261 -41.77 -47.04 -26.07
C GLY A 261 -42.51 -45.71 -25.96
N ALA A 262 -43.07 -45.52 -24.76
CA ALA A 262 -43.79 -44.31 -24.36
C ALA A 262 -42.82 -43.39 -23.62
N ALA A 263 -42.37 -42.32 -24.26
CA ALA A 263 -41.41 -41.41 -23.63
C ALA A 263 -41.33 -40.11 -24.40
N ALA A 264 -40.81 -39.09 -23.71
CA ALA A 264 -40.46 -37.80 -24.30
C ALA A 264 -39.32 -37.22 -23.49
N TYR A 265 -38.57 -36.31 -24.11
CA TYR A 265 -37.50 -35.63 -23.40
C TYR A 265 -37.43 -34.17 -23.83
N TYR A 266 -36.84 -33.35 -22.95
CA TYR A 266 -36.80 -31.91 -23.12
C TYR A 266 -35.35 -31.47 -23.00
N VAL A 267 -34.92 -30.55 -23.86
CA VAL A 267 -33.55 -30.04 -23.82
C VAL A 267 -33.57 -28.51 -23.81
N GLY A 268 -32.89 -27.93 -22.83
CA GLY A 268 -32.73 -26.49 -22.75
C GLY A 268 -31.24 -26.13 -22.82
N TYR A 269 -30.95 -24.83 -22.85
CA TYR A 269 -29.57 -24.41 -22.97
C TYR A 269 -29.15 -23.45 -21.87
N LEU A 270 -27.91 -23.64 -21.40
CA LEU A 270 -27.26 -22.86 -20.38
C LEU A 270 -26.45 -21.71 -20.99
N GLN A 271 -26.41 -20.58 -20.27
CA GLN A 271 -25.60 -19.42 -20.61
C GLN A 271 -24.94 -18.95 -19.33
N PRO A 272 -23.76 -18.26 -19.38
CA PRO A 272 -23.28 -17.64 -18.15
C PRO A 272 -24.15 -16.54 -17.55
N ARG A 273 -24.73 -16.86 -16.40
CA ARG A 273 -25.62 -15.94 -15.73
C ARG A 273 -25.32 -15.97 -14.24
N THR A 274 -25.70 -14.90 -13.57
CA THR A 274 -25.59 -14.82 -12.12
C THR A 274 -26.94 -15.12 -11.50
N PHE A 275 -26.98 -16.10 -10.62
CA PHE A 275 -28.21 -16.46 -9.93
C PHE A 275 -28.00 -16.29 -8.44
N LEU A 276 -29.01 -15.78 -7.75
CA LEU A 276 -29.02 -15.70 -6.30
C LEU A 276 -29.89 -16.84 -5.77
N LEU A 277 -29.27 -17.78 -5.04
CA LEU A 277 -29.90 -19.01 -4.59
C LEU A 277 -30.31 -18.97 -3.12
N LYS A 278 -31.55 -19.40 -2.84
CA LYS A 278 -32.13 -19.42 -1.51
C LYS A 278 -32.03 -20.81 -0.88
N TYR A 279 -31.27 -20.92 0.22
CA TYR A 279 -31.09 -22.17 0.96
C TYR A 279 -32.00 -22.24 2.18
N ASN A 280 -32.68 -23.37 2.35
CA ASN A 280 -33.59 -23.59 3.46
C ASN A 280 -32.84 -24.13 4.68
N GLU A 281 -33.57 -24.52 5.73
CA GLU A 281 -32.92 -25.01 6.96
C GLU A 281 -32.08 -26.27 6.73
N ASN A 282 -32.46 -27.11 5.77
CA ASN A 282 -31.72 -28.33 5.49
C ASN A 282 -30.71 -28.17 4.37
N GLY A 283 -30.53 -26.96 3.86
CA GLY A 283 -29.60 -26.74 2.78
C GLY A 283 -30.12 -27.14 1.42
N THR A 284 -31.43 -27.28 1.27
CA THR A 284 -32.03 -27.60 -0.01
C THR A 284 -32.41 -26.30 -0.70
N ILE A 285 -32.15 -26.23 -2.01
CA ILE A 285 -32.53 -25.07 -2.81
C ILE A 285 -34.02 -25.10 -3.07
N THR A 286 -34.72 -24.06 -2.65
CA THR A 286 -36.17 -24.01 -2.74
C THR A 286 -36.70 -23.00 -3.74
N ASP A 287 -35.88 -22.02 -4.13
CA ASP A 287 -36.20 -21.01 -5.14
C ASP A 287 -34.89 -20.57 -5.80
N ALA A 288 -35.01 -19.72 -6.83
CA ALA A 288 -33.87 -19.15 -7.54
C ALA A 288 -34.35 -17.97 -8.38
N VAL A 289 -33.45 -17.00 -8.59
CA VAL A 289 -33.67 -15.86 -9.48
C VAL A 289 -32.56 -15.76 -10.52
N ASP A 290 -32.94 -15.66 -11.79
CA ASP A 290 -32.01 -15.36 -12.87
C ASP A 290 -31.93 -13.84 -12.91
N CYS A 291 -30.87 -13.25 -12.36
CA CYS A 291 -30.91 -11.79 -12.24
C CYS A 291 -30.82 -11.05 -13.57
N ALA A 292 -30.57 -11.72 -14.68
CA ALA A 292 -30.46 -11.05 -15.97
C ALA A 292 -31.71 -11.24 -16.80
N LEU A 293 -32.77 -11.82 -16.22
CA LEU A 293 -34.02 -12.01 -16.95
C LEU A 293 -34.73 -10.68 -17.19
N ASP A 294 -34.88 -9.88 -16.15
CA ASP A 294 -35.58 -8.61 -16.26
C ASP A 294 -35.06 -7.68 -15.16
N PRO A 295 -35.37 -6.37 -15.23
CA PRO A 295 -34.86 -5.44 -14.21
C PRO A 295 -35.33 -5.70 -12.79
N LEU A 296 -36.43 -6.44 -12.63
CA LEU A 296 -36.83 -6.75 -11.27
C LEU A 296 -35.92 -7.83 -10.73
N SER A 297 -35.54 -8.75 -11.60
CA SER A 297 -34.59 -9.78 -11.18
C SER A 297 -33.20 -9.18 -10.93
N GLU A 298 -32.76 -8.15 -11.69
CA GLU A 298 -31.49 -7.49 -11.28
C GLU A 298 -31.64 -6.83 -9.91
N THR A 299 -32.78 -6.21 -9.62
CA THR A 299 -32.99 -5.64 -8.30
C THR A 299 -32.92 -6.72 -7.23
N LYS A 300 -33.54 -7.88 -7.50
CA LYS A 300 -33.48 -9.02 -6.58
C LYS A 300 -32.05 -9.49 -6.38
N CYS A 301 -31.26 -9.51 -7.45
CA CYS A 301 -29.87 -9.94 -7.39
C CYS A 301 -29.00 -8.97 -6.60
N THR A 302 -29.16 -7.67 -6.82
CA THR A 302 -28.39 -6.68 -6.07
C THR A 302 -28.75 -6.66 -4.58
N LEU A 303 -30.03 -6.81 -4.23
CA LEU A 303 -30.44 -6.69 -2.84
C LEU A 303 -30.31 -7.94 -1.99
N LYS A 304 -29.84 -9.06 -2.55
CA LYS A 304 -29.72 -10.34 -1.83
C LYS A 304 -31.03 -10.75 -1.16
N SER A 305 -32.14 -10.63 -1.89
CA SER A 305 -33.43 -10.99 -1.36
C SER A 305 -34.38 -11.34 -2.50
N PHE A 306 -35.37 -12.18 -2.20
CA PHE A 306 -36.39 -12.48 -3.20
C PHE A 306 -37.59 -11.57 -3.07
N THR A 307 -37.57 -10.68 -2.08
CA THR A 307 -38.60 -9.68 -1.88
C THR A 307 -37.85 -8.35 -1.92
N VAL A 308 -38.38 -7.41 -2.70
CA VAL A 308 -37.76 -6.11 -2.86
C VAL A 308 -38.74 -5.06 -2.37
N GLU A 309 -38.25 -4.16 -1.53
CA GLU A 309 -39.14 -3.12 -1.08
C GLU A 309 -39.23 -2.01 -2.13
N LYS A 310 -40.28 -1.22 -1.99
CA LYS A 310 -40.49 -0.05 -2.82
C LYS A 310 -39.31 0.92 -2.64
N GLY A 311 -38.76 1.40 -3.76
CA GLY A 311 -37.60 2.26 -3.69
C GLY A 311 -36.88 2.31 -5.02
N ILE A 312 -35.66 2.84 -4.98
CA ILE A 312 -34.80 3.02 -6.15
C ILE A 312 -33.60 2.12 -5.96
N TYR A 313 -33.29 1.29 -6.97
CA TYR A 313 -32.15 0.42 -6.82
C TYR A 313 -31.25 0.56 -8.02
N GLN A 314 -29.95 0.70 -7.77
CA GLN A 314 -28.92 0.77 -8.80
C GLN A 314 -28.35 -0.63 -9.02
N THR A 315 -28.59 -1.20 -10.19
CA THR A 315 -28.28 -2.59 -10.43
C THR A 315 -27.16 -2.82 -11.43
N SER A 316 -26.92 -1.88 -12.33
CA SER A 316 -25.88 -2.04 -13.35
C SER A 316 -25.50 -0.67 -13.87
N ASN A 317 -24.76 -0.66 -14.97
CA ASN A 317 -24.35 0.58 -15.62
C ASN A 317 -24.48 0.43 -17.14
N PHE A 318 -25.11 1.41 -17.76
CA PHE A 318 -25.31 1.40 -19.20
C PHE A 318 -24.08 1.96 -19.89
N ARG A 319 -23.80 1.40 -21.06
CA ARG A 319 -22.67 1.78 -21.89
C ARG A 319 -23.15 1.69 -23.32
N VAL A 320 -22.92 2.74 -24.10
CA VAL A 320 -23.20 2.63 -25.53
C VAL A 320 -22.07 1.82 -26.12
N GLN A 321 -22.42 0.79 -26.87
CA GLN A 321 -21.19 0.11 -27.26
C GLN A 321 -20.65 0.64 -28.58
N PRO A 322 -19.34 0.71 -28.70
CA PRO A 322 -18.74 1.10 -29.98
C PRO A 322 -18.97 0.00 -31.01
N THR A 323 -19.19 0.41 -32.25
CA THR A 323 -19.44 -0.54 -33.32
C THR A 323 -18.31 -0.63 -34.33
N GLU A 324 -17.40 0.34 -34.34
CA GLU A 324 -16.29 0.36 -35.27
C GLU A 324 -15.01 0.71 -34.51
N SER A 325 -13.88 0.28 -35.07
CA SER A 325 -12.57 0.64 -34.54
C SER A 325 -11.93 1.56 -35.57
N ILE A 326 -11.73 2.81 -35.19
CA ILE A 326 -11.23 3.86 -36.06
C ILE A 326 -9.78 4.18 -35.71
N VAL A 327 -8.89 3.91 -36.64
CA VAL A 327 -7.46 4.09 -36.43
C VAL A 327 -7.00 5.12 -37.43
N ARG A 328 -6.40 6.20 -36.93
CA ARG A 328 -5.92 7.29 -37.77
C ARG A 328 -4.50 7.64 -37.34
N PHE A 329 -3.58 7.54 -38.29
CA PHE A 329 -2.18 7.87 -38.15
C PHE A 329 -1.83 8.71 -39.37
N PRO A 330 -0.66 9.39 -39.40
CA PRO A 330 -0.29 10.13 -40.61
C PRO A 330 -0.06 9.23 -41.82
N ASN A 331 0.26 9.83 -42.98
CA ASN A 331 0.34 9.04 -44.19
C ASN A 331 1.78 8.59 -44.47
N ILE A 332 2.75 9.11 -43.70
CA ILE A 332 4.17 8.81 -43.85
C ILE A 332 4.36 7.30 -43.90
N THR A 333 4.84 6.76 -45.03
CA THR A 333 4.96 5.33 -45.16
C THR A 333 6.40 4.85 -45.27
N ASN A 334 7.37 5.75 -45.23
CA ASN A 334 8.77 5.32 -45.24
C ASN A 334 9.10 4.59 -43.96
N LEU A 335 9.80 3.47 -44.09
CA LEU A 335 10.16 2.69 -42.91
C LEU A 335 11.13 3.49 -42.05
N CYS A 336 10.90 3.49 -40.74
CA CYS A 336 11.77 4.21 -39.83
C CYS A 336 13.18 3.62 -39.86
N PRO A 337 14.21 4.45 -39.69
CA PRO A 337 15.58 3.94 -39.78
C PRO A 337 16.00 3.04 -38.61
N PHE A 338 15.19 2.03 -38.30
CA PHE A 338 15.61 1.01 -37.36
C PHE A 338 16.66 0.11 -37.99
N GLY A 339 16.61 -0.01 -39.32
CA GLY A 339 17.72 -0.64 -40.02
C GLY A 339 19.00 0.16 -39.89
N GLU A 340 18.89 1.50 -39.98
CA GLU A 340 20.07 2.35 -39.85
C GLU A 340 20.64 2.33 -38.44
N VAL A 341 19.88 1.84 -37.45
CA VAL A 341 20.37 1.74 -36.07
C VAL A 341 20.91 0.33 -35.87
N PHE A 342 20.03 -0.67 -36.01
CA PHE A 342 20.38 -2.06 -35.74
C PHE A 342 21.41 -2.61 -36.73
N ASN A 343 21.26 -2.31 -38.02
CA ASN A 343 22.10 -2.90 -39.05
C ASN A 343 23.54 -2.43 -39.01
N ALA A 344 23.83 -1.32 -38.31
CA ALA A 344 25.09 -0.57 -38.40
C ALA A 344 26.33 -1.46 -38.40
N THR A 345 27.32 -1.08 -39.24
CA THR A 345 28.54 -1.87 -39.33
C THR A 345 29.33 -1.79 -38.04
N ARG A 346 29.43 -0.60 -37.46
CA ARG A 346 30.20 -0.33 -36.25
C ARG A 346 29.41 0.62 -35.37
N PHE A 347 29.38 0.34 -34.07
CA PHE A 347 28.71 1.22 -33.12
C PHE A 347 29.73 2.00 -32.32
N ALA A 348 29.25 3.08 -31.71
CA ALA A 348 30.08 3.91 -30.86
C ALA A 348 30.37 3.23 -29.52
N SER A 349 31.48 3.63 -28.91
CA SER A 349 31.86 3.07 -27.63
C SER A 349 30.89 3.52 -26.54
N VAL A 350 31.00 2.85 -25.39
CA VAL A 350 30.09 3.08 -24.28
C VAL A 350 30.31 4.44 -23.59
N TYR A 351 31.45 5.12 -23.79
CA TYR A 351 31.49 6.42 -23.10
C TYR A 351 30.90 7.50 -23.99
N ALA A 352 31.12 7.37 -25.30
CA ALA A 352 30.68 8.30 -26.33
C ALA A 352 29.62 7.71 -27.23
N TRP A 353 28.67 6.99 -26.63
CA TRP A 353 27.67 6.21 -27.36
C TRP A 353 26.87 7.13 -28.28
N ASN A 354 26.52 6.62 -29.46
CA ASN A 354 25.79 7.45 -30.40
C ASN A 354 24.35 7.63 -29.96
N ARG A 355 23.69 8.57 -30.63
CA ARG A 355 22.31 8.96 -30.33
C ARG A 355 21.65 9.30 -31.66
N LYS A 356 20.92 8.35 -32.23
CA LYS A 356 20.29 8.54 -33.52
C LYS A 356 18.82 8.73 -33.20
N ARG A 357 18.33 9.96 -33.38
CA ARG A 357 16.93 10.24 -33.15
C ARG A 357 16.13 9.84 -34.37
N ILE A 358 15.01 9.15 -34.15
CA ILE A 358 14.13 8.76 -35.23
C ILE A 358 12.81 9.48 -35.06
N SER A 359 12.33 10.12 -36.13
CA SER A 359 11.07 10.84 -36.08
C SER A 359 10.47 10.88 -37.48
N ASN A 360 9.14 11.07 -37.52
CA ASN A 360 8.38 11.35 -38.75
C ASN A 360 8.49 10.19 -39.74
N CYS A 361 8.05 9.01 -39.30
CA CYS A 361 7.95 7.82 -40.13
C CYS A 361 7.10 6.79 -39.40
N VAL A 362 6.93 5.62 -40.01
CA VAL A 362 6.20 4.51 -39.41
C VAL A 362 7.23 3.49 -38.91
N ALA A 363 7.11 3.13 -37.63
CA ALA A 363 8.07 2.23 -36.97
C ALA A 363 7.52 0.82 -36.93
N ASP A 364 8.01 -0.04 -37.83
CA ASP A 364 7.60 -1.44 -37.87
C ASP A 364 8.27 -2.20 -36.73
N TYR A 365 7.63 -2.18 -35.56
CA TYR A 365 8.14 -2.90 -34.39
C TYR A 365 7.98 -4.42 -34.50
N SER A 366 7.30 -4.91 -35.55
CA SER A 366 7.18 -6.35 -35.77
C SER A 366 8.55 -7.02 -35.88
N VAL A 367 9.48 -6.43 -36.65
CA VAL A 367 10.82 -6.99 -36.79
C VAL A 367 11.56 -7.08 -35.46
N LEU A 368 11.17 -6.29 -34.46
CA LEU A 368 11.70 -6.43 -33.10
C LEU A 368 10.95 -7.46 -32.28
N TYR A 369 9.63 -7.47 -32.39
CA TYR A 369 8.80 -8.30 -31.53
C TYR A 369 8.94 -9.78 -31.89
N ASN A 370 8.85 -10.11 -33.18
CA ASN A 370 8.83 -11.53 -33.56
C ASN A 370 10.22 -12.14 -33.64
N SER A 371 11.27 -11.32 -33.63
CA SER A 371 12.64 -11.83 -33.77
C SER A 371 13.05 -12.64 -32.55
N ALA A 372 13.83 -13.69 -32.79
CA ALA A 372 14.35 -14.56 -31.76
C ALA A 372 15.85 -14.44 -31.57
N SER A 373 16.58 -13.84 -32.51
CA SER A 373 18.02 -13.68 -32.39
C SER A 373 18.39 -12.80 -31.20
N PHE A 374 17.46 -11.98 -30.72
CA PHE A 374 17.69 -11.13 -29.56
C PHE A 374 17.71 -12.05 -28.34
N SER A 375 18.90 -12.24 -27.75
CA SER A 375 19.05 -13.18 -26.65
C SER A 375 18.22 -12.77 -25.45
N THR A 376 18.36 -11.53 -25.00
CA THR A 376 17.56 -11.05 -23.87
C THR A 376 16.80 -9.81 -24.35
N PHE A 377 15.48 -9.91 -24.34
CA PHE A 377 14.57 -8.79 -24.56
C PHE A 377 13.78 -8.71 -23.26
N LYS A 378 14.38 -8.09 -22.27
CA LYS A 378 13.80 -7.95 -20.94
C LYS A 378 13.49 -6.47 -20.80
N CYS A 379 12.22 -6.13 -20.91
CA CYS A 379 11.83 -4.82 -21.41
C CYS A 379 11.01 -4.08 -20.37
N TYR A 380 11.53 -2.94 -19.92
CA TYR A 380 10.96 -2.17 -18.85
C TYR A 380 9.94 -1.25 -19.49
N GLY A 381 9.29 -0.40 -18.70
CA GLY A 381 8.50 0.67 -19.29
C GLY A 381 7.26 0.29 -20.06
N VAL A 382 7.44 -0.50 -21.13
CA VAL A 382 6.35 -0.99 -21.95
C VAL A 382 6.44 -2.51 -22.03
N SER A 383 5.39 -3.10 -22.60
CA SER A 383 5.30 -4.55 -22.72
C SER A 383 6.36 -5.04 -23.71
N PRO A 384 6.96 -6.20 -23.48
CA PRO A 384 8.06 -6.61 -24.36
C PRO A 384 7.55 -7.11 -25.70
N THR A 385 6.25 -7.42 -25.81
CA THR A 385 5.70 -7.98 -27.03
C THR A 385 4.92 -6.94 -27.84
N LYS A 386 3.91 -6.32 -27.24
CA LYS A 386 3.02 -5.39 -27.94
C LYS A 386 3.56 -3.96 -27.95
N LEU A 387 4.68 -3.78 -28.64
CA LEU A 387 5.20 -2.44 -28.84
C LEU A 387 4.41 -1.67 -29.88
N ASN A 388 3.74 -2.39 -30.78
CA ASN A 388 3.12 -1.84 -31.99
C ASN A 388 1.92 -0.96 -31.71
N ASP A 389 1.35 -0.98 -30.50
CA ASP A 389 0.09 -0.32 -30.22
C ASP A 389 0.24 0.96 -29.40
N LEU A 390 1.35 1.68 -29.61
CA LEU A 390 1.55 2.98 -28.97
C LEU A 390 2.18 3.93 -29.98
N CYS A 391 1.95 5.23 -29.79
CA CYS A 391 2.63 6.23 -30.59
C CYS A 391 3.48 7.08 -29.66
N PHE A 392 4.73 7.27 -30.04
CA PHE A 392 5.72 7.87 -29.18
C PHE A 392 5.98 9.31 -29.59
N THR A 393 6.16 10.17 -28.58
CA THR A 393 6.55 11.55 -28.83
C THR A 393 7.94 11.62 -29.46
N ASN A 394 8.87 10.82 -28.96
CA ASN A 394 10.24 10.79 -29.45
C ASN A 394 10.87 9.48 -29.01
N VAL A 395 11.66 8.89 -29.89
CA VAL A 395 12.35 7.64 -29.62
C VAL A 395 13.84 7.88 -29.74
N TYR A 396 14.59 7.29 -28.81
CA TYR A 396 16.03 7.46 -28.74
C TYR A 396 16.65 6.08 -28.89
N ALA A 397 17.87 6.04 -29.41
CA ALA A 397 18.50 4.76 -29.71
C ALA A 397 19.97 4.92 -29.32
N ASP A 398 20.29 4.55 -28.09
CA ASP A 398 21.67 4.52 -27.64
C ASP A 398 22.16 3.09 -27.84
N SER A 399 23.05 2.89 -28.80
CA SER A 399 23.58 1.56 -29.06
C SER A 399 25.07 1.53 -28.77
N PHE A 400 25.50 0.55 -28.00
CA PHE A 400 26.90 0.40 -27.63
C PHE A 400 27.15 -1.07 -27.27
N VAL A 401 28.32 -1.34 -26.72
CA VAL A 401 28.79 -2.70 -26.46
C VAL A 401 29.33 -2.77 -25.03
N ILE A 402 28.86 -3.75 -24.26
CA ILE A 402 29.33 -3.96 -22.89
C ILE A 402 29.61 -5.45 -22.69
N ARG A 403 30.78 -5.76 -22.12
CA ARG A 403 31.07 -7.12 -21.68
C ARG A 403 31.91 -7.05 -20.41
N GLY A 404 32.48 -8.19 -20.04
CA GLY A 404 33.22 -8.34 -18.80
C GLY A 404 32.28 -8.54 -17.65
N ASP A 405 32.23 -7.60 -16.70
CA ASP A 405 31.14 -7.59 -15.75
C ASP A 405 29.99 -6.78 -16.32
N GLU A 406 28.94 -6.60 -15.51
CA GLU A 406 27.80 -5.72 -15.81
C GLU A 406 27.14 -6.03 -17.16
N VAL A 407 27.12 -7.31 -17.55
CA VAL A 407 26.55 -7.70 -18.84
C VAL A 407 25.08 -7.31 -18.94
N ARG A 408 24.37 -7.35 -17.82
CA ARG A 408 22.96 -6.93 -17.77
C ARG A 408 22.71 -6.08 -16.54
N GLN A 409 23.63 -5.17 -16.23
CA GLN A 409 23.48 -4.30 -15.07
C GLN A 409 22.97 -2.93 -15.52
N ILE A 410 22.58 -2.81 -16.78
CA ILE A 410 22.02 -1.58 -17.34
C ILE A 410 20.51 -1.64 -17.14
N ALA A 411 20.05 -1.03 -16.05
CA ALA A 411 18.65 -1.12 -15.66
C ALA A 411 18.33 0.03 -14.72
N PRO A 412 17.10 0.56 -14.74
CA PRO A 412 16.76 1.67 -13.83
C PRO A 412 16.80 1.24 -12.38
N GLY A 413 17.78 1.77 -11.66
CA GLY A 413 17.96 1.44 -10.27
C GLY A 413 19.08 0.44 -10.10
N GLN A 414 20.16 0.62 -10.85
CA GLN A 414 21.31 -0.25 -10.82
C GLN A 414 22.58 0.56 -10.70
N THR A 415 23.63 -0.07 -10.16
CA THR A 415 24.90 0.60 -9.94
C THR A 415 26.06 -0.34 -10.24
N GLY A 416 27.20 0.26 -10.55
CA GLY A 416 28.41 -0.48 -10.86
C GLY A 416 29.38 0.39 -11.65
N LYS A 417 30.48 -0.26 -12.06
CA LYS A 417 31.52 0.45 -12.79
C LYS A 417 31.08 0.85 -14.18
N ILE A 418 30.30 0.01 -14.84
CA ILE A 418 29.93 0.30 -16.22
C ILE A 418 28.65 1.11 -16.24
N ALA A 419 27.69 0.69 -15.42
CA ALA A 419 26.37 1.29 -15.39
C ALA A 419 26.30 2.58 -14.59
N ASP A 420 27.38 3.00 -13.94
CA ASP A 420 27.34 4.22 -13.14
C ASP A 420 28.34 5.29 -13.56
N TYR A 421 29.49 4.91 -14.08
CA TYR A 421 30.56 5.85 -14.41
C TYR A 421 30.82 5.97 -15.91
N ASN A 422 30.03 5.32 -16.75
CA ASN A 422 30.14 5.44 -18.20
C ASN A 422 28.82 5.75 -18.86
N TYR A 423 27.73 5.14 -18.40
CA TYR A 423 26.41 5.37 -18.97
C TYR A 423 25.40 5.06 -17.87
N LYS A 424 24.89 6.09 -17.22
CA LYS A 424 24.03 5.94 -16.06
C LYS A 424 22.60 6.04 -16.55
N LEU A 425 22.00 4.88 -16.76
CA LEU A 425 20.60 4.84 -17.18
C LEU A 425 19.76 5.36 -16.03
N PRO A 426 18.87 6.32 -16.27
CA PRO A 426 18.16 6.98 -15.16
C PRO A 426 17.22 6.03 -14.42
N ASP A 427 16.88 6.42 -13.20
CA ASP A 427 16.04 5.57 -12.36
C ASP A 427 14.57 5.69 -12.70
N ASP A 428 14.18 6.73 -13.45
CA ASP A 428 12.85 6.88 -14.02
C ASP A 428 12.77 6.44 -15.47
N PHE A 429 13.67 5.56 -15.90
CA PHE A 429 13.82 5.19 -17.31
C PHE A 429 12.58 4.54 -17.86
N THR A 430 12.02 5.14 -18.92
CA THR A 430 10.89 4.57 -19.65
C THR A 430 11.39 4.13 -21.02
N GLY A 431 11.38 2.83 -21.24
CA GLY A 431 11.91 2.24 -22.45
C GLY A 431 12.44 0.86 -22.13
N CYS A 432 13.47 0.45 -22.88
CA CYS A 432 14.15 -0.82 -22.62
C CYS A 432 15.37 -1.13 -23.47
N VAL A 433 15.90 -2.32 -23.25
CA VAL A 433 17.21 -2.75 -23.70
C VAL A 433 17.09 -4.06 -24.46
N ILE A 434 17.55 -4.06 -25.71
CA ILE A 434 17.73 -5.26 -26.50
C ILE A 434 19.20 -5.63 -26.43
N ALA A 435 19.50 -6.85 -26.02
CA ALA A 435 20.88 -7.30 -25.96
C ALA A 435 20.99 -8.69 -26.54
N TRP A 436 22.04 -8.91 -27.33
CA TRP A 436 22.34 -10.20 -27.92
C TRP A 436 23.84 -10.29 -28.15
N ASN A 437 24.43 -11.46 -27.90
CA ASN A 437 25.85 -11.60 -28.11
C ASN A 437 26.20 -11.45 -29.59
N SER A 438 27.30 -10.77 -29.88
CA SER A 438 27.76 -10.57 -31.24
C SER A 438 29.06 -11.30 -31.57
N ASN A 439 29.23 -12.53 -31.08
CA ASN A 439 30.48 -13.27 -31.30
C ASN A 439 30.75 -13.49 -32.78
N ASN A 440 29.70 -13.76 -33.56
CA ASN A 440 29.89 -14.12 -34.97
C ASN A 440 30.54 -13.00 -35.76
N LEU A 441 30.23 -11.74 -35.38
CA LEU A 441 30.71 -10.57 -36.14
C LEU A 441 31.47 -9.53 -35.29
N ASP A 442 30.80 -8.87 -34.34
CA ASP A 442 31.45 -7.74 -33.59
C ASP A 442 32.69 -8.20 -32.82
N SER A 443 32.65 -9.35 -32.14
CA SER A 443 33.89 -9.81 -31.48
C SER A 443 34.93 -10.05 -32.58
N LYS A 444 36.14 -9.51 -32.41
CA LYS A 444 37.17 -9.63 -33.47
C LYS A 444 37.77 -11.04 -33.47
N VAL A 445 38.43 -11.41 -34.58
CA VAL A 445 39.11 -12.74 -34.65
C VAL A 445 40.14 -12.73 -33.51
N GLY A 446 40.79 -11.60 -33.28
CA GLY A 446 41.69 -11.52 -32.12
C GLY A 446 40.94 -10.81 -31.01
N GLY A 447 40.89 -9.47 -31.03
CA GLY A 447 40.10 -8.75 -30.01
C GLY A 447 39.79 -7.33 -30.41
N ASN A 448 38.51 -6.96 -30.44
CA ASN A 448 38.19 -5.55 -30.72
C ASN A 448 38.65 -4.70 -29.55
N TYR A 449 39.90 -4.26 -29.61
CA TYR A 449 40.39 -3.37 -28.57
C TYR A 449 40.07 -1.93 -28.97
N ASN A 450 38.80 -1.69 -29.26
CA ASN A 450 38.34 -0.41 -29.81
C ASN A 450 37.04 0.03 -29.16
N TYR A 451 36.74 -0.43 -27.94
CA TYR A 451 35.54 0.01 -27.22
C TYR A 451 35.97 0.53 -25.85
N LEU A 452 36.24 1.82 -25.83
CA LEU A 452 36.77 2.49 -24.65
C LEU A 452 35.67 2.54 -23.60
N TYR A 453 36.03 2.34 -22.32
CA TYR A 453 34.97 2.28 -21.32
C TYR A 453 35.27 3.00 -20.01
N ARG A 454 36.40 3.70 -19.89
CA ARG A 454 36.62 4.88 -19.05
C ARG A 454 36.07 4.71 -17.63
N LEU A 455 36.77 3.85 -16.88
CA LEU A 455 36.32 3.33 -15.59
C LEU A 455 35.94 4.41 -14.57
N PHE A 456 36.86 5.32 -14.27
CA PHE A 456 36.86 6.03 -12.98
C PHE A 456 37.03 7.56 -13.15
N ARG A 457 36.15 8.17 -13.95
CA ARG A 457 36.35 9.50 -14.54
C ARG A 457 36.68 10.59 -13.50
N LYS A 458 35.71 11.02 -12.68
CA LYS A 458 36.05 11.87 -11.55
C LYS A 458 35.42 11.34 -10.27
N SER A 459 34.09 11.37 -10.23
CA SER A 459 33.32 10.86 -9.10
C SER A 459 32.26 9.87 -9.58
N ASN A 460 31.46 10.31 -10.56
CA ASN A 460 30.31 9.59 -11.08
C ASN A 460 29.70 10.29 -12.30
N LEU A 461 28.50 9.86 -12.71
CA LEU A 461 27.75 10.47 -13.79
C LEU A 461 26.29 10.54 -13.42
N LYS A 462 25.67 11.68 -13.71
CA LYS A 462 24.22 11.83 -13.67
C LYS A 462 23.63 11.17 -14.92
N PRO A 463 22.30 11.09 -15.04
CA PRO A 463 21.72 10.43 -16.22
C PRO A 463 22.03 11.13 -17.54
N PHE A 464 22.45 10.34 -18.52
CA PHE A 464 22.34 10.64 -19.95
C PHE A 464 23.26 11.77 -20.42
N GLU A 465 24.41 12.00 -19.80
CA GLU A 465 25.38 12.91 -20.39
C GLU A 465 26.53 12.09 -20.98
N ARG A 466 26.77 12.30 -22.27
CA ARG A 466 27.96 11.75 -22.92
C ARG A 466 29.14 12.68 -22.66
N ASP A 467 30.23 12.13 -22.14
CA ASP A 467 31.40 12.89 -21.75
C ASP A 467 32.65 12.35 -22.44
N ILE A 468 33.10 13.04 -23.50
CA ILE A 468 34.29 12.62 -24.22
C ILE A 468 35.55 13.25 -23.58
N SER A 469 35.36 14.00 -22.50
CA SER A 469 36.45 14.70 -21.82
C SER A 469 37.51 13.72 -21.30
N THR A 470 38.76 13.93 -21.73
CA THR A 470 39.93 13.16 -21.33
C THR A 470 40.84 13.81 -20.27
N GLU A 471 40.31 14.64 -19.37
CA GLU A 471 41.19 15.29 -18.38
C GLU A 471 41.82 14.24 -17.47
N ILE A 472 43.07 14.50 -17.07
CA ILE A 472 43.79 13.56 -16.24
C ILE A 472 43.17 13.54 -14.85
N TYR A 473 42.84 12.34 -14.36
CA TYR A 473 42.27 12.21 -13.03
C TYR A 473 43.37 12.27 -11.99
N GLN A 474 43.11 12.97 -10.89
CA GLN A 474 44.09 13.08 -9.80
C GLN A 474 43.46 12.65 -8.49
N ALA A 475 44.19 11.84 -7.72
CA ALA A 475 43.72 11.38 -6.42
C ALA A 475 44.70 11.64 -5.29
N GLY A 476 45.99 11.84 -5.57
CA GLY A 476 46.99 12.12 -4.56
C GLY A 476 47.60 13.50 -4.60
N SER A 477 48.80 13.59 -5.18
CA SER A 477 49.51 14.85 -5.32
C SER A 477 48.87 15.68 -6.42
N THR A 478 48.25 16.79 -6.02
CA THR A 478 47.62 17.77 -6.91
C THR A 478 48.51 18.51 -7.92
N PRO A 479 49.89 18.68 -7.73
CA PRO A 479 50.72 19.35 -8.75
C PRO A 479 50.49 19.03 -10.23
N CYS A 480 49.95 17.85 -10.52
CA CYS A 480 49.58 17.49 -11.89
C CYS A 480 48.60 18.49 -12.49
N ASN A 481 48.91 18.96 -13.70
CA ASN A 481 48.04 19.89 -14.43
C ASN A 481 48.07 19.43 -15.89
N GLY A 482 47.12 18.54 -16.25
CA GLY A 482 47.10 17.99 -17.59
C GLY A 482 48.27 17.08 -17.89
N VAL A 483 49.00 16.68 -16.85
CA VAL A 483 50.19 15.84 -16.93
C VAL A 483 49.97 14.68 -15.98
N GLU A 484 50.57 13.55 -16.29
CA GLU A 484 50.39 12.30 -15.57
C GLU A 484 51.59 12.11 -14.64
N GLY A 485 51.30 11.72 -13.40
CA GLY A 485 52.33 11.54 -12.41
C GLY A 485 52.22 10.38 -11.45
N PHE A 486 52.48 10.66 -10.18
CA PHE A 486 52.39 9.65 -9.13
C PHE A 486 50.98 9.09 -9.00
N ASN A 487 50.00 9.97 -8.83
CA ASN A 487 48.59 9.60 -8.64
C ASN A 487 47.72 10.31 -9.68
N CYS A 488 48.19 10.34 -10.92
CA CYS A 488 47.50 11.03 -12.00
C CYS A 488 47.28 10.03 -13.13
N TYR A 489 46.01 9.84 -13.51
CA TYR A 489 45.61 8.79 -14.43
C TYR A 489 45.00 9.41 -15.68
N PHE A 490 45.20 8.74 -16.83
CA PHE A 490 44.40 8.94 -18.03
C PHE A 490 43.31 7.88 -18.06
N PRO A 491 42.02 8.22 -18.07
CA PRO A 491 41.01 7.27 -17.58
C PRO A 491 40.38 6.30 -18.58
N LEU A 492 40.67 6.37 -19.89
CA LEU A 492 39.91 5.60 -20.88
C LEU A 492 40.03 4.08 -20.69
N GLN A 493 41.22 3.48 -20.88
CA GLN A 493 41.47 2.06 -20.60
C GLN A 493 40.43 1.10 -21.20
N SER A 494 40.50 0.93 -22.53
CA SER A 494 39.52 0.22 -23.36
C SER A 494 39.20 -1.21 -22.95
N TYR A 495 38.04 -1.72 -23.40
CA TYR A 495 37.57 -3.08 -23.13
C TYR A 495 38.57 -4.11 -23.64
N GLY A 496 38.32 -5.38 -23.30
CA GLY A 496 39.18 -6.46 -23.80
C GLY A 496 38.37 -7.71 -24.13
N PHE A 497 38.03 -7.93 -25.40
CA PHE A 497 37.16 -9.08 -25.76
C PHE A 497 37.90 -10.05 -26.68
N GLN A 498 37.63 -11.35 -26.57
CA GLN A 498 38.24 -12.37 -27.47
C GLN A 498 37.08 -13.25 -27.95
N PRO A 499 37.20 -14.02 -29.06
CA PRO A 499 36.06 -14.78 -29.55
C PRO A 499 35.62 -15.80 -28.49
N THR A 500 36.57 -16.37 -27.76
CA THR A 500 36.25 -17.39 -26.72
C THR A 500 36.24 -16.72 -25.33
N ASN A 501 35.71 -15.51 -25.23
CA ASN A 501 35.71 -14.77 -23.94
C ASN A 501 34.87 -15.50 -22.88
N GLY A 502 33.75 -16.10 -23.28
CA GLY A 502 32.83 -16.72 -22.30
C GLY A 502 31.54 -15.91 -22.23
N VAL A 503 30.45 -16.50 -21.72
CA VAL A 503 29.13 -15.81 -21.77
C VAL A 503 29.17 -14.49 -20.96
N GLY A 504 29.79 -14.50 -19.79
CA GLY A 504 29.88 -13.26 -18.98
C GLY A 504 30.68 -12.20 -19.68
N TYR A 505 31.79 -12.58 -20.32
CA TYR A 505 32.68 -11.61 -21.01
C TYR A 505 32.25 -11.47 -22.47
N GLN A 506 31.15 -12.13 -22.84
CA GLN A 506 30.62 -12.05 -24.23
C GLN A 506 29.99 -10.67 -24.46
N PRO A 507 30.34 -9.89 -25.52
CA PRO A 507 29.64 -8.63 -25.80
C PRO A 507 28.15 -8.76 -26.08
N TYR A 508 27.32 -8.34 -25.13
CA TYR A 508 25.89 -8.18 -25.37
C TYR A 508 25.65 -6.81 -26.00
N ARG A 509 25.45 -6.77 -27.32
CA ARG A 509 25.17 -5.52 -28.02
C ARG A 509 23.92 -4.84 -27.48
N VAL A 510 24.10 -3.77 -26.76
CA VAL A 510 23.00 -3.05 -26.12
C VAL A 510 22.44 -2.05 -27.10
N VAL A 511 21.12 -2.05 -27.26
CA VAL A 511 20.42 -1.03 -28.03
C VAL A 511 19.29 -0.51 -27.15
N VAL A 512 19.46 0.70 -26.62
CA VAL A 512 18.52 1.25 -25.65
C VAL A 512 17.49 2.06 -26.44
N LEU A 513 16.29 1.51 -26.56
CA LEU A 513 15.14 2.27 -27.04
C LEU A 513 14.56 3.01 -25.86
N SER A 514 14.89 4.30 -25.75
CA SER A 514 14.45 5.13 -24.62
C SER A 514 13.30 6.00 -25.10
N PHE A 515 12.10 5.65 -24.69
CA PHE A 515 10.88 6.32 -25.11
C PHE A 515 10.46 7.38 -24.09
N GLU A 516 9.94 8.49 -24.57
CA GLU A 516 9.30 9.49 -23.72
C GLU A 516 7.89 9.68 -24.23
N LEU A 517 6.90 9.20 -23.47
CA LEU A 517 5.53 9.12 -23.94
C LEU A 517 4.69 10.36 -23.65
N LEU A 518 5.20 11.32 -22.88
CA LEU A 518 4.43 12.50 -22.51
C LEU A 518 5.27 13.76 -22.67
N HIS A 519 5.92 13.90 -23.82
CA HIS A 519 6.79 15.05 -24.07
C HIS A 519 6.24 16.01 -25.11
N ALA A 520 5.57 15.51 -26.15
CA ALA A 520 5.10 16.32 -27.27
C ALA A 520 4.05 15.54 -28.05
N PRO A 521 3.41 16.12 -29.07
CA PRO A 521 2.62 15.30 -30.00
C PRO A 521 3.46 14.18 -30.62
N ALA A 522 2.88 12.98 -30.65
CA ALA A 522 3.58 11.80 -31.17
C ALA A 522 3.90 11.96 -32.66
N THR A 523 5.12 11.55 -33.03
CA THR A 523 5.59 11.64 -34.41
C THR A 523 5.98 10.30 -35.04
N VAL A 524 6.41 9.30 -34.25
CA VAL A 524 6.85 8.02 -34.78
C VAL A 524 6.12 6.88 -34.08
N CYS A 525 5.55 5.97 -34.88
CA CYS A 525 4.92 4.74 -34.39
C CYS A 525 4.56 3.65 -35.40
N GLY A 526 3.72 2.72 -34.95
CA GLY A 526 3.57 1.40 -35.48
C GLY A 526 2.80 1.28 -36.79
N PRO A 527 2.98 0.14 -37.48
CA PRO A 527 2.37 -0.13 -38.80
C PRO A 527 0.93 -0.62 -38.79
N LYS A 528 0.00 0.31 -38.66
CA LYS A 528 -1.42 -0.01 -38.57
C LYS A 528 -2.10 0.26 -39.90
N LYS A 529 -3.27 -0.37 -40.09
CA LYS A 529 -3.95 -0.32 -41.37
C LYS A 529 -4.46 1.09 -41.73
N SER A 530 -4.94 1.84 -40.73
CA SER A 530 -5.52 3.20 -40.89
C SER A 530 -6.86 3.13 -41.63
N THR A 531 -7.97 3.31 -40.91
CA THR A 531 -9.29 3.24 -41.52
C THR A 531 -9.84 4.63 -41.85
N ASN A 532 -11.00 4.62 -42.51
CA ASN A 532 -11.72 5.85 -42.87
C ASN A 532 -12.28 6.54 -41.63
N LEU A 533 -12.31 7.87 -41.67
CA LEU A 533 -12.85 8.64 -40.55
C LEU A 533 -14.38 8.64 -40.57
N VAL A 534 -14.97 8.33 -39.40
CA VAL A 534 -16.41 8.25 -39.19
C VAL A 534 -16.83 9.29 -38.15
N LYS A 535 -17.83 10.10 -38.48
CA LYS A 535 -18.33 11.15 -37.61
C LYS A 535 -19.73 10.82 -37.11
N ASN A 536 -20.08 11.44 -35.97
CA ASN A 536 -21.39 11.36 -35.33
C ASN A 536 -21.81 9.94 -34.96
N LYS A 537 -20.86 9.09 -34.58
CA LYS A 537 -21.19 7.73 -34.17
C LYS A 537 -20.27 7.33 -33.01
N CYS A 538 -20.76 6.44 -32.16
CA CYS A 538 -19.96 5.91 -31.05
C CYS A 538 -18.91 4.95 -31.60
N VAL A 539 -17.63 5.31 -31.47
CA VAL A 539 -16.52 4.51 -31.99
C VAL A 539 -15.40 4.44 -30.97
N ASN A 540 -14.54 3.43 -31.16
CA ASN A 540 -13.26 3.31 -30.46
C ASN A 540 -12.18 3.94 -31.34
N PHE A 541 -11.53 4.98 -30.83
CA PHE A 541 -10.57 5.75 -31.62
C PHE A 541 -9.13 5.60 -31.13
N ASN A 542 -8.21 5.80 -32.06
CA ASN A 542 -6.77 5.85 -31.79
C ASN A 542 -6.25 6.99 -32.67
N PHE A 543 -6.03 8.15 -32.07
CA PHE A 543 -5.53 9.33 -32.79
C PHE A 543 -4.08 9.58 -32.41
N ASN A 544 -3.17 9.09 -33.26
CA ASN A 544 -1.72 9.27 -33.10
C ASN A 544 -1.25 8.84 -31.71
N GLY A 545 -1.81 7.74 -31.21
CA GLY A 545 -1.46 7.20 -29.90
C GLY A 545 -2.44 7.53 -28.81
N LEU A 546 -3.30 8.51 -29.03
CA LEU A 546 -4.33 8.85 -28.06
C LEU A 546 -5.48 7.90 -28.26
N THR A 547 -5.80 7.11 -27.25
CA THR A 547 -6.81 6.08 -27.40
C THR A 547 -7.97 6.30 -26.46
N GLY A 548 -9.14 5.87 -26.90
CA GLY A 548 -10.35 5.97 -26.11
C GLY A 548 -11.53 5.58 -26.97
N THR A 549 -12.71 5.70 -26.37
CA THR A 549 -13.96 5.40 -27.04
C THR A 549 -14.80 6.65 -27.02
N GLY A 550 -15.41 6.99 -28.16
CA GLY A 550 -16.22 8.18 -28.18
C GLY A 550 -16.77 8.51 -29.55
N VAL A 551 -17.38 9.70 -29.62
CA VAL A 551 -18.03 10.21 -30.83
C VAL A 551 -17.25 11.41 -31.35
N LEU A 552 -16.91 11.37 -32.63
CA LEU A 552 -16.08 12.38 -33.29
C LEU A 552 -17.00 13.42 -33.96
N THR A 553 -16.81 14.69 -33.61
CA THR A 553 -17.61 15.77 -34.17
C THR A 553 -16.70 16.85 -34.74
N GLU A 554 -17.29 17.72 -35.56
CA GLU A 554 -16.56 18.86 -36.12
C GLU A 554 -16.27 19.90 -35.05
N SER A 555 -15.03 20.36 -35.01
CA SER A 555 -14.59 21.36 -34.03
C SER A 555 -14.59 22.74 -34.65
N ASN A 556 -14.77 23.75 -33.81
CA ASN A 556 -14.65 25.15 -34.21
C ASN A 556 -13.44 25.82 -33.56
N LYS A 557 -12.51 25.01 -33.03
CA LYS A 557 -11.33 25.55 -32.37
C LYS A 557 -10.28 25.95 -33.40
N LYS A 558 -9.63 27.09 -33.14
CA LYS A 558 -8.59 27.63 -34.02
C LYS A 558 -7.22 27.17 -33.57
N PHE A 559 -6.86 25.96 -34.00
CA PHE A 559 -5.55 25.41 -33.69
C PHE A 559 -4.47 26.16 -34.47
N LEU A 560 -3.34 26.40 -33.82
CA LEU A 560 -2.22 26.97 -34.54
C LEU A 560 -1.57 25.90 -35.41
N PRO A 561 -0.87 26.30 -36.52
CA PRO A 561 -0.31 25.31 -37.46
C PRO A 561 0.62 24.24 -36.90
N PHE A 562 1.28 24.47 -35.77
CA PHE A 562 2.20 23.49 -35.23
C PHE A 562 1.55 22.67 -34.12
N GLN A 563 0.43 23.15 -33.61
CA GLN A 563 -0.24 22.59 -32.46
C GLN A 563 -1.20 21.49 -32.91
N GLN A 564 -1.09 20.31 -32.29
CA GLN A 564 -1.83 19.14 -32.75
C GLN A 564 -3.03 18.72 -31.90
N PHE A 565 -3.10 18.98 -30.60
CA PHE A 565 -4.26 18.50 -29.86
C PHE A 565 -4.46 19.38 -28.63
N GLY A 566 -5.65 19.25 -28.03
CA GLY A 566 -5.98 20.01 -26.86
C GLY A 566 -6.47 19.21 -25.66
N ARG A 567 -6.47 19.89 -24.51
CA ARG A 567 -6.98 19.38 -23.26
C ARG A 567 -7.86 20.42 -22.57
N ASP A 568 -8.81 19.93 -21.77
CA ASP A 568 -9.74 20.75 -21.00
C ASP A 568 -9.15 21.19 -19.67
N ILE A 569 -9.98 21.90 -18.89
CA ILE A 569 -9.65 22.34 -17.53
C ILE A 569 -9.34 21.12 -16.67
N ALA A 570 -10.03 20.01 -16.93
CA ALA A 570 -9.86 18.74 -16.24
C ALA A 570 -8.55 18.05 -16.57
N ASP A 571 -7.77 18.60 -17.51
CA ASP A 571 -6.50 18.05 -17.99
C ASP A 571 -6.76 16.69 -18.64
N THR A 572 -7.89 16.60 -19.35
CA THR A 572 -8.22 15.45 -20.17
C THR A 572 -8.37 15.91 -21.61
N THR A 573 -8.09 14.98 -22.54
CA THR A 573 -8.13 15.28 -23.96
C THR A 573 -9.54 15.61 -24.42
N ASP A 574 -9.69 16.69 -25.20
CA ASP A 574 -11.00 17.06 -25.72
C ASP A 574 -10.95 17.56 -27.16
N ALA A 575 -9.80 17.47 -27.83
CA ALA A 575 -9.69 17.93 -29.21
C ALA A 575 -8.47 17.30 -29.83
N VAL A 576 -8.56 16.96 -31.11
CA VAL A 576 -7.46 16.35 -31.87
C VAL A 576 -7.48 16.90 -33.30
N ARG A 577 -6.29 17.12 -33.86
CA ARG A 577 -6.10 17.42 -35.27
C ARG A 577 -5.89 16.09 -36.00
N ASP A 578 -6.68 15.85 -37.05
CA ASP A 578 -6.57 14.60 -37.79
C ASP A 578 -5.18 14.49 -38.43
N PRO A 579 -4.50 13.35 -38.27
CA PRO A 579 -3.12 13.22 -38.80
C PRO A 579 -3.00 13.17 -40.31
N GLN A 580 -4.08 12.97 -41.06
CA GLN A 580 -3.96 12.88 -42.52
C GLN A 580 -4.41 14.15 -43.23
N THR A 581 -5.52 14.73 -42.79
CA THR A 581 -6.01 16.01 -43.28
C THR A 581 -5.99 16.97 -42.09
N LEU A 582 -5.48 18.19 -42.28
CA LEU A 582 -5.23 19.06 -41.13
C LEU A 582 -6.51 19.79 -40.70
N GLU A 583 -7.51 18.97 -40.40
CA GLU A 583 -8.81 19.37 -39.89
C GLU A 583 -8.81 19.15 -38.39
N ILE A 584 -9.44 20.05 -37.65
CA ILE A 584 -9.54 19.96 -36.20
C ILE A 584 -10.88 19.35 -35.79
N LEU A 585 -10.81 18.26 -35.00
CA LEU A 585 -11.97 17.55 -34.47
C LEU A 585 -12.03 17.70 -32.96
N ASP A 586 -13.25 17.78 -32.43
CA ASP A 586 -13.48 17.68 -30.99
C ASP A 586 -13.84 16.22 -30.72
N ILE A 587 -13.33 15.67 -29.64
CA ILE A 587 -13.59 14.28 -29.28
C ILE A 587 -14.33 14.22 -27.95
N THR A 588 -15.53 13.64 -27.97
CA THR A 588 -16.14 13.34 -26.68
C THR A 588 -16.45 11.86 -26.56
N PRO A 589 -16.41 11.30 -25.35
CA PRO A 589 -16.88 9.93 -25.13
C PRO A 589 -18.38 9.74 -25.34
N CYS A 590 -18.73 8.48 -25.56
CA CYS A 590 -20.12 8.08 -25.78
C CYS A 590 -20.98 8.22 -24.53
N SER A 591 -22.25 8.55 -24.76
CA SER A 591 -23.22 8.80 -23.69
C SER A 591 -23.37 7.59 -22.80
N PHE A 592 -23.35 7.80 -21.49
CA PHE A 592 -23.54 6.69 -20.56
C PHE A 592 -24.23 7.23 -19.31
N GLY A 593 -24.68 6.30 -18.48
CA GLY A 593 -25.30 6.66 -17.22
C GLY A 593 -25.80 5.41 -16.54
N GLY A 594 -26.16 5.59 -15.28
CA GLY A 594 -26.61 4.49 -14.47
C GLY A 594 -27.99 4.01 -14.89
N VAL A 595 -28.29 2.77 -14.52
CA VAL A 595 -29.60 2.19 -14.79
C VAL A 595 -30.29 1.91 -13.47
N SER A 596 -31.47 2.50 -13.33
CA SER A 596 -32.30 2.37 -12.15
C SER A 596 -33.53 1.59 -12.54
N VAL A 597 -33.99 0.73 -11.64
CA VAL A 597 -35.14 -0.12 -11.90
C VAL A 597 -36.33 0.48 -11.19
N ILE A 598 -37.37 0.77 -11.96
CA ILE A 598 -38.58 1.36 -11.42
C ILE A 598 -39.52 0.20 -11.18
N THR A 599 -39.91 -0.01 -9.92
CA THR A 599 -40.74 -1.16 -9.70
C THR A 599 -41.66 -1.05 -8.50
N PRO A 600 -42.87 -1.58 -8.61
CA PRO A 600 -43.65 -1.92 -7.42
C PRO A 600 -43.05 -3.17 -6.82
N GLY A 601 -43.39 -3.44 -5.56
CA GLY A 601 -42.85 -4.60 -4.88
C GLY A 601 -43.33 -5.89 -5.51
N THR A 602 -42.58 -6.97 -5.25
CA THR A 602 -42.93 -8.28 -5.79
C THR A 602 -44.20 -8.85 -5.17
N ASN A 603 -44.72 -8.23 -4.12
CA ASN A 603 -46.02 -8.60 -3.59
C ASN A 603 -47.16 -8.26 -4.55
N THR A 604 -46.96 -7.29 -5.44
CA THR A 604 -48.05 -6.82 -6.30
C THR A 604 -47.88 -7.18 -7.78
N SER A 605 -46.72 -6.90 -8.38
CA SER A 605 -46.59 -7.12 -9.82
C SER A 605 -45.11 -7.24 -10.20
N ASN A 606 -44.87 -7.97 -11.30
CA ASN A 606 -43.55 -8.15 -11.89
C ASN A 606 -43.31 -7.18 -13.06
N GLN A 607 -44.19 -6.20 -13.27
CA GLN A 607 -43.95 -5.23 -14.34
C GLN A 607 -42.96 -4.16 -13.88
N VAL A 608 -42.00 -3.84 -14.76
CA VAL A 608 -40.95 -2.86 -14.45
C VAL A 608 -40.77 -1.83 -15.55
N ALA A 609 -40.08 -0.75 -15.18
CA ALA A 609 -39.62 0.31 -16.06
C ALA A 609 -38.12 0.46 -15.89
N VAL A 610 -37.45 0.90 -16.95
CA VAL A 610 -35.99 1.00 -16.99
C VAL A 610 -35.60 2.45 -17.20
N LEU A 611 -34.68 2.94 -16.37
CA LEU A 611 -34.17 4.31 -16.47
C LEU A 611 -32.78 4.31 -17.08
N TYR A 612 -32.64 4.97 -18.23
CA TYR A 612 -31.34 5.23 -18.84
C TYR A 612 -31.00 6.67 -18.50
N GLN A 613 -30.09 6.87 -17.55
CA GLN A 613 -29.90 8.20 -17.00
C GLN A 613 -29.07 9.08 -17.92
N ASP A 614 -29.64 10.24 -18.29
CA ASP A 614 -29.08 11.28 -19.16
C ASP A 614 -28.58 10.75 -20.50
N VAL A 615 -29.41 9.94 -21.15
CA VAL A 615 -29.13 9.45 -22.50
C VAL A 615 -30.42 9.60 -23.31
N ASN A 616 -30.29 9.83 -24.62
CA ASN A 616 -31.48 10.03 -25.43
C ASN A 616 -32.17 8.70 -25.78
N CYS A 617 -33.43 8.83 -26.15
CA CYS A 617 -34.32 7.74 -26.52
C CYS A 617 -34.04 7.22 -27.93
N THR A 618 -32.82 7.43 -28.45
CA THR A 618 -32.52 6.98 -29.80
C THR A 618 -31.29 6.09 -29.84
N GLU A 619 -30.25 6.40 -29.06
CA GLU A 619 -29.01 5.65 -29.14
C GLU A 619 -29.05 4.37 -28.30
N VAL A 620 -30.15 4.16 -27.55
CA VAL A 620 -30.21 3.01 -26.63
C VAL A 620 -30.17 1.65 -27.33
N PRO A 621 -30.98 1.38 -28.39
CA PRO A 621 -30.90 0.01 -28.92
C PRO A 621 -29.59 -0.29 -29.68
N ASN A 641 -43.49 2.56 -24.80
CA ASN A 641 -43.63 3.46 -23.67
C ASN A 641 -42.28 4.07 -23.35
N VAL A 642 -41.76 4.87 -24.27
CA VAL A 642 -40.49 5.57 -24.08
C VAL A 642 -40.79 7.05 -23.83
N PHE A 643 -40.35 7.57 -22.68
CA PHE A 643 -40.55 8.98 -22.34
C PHE A 643 -39.22 9.70 -22.17
N GLN A 644 -38.96 10.68 -23.02
CA GLN A 644 -37.76 11.50 -22.95
C GLN A 644 -37.92 12.64 -21.94
N THR A 645 -37.04 12.68 -20.94
CA THR A 645 -37.05 13.74 -19.93
C THR A 645 -35.60 14.19 -19.75
N ARG A 646 -35.42 15.28 -19.00
CA ARG A 646 -34.09 15.84 -18.76
C ARG A 646 -33.18 14.80 -18.13
N ALA A 647 -33.72 13.98 -17.21
CA ALA A 647 -32.94 12.93 -16.56
C ALA A 647 -32.55 11.79 -17.50
N GLY A 648 -33.23 11.64 -18.63
CA GLY A 648 -32.94 10.59 -19.57
C GLY A 648 -34.18 9.98 -20.17
N CYS A 649 -33.99 8.87 -20.88
CA CYS A 649 -35.08 8.13 -21.51
C CYS A 649 -35.53 6.97 -20.62
N LEU A 650 -36.78 7.01 -20.20
CA LEU A 650 -37.37 6.01 -19.33
C LEU A 650 -38.26 5.08 -20.17
N ILE A 651 -37.96 3.78 -20.18
CA ILE A 651 -38.66 2.85 -21.06
C ILE A 651 -39.45 1.84 -20.22
N GLY A 652 -40.71 1.63 -20.60
CA GLY A 652 -41.60 0.67 -19.97
C GLY A 652 -42.72 1.26 -19.15
N ALA A 653 -42.67 2.54 -18.82
CA ALA A 653 -43.75 3.19 -18.11
C ALA A 653 -44.47 4.10 -19.10
N GLU A 654 -45.80 4.05 -19.06
CA GLU A 654 -46.60 4.88 -19.96
C GLU A 654 -46.76 6.27 -19.36
N HIS A 655 -46.36 7.28 -20.13
CA HIS A 655 -46.43 8.64 -19.66
C HIS A 655 -47.86 9.16 -19.75
N VAL A 656 -48.32 9.71 -18.64
CA VAL A 656 -49.65 10.31 -18.52
C VAL A 656 -49.47 11.71 -17.95
N ASN A 657 -50.27 12.65 -18.46
CA ASN A 657 -50.19 14.03 -18.00
C ASN A 657 -50.56 14.16 -16.53
N ASN A 658 -51.57 13.39 -16.10
CA ASN A 658 -52.05 13.40 -14.72
C ASN A 658 -50.89 13.28 -13.73
N SER A 659 -50.83 14.22 -12.79
CA SER A 659 -49.80 14.22 -11.77
C SER A 659 -50.25 13.46 -10.53
N TYR A 660 -49.28 12.89 -9.83
CA TYR A 660 -49.53 12.14 -8.61
C TYR A 660 -48.39 12.36 -7.62
N GLU A 661 -48.52 11.75 -6.44
CA GLU A 661 -47.46 11.80 -5.44
C GLU A 661 -46.24 11.05 -5.90
N CYS A 662 -45.06 11.56 -5.54
CA CYS A 662 -43.84 10.85 -5.87
C CYS A 662 -43.80 9.54 -5.10
N ASP A 663 -43.58 8.45 -5.82
CA ASP A 663 -43.41 7.16 -5.18
C ASP A 663 -41.98 6.69 -5.41
N ILE A 664 -41.62 6.33 -6.63
CA ILE A 664 -40.23 6.03 -6.96
C ILE A 664 -39.66 7.24 -7.70
N PRO A 665 -38.77 8.01 -7.10
CA PRO A 665 -38.19 9.14 -7.83
C PRO A 665 -37.18 8.72 -8.89
N ILE A 666 -37.24 9.41 -10.03
CA ILE A 666 -36.26 9.25 -11.11
C ILE A 666 -35.26 10.38 -11.15
N GLY A 667 -35.72 11.62 -11.10
CA GLY A 667 -34.79 12.72 -11.14
C GLY A 667 -35.28 13.70 -12.18
N ALA A 668 -34.87 14.97 -12.04
CA ALA A 668 -35.22 16.03 -12.99
C ALA A 668 -36.74 16.16 -13.15
N GLY A 669 -37.47 16.02 -12.05
CA GLY A 669 -38.90 16.21 -12.05
C GLY A 669 -39.76 14.98 -12.32
N ILE A 670 -39.18 13.84 -12.64
CA ILE A 670 -39.98 12.65 -12.93
C ILE A 670 -40.03 11.69 -11.75
N CYS A 671 -41.24 11.25 -11.39
CA CYS A 671 -41.47 10.17 -10.44
C CYS A 671 -42.42 9.18 -11.09
N ALA A 672 -42.40 7.95 -10.58
CA ALA A 672 -43.25 6.90 -11.11
C ALA A 672 -44.02 6.25 -9.97
N SER A 673 -45.17 5.68 -10.32
CA SER A 673 -46.01 4.99 -9.36
C SER A 673 -46.83 3.93 -10.09
N TYR A 674 -47.39 3.00 -9.33
CA TYR A 674 -48.22 1.93 -9.88
C TYR A 674 -49.71 2.16 -9.63
N GLN A 675 -50.45 2.42 -10.70
CA GLN A 675 -51.89 2.67 -10.70
C GLN A 675 -52.54 2.04 -11.92
N GLN A 687 -54.31 -2.29 -13.36
CA GLN A 687 -53.34 -1.28 -12.94
C GLN A 687 -52.04 -1.45 -13.71
N SER A 688 -51.26 -0.38 -13.81
CA SER A 688 -50.00 -0.42 -14.53
C SER A 688 -49.05 0.64 -13.97
N ILE A 689 -47.81 0.59 -14.42
CA ILE A 689 -46.79 1.56 -14.05
C ILE A 689 -46.89 2.77 -14.97
N ILE A 690 -46.90 3.97 -14.37
CA ILE A 690 -46.98 5.20 -15.11
C ILE A 690 -45.80 6.09 -14.75
N ALA A 691 -45.49 7.03 -15.65
CA ALA A 691 -44.48 8.06 -15.43
C ALA A 691 -45.16 9.40 -15.63
N TYR A 692 -44.81 10.39 -14.82
CA TYR A 692 -45.50 11.67 -14.92
C TYR A 692 -44.66 12.80 -14.35
N THR A 693 -45.07 14.02 -14.66
CA THR A 693 -44.52 15.17 -13.96
C THR A 693 -45.24 15.20 -12.62
N MET A 694 -44.48 15.27 -11.54
CA MET A 694 -45.05 15.05 -10.21
C MET A 694 -45.97 16.17 -9.75
N SER A 695 -46.98 15.76 -9.01
CA SER A 695 -47.74 16.73 -8.25
C SER A 695 -46.90 16.85 -7.00
N LEU A 696 -46.86 18.02 -6.42
CA LEU A 696 -46.07 18.16 -5.22
C LEU A 696 -46.96 17.98 -4.01
N GLY A 697 -48.20 17.64 -4.28
CA GLY A 697 -49.34 17.46 -3.41
C GLY A 697 -50.36 18.35 -4.03
N ALA A 698 -51.11 17.76 -4.98
CA ALA A 698 -52.14 18.41 -5.78
C ALA A 698 -51.68 19.80 -6.21
N GLU A 699 -52.60 20.76 -6.16
CA GLU A 699 -52.29 22.15 -6.38
C GLU A 699 -53.29 22.88 -5.52
N ASN A 700 -52.89 24.02 -4.98
CA ASN A 700 -53.82 24.77 -4.13
C ASN A 700 -53.56 26.25 -4.32
N SER A 701 -54.43 26.91 -5.07
CA SER A 701 -54.33 28.36 -5.14
C SER A 701 -54.97 28.85 -3.85
N VAL A 702 -54.21 29.59 -3.06
CA VAL A 702 -54.71 30.05 -1.77
C VAL A 702 -55.54 31.30 -1.98
N ALA A 703 -56.72 31.34 -1.36
CA ALA A 703 -57.64 32.47 -1.54
C ALA A 703 -57.15 33.65 -0.70
N TYR A 704 -55.97 34.14 -1.07
CA TYR A 704 -55.33 35.22 -0.35
C TYR A 704 -55.94 36.56 -0.73
N SER A 705 -56.15 37.39 0.28
CA SER A 705 -56.53 38.77 0.07
C SER A 705 -56.03 39.57 1.26
N ASN A 706 -56.06 40.89 1.11
CA ASN A 706 -55.54 41.79 2.12
C ASN A 706 -56.48 41.90 3.32
N ASN A 707 -57.68 41.34 3.21
CA ASN A 707 -58.73 41.46 4.21
C ASN A 707 -59.42 40.13 4.48
N SER A 708 -58.72 39.01 4.38
CA SER A 708 -59.32 37.70 4.60
C SER A 708 -58.54 36.92 5.64
N ILE A 709 -59.23 36.45 6.68
CA ILE A 709 -58.62 35.64 7.74
C ILE A 709 -59.29 34.28 7.86
N ALA A 710 -58.47 33.23 7.92
CA ALA A 710 -58.92 31.88 8.20
C ALA A 710 -58.52 31.57 9.63
N ILE A 711 -59.40 30.92 10.39
CA ILE A 711 -59.11 30.52 11.77
C ILE A 711 -59.67 29.12 11.99
N PRO A 712 -58.87 28.17 12.49
CA PRO A 712 -59.35 26.80 12.68
C PRO A 712 -60.53 26.74 13.63
N THR A 713 -61.52 25.93 13.28
CA THR A 713 -62.71 25.80 14.13
C THR A 713 -62.67 24.60 15.06
N ASN A 714 -62.68 23.41 14.50
CA ASN A 714 -62.62 22.14 15.25
C ASN A 714 -61.30 21.41 14.99
N PHE A 715 -60.37 21.50 15.94
CA PHE A 715 -59.07 20.91 15.71
C PHE A 715 -59.16 19.40 15.89
N THR A 716 -58.09 18.72 15.48
CA THR A 716 -57.92 17.30 15.70
C THR A 716 -56.54 17.13 16.34
N ILE A 717 -56.34 16.04 17.06
CA ILE A 717 -55.03 15.72 17.59
C ILE A 717 -54.47 14.52 16.83
N SER A 718 -53.30 14.73 16.24
CA SER A 718 -52.59 13.73 15.46
C SER A 718 -51.30 13.41 16.18
N VAL A 719 -50.90 12.15 16.15
CA VAL A 719 -49.61 11.77 16.71
C VAL A 719 -48.75 11.23 15.57
N THR A 720 -47.62 11.88 15.36
CA THR A 720 -46.70 11.47 14.31
C THR A 720 -45.51 10.85 15.02
N THR A 721 -45.05 9.71 14.54
CA THR A 721 -43.91 9.07 15.16
C THR A 721 -42.65 9.41 14.40
N GLU A 722 -41.71 10.02 15.08
CA GLU A 722 -40.39 10.32 14.53
C GLU A 722 -39.44 9.51 15.38
N ILE A 723 -38.64 8.69 14.73
CA ILE A 723 -37.75 7.77 15.43
C ILE A 723 -36.35 8.27 15.15
N LEU A 724 -35.58 8.47 16.21
CA LEU A 724 -34.23 8.93 16.01
C LEU A 724 -33.33 7.94 16.70
N PRO A 725 -32.28 7.50 16.02
CA PRO A 725 -31.23 6.73 16.68
C PRO A 725 -30.52 7.51 17.76
N VAL A 726 -30.22 6.81 18.84
CA VAL A 726 -29.42 7.33 19.95
C VAL A 726 -28.16 6.52 20.12
N SER A 727 -28.24 5.20 19.97
CA SER A 727 -27.12 4.34 20.21
C SER A 727 -27.00 3.29 19.11
N MET A 728 -25.82 2.73 19.04
CA MET A 728 -25.48 1.62 18.18
C MET A 728 -25.13 0.46 19.08
N THR A 729 -25.33 -0.76 18.59
CA THR A 729 -24.91 -1.92 19.38
C THR A 729 -23.42 -1.73 19.58
N LYS A 730 -22.96 -1.86 20.82
CA LYS A 730 -21.60 -1.42 21.11
C LYS A 730 -20.59 -2.48 20.70
N THR A 731 -20.27 -2.45 19.41
CA THR A 731 -19.29 -3.40 18.94
C THR A 731 -17.91 -2.84 19.28
N SER A 732 -16.94 -3.72 19.37
CA SER A 732 -15.57 -3.30 19.63
C SER A 732 -14.69 -4.26 18.85
N VAL A 733 -14.02 -3.75 17.83
CA VAL A 733 -13.25 -4.62 16.96
C VAL A 733 -11.80 -4.36 17.31
N ASP A 734 -11.25 -5.27 18.10
CA ASP A 734 -9.83 -5.27 18.42
C ASP A 734 -8.98 -5.53 17.18
N CYS A 735 -8.04 -4.64 16.91
CA CYS A 735 -7.24 -4.74 15.69
C CYS A 735 -6.43 -6.01 15.70
N THR A 736 -5.80 -6.33 16.84
CA THR A 736 -4.88 -7.45 16.87
C THR A 736 -5.63 -8.76 16.62
N MET A 737 -6.74 -8.97 17.33
CA MET A 737 -7.46 -10.22 17.15
C MET A 737 -8.16 -10.29 15.79
N TYR A 738 -8.78 -9.17 15.35
CA TYR A 738 -9.49 -9.16 14.07
C TYR A 738 -8.56 -9.36 12.87
N ILE A 739 -7.37 -8.78 12.91
CA ILE A 739 -6.50 -8.82 11.75
C ILE A 739 -5.52 -9.99 11.82
N CYS A 740 -4.96 -10.27 13.00
CA CYS A 740 -4.02 -11.35 13.14
C CYS A 740 -4.51 -12.36 14.17
N GLY A 741 -5.77 -12.77 14.03
CA GLY A 741 -6.46 -13.64 14.96
C GLY A 741 -5.75 -14.94 15.29
N ASP A 742 -5.50 -15.12 16.59
CA ASP A 742 -4.86 -16.30 17.17
C ASP A 742 -3.50 -16.59 16.52
N SER A 743 -2.78 -15.53 16.18
CA SER A 743 -1.46 -15.65 15.56
C SER A 743 -0.52 -14.69 16.24
N THR A 744 0.45 -15.23 16.98
CA THR A 744 1.43 -14.38 17.66
C THR A 744 2.37 -13.74 16.66
N GLU A 745 2.80 -14.47 15.64
CA GLU A 745 3.72 -13.92 14.64
C GLU A 745 3.06 -12.79 13.86
N CYS A 746 1.78 -12.96 13.49
CA CYS A 746 1.11 -11.89 12.77
C CYS A 746 0.89 -10.70 13.69
N SER A 747 0.50 -10.93 14.95
CA SER A 747 0.31 -9.83 15.88
C SER A 747 1.61 -9.05 16.08
N ASN A 748 2.75 -9.75 16.15
CA ASN A 748 4.04 -9.09 16.27
C ASN A 748 4.36 -8.28 15.03
N LEU A 749 4.00 -8.81 13.85
CA LEU A 749 4.18 -8.03 12.63
C LEU A 749 3.27 -6.80 12.62
N LEU A 750 2.05 -6.93 13.17
CA LEU A 750 1.14 -5.80 13.21
C LEU A 750 1.66 -4.71 14.14
N LEU A 751 2.36 -5.13 15.21
CA LEU A 751 2.90 -4.21 16.20
C LEU A 751 3.95 -3.27 15.62
N GLN A 752 4.44 -3.56 14.41
CA GLN A 752 5.44 -2.79 13.71
C GLN A 752 4.83 -1.52 13.10
N TYR A 753 3.51 -1.37 13.21
CA TYR A 753 2.76 -0.20 12.77
C TYR A 753 2.48 0.73 13.94
N GLY A 754 3.18 0.53 15.05
CA GLY A 754 3.09 1.43 16.18
C GLY A 754 1.77 1.45 16.91
N SER A 755 1.19 2.64 17.04
CA SER A 755 0.04 2.88 17.88
C SER A 755 -1.30 2.74 17.18
N PHE A 756 -1.36 2.20 15.96
CA PHE A 756 -2.66 2.09 15.28
C PHE A 756 -3.65 1.27 16.09
N CYS A 757 -3.20 0.20 16.71
CA CYS A 757 -4.08 -0.54 17.62
C CYS A 757 -4.49 0.26 18.85
N THR A 758 -3.63 1.13 19.37
CA THR A 758 -4.12 1.95 20.46
C THR A 758 -5.03 3.08 20.01
N GLN A 759 -4.93 3.55 18.77
CA GLN A 759 -5.90 4.59 18.40
C GLN A 759 -7.18 4.01 17.82
N LEU A 760 -7.14 2.85 17.19
CA LEU A 760 -8.38 2.22 16.75
C LEU A 760 -9.13 1.63 17.94
N ASN A 761 -8.44 0.95 18.85
CA ASN A 761 -9.14 0.43 20.02
C ASN A 761 -9.59 1.56 20.92
N ARG A 762 -8.79 2.64 21.04
CA ARG A 762 -9.21 3.79 21.82
C ARG A 762 -10.41 4.46 21.18
N ALA A 763 -10.40 4.61 19.86
CA ALA A 763 -11.53 5.20 19.14
C ALA A 763 -12.79 4.36 19.31
N LEU A 764 -12.68 3.03 19.19
CA LEU A 764 -13.88 2.20 19.33
C LEU A 764 -14.35 2.14 20.78
N THR A 765 -13.42 2.16 21.74
CA THR A 765 -13.81 2.24 23.14
C THR A 765 -14.49 3.57 23.41
N GLY A 766 -13.95 4.65 22.85
CA GLY A 766 -14.58 5.95 22.94
C GLY A 766 -15.96 5.95 22.33
N ILE A 767 -16.14 5.24 21.22
CA ILE A 767 -17.47 5.12 20.61
C ILE A 767 -18.43 4.40 21.56
N ALA A 768 -18.00 3.27 22.13
CA ALA A 768 -18.83 2.53 23.07
C ALA A 768 -19.18 3.36 24.29
N VAL A 769 -18.20 4.11 24.81
CA VAL A 769 -18.43 5.01 25.93
C VAL A 769 -19.38 6.11 25.49
N GLU A 770 -19.21 6.60 24.26
CA GLU A 770 -20.10 7.61 23.70
C GLU A 770 -21.54 7.09 23.66
N GLN A 771 -21.75 5.81 23.32
CA GLN A 771 -23.13 5.34 23.36
C GLN A 771 -23.62 5.21 24.78
N ASP A 772 -22.75 4.87 25.72
CA ASP A 772 -23.24 4.83 27.09
C ASP A 772 -23.56 6.24 27.58
N LYS A 773 -22.73 7.21 27.18
CA LYS A 773 -22.98 8.61 27.53
C LYS A 773 -24.22 9.19 26.85
N ASN A 774 -24.42 8.96 25.54
CA ASN A 774 -25.62 9.50 24.88
C ASN A 774 -26.89 8.83 25.43
N THR A 775 -26.84 7.50 25.64
CA THR A 775 -27.96 6.80 26.26
C THR A 775 -28.23 7.37 27.64
N GLN A 776 -27.17 7.66 28.40
CA GLN A 776 -27.34 8.23 29.72
C GLN A 776 -27.82 9.67 29.66
N GLU A 777 -27.52 10.38 28.57
CA GLU A 777 -28.06 11.72 28.38
C GLU A 777 -29.53 11.69 28.02
N VAL A 778 -29.95 10.72 27.21
CA VAL A 778 -31.37 10.68 26.84
C VAL A 778 -32.21 10.05 27.95
N PHE A 779 -31.80 8.89 28.49
CA PHE A 779 -32.65 8.23 29.46
C PHE A 779 -32.17 8.43 30.89
N ALA A 780 -30.86 8.40 31.17
CA ALA A 780 -30.42 8.54 32.56
C ALA A 780 -30.13 10.01 32.85
N GLN A 781 -31.13 10.81 32.57
CA GLN A 781 -31.11 12.24 32.79
C GLN A 781 -32.00 12.63 33.94
N VAL A 782 -32.60 11.63 34.59
CA VAL A 782 -33.50 11.81 35.73
C VAL A 782 -32.78 11.26 36.95
N LYS A 783 -32.73 12.06 38.01
CA LYS A 783 -32.07 11.66 39.25
C LYS A 783 -32.63 10.37 39.84
N GLN A 784 -33.94 10.27 40.03
CA GLN A 784 -34.51 9.08 40.64
C GLN A 784 -35.44 8.34 39.70
N ILE A 785 -35.72 7.09 40.08
CA ILE A 785 -36.63 6.19 39.36
C ILE A 785 -38.04 6.30 39.92
N TYR A 786 -38.90 6.97 39.18
CA TYR A 786 -40.27 7.18 39.62
C TYR A 786 -41.10 5.98 39.17
N LYS A 787 -42.09 5.60 39.99
CA LYS A 787 -42.97 4.50 39.64
C LYS A 787 -44.42 4.95 39.72
N THR A 788 -45.23 4.36 38.87
CA THR A 788 -46.67 4.62 38.86
C THR A 788 -47.36 3.85 39.98
N PRO A 789 -48.54 4.29 40.42
CA PRO A 789 -49.28 3.53 41.42
C PRO A 789 -49.87 2.26 40.82
N PRO A 790 -50.17 1.26 41.67
CA PRO A 790 -50.91 0.09 41.18
C PRO A 790 -52.22 0.41 40.47
N ILE A 791 -52.91 1.47 40.84
CA ILE A 791 -54.17 1.85 40.21
C ILE A 791 -53.86 2.93 39.18
N LYS A 792 -53.91 2.56 37.91
CA LYS A 792 -53.48 3.44 36.81
C LYS A 792 -54.65 4.32 36.37
N ASP A 793 -55.05 5.21 37.28
CA ASP A 793 -56.09 6.19 37.03
C ASP A 793 -55.30 7.45 36.69
N PHE A 794 -55.03 7.62 35.40
CA PHE A 794 -54.28 8.78 34.89
C PHE A 794 -55.23 9.81 34.29
N GLY A 795 -56.23 10.22 35.06
CA GLY A 795 -57.18 11.26 34.68
C GLY A 795 -58.00 10.94 33.44
N GLY A 796 -58.34 9.67 33.25
CA GLY A 796 -59.20 9.22 32.19
C GLY A 796 -58.51 8.99 30.87
N PHE A 797 -57.19 9.17 30.82
CA PHE A 797 -56.41 8.92 29.61
C PHE A 797 -55.75 7.57 29.86
N ASN A 798 -56.15 6.51 29.16
CA ASN A 798 -55.45 5.27 29.42
C ASN A 798 -54.05 5.35 28.81
N PHE A 799 -53.07 4.74 29.51
CA PHE A 799 -51.68 4.70 29.07
C PHE A 799 -51.13 3.29 29.20
N SER A 800 -51.97 2.30 29.54
CA SER A 800 -51.51 0.92 29.68
C SER A 800 -50.86 0.37 28.42
N GLN A 801 -51.03 1.04 27.28
CA GLN A 801 -50.42 0.68 26.01
C GLN A 801 -48.95 1.06 25.96
N ILE A 802 -48.56 2.19 26.56
CA ILE A 802 -47.18 2.66 26.44
C ILE A 802 -46.33 2.35 27.66
N LEU A 803 -46.93 2.13 28.77
CA LEU A 803 -46.30 1.83 30.05
C LEU A 803 -46.17 0.32 30.21
N PRO A 804 -45.14 -0.18 30.91
CA PRO A 804 -44.95 -1.63 31.04
C PRO A 804 -46.13 -2.33 31.72
N ASP A 805 -46.45 -3.53 31.22
CA ASP A 805 -47.50 -4.36 31.83
C ASP A 805 -46.93 -5.44 32.73
N PRO A 806 -47.39 -5.60 33.99
CA PRO A 806 -46.91 -6.73 34.81
C PRO A 806 -47.27 -8.05 34.13
N SER A 807 -48.17 -8.00 33.14
CA SER A 807 -48.64 -9.24 32.46
C SER A 807 -47.46 -9.93 31.76
N LYS A 808 -46.60 -9.18 31.07
CA LYS A 808 -45.40 -9.78 30.44
C LYS A 808 -44.43 -10.16 31.55
N PRO A 809 -43.66 -11.26 31.43
CA PRO A 809 -42.65 -11.59 32.44
C PRO A 809 -41.64 -10.43 32.45
N SER A 810 -41.24 -9.95 31.27
CA SER A 810 -40.34 -8.78 31.19
C SER A 810 -41.16 -7.54 31.59
N LYS A 811 -40.52 -6.53 32.18
CA LYS A 811 -41.28 -5.29 32.46
C LYS A 811 -41.30 -4.48 31.17
N ARG A 812 -42.03 -4.96 30.17
CA ARG A 812 -42.07 -4.29 28.85
C ARG A 812 -43.53 -3.93 28.56
N SER A 813 -43.77 -2.93 27.70
CA SER A 813 -45.12 -2.51 27.37
C SER A 813 -45.66 -3.38 26.23
N PRO A 814 -47.01 -3.46 25.96
CA PRO A 814 -47.43 -4.21 24.76
C PRO A 814 -47.13 -3.55 23.42
N ILE A 815 -47.44 -2.26 23.20
CA ILE A 815 -47.08 -1.64 21.93
C ILE A 815 -45.56 -1.60 21.78
N GLU A 816 -44.85 -1.25 22.87
CA GLU A 816 -43.39 -1.23 22.84
C GLU A 816 -42.86 -2.63 22.57
N ASP A 817 -43.52 -3.66 23.12
CA ASP A 817 -43.17 -5.03 22.81
C ASP A 817 -43.35 -5.32 21.32
N LEU A 818 -44.38 -4.73 20.69
CA LEU A 818 -44.54 -4.86 19.25
C LEU A 818 -43.36 -4.22 18.53
N LEU A 819 -42.93 -3.03 19.00
CA LEU A 819 -41.79 -2.35 18.39
C LEU A 819 -40.52 -3.18 18.55
N PHE A 820 -40.38 -3.85 19.69
CA PHE A 820 -39.18 -4.66 19.93
C PHE A 820 -39.21 -5.92 19.06
N ASN A 821 -40.39 -6.53 18.90
CA ASN A 821 -40.48 -7.72 18.05
C ASN A 821 -40.29 -7.37 16.58
N LYS A 822 -40.77 -6.21 16.15
CA LYS A 822 -40.59 -5.78 14.77
C LYS A 822 -39.14 -5.39 14.51
N VAL A 823 -38.49 -4.76 15.48
CA VAL A 823 -37.11 -4.32 15.35
C VAL A 823 -36.26 -5.03 16.39
N LEU A 846 -25.83 -15.34 15.11
CA LEU A 846 -25.00 -14.38 14.39
C LEU A 846 -23.99 -13.73 15.32
N ILE A 847 -24.45 -13.35 16.52
CA ILE A 847 -23.59 -12.67 17.49
C ILE A 847 -22.41 -13.57 17.88
N CYS A 848 -22.64 -14.88 17.90
CA CYS A 848 -21.53 -15.81 18.10
C CYS A 848 -20.64 -15.81 16.86
N ALA A 849 -21.25 -15.89 15.68
CA ALA A 849 -20.52 -15.89 14.42
C ALA A 849 -19.69 -14.62 14.27
N GLN A 850 -20.20 -13.50 14.77
CA GLN A 850 -19.46 -12.25 14.74
C GLN A 850 -18.29 -12.31 15.70
N LYS A 851 -18.56 -12.76 16.94
CA LYS A 851 -17.56 -12.88 17.99
C LYS A 851 -16.37 -13.74 17.55
N PHE A 852 -16.65 -14.81 16.81
CA PHE A 852 -15.66 -15.80 16.40
C PHE A 852 -14.49 -15.25 15.57
N ASN A 853 -14.61 -14.06 15.00
CA ASN A 853 -13.50 -13.42 14.30
C ASN A 853 -12.94 -12.25 15.09
N GLY A 854 -13.31 -12.16 16.36
CA GLY A 854 -12.83 -11.11 17.23
C GLY A 854 -13.55 -9.81 17.10
N LEU A 855 -14.76 -9.82 16.55
CA LEU A 855 -15.52 -8.58 16.40
C LEU A 855 -16.72 -8.85 17.29
N THR A 856 -16.57 -8.51 18.55
CA THR A 856 -17.56 -8.80 19.57
C THR A 856 -18.44 -7.59 19.77
N VAL A 857 -19.53 -7.81 20.48
CA VAL A 857 -20.46 -6.74 20.80
C VAL A 857 -20.50 -6.62 22.32
N LEU A 858 -20.29 -5.42 22.80
CA LEU A 858 -20.24 -5.22 24.24
C LEU A 858 -21.65 -5.00 24.73
N PRO A 859 -22.02 -5.55 25.88
CA PRO A 859 -23.36 -5.31 26.38
C PRO A 859 -23.47 -3.87 26.84
N PRO A 860 -24.63 -3.25 26.66
CA PRO A 860 -24.88 -1.96 27.28
C PRO A 860 -24.80 -2.05 28.78
N LEU A 861 -24.39 -0.94 29.41
CA LEU A 861 -24.39 -0.88 30.87
C LEU A 861 -25.80 -1.09 31.37
N LEU A 862 -26.75 -0.54 30.65
CA LEU A 862 -28.17 -0.62 30.94
C LEU A 862 -28.73 -1.72 30.05
N THR A 863 -29.25 -2.79 30.66
CA THR A 863 -29.80 -3.91 29.90
C THR A 863 -31.14 -3.50 29.30
N ASP A 864 -31.68 -4.33 28.41
CA ASP A 864 -32.98 -4.01 27.82
C ASP A 864 -34.03 -3.84 28.91
N GLU A 865 -33.92 -4.61 29.99
CA GLU A 865 -34.79 -4.43 31.14
C GLU A 865 -34.54 -3.09 31.82
N MET A 866 -33.28 -2.64 31.83
CA MET A 866 -32.94 -1.36 32.43
C MET A 866 -33.30 -0.18 31.53
N ILE A 867 -33.29 -0.39 30.20
CA ILE A 867 -33.79 0.62 29.27
C ILE A 867 -35.29 0.74 29.46
N ALA A 868 -35.96 -0.39 29.66
CA ALA A 868 -37.38 -0.38 29.98
C ALA A 868 -37.62 0.31 31.32
N GLN A 869 -36.73 0.10 32.30
CA GLN A 869 -36.87 0.78 33.59
C GLN A 869 -36.70 2.29 33.47
N TYR A 870 -35.73 2.75 32.66
CA TYR A 870 -35.61 4.19 32.42
C TYR A 870 -36.77 4.74 31.62
N THR A 871 -37.22 4.04 30.59
CA THR A 871 -38.34 4.60 29.83
C THR A 871 -39.61 4.59 30.66
N SER A 872 -39.81 3.58 31.50
CA SER A 872 -40.95 3.58 32.42
C SER A 872 -40.83 4.67 33.47
N ALA A 873 -39.64 4.83 34.07
CA ALA A 873 -39.44 5.87 35.08
C ALA A 873 -39.52 7.27 34.48
N LEU A 874 -38.90 7.49 33.33
CA LEU A 874 -38.91 8.79 32.69
C LEU A 874 -40.31 9.14 32.19
N LEU A 875 -41.01 8.16 31.63
CA LEU A 875 -42.36 8.37 31.12
C LEU A 875 -43.32 8.60 32.29
N ALA A 876 -43.16 7.83 33.36
CA ALA A 876 -43.93 8.03 34.59
C ALA A 876 -43.62 9.39 35.18
N GLY A 877 -42.36 9.81 35.11
CA GLY A 877 -41.98 11.13 35.56
C GLY A 877 -42.67 12.21 34.78
N THR A 878 -42.67 12.09 33.45
CA THR A 878 -43.37 13.08 32.62
C THR A 878 -44.84 13.14 32.96
N ILE A 879 -45.48 11.98 33.15
CA ILE A 879 -46.92 11.94 33.40
C ILE A 879 -47.23 12.52 34.77
N THR A 880 -46.41 12.22 35.75
CA THR A 880 -46.73 12.63 37.11
C THR A 880 -46.13 13.98 37.46
N SER A 881 -45.18 14.51 36.70
CA SER A 881 -44.53 15.76 37.08
C SER A 881 -44.41 16.85 36.05
N GLY A 882 -44.92 16.68 34.83
CA GLY A 882 -44.68 17.73 33.84
C GLY A 882 -43.21 17.95 33.57
N TRP A 883 -42.80 19.21 33.65
CA TRP A 883 -41.40 19.58 33.44
C TRP A 883 -40.57 19.81 34.70
N THR A 884 -41.17 19.75 35.90
CA THR A 884 -40.39 20.13 37.07
C THR A 884 -39.35 19.07 37.45
N PHE A 885 -39.61 17.80 37.13
CA PHE A 885 -38.65 16.75 37.50
C PHE A 885 -37.37 16.82 36.67
N GLY A 886 -37.38 17.52 35.55
CA GLY A 886 -36.19 17.59 34.73
C GLY A 886 -35.30 18.72 35.15
N ALA A 887 -35.75 19.49 36.14
CA ALA A 887 -35.05 20.65 36.66
C ALA A 887 -34.94 20.59 38.18
N GLY A 888 -35.04 19.39 38.75
CA GLY A 888 -35.03 19.23 40.20
C GLY A 888 -35.93 18.12 40.69
N PRO A 889 -36.46 18.28 41.90
CA PRO A 889 -37.37 17.26 42.46
C PRO A 889 -38.70 17.13 41.72
N ALA A 890 -39.19 15.91 41.65
CA ALA A 890 -40.46 15.62 41.00
C ALA A 890 -41.64 16.05 41.87
N LEU A 891 -42.49 16.90 41.29
CA LEU A 891 -43.79 17.26 41.82
C LEU A 891 -44.81 16.25 41.34
N GLN A 892 -45.83 15.98 42.14
CA GLN A 892 -46.91 15.23 41.52
C GLN A 892 -47.83 16.19 40.79
N ILE A 893 -48.37 15.76 39.65
CA ILE A 893 -49.38 16.56 38.95
C ILE A 893 -50.30 15.60 38.19
N PRO A 894 -51.62 15.80 38.26
CA PRO A 894 -52.54 15.08 37.37
C PRO A 894 -52.33 15.41 35.88
N PHE A 895 -52.52 14.38 35.06
CA PHE A 895 -52.32 14.53 33.63
C PHE A 895 -53.22 15.56 32.91
N PRO A 896 -54.53 15.72 33.19
CA PRO A 896 -55.22 16.81 32.48
C PRO A 896 -54.72 18.21 32.83
N MET A 897 -54.29 18.49 34.07
CA MET A 897 -53.73 19.83 34.25
C MET A 897 -52.41 19.94 33.53
N GLN A 898 -51.64 18.84 33.45
CA GLN A 898 -50.43 18.89 32.63
C GLN A 898 -50.76 19.27 31.19
N MET A 899 -51.86 18.72 30.67
CA MET A 899 -52.30 19.11 29.33
C MET A 899 -52.69 20.58 29.29
N ALA A 900 -53.27 21.09 30.37
CA ALA A 900 -53.58 22.52 30.44
C ALA A 900 -52.32 23.37 30.45
N TYR A 901 -51.26 22.90 31.13
CA TYR A 901 -50.02 23.67 31.16
C TYR A 901 -49.38 23.70 29.78
N ARG A 902 -49.38 22.56 29.11
CA ARG A 902 -48.75 22.46 27.79
C ARG A 902 -49.53 23.23 26.73
N PHE A 903 -50.88 23.23 26.81
CA PHE A 903 -51.66 24.07 25.93
C PHE A 903 -51.43 25.56 26.19
N ASN A 904 -51.35 25.96 27.46
CA ASN A 904 -51.05 27.36 27.75
C ASN A 904 -49.68 27.72 27.21
N GLY A 905 -48.72 26.81 27.34
CA GLY A 905 -47.40 27.03 26.81
C GLY A 905 -47.37 27.17 25.30
N ILE A 906 -48.23 26.43 24.59
CA ILE A 906 -48.20 26.50 23.13
C ILE A 906 -49.17 27.58 22.64
N GLY A 907 -49.70 28.38 23.56
CA GLY A 907 -50.55 29.48 23.15
C GLY A 907 -51.98 29.11 22.87
N VAL A 908 -52.48 28.03 23.45
CA VAL A 908 -53.85 27.59 23.26
C VAL A 908 -54.51 27.60 24.64
N THR A 909 -55.72 28.16 24.72
CA THR A 909 -56.31 28.36 26.02
C THR A 909 -56.73 27.01 26.63
N GLN A 910 -56.81 26.96 27.96
CA GLN A 910 -57.11 25.73 28.70
C GLN A 910 -58.53 25.23 28.45
N ASN A 911 -59.46 26.15 28.17
CA ASN A 911 -60.86 25.78 28.07
C ASN A 911 -61.17 24.84 26.92
N VAL A 912 -60.35 24.82 25.86
CA VAL A 912 -60.61 23.88 24.79
C VAL A 912 -60.35 22.46 25.28
N LEU A 913 -59.26 22.26 26.02
CA LEU A 913 -58.93 20.97 26.61
C LEU A 913 -60.01 20.52 27.58
N TYR A 914 -60.39 21.40 28.51
CA TYR A 914 -61.30 20.96 29.55
C TYR A 914 -62.70 20.72 28.98
N GLU A 915 -63.16 21.56 28.06
CA GLU A 915 -64.47 21.32 27.48
C GLU A 915 -64.51 20.05 26.61
N ASN A 916 -63.44 19.70 25.89
CA ASN A 916 -63.56 18.48 25.08
C ASN A 916 -62.68 17.34 25.60
N GLN A 917 -62.35 17.34 26.90
CA GLN A 917 -61.40 16.36 27.45
C GLN A 917 -61.78 14.91 27.17
N LYS A 918 -63.07 14.57 27.17
CA LYS A 918 -63.44 13.19 26.88
C LYS A 918 -63.18 12.87 25.41
N LEU A 919 -63.54 13.81 24.52
CA LEU A 919 -63.27 13.63 23.10
C LEU A 919 -61.77 13.56 22.82
N ILE A 920 -60.98 14.40 23.48
CA ILE A 920 -59.52 14.37 23.26
C ILE A 920 -58.96 13.05 23.76
N ALA A 921 -59.46 12.56 24.90
CA ALA A 921 -59.02 11.26 25.40
C ALA A 921 -59.36 10.16 24.41
N ASN A 922 -60.55 10.24 23.79
CA ASN A 922 -60.94 9.24 22.81
C ASN A 922 -60.08 9.35 21.55
N GLN A 923 -59.79 10.57 21.11
CA GLN A 923 -58.93 10.77 19.95
C GLN A 923 -57.52 10.30 20.22
N PHE A 924 -57.01 10.53 21.43
CA PHE A 924 -55.68 10.07 21.78
C PHE A 924 -55.62 8.54 21.80
N ASN A 925 -56.61 7.89 22.42
CA ASN A 925 -56.65 6.43 22.45
C ASN A 925 -56.79 5.86 21.05
N SER A 926 -57.60 6.49 20.20
CA SER A 926 -57.75 6.04 18.82
C SER A 926 -56.46 6.24 18.06
N ALA A 927 -55.77 7.36 18.32
CA ALA A 927 -54.49 7.64 17.70
C ALA A 927 -53.47 6.58 18.09
N ILE A 928 -53.50 6.15 19.36
CA ILE A 928 -52.62 5.08 19.83
C ILE A 928 -52.96 3.79 19.10
N GLY A 929 -54.26 3.50 18.94
CA GLY A 929 -54.67 2.35 18.15
C GLY A 929 -54.20 2.45 16.71
N LYS A 930 -54.20 3.67 16.15
CA LYS A 930 -53.68 3.88 14.81
C LYS A 930 -52.19 3.59 14.76
N ILE A 931 -51.48 3.94 15.82
CA ILE A 931 -50.05 3.62 15.90
C ILE A 931 -49.87 2.10 15.95
N GLN A 932 -50.69 1.44 16.75
CA GLN A 932 -50.65 -0.02 16.85
C GLN A 932 -50.87 -0.68 15.49
N ASP A 933 -51.91 -0.23 14.78
CA ASP A 933 -52.25 -0.82 13.49
C ASP A 933 -51.25 -0.46 12.40
N SER A 934 -50.81 0.81 12.36
CA SER A 934 -49.86 1.26 11.35
C SER A 934 -48.52 0.56 11.49
N LEU A 935 -47.99 0.48 12.72
CA LEU A 935 -46.72 -0.21 12.92
C LEU A 935 -46.84 -1.71 12.71
N SER A 936 -47.95 -2.33 13.14
CA SER A 936 -48.09 -3.76 12.89
C SER A 936 -48.25 -4.08 11.41
N SER A 937 -48.95 -3.23 10.65
CA SER A 937 -49.21 -3.52 9.25
C SER A 937 -48.07 -3.10 8.33
N THR A 938 -47.63 -1.85 8.42
CA THR A 938 -46.76 -1.23 7.45
C THR A 938 -45.31 -1.45 7.84
N PRO A 939 -44.54 -2.27 7.13
CA PRO A 939 -43.14 -2.48 7.52
C PRO A 939 -42.24 -1.24 7.37
N SER A 940 -42.47 -0.36 6.39
CA SER A 940 -41.59 0.77 6.18
C SER A 940 -41.87 1.91 7.15
N ALA A 941 -42.90 1.77 8.01
CA ALA A 941 -43.26 2.81 8.97
C ALA A 941 -42.12 3.09 9.93
N LEU A 942 -41.31 2.06 10.21
CA LEU A 942 -40.20 2.12 11.16
C LEU A 942 -38.89 2.25 10.40
N GLY A 943 -38.94 2.81 9.19
CA GLY A 943 -37.74 3.00 8.39
C GLY A 943 -36.62 3.79 9.03
N LYS A 944 -36.95 4.80 9.85
CA LYS A 944 -35.88 5.57 10.48
C LYS A 944 -35.06 4.73 11.46
N LEU A 945 -35.69 3.75 12.12
CA LEU A 945 -35.00 2.83 13.01
C LEU A 945 -34.47 1.62 12.26
N GLN A 946 -35.21 1.19 11.24
CA GLN A 946 -34.81 0.05 10.46
C GLN A 946 -33.54 0.37 9.69
N ASP A 947 -33.39 1.61 9.24
CA ASP A 947 -32.16 1.99 8.58
C ASP A 947 -30.97 2.01 9.54
N VAL A 948 -31.13 2.44 10.80
CA VAL A 948 -29.97 2.41 11.68
C VAL A 948 -29.57 0.96 12.02
N VAL A 949 -30.54 0.11 12.37
CA VAL A 949 -30.21 -1.30 12.62
C VAL A 949 -29.65 -1.95 11.36
N ASN A 950 -30.22 -1.60 10.20
CA ASN A 950 -29.76 -2.15 8.93
C ASN A 950 -28.36 -1.67 8.59
N GLN A 951 -28.05 -0.39 8.86
CA GLN A 951 -26.70 0.10 8.61
C GLN A 951 -25.71 -0.59 9.50
N ASN A 952 -26.07 -0.87 10.75
CA ASN A 952 -25.13 -1.56 11.61
C ASN A 952 -24.99 -3.02 11.19
N ALA A 953 -26.09 -3.65 10.77
CA ALA A 953 -26.02 -5.02 10.28
C ALA A 953 -25.19 -5.10 9.00
N GLN A 954 -25.37 -4.13 8.10
CA GLN A 954 -24.56 -4.07 6.89
C GLN A 954 -23.11 -3.73 7.20
N ALA A 955 -22.86 -2.84 8.15
CA ALA A 955 -21.48 -2.51 8.50
C ALA A 955 -20.73 -3.72 9.04
N LEU A 956 -21.36 -4.49 9.93
CA LEU A 956 -20.70 -5.68 10.45
C LEU A 956 -20.67 -6.80 9.42
N ASN A 957 -21.76 -6.96 8.65
CA ASN A 957 -21.80 -8.00 7.62
C ASN A 957 -20.82 -7.65 6.50
N THR A 958 -20.68 -6.37 6.19
CA THR A 958 -19.72 -5.92 5.21
C THR A 958 -18.31 -6.16 5.72
N LEU A 959 -18.06 -5.85 7.00
CA LEU A 959 -16.75 -6.09 7.59
C LEU A 959 -16.39 -7.58 7.55
N VAL A 960 -17.34 -8.47 7.87
CA VAL A 960 -17.04 -9.90 7.79
C VAL A 960 -16.85 -10.32 6.33
N LYS A 961 -17.66 -9.79 5.40
CA LYS A 961 -17.41 -10.12 4.00
C LYS A 961 -16.05 -9.58 3.57
N GLN A 962 -15.59 -8.47 4.16
CA GLN A 962 -14.22 -8.07 3.88
C GLN A 962 -13.24 -9.05 4.51
N LEU A 963 -13.67 -9.79 5.54
CA LEU A 963 -12.79 -10.81 6.07
C LEU A 963 -12.77 -11.98 5.10
N SER A 964 -13.78 -12.02 4.24
CA SER A 964 -13.90 -12.97 3.14
C SER A 964 -13.34 -12.40 1.84
N SER A 965 -12.89 -11.14 1.85
CA SER A 965 -12.32 -10.50 0.67
C SER A 965 -10.85 -10.86 0.62
N ASN A 966 -10.34 -11.02 -0.59
CA ASN A 966 -8.95 -11.44 -0.76
C ASN A 966 -7.95 -10.28 -0.65
N PHE A 967 -8.33 -9.08 -1.10
CA PHE A 967 -7.51 -7.86 -1.16
C PHE A 967 -6.22 -8.00 -1.96
N GLY A 968 -6.10 -8.94 -2.91
CA GLY A 968 -4.86 -9.04 -3.65
C GLY A 968 -3.94 -10.14 -3.15
N ALA A 969 -4.22 -10.72 -2.00
CA ALA A 969 -3.48 -11.79 -1.37
C ALA A 969 -3.76 -13.12 -2.08
N ILE A 970 -2.88 -14.08 -1.82
CA ILE A 970 -3.13 -15.42 -2.38
C ILE A 970 -4.37 -16.06 -1.78
N SER A 971 -4.82 -15.63 -0.60
CA SER A 971 -6.02 -16.20 0.02
C SER A 971 -6.60 -15.20 1.01
N SER A 972 -7.93 -15.17 1.10
CA SER A 972 -8.59 -14.33 2.09
C SER A 972 -8.60 -14.90 3.50
N VAL A 973 -8.31 -16.18 3.69
CA VAL A 973 -8.43 -16.83 5.00
C VAL A 973 -7.07 -16.84 5.71
N LEU A 974 -7.06 -16.20 6.88
CA LEU A 974 -5.86 -15.99 7.68
C LEU A 974 -5.24 -17.27 8.23
N ASN A 975 -6.07 -18.24 8.66
CA ASN A 975 -5.48 -19.48 9.19
C ASN A 975 -4.79 -20.27 8.10
N ASP A 976 -5.32 -20.23 6.88
CA ASP A 976 -4.68 -20.93 5.78
C ASP A 976 -3.44 -20.18 5.34
N ILE A 977 -3.44 -18.84 5.40
CA ILE A 977 -2.21 -18.12 5.06
C ILE A 977 -1.10 -18.50 6.02
N LEU A 978 -1.40 -18.56 7.33
CA LEU A 978 -0.33 -18.93 8.25
C LEU A 978 0.04 -20.41 8.11
N SER A 979 -0.88 -21.25 7.62
CA SER A 979 -0.59 -22.67 7.46
C SER A 979 0.10 -22.97 6.14
N ARG A 980 0.08 -22.01 5.20
CA ARG A 980 0.59 -22.19 3.85
C ARG A 980 1.86 -21.42 3.58
N LEU A 981 2.12 -20.34 4.30
CA LEU A 981 3.28 -19.53 3.99
C LEU A 981 4.27 -19.47 5.13
N ASP A 982 5.53 -19.61 4.77
CA ASP A 982 6.65 -19.51 5.66
C ASP A 982 6.88 -18.01 5.92
N PRO A 983 7.57 -17.64 7.00
CA PRO A 983 7.76 -16.19 7.29
C PRO A 983 8.39 -15.36 6.18
N PRO A 984 9.38 -15.86 5.39
CA PRO A 984 9.92 -14.99 4.30
C PRO A 984 8.91 -14.52 3.26
N GLU A 985 8.00 -15.37 2.80
CA GLU A 985 6.98 -14.94 1.84
C GLU A 985 5.79 -14.35 2.58
N ALA A 986 5.34 -15.07 3.61
CA ALA A 986 4.32 -14.65 4.56
C ALA A 986 4.46 -13.19 4.97
N GLU A 987 5.68 -12.66 5.11
CA GLU A 987 5.82 -11.27 5.51
C GLU A 987 5.24 -10.34 4.45
N VAL A 988 5.48 -10.63 3.17
CA VAL A 988 4.92 -9.79 2.11
C VAL A 988 3.42 -9.99 2.00
N GLN A 989 2.97 -11.25 2.02
CA GLN A 989 1.54 -11.50 1.87
C GLN A 989 0.74 -10.99 3.07
N ILE A 990 1.28 -11.12 4.29
CA ILE A 990 0.59 -10.58 5.46
C ILE A 990 0.64 -9.06 5.45
N ASP A 991 1.75 -8.43 5.05
CA ASP A 991 1.75 -6.97 4.90
C ASP A 991 0.67 -6.51 3.93
N ARG A 992 0.45 -7.27 2.85
CA ARG A 992 -0.63 -6.94 1.94
C ARG A 992 -1.98 -7.09 2.63
N LEU A 993 -2.12 -8.14 3.44
CA LEU A 993 -3.36 -8.33 4.19
C LEU A 993 -3.53 -7.26 5.26
N ILE A 994 -2.45 -6.84 5.91
CA ILE A 994 -2.55 -5.80 6.94
C ILE A 994 -2.97 -4.49 6.29
N THR A 995 -2.38 -4.14 5.15
CA THR A 995 -2.77 -2.90 4.48
C THR A 995 -4.23 -2.95 4.06
N GLY A 996 -4.65 -4.04 3.40
CA GLY A 996 -6.02 -4.13 2.93
C GLY A 996 -7.05 -4.28 4.05
N ARG A 997 -6.78 -5.16 5.02
CA ARG A 997 -7.72 -5.42 6.09
C ARG A 997 -7.73 -4.28 7.09
N LEU A 998 -6.57 -3.70 7.36
CA LEU A 998 -6.46 -2.55 8.25
C LEU A 998 -7.13 -1.34 7.62
N GLN A 999 -6.93 -1.11 6.31
CA GLN A 999 -7.67 -0.03 5.67
C GLN A 999 -9.17 -0.32 5.67
N SER A 1000 -9.56 -1.58 5.53
CA SER A 1000 -10.99 -1.91 5.59
C SER A 1000 -11.54 -1.65 6.98
N LEU A 1001 -10.76 -1.97 8.01
CA LEU A 1001 -11.18 -1.71 9.39
C LEU A 1001 -11.17 -0.21 9.65
N GLN A 1002 -10.18 0.49 9.08
CA GLN A 1002 -10.09 1.94 9.19
C GLN A 1002 -11.30 2.58 8.54
N THR A 1003 -11.72 2.03 7.39
CA THR A 1003 -12.92 2.49 6.72
C THR A 1003 -14.15 2.20 7.57
N TYR A 1004 -14.23 1.00 8.15
CA TYR A 1004 -15.34 0.66 9.05
C TYR A 1004 -15.40 1.64 10.21
N VAL A 1005 -14.27 1.86 10.87
CA VAL A 1005 -14.21 2.75 12.03
C VAL A 1005 -14.50 4.18 11.61
N THR A 1006 -13.97 4.59 10.45
CA THR A 1006 -14.26 5.91 9.91
C THR A 1006 -15.75 6.08 9.63
N GLN A 1007 -16.39 5.04 9.07
CA GLN A 1007 -17.82 5.08 8.86
C GLN A 1007 -18.54 5.14 10.19
N GLN A 1008 -18.00 4.45 11.20
CA GLN A 1008 -18.63 4.50 12.52
C GLN A 1008 -18.42 5.85 13.17
N LEU A 1009 -17.28 6.50 12.95
CA LEU A 1009 -17.03 7.82 13.51
C LEU A 1009 -17.88 8.89 12.81
N ILE A 1010 -18.00 8.82 11.48
CA ILE A 1010 -18.83 9.79 10.77
C ILE A 1010 -20.30 9.52 11.03
N ARG A 1011 -20.70 8.25 10.97
CA ARG A 1011 -22.05 7.85 11.29
C ARG A 1011 -22.33 8.15 12.75
N ALA A 1012 -21.35 7.95 13.62
CA ALA A 1012 -21.45 8.29 15.03
C ALA A 1012 -21.62 9.77 15.20
N ALA A 1013 -20.96 10.57 14.35
CA ALA A 1013 -21.15 12.01 14.41
C ALA A 1013 -22.58 12.36 14.04
N GLU A 1014 -23.12 11.69 13.01
CA GLU A 1014 -24.53 11.91 12.65
C GLU A 1014 -25.46 11.41 13.75
N ILE A 1015 -25.16 10.24 14.31
CA ILE A 1015 -25.93 9.69 15.43
C ILE A 1015 -25.77 10.57 16.66
N ARG A 1016 -24.57 11.11 16.88
CA ARG A 1016 -24.32 12.03 17.99
C ARG A 1016 -25.16 13.29 17.83
N ALA A 1017 -25.23 13.83 16.61
CA ALA A 1017 -26.08 14.98 16.36
C ALA A 1017 -27.53 14.61 16.61
N SER A 1018 -27.92 13.40 16.17
CA SER A 1018 -29.27 12.92 16.42
C SER A 1018 -29.50 12.70 17.91
N ALA A 1019 -28.50 12.17 18.62
CA ALA A 1019 -28.57 11.98 20.06
C ALA A 1019 -28.67 13.29 20.80
N ASN A 1020 -27.97 14.33 20.33
CA ASN A 1020 -28.10 15.64 20.93
C ASN A 1020 -29.48 16.18 20.63
N LEU A 1021 -29.98 15.88 19.43
CA LEU A 1021 -31.32 16.26 19.04
C LEU A 1021 -32.34 15.49 19.87
N ALA A 1022 -32.10 14.20 20.07
CA ALA A 1022 -32.97 13.34 20.86
C ALA A 1022 -32.96 13.74 22.32
N ALA A 1023 -31.80 14.09 22.87
CA ALA A 1023 -31.72 14.53 24.26
C ALA A 1023 -32.37 15.89 24.41
N THR A 1024 -32.17 16.77 23.41
CA THR A 1024 -32.81 18.06 23.42
C THR A 1024 -34.32 17.92 23.30
N LYS A 1025 -34.77 17.03 22.42
CA LYS A 1025 -36.18 16.73 22.29
C LYS A 1025 -36.71 16.06 23.54
N MET A 1026 -35.90 15.20 24.15
CA MET A 1026 -36.29 14.53 25.38
C MET A 1026 -36.58 15.55 26.46
N SER A 1027 -35.63 16.47 26.66
CA SER A 1027 -35.76 17.49 27.69
C SER A 1027 -36.82 18.53 27.33
N GLU A 1028 -36.82 19.02 26.10
CA GLU A 1028 -37.69 20.15 25.76
C GLU A 1028 -39.06 19.74 25.26
N CYS A 1029 -39.21 18.54 24.74
CA CYS A 1029 -40.46 18.06 24.16
C CYS A 1029 -41.14 17.10 25.11
N VAL A 1030 -40.36 16.40 25.92
CA VAL A 1030 -40.88 15.36 26.81
C VAL A 1030 -40.93 15.84 28.25
N LEU A 1031 -39.85 16.48 28.68
CA LEU A 1031 -39.68 17.03 30.01
C LEU A 1031 -40.04 18.48 30.06
N GLY A 1032 -40.84 18.93 29.13
CA GLY A 1032 -41.24 20.32 29.07
C GLY A 1032 -42.24 20.52 27.98
N GLN A 1033 -42.46 21.78 27.64
CA GLN A 1033 -43.33 22.13 26.53
C GLN A 1033 -42.52 23.08 25.66
N SER A 1034 -42.36 22.73 24.40
CA SER A 1034 -41.51 23.51 23.54
C SER A 1034 -42.39 24.53 22.84
N LYS A 1035 -41.84 25.72 22.61
CA LYS A 1035 -42.52 26.72 21.81
C LYS A 1035 -41.90 26.83 20.44
N ARG A 1036 -41.03 25.91 20.08
CA ARG A 1036 -40.39 25.93 18.78
C ARG A 1036 -41.32 25.21 17.82
N VAL A 1037 -41.83 25.95 16.83
CA VAL A 1037 -42.80 25.42 15.89
C VAL A 1037 -42.14 24.41 14.94
N ASP A 1038 -42.79 23.26 14.77
CA ASP A 1038 -42.41 22.15 13.89
C ASP A 1038 -41.06 21.54 14.31
N PHE A 1039 -40.59 21.85 15.53
CA PHE A 1039 -39.39 21.24 16.08
C PHE A 1039 -39.64 19.84 16.61
N CYS A 1040 -40.79 19.64 17.26
CA CYS A 1040 -41.07 18.39 17.95
C CYS A 1040 -42.23 17.68 17.28
N GLY A 1041 -42.16 17.49 15.96
CA GLY A 1041 -43.23 16.86 15.23
C GLY A 1041 -44.08 17.87 14.48
N LYS A 1042 -44.94 17.35 13.61
CA LYS A 1042 -45.72 18.20 12.72
C LYS A 1042 -47.03 18.58 13.41
N GLY A 1043 -47.13 19.84 13.79
CA GLY A 1043 -48.21 20.44 14.52
C GLY A 1043 -47.68 21.28 15.65
N TYR A 1044 -48.57 21.64 16.56
CA TYR A 1044 -48.21 22.40 17.75
C TYR A 1044 -47.90 21.37 18.84
N HIS A 1045 -46.67 21.39 19.35
CA HIS A 1045 -46.25 20.37 20.30
C HIS A 1045 -46.95 20.47 21.65
N LEU A 1046 -47.49 19.34 22.10
CA LEU A 1046 -48.03 19.21 23.45
C LEU A 1046 -47.08 18.45 24.36
N MET A 1047 -46.71 17.24 23.97
CA MET A 1047 -45.87 16.38 24.80
C MET A 1047 -45.30 15.28 23.93
N SER A 1048 -44.31 14.59 24.49
CA SER A 1048 -43.74 13.44 23.81
C SER A 1048 -43.56 12.32 24.81
N PHE A 1049 -43.49 11.10 24.28
CA PHE A 1049 -43.41 9.85 25.05
C PHE A 1049 -42.20 9.05 24.63
N PRO A 1050 -41.32 8.67 25.55
CA PRO A 1050 -40.21 7.81 25.18
C PRO A 1050 -40.73 6.38 25.06
N GLN A 1051 -40.12 5.63 24.16
CA GLN A 1051 -40.36 4.20 24.07
C GLN A 1051 -39.03 3.51 23.85
N SER A 1052 -38.84 2.37 24.50
CA SER A 1052 -37.62 1.62 24.29
C SER A 1052 -37.66 0.99 22.91
N ALA A 1053 -36.50 0.95 22.26
CA ALA A 1053 -36.34 0.28 20.98
C ALA A 1053 -34.95 -0.33 20.99
N PRO A 1054 -34.70 -1.35 20.17
CA PRO A 1054 -33.34 -1.89 20.06
C PRO A 1054 -32.37 -0.79 19.65
N HIS A 1055 -31.41 -0.53 20.54
CA HIS A 1055 -30.36 0.50 20.40
C HIS A 1055 -30.94 1.86 20.02
N GLY A 1056 -32.13 2.20 20.52
CA GLY A 1056 -32.67 3.48 20.11
C GLY A 1056 -33.93 3.83 20.87
N VAL A 1057 -34.51 4.96 20.48
CA VAL A 1057 -35.70 5.48 21.13
C VAL A 1057 -36.71 5.87 20.06
N VAL A 1058 -37.99 5.66 20.37
CA VAL A 1058 -39.11 6.07 19.54
C VAL A 1058 -39.90 7.08 20.35
N PHE A 1059 -40.18 8.23 19.76
CA PHE A 1059 -40.93 9.27 20.43
C PHE A 1059 -42.34 9.30 19.85
N LEU A 1060 -43.32 9.35 20.74
CA LEU A 1060 -44.71 9.56 20.35
C LEU A 1060 -45.05 11.00 20.66
N HIS A 1061 -45.12 11.82 19.62
CA HIS A 1061 -45.36 13.24 19.79
C HIS A 1061 -46.83 13.51 19.65
N VAL A 1062 -47.40 14.16 20.65
CA VAL A 1062 -48.82 14.49 20.65
C VAL A 1062 -48.86 15.93 20.18
N THR A 1063 -49.49 16.16 19.04
CA THR A 1063 -49.48 17.48 18.44
C THR A 1063 -50.90 17.96 18.19
N TYR A 1064 -51.03 19.28 18.19
CA TYR A 1064 -52.28 19.96 17.87
C TYR A 1064 -52.19 20.32 16.41
N VAL A 1065 -53.15 19.86 15.61
CA VAL A 1065 -53.18 20.14 14.19
C VAL A 1065 -54.57 20.65 13.80
N PRO A 1066 -54.67 21.87 13.28
CA PRO A 1066 -55.95 22.37 12.76
C PRO A 1066 -56.54 21.48 11.67
N ALA A 1067 -57.86 21.34 11.71
CA ALA A 1067 -58.52 20.50 10.72
C ALA A 1067 -59.42 21.38 9.85
N GLN A 1068 -60.69 21.55 10.26
CA GLN A 1068 -61.66 22.24 9.42
C GLN A 1068 -61.31 23.72 9.23
N GLU A 1069 -61.64 24.21 8.04
CA GLU A 1069 -61.35 25.56 7.58
C GLU A 1069 -62.59 26.44 7.64
N LYS A 1070 -62.40 27.71 7.98
CA LYS A 1070 -63.49 28.67 7.84
C LYS A 1070 -62.91 30.03 7.53
N ASN A 1071 -63.50 30.69 6.52
CA ASN A 1071 -63.08 32.02 6.07
C ASN A 1071 -63.79 33.14 6.84
N PHE A 1072 -63.03 34.20 7.13
CA PHE A 1072 -63.55 35.40 7.75
C PHE A 1072 -62.82 36.60 7.14
N THR A 1073 -63.45 37.78 7.18
CA THR A 1073 -62.76 39.00 6.80
C THR A 1073 -62.13 39.63 8.04
N THR A 1074 -61.00 40.31 7.84
CA THR A 1074 -60.26 40.85 8.96
C THR A 1074 -59.96 42.34 8.81
N ALA A 1075 -59.28 42.87 9.84
CA ALA A 1075 -58.85 44.26 9.93
C ALA A 1075 -57.64 44.38 10.85
N PRO A 1076 -56.69 45.28 10.55
CA PRO A 1076 -55.50 45.41 11.41
C PRO A 1076 -55.76 46.05 12.78
N ALA A 1077 -56.82 46.82 12.97
CA ALA A 1077 -57.05 47.54 14.22
C ALA A 1077 -58.52 47.92 14.33
N ILE A 1078 -58.93 48.24 15.55
CA ILE A 1078 -60.28 48.73 15.82
C ILE A 1078 -60.27 50.15 16.39
N CYS A 1079 -61.08 51.03 15.78
CA CYS A 1079 -61.31 52.41 16.22
C CYS A 1079 -62.61 52.47 17.02
N HIS A 1080 -62.52 52.68 18.33
CA HIS A 1080 -63.75 52.72 19.11
C HIS A 1080 -64.19 54.15 19.41
N ASP A 1081 -63.46 54.87 20.26
CA ASP A 1081 -63.73 56.27 20.57
C ASP A 1081 -62.77 57.21 19.86
N GLY A 1082 -62.15 56.75 18.80
CA GLY A 1082 -61.12 57.48 18.09
C GLY A 1082 -59.73 56.96 18.38
N LYS A 1083 -59.61 56.09 19.38
CA LYS A 1083 -58.38 55.43 19.76
C LYS A 1083 -58.31 54.09 19.05
N ALA A 1084 -57.09 53.63 18.79
CA ALA A 1084 -56.89 52.34 18.14
C ALA A 1084 -56.74 51.26 19.19
N HIS A 1085 -57.65 50.28 19.18
CA HIS A 1085 -57.64 49.16 20.09
C HIS A 1085 -57.03 47.96 19.39
N PHE A 1086 -56.05 47.33 20.04
CA PHE A 1086 -55.38 46.17 19.47
C PHE A 1086 -55.64 44.98 20.38
N PRO A 1087 -55.73 43.77 19.82
CA PRO A 1087 -55.94 42.60 20.66
C PRO A 1087 -54.68 42.24 21.42
N ARG A 1088 -54.87 41.74 22.64
CA ARG A 1088 -53.71 41.29 23.41
C ARG A 1088 -53.27 39.89 22.98
N GLU A 1089 -54.22 39.01 22.68
CA GLU A 1089 -53.87 37.64 22.37
C GLU A 1089 -54.27 37.16 20.98
N GLY A 1090 -55.39 37.61 20.41
CA GLY A 1090 -55.83 37.00 19.16
C GLY A 1090 -55.95 37.79 17.87
N VAL A 1091 -56.88 37.34 17.03
CA VAL A 1091 -57.19 37.89 15.71
C VAL A 1091 -58.70 38.07 15.62
N PHE A 1092 -59.15 39.13 14.96
CA PHE A 1092 -60.58 39.45 14.88
C PHE A 1092 -61.33 38.63 13.84
N VAL A 1093 -62.53 38.14 14.21
CA VAL A 1093 -63.38 37.32 13.36
C VAL A 1093 -64.55 38.13 12.81
N SER A 1094 -64.82 37.98 11.52
CA SER A 1094 -65.93 38.65 10.82
C SER A 1094 -67.22 37.85 10.84
N ASN A 1095 -67.86 37.78 12.00
CA ASN A 1095 -69.11 37.01 12.14
C ASN A 1095 -70.13 37.49 11.10
N GLY A 1096 -70.20 38.80 10.88
CA GLY A 1096 -71.07 39.44 9.91
C GLY A 1096 -71.64 40.74 10.45
N THR A 1097 -71.77 40.80 11.76
CA THR A 1097 -72.23 42.00 12.43
C THR A 1097 -71.68 42.11 13.85
N HIS A 1098 -70.96 41.10 14.33
CA HIS A 1098 -70.44 40.98 15.70
C HIS A 1098 -68.98 40.55 15.60
N TRP A 1099 -68.08 41.47 15.31
CA TRP A 1099 -66.66 41.15 15.31
C TRP A 1099 -66.22 40.69 16.69
N PHE A 1100 -65.46 39.58 16.74
CA PHE A 1100 -65.00 39.03 18.00
C PHE A 1100 -63.53 38.69 17.87
N VAL A 1101 -62.87 38.49 19.02
CA VAL A 1101 -61.48 38.05 19.09
C VAL A 1101 -61.47 36.64 19.68
N THR A 1102 -60.62 35.79 19.12
CA THR A 1102 -60.49 34.40 19.50
C THR A 1102 -59.00 34.13 19.55
N GLN A 1103 -58.59 33.15 20.37
CA GLN A 1103 -57.18 32.81 20.38
C GLN A 1103 -56.74 32.32 19.01
N ARG A 1104 -55.47 32.61 18.74
CA ARG A 1104 -54.89 32.59 17.41
C ARG A 1104 -55.05 31.24 16.72
N ASN A 1105 -54.95 30.15 17.47
CA ASN A 1105 -54.95 28.82 16.91
C ASN A 1105 -56.29 28.08 17.06
N PHE A 1106 -57.37 28.75 17.47
CA PHE A 1106 -58.65 28.06 17.68
C PHE A 1106 -59.85 29.00 17.69
N TYR A 1107 -60.78 28.80 16.76
CA TYR A 1107 -61.95 29.66 16.67
C TYR A 1107 -62.89 29.40 17.85
N GLU A 1108 -63.02 30.39 18.72
CA GLU A 1108 -63.90 30.38 19.88
C GLU A 1108 -64.14 31.86 20.18
N PRO A 1109 -65.08 32.47 19.47
CA PRO A 1109 -65.22 33.92 19.54
C PRO A 1109 -65.67 34.40 20.91
N GLN A 1110 -65.03 35.48 21.37
CA GLN A 1110 -65.34 36.10 22.64
C GLN A 1110 -65.60 37.58 22.44
N ILE A 1111 -66.41 38.14 23.33
CA ILE A 1111 -66.76 39.56 23.27
C ILE A 1111 -65.53 40.44 23.43
N ILE A 1112 -65.46 41.51 22.65
CA ILE A 1112 -64.30 42.40 22.64
C ILE A 1112 -64.38 43.24 23.90
N THR A 1113 -63.39 43.11 24.77
CA THR A 1113 -63.38 43.83 26.04
C THR A 1113 -62.00 44.42 26.29
N THR A 1114 -61.91 45.26 27.32
CA THR A 1114 -60.63 45.81 27.72
C THR A 1114 -59.75 44.80 28.45
N ASP A 1115 -60.25 43.61 28.78
CA ASP A 1115 -59.45 42.61 29.47
C ASP A 1115 -58.71 41.69 28.52
N ASN A 1116 -59.01 41.75 27.23
CA ASN A 1116 -58.35 40.95 26.22
C ASN A 1116 -57.88 41.80 25.04
N THR A 1117 -57.98 43.12 25.17
CA THR A 1117 -57.47 44.09 24.20
C THR A 1117 -56.71 45.16 24.98
N PHE A 1118 -55.94 45.98 24.25
CA PHE A 1118 -55.29 47.14 24.85
C PHE A 1118 -55.40 48.32 23.90
N VAL A 1119 -55.23 49.51 24.46
CA VAL A 1119 -55.38 50.76 23.73
C VAL A 1119 -54.01 51.43 23.67
N SER A 1120 -53.61 51.84 22.47
CA SER A 1120 -52.34 52.55 22.28
C SER A 1120 -52.43 53.37 21.01
N GLY A 1121 -52.34 54.70 21.14
CA GLY A 1121 -52.40 55.57 19.99
C GLY A 1121 -53.83 55.69 19.49
N ASN A 1122 -53.97 56.32 18.32
CA ASN A 1122 -55.31 56.50 17.78
C ASN A 1122 -55.47 55.84 16.41
N CYS A 1123 -56.71 55.83 15.95
CA CYS A 1123 -57.14 55.18 14.72
C CYS A 1123 -56.93 56.03 13.46
N ASP A 1124 -56.40 57.25 13.61
CA ASP A 1124 -56.27 58.18 12.49
C ASP A 1124 -55.07 57.87 11.60
N VAL A 1125 -54.19 56.94 11.97
CA VAL A 1125 -53.05 56.64 11.12
C VAL A 1125 -53.04 55.22 10.58
N VAL A 1126 -53.77 54.27 11.16
CA VAL A 1126 -53.70 52.89 10.69
C VAL A 1126 -54.59 52.72 9.47
N ILE A 1127 -54.05 52.11 8.42
CA ILE A 1127 -54.77 51.92 7.16
C ILE A 1127 -55.63 50.65 7.18
N GLY A 1128 -56.94 50.82 7.07
CA GLY A 1128 -57.87 49.71 6.96
C GLY A 1128 -58.78 49.39 8.13
N ILE A 1129 -58.83 50.23 9.17
CA ILE A 1129 -59.66 49.97 10.34
C ILE A 1129 -61.13 49.91 9.95
N VAL A 1130 -61.88 48.97 10.55
CA VAL A 1130 -63.27 48.74 10.18
C VAL A 1130 -64.27 49.38 11.15
N ASN A 1131 -63.79 50.16 12.14
CA ASN A 1131 -64.68 50.91 13.05
C ASN A 1131 -65.63 50.04 13.84
N ASN A 1132 -65.16 48.90 14.34
CA ASN A 1132 -66.01 48.09 15.18
C ASN A 1132 -66.02 48.64 16.61
N THR A 1133 -66.93 48.14 17.44
CA THR A 1133 -67.09 48.60 18.80
C THR A 1133 -66.37 47.70 19.80
N VAL A 1134 -65.90 48.30 20.88
CA VAL A 1134 -65.24 47.61 21.98
C VAL A 1134 -66.09 47.84 23.22
N TYR A 1135 -65.99 46.91 24.19
CA TYR A 1135 -66.73 46.99 25.43
C TYR A 1135 -65.75 47.23 26.58
N ASP A 1136 -66.18 48.00 27.56
CA ASP A 1136 -65.37 48.33 28.74
C ASP A 1136 -66.02 47.73 30.00
N PRO A 1137 -66.11 46.39 30.10
CA PRO A 1137 -66.83 45.63 31.13
C PRO A 1137 -66.67 46.11 32.58
N CYS B 15 39.23 36.37 -41.19
CA CYS B 15 38.49 37.22 -40.26
C CYS B 15 39.32 38.44 -39.91
N VAL B 16 38.65 39.57 -39.65
CA VAL B 16 39.33 40.81 -39.28
C VAL B 16 38.71 41.36 -38.01
N ASN B 17 39.58 41.75 -37.08
CA ASN B 17 39.23 42.28 -35.77
C ASN B 17 39.10 43.80 -35.87
N LEU B 18 37.89 44.30 -35.68
CA LEU B 18 37.58 45.72 -35.75
C LEU B 18 37.80 46.35 -34.38
N THR B 19 38.67 47.36 -34.33
CA THR B 19 39.07 48.03 -33.11
C THR B 19 38.57 49.46 -33.00
N THR B 20 38.10 50.05 -34.10
CA THR B 20 37.59 51.43 -34.12
C THR B 20 36.18 51.39 -33.54
N ARG B 21 36.14 51.18 -32.22
CA ARG B 21 34.92 50.95 -31.47
C ARG B 21 34.94 51.82 -30.22
N THR B 22 33.83 52.52 -29.97
CA THR B 22 33.72 53.31 -28.76
C THR B 22 33.50 52.41 -27.55
N GLN B 23 34.22 52.69 -26.46
CA GLN B 23 34.20 51.89 -25.24
C GLN B 23 33.35 52.57 -24.17
N LEU B 24 32.10 52.15 -24.04
CA LEU B 24 31.22 52.68 -23.01
C LEU B 24 30.76 51.54 -22.11
N PRO B 25 30.37 51.83 -20.86
CA PRO B 25 29.82 50.77 -20.00
C PRO B 25 28.44 50.33 -20.49
N PRO B 26 28.01 49.12 -20.13
CA PRO B 26 26.66 48.68 -20.50
C PRO B 26 25.56 49.54 -19.90
N ALA B 27 24.50 49.70 -20.67
CA ALA B 27 23.28 50.40 -20.26
C ALA B 27 22.27 49.37 -19.75
N TYR B 28 21.28 49.85 -18.98
CA TYR B 28 20.26 48.96 -18.43
C TYR B 28 18.89 49.56 -18.69
N THR B 29 17.91 48.68 -18.88
CA THR B 29 16.52 49.03 -19.12
C THR B 29 15.62 48.05 -18.36
N ASN B 30 14.32 48.20 -18.55
CA ASN B 30 13.31 47.39 -17.88
C ASN B 30 12.79 46.35 -18.86
N SER B 31 12.84 45.07 -18.47
CA SER B 31 12.40 43.99 -19.34
C SER B 31 10.89 43.96 -19.55
N PHE B 32 10.12 44.64 -18.69
CA PHE B 32 8.66 44.64 -18.71
C PHE B 32 8.01 43.26 -18.72
N THR B 33 7.33 42.91 -19.81
CA THR B 33 6.57 41.67 -19.93
C THR B 33 7.14 40.75 -21.01
N ARG B 34 8.43 40.91 -21.35
CA ARG B 34 9.05 40.07 -22.37
C ARG B 34 9.57 38.75 -21.81
N GLY B 35 9.80 37.81 -22.73
CA GLY B 35 10.43 36.53 -22.44
C GLY B 35 9.54 35.31 -22.23
N VAL B 36 8.23 35.41 -22.47
CA VAL B 36 7.34 34.27 -22.35
C VAL B 36 7.23 33.56 -23.69
N TYR B 37 7.35 32.22 -23.68
CA TYR B 37 7.28 31.39 -24.86
C TYR B 37 6.34 30.22 -24.60
N TYR B 38 5.91 29.57 -25.68
CA TYR B 38 5.09 28.38 -25.58
C TYR B 38 5.91 27.23 -25.00
N PRO B 39 5.62 26.73 -23.79
CA PRO B 39 6.51 25.73 -23.19
C PRO B 39 6.35 24.35 -23.81
N ASP B 40 5.29 24.12 -24.57
CA ASP B 40 4.95 22.82 -25.11
C ASP B 40 4.24 23.05 -26.43
N LYS B 41 3.78 21.95 -27.04
CA LYS B 41 3.12 21.96 -28.34
C LYS B 41 1.65 21.56 -28.23
N VAL B 42 1.05 21.74 -27.06
CA VAL B 42 -0.28 21.24 -26.74
C VAL B 42 -1.26 22.40 -26.57
N PHE B 43 -2.46 22.25 -27.13
CA PHE B 43 -3.52 23.25 -27.06
C PHE B 43 -4.22 23.22 -25.72
N ARG B 44 -4.38 24.38 -25.12
CA ARG B 44 -5.17 24.52 -23.92
C ARG B 44 -5.93 25.84 -24.05
N SER B 45 -7.10 25.91 -23.42
CA SER B 45 -7.91 27.12 -23.54
C SER B 45 -8.71 27.32 -22.28
N SER B 46 -8.95 28.60 -21.95
CA SER B 46 -9.68 29.03 -20.76
C SER B 46 -9.13 28.37 -19.50
N VAL B 47 -7.81 28.23 -19.43
CA VAL B 47 -7.16 27.63 -18.28
C VAL B 47 -5.94 28.45 -17.89
N LEU B 48 -5.53 28.26 -16.65
CA LEU B 48 -4.26 28.76 -16.16
C LEU B 48 -3.41 27.54 -15.86
N HIS B 49 -2.31 27.36 -16.57
CA HIS B 49 -1.47 26.18 -16.42
C HIS B 49 -0.10 26.59 -15.91
N SER B 50 0.35 25.95 -14.84
CA SER B 50 1.62 26.23 -14.20
C SER B 50 2.71 25.31 -14.73
N THR B 51 3.79 25.91 -15.23
CA THR B 51 4.91 25.19 -15.83
C THR B 51 6.20 25.68 -15.20
N GLN B 52 7.11 24.76 -14.92
CA GLN B 52 8.44 25.10 -14.43
C GLN B 52 9.44 24.89 -15.57
N ASP B 53 10.02 25.99 -16.04
CA ASP B 53 10.92 26.05 -17.19
C ASP B 53 11.80 27.29 -17.05
N LEU B 54 12.67 27.48 -18.04
CA LEU B 54 13.58 28.62 -18.09
C LEU B 54 12.86 29.79 -18.74
N PHE B 55 12.56 30.83 -17.96
CA PHE B 55 11.85 32.02 -18.45
C PHE B 55 12.61 33.28 -18.05
N LEU B 56 12.42 34.34 -18.84
CA LEU B 56 12.93 35.65 -18.49
C LEU B 56 12.04 36.28 -17.41
N PRO B 57 12.58 36.63 -16.24
CA PRO B 57 11.78 37.23 -15.17
C PRO B 57 11.15 38.56 -15.56
N PHE B 58 9.96 38.83 -15.01
CA PHE B 58 9.33 40.11 -15.24
C PHE B 58 10.10 41.21 -14.50
N PHE B 59 10.23 42.37 -15.16
CA PHE B 59 10.93 43.54 -14.61
C PHE B 59 12.34 43.19 -14.17
N SER B 60 13.00 42.31 -14.93
CA SER B 60 14.34 41.86 -14.59
C SER B 60 15.39 42.87 -15.04
N ASN B 61 16.59 42.75 -14.44
CA ASN B 61 17.68 43.64 -14.79
C ASN B 61 18.31 43.09 -16.07
N VAL B 62 18.07 43.76 -17.18
CA VAL B 62 18.51 43.33 -18.50
C VAL B 62 19.60 44.28 -19.00
N THR B 63 20.72 43.70 -19.44
CA THR B 63 21.80 44.51 -19.98
C THR B 63 21.45 44.94 -21.41
N TRP B 64 21.71 46.21 -21.69
CA TRP B 64 21.24 46.90 -22.88
C TRP B 64 22.42 47.39 -23.70
N PHE B 65 22.45 47.00 -24.96
CA PHE B 65 23.52 47.33 -25.88
C PHE B 65 22.92 48.11 -27.03
N HIS B 66 23.73 48.98 -27.64
CA HIS B 66 23.30 49.77 -28.78
C HIS B 66 24.00 49.40 -30.08
N ARG B 78 26.85 53.83 -33.66
CA ARG B 78 28.18 53.24 -33.57
C ARG B 78 28.22 51.86 -34.21
N PHE B 79 28.84 50.92 -33.48
CA PHE B 79 28.82 49.51 -33.85
C PHE B 79 29.07 48.71 -32.57
N ASP B 80 28.03 48.57 -31.75
CA ASP B 80 28.15 48.05 -30.39
C ASP B 80 27.73 46.58 -30.41
N ASN B 81 28.67 45.70 -30.06
CA ASN B 81 28.54 44.24 -30.09
C ASN B 81 29.74 43.60 -29.37
N PRO B 82 29.85 43.66 -28.05
CA PRO B 82 30.91 42.94 -27.34
C PRO B 82 30.55 41.47 -27.16
N VAL B 83 31.48 40.74 -26.56
CA VAL B 83 31.25 39.35 -26.17
C VAL B 83 30.41 39.28 -24.89
N LEU B 84 29.37 38.42 -24.92
CA LEU B 84 28.52 38.33 -23.76
C LEU B 84 28.49 36.94 -23.12
N PRO B 85 28.24 36.86 -21.80
CA PRO B 85 28.00 35.56 -21.15
C PRO B 85 26.70 34.87 -21.55
N PHE B 86 26.74 33.53 -21.51
CA PHE B 86 25.57 32.66 -21.66
C PHE B 86 25.52 31.73 -20.45
N ASN B 87 24.47 31.81 -19.64
CA ASN B 87 24.50 31.07 -18.37
C ASN B 87 23.61 29.83 -18.47
N ASP B 88 22.34 29.92 -18.10
CA ASP B 88 21.40 28.82 -18.29
C ASP B 88 20.75 28.85 -19.65
N GLY B 89 20.64 30.05 -20.19
CA GLY B 89 20.07 30.32 -21.49
C GLY B 89 19.84 31.81 -21.58
N VAL B 90 19.54 32.27 -22.79
CA VAL B 90 19.30 33.70 -22.99
C VAL B 90 18.05 33.94 -23.79
N TYR B 91 17.52 35.13 -23.60
CA TYR B 91 16.41 35.68 -24.35
C TYR B 91 17.02 36.72 -25.27
N PHE B 92 16.68 36.65 -26.55
CA PHE B 92 17.23 37.56 -27.53
C PHE B 92 16.05 38.17 -28.28
N ALA B 93 16.08 39.49 -28.42
CA ALA B 93 15.09 40.21 -29.19
C ALA B 93 15.81 41.34 -29.90
N SER B 94 15.37 41.66 -31.11
CA SER B 94 15.96 42.75 -31.85
C SER B 94 14.88 43.63 -32.43
N THR B 95 15.14 44.93 -32.44
CA THR B 95 14.31 45.89 -33.14
C THR B 95 15.22 46.49 -34.21
N GLU B 96 14.82 46.33 -35.46
CA GLU B 96 15.70 46.69 -36.57
C GLU B 96 14.89 47.23 -37.72
N LYS B 97 15.56 48.03 -38.55
CA LYS B 97 14.99 48.48 -39.82
C LYS B 97 15.74 48.01 -41.05
N SER B 98 16.96 47.46 -40.91
CA SER B 98 17.68 47.10 -42.12
C SER B 98 18.37 45.74 -42.02
N ASN B 99 17.84 44.85 -41.18
CA ASN B 99 18.23 43.44 -41.06
C ASN B 99 19.74 43.22 -41.00
N ILE B 100 20.34 43.65 -39.90
CA ILE B 100 21.79 43.53 -39.76
C ILE B 100 22.18 42.18 -39.14
N ILE B 101 21.35 41.60 -38.27
CA ILE B 101 21.69 40.33 -37.64
C ILE B 101 21.75 39.20 -38.67
N ARG B 102 22.80 38.38 -38.57
CA ARG B 102 23.05 37.27 -39.47
C ARG B 102 22.95 35.89 -38.83
N GLY B 103 23.28 35.77 -37.55
CA GLY B 103 23.28 34.45 -36.92
C GLY B 103 24.09 34.45 -35.63
N TRP B 104 24.40 33.23 -35.17
CA TRP B 104 25.01 33.01 -33.86
C TRP B 104 26.03 31.90 -33.91
N ILE B 105 26.97 31.96 -32.97
CA ILE B 105 27.95 30.92 -32.73
C ILE B 105 27.64 30.34 -31.36
N PHE B 106 27.52 29.02 -31.27
CA PHE B 106 27.24 28.35 -30.01
C PHE B 106 28.35 27.38 -29.67
N GLY B 107 28.67 27.25 -28.38
CA GLY B 107 29.70 26.30 -28.01
C GLY B 107 30.03 26.38 -26.54
N THR B 108 31.19 25.81 -26.23
CA THR B 108 31.81 25.71 -24.92
C THR B 108 32.94 26.72 -24.83
N THR B 109 33.65 26.86 -25.93
CA THR B 109 34.76 27.78 -26.15
C THR B 109 34.48 28.68 -27.34
N LEU B 110 33.67 28.21 -28.30
CA LEU B 110 33.22 28.96 -29.48
C LEU B 110 34.37 29.30 -30.41
N ASP B 111 35.40 28.45 -30.41
CA ASP B 111 36.62 28.62 -31.18
C ASP B 111 37.00 27.31 -31.86
N SER B 112 36.00 26.63 -32.47
CA SER B 112 36.13 25.38 -33.20
C SER B 112 36.63 24.19 -32.37
N LYS B 113 36.78 24.37 -31.06
CA LYS B 113 37.19 23.30 -30.17
C LYS B 113 36.05 22.35 -29.82
N THR B 114 34.80 22.80 -29.92
CA THR B 114 33.62 22.01 -29.61
C THR B 114 32.64 22.09 -30.76
N GLN B 115 31.61 21.26 -30.70
CA GLN B 115 30.55 21.30 -31.71
C GLN B 115 29.81 22.63 -31.59
N SER B 116 29.48 23.19 -32.75
CA SER B 116 28.86 24.50 -32.84
C SER B 116 27.68 24.50 -33.79
N LEU B 117 26.79 25.46 -33.56
CA LEU B 117 25.60 25.64 -34.36
C LEU B 117 25.89 26.87 -35.20
N LEU B 118 25.75 26.73 -36.51
CA LEU B 118 26.00 27.82 -37.45
C LEU B 118 24.73 28.10 -38.24
N ILE B 119 24.27 29.35 -38.20
CA ILE B 119 23.10 29.77 -38.96
C ILE B 119 23.50 30.84 -39.99
N VAL B 120 23.46 30.48 -41.27
CA VAL B 120 23.79 31.41 -42.34
C VAL B 120 22.46 32.03 -42.76
N ASN B 121 22.53 33.18 -43.44
CA ASN B 121 21.32 33.85 -43.88
C ASN B 121 20.64 33.02 -44.97
N ASN B 122 19.32 33.18 -45.09
CA ASN B 122 18.46 32.52 -46.07
C ASN B 122 18.62 33.01 -47.51
N ALA B 123 19.48 34.00 -47.75
CA ALA B 123 19.73 34.49 -49.09
C ALA B 123 20.11 33.36 -50.04
N THR B 124 20.97 32.44 -49.58
CA THR B 124 21.21 31.22 -50.35
C THR B 124 20.04 30.25 -50.17
N ASN B 125 19.79 29.79 -48.94
CA ASN B 125 18.73 28.96 -48.37
C ASN B 125 18.87 29.03 -46.86
N VAL B 126 17.75 28.86 -46.12
CA VAL B 126 17.88 28.81 -44.68
C VAL B 126 18.72 27.60 -44.31
N VAL B 127 19.87 27.81 -43.69
CA VAL B 127 20.76 26.69 -43.43
C VAL B 127 21.17 26.71 -41.95
N ILE B 128 20.93 25.60 -41.27
CA ILE B 128 21.45 25.35 -39.93
C ILE B 128 22.25 24.08 -40.11
N LYS B 129 23.58 24.20 -39.98
CA LYS B 129 24.48 23.10 -40.23
C LYS B 129 25.22 22.81 -38.93
N VAL B 130 25.06 21.59 -38.43
CA VAL B 130 25.72 21.16 -37.20
C VAL B 130 26.95 20.33 -37.60
N CYS B 131 27.66 20.81 -38.61
CA CYS B 131 28.90 20.12 -38.97
C CYS B 131 30.03 20.62 -38.08
N GLU B 132 31.11 19.85 -38.04
CA GLU B 132 32.30 20.22 -37.29
C GLU B 132 33.13 21.18 -38.14
N PHE B 133 33.16 22.45 -37.77
CA PHE B 133 33.87 23.44 -38.55
C PHE B 133 35.16 23.85 -37.85
N GLN B 134 36.16 24.18 -38.66
CA GLN B 134 37.39 24.82 -38.22
C GLN B 134 37.17 26.32 -38.44
N PHE B 135 36.84 27.02 -37.36
CA PHE B 135 36.48 28.42 -37.46
C PHE B 135 37.75 29.28 -37.42
N CYS B 136 37.63 30.48 -37.98
CA CYS B 136 38.68 31.49 -37.84
C CYS B 136 38.58 32.00 -36.40
N ASN B 137 39.60 32.71 -35.93
CA ASN B 137 39.58 33.18 -34.54
C ASN B 137 38.68 34.40 -34.28
N ASP B 138 37.94 34.86 -35.28
CA ASP B 138 36.89 35.89 -35.11
C ASP B 138 35.87 35.63 -36.21
N PRO B 139 35.11 34.54 -36.11
CA PRO B 139 34.22 34.15 -37.21
C PRO B 139 33.07 35.12 -37.43
N PHE B 140 32.68 35.20 -38.70
CA PHE B 140 31.64 36.09 -39.18
C PHE B 140 31.21 35.63 -40.57
N LEU B 141 29.90 35.60 -40.80
CA LEU B 141 29.35 35.40 -42.13
C LEU B 141 29.83 36.50 -43.07
N GLY B 142 29.79 36.23 -44.37
CA GLY B 142 30.28 37.18 -45.34
C GLY B 142 29.28 37.47 -46.45
N VAL B 143 29.50 38.62 -47.08
CA VAL B 143 28.64 39.12 -48.13
C VAL B 143 29.49 39.70 -49.24
N TRP B 152 24.67 46.64 -53.12
CA TRP B 152 25.20 45.59 -52.27
C TRP B 152 24.91 44.20 -52.85
N MET B 153 25.98 43.45 -53.09
CA MET B 153 25.93 42.10 -53.65
C MET B 153 26.88 41.23 -52.84
N GLU B 154 26.57 39.94 -52.75
CA GLU B 154 27.46 39.04 -52.03
C GLU B 154 28.71 38.72 -52.86
N SER B 155 29.86 38.75 -52.20
CA SER B 155 31.14 38.42 -52.81
C SER B 155 31.93 37.47 -51.92
N GLU B 156 32.25 37.96 -50.72
CA GLU B 156 33.09 37.25 -49.77
C GLU B 156 32.35 36.10 -49.08
N PHE B 157 33.10 35.03 -48.81
CA PHE B 157 32.64 33.90 -47.99
C PHE B 157 33.79 33.55 -47.06
N ARG B 158 33.71 34.00 -45.81
CA ARG B 158 34.81 33.87 -44.87
C ARG B 158 34.34 33.33 -43.52
N VAL B 159 33.68 32.17 -43.54
CA VAL B 159 33.15 31.58 -42.32
C VAL B 159 34.04 30.46 -41.81
N TYR B 160 34.51 29.60 -42.71
CA TYR B 160 35.35 28.47 -42.36
C TYR B 160 36.28 28.15 -43.52
N SER B 161 37.34 27.40 -43.23
CA SER B 161 38.23 26.92 -44.28
C SER B 161 37.98 25.44 -44.46
N SER B 162 38.52 24.64 -43.55
CA SER B 162 38.32 23.19 -43.54
C SER B 162 36.93 22.87 -43.02
N ALA B 163 36.34 21.79 -43.55
CA ALA B 163 34.99 21.41 -43.12
C ALA B 163 34.77 19.93 -43.39
N ASN B 164 34.78 19.14 -42.33
CA ASN B 164 34.50 17.71 -42.37
C ASN B 164 33.85 17.35 -41.04
N ASN B 165 33.59 16.06 -40.85
CA ASN B 165 32.91 15.52 -39.67
C ASN B 165 31.52 16.16 -39.50
N CYS B 166 30.75 16.14 -40.58
CA CYS B 166 29.38 16.64 -40.58
C CYS B 166 28.42 15.64 -39.96
N THR B 167 27.62 16.11 -39.00
CA THR B 167 26.70 15.23 -38.28
C THR B 167 25.24 15.52 -38.54
N PHE B 168 24.85 16.76 -38.82
CA PHE B 168 23.43 17.05 -39.02
C PHE B 168 23.25 18.18 -40.04
N GLU B 169 22.21 18.08 -40.86
CA GLU B 169 21.84 19.18 -41.74
C GLU B 169 20.32 19.22 -41.90
N TYR B 170 19.78 20.44 -41.96
CA TYR B 170 18.38 20.73 -42.21
C TYR B 170 18.29 22.04 -43.01
N VAL B 171 17.46 22.08 -44.04
CA VAL B 171 17.28 23.33 -44.79
C VAL B 171 15.80 23.69 -44.90
N SER B 172 15.44 24.84 -44.31
CA SER B 172 14.12 25.45 -44.42
C SER B 172 13.93 26.12 -45.77
N GLN B 173 12.67 26.20 -46.22
CA GLN B 173 12.21 26.88 -47.43
C GLN B 173 12.81 28.28 -47.65
N PRO B 174 13.36 28.54 -48.84
CA PRO B 174 14.02 29.81 -49.15
C PRO B 174 13.20 31.08 -48.93
N PHE B 175 13.88 32.12 -48.45
CA PHE B 175 13.36 33.47 -48.18
C PHE B 175 14.49 34.45 -48.48
N LEU B 176 14.50 35.63 -47.87
CA LEU B 176 15.60 36.57 -48.08
C LEU B 176 15.61 37.64 -47.00
N MET B 177 16.71 37.71 -46.24
CA MET B 177 16.99 38.72 -45.21
C MET B 177 17.93 39.78 -45.79
N ASP B 178 17.42 40.99 -46.00
CA ASP B 178 18.15 42.16 -46.49
C ASP B 178 19.52 42.29 -45.83
N LEU B 179 20.57 42.34 -46.66
CA LEU B 179 21.95 42.37 -46.21
C LEU B 179 22.52 43.79 -46.08
N GLU B 180 21.70 44.82 -46.19
CA GLU B 180 22.19 46.19 -46.07
C GLU B 180 21.07 47.14 -45.64
N ASN B 185 9.98 54.75 -36.04
CA ASN B 185 9.74 53.41 -35.53
C ASN B 185 10.24 52.33 -36.50
N PHE B 186 10.56 51.16 -35.94
CA PHE B 186 11.00 50.02 -36.72
C PHE B 186 9.79 49.16 -37.09
N LYS B 187 9.99 48.23 -38.02
CA LYS B 187 8.89 47.37 -38.44
C LYS B 187 9.10 45.87 -38.23
N ASN B 188 10.33 45.36 -38.29
CA ASN B 188 10.53 43.91 -38.23
C ASN B 188 11.28 43.57 -36.95
N LEU B 189 10.67 42.73 -36.13
CA LEU B 189 11.25 42.23 -34.89
C LEU B 189 11.52 40.74 -34.99
N ARG B 190 12.74 40.34 -34.66
CA ARG B 190 13.12 38.94 -34.60
C ARG B 190 13.54 38.65 -33.16
N GLU B 191 12.94 37.61 -32.59
CA GLU B 191 13.14 37.23 -31.20
C GLU B 191 13.73 35.82 -31.20
N PHE B 192 14.70 35.57 -30.32
CA PHE B 192 15.26 34.24 -30.28
C PHE B 192 15.41 33.76 -28.84
N VAL B 193 15.19 32.47 -28.63
CA VAL B 193 15.44 31.77 -27.38
C VAL B 193 16.37 30.60 -27.65
N PHE B 194 17.42 30.47 -26.85
CA PHE B 194 18.45 29.44 -27.02
C PHE B 194 18.35 28.53 -25.81
N LYS B 195 17.92 27.29 -26.06
CA LYS B 195 17.73 26.27 -25.03
C LYS B 195 18.56 25.02 -25.23
N ASN B 196 18.90 24.39 -24.12
CA ASN B 196 19.61 23.12 -24.12
C ASN B 196 18.85 22.18 -23.18
N ILE B 197 17.78 21.56 -23.69
CA ILE B 197 16.89 20.73 -22.89
C ILE B 197 16.69 19.41 -23.60
N ASP B 198 16.98 18.31 -22.88
CA ASP B 198 16.67 16.90 -23.20
C ASP B 198 16.97 16.52 -24.65
N GLY B 199 18.08 17.02 -25.20
CA GLY B 199 18.46 16.66 -26.54
C GLY B 199 17.99 17.61 -27.63
N TYR B 200 17.14 18.58 -27.30
CA TYR B 200 16.64 19.54 -28.27
C TYR B 200 17.25 20.93 -28.06
N PHE B 201 17.68 21.55 -29.15
CA PHE B 201 18.00 22.97 -29.18
C PHE B 201 16.79 23.60 -29.85
N LYS B 202 15.94 24.24 -29.05
CA LYS B 202 14.66 24.74 -29.53
C LYS B 202 14.77 26.23 -29.80
N ILE B 203 14.43 26.64 -31.01
CA ILE B 203 14.47 28.04 -31.41
C ILE B 203 13.05 28.56 -31.64
N TYR B 204 12.71 29.65 -30.96
CA TYR B 204 11.44 30.32 -31.11
C TYR B 204 11.64 31.71 -31.70
N SER B 205 10.65 32.18 -32.46
CA SER B 205 10.72 33.53 -33.00
C SER B 205 9.30 34.05 -33.24
N LYS B 206 9.16 35.37 -33.20
CA LYS B 206 7.89 36.04 -33.48
C LYS B 206 8.20 37.36 -34.17
N HIS B 207 7.37 37.73 -35.15
CA HIS B 207 7.52 38.99 -35.88
C HIS B 207 6.27 39.82 -35.62
N THR B 208 6.47 41.04 -35.12
CA THR B 208 5.38 41.95 -34.78
C THR B 208 5.74 43.37 -35.16
N PRO B 209 4.75 44.25 -35.29
CA PRO B 209 5.02 45.69 -35.31
C PRO B 209 5.46 46.21 -33.95
N ILE B 210 6.23 47.29 -33.97
CA ILE B 210 6.69 47.98 -32.77
C ILE B 210 6.50 49.48 -32.98
N ASN B 211 6.44 50.22 -31.89
CA ASN B 211 6.31 51.67 -31.98
C ASN B 211 7.21 52.39 -30.98
N LEU B 212 8.12 51.70 -30.31
CA LEU B 212 9.08 52.33 -29.42
C LEU B 212 10.32 52.71 -30.23
N VAL B 213 11.01 53.77 -29.81
CA VAL B 213 12.30 54.07 -30.42
C VAL B 213 13.44 53.27 -29.79
N ARG B 214 13.51 53.25 -28.45
CA ARG B 214 14.71 52.74 -27.78
C ARG B 214 14.43 51.74 -26.66
N ASP B 215 13.32 51.02 -26.68
CA ASP B 215 13.03 50.12 -25.57
C ASP B 215 12.09 49.02 -26.03
N LEU B 216 11.76 48.14 -25.11
CA LEU B 216 10.82 47.03 -25.31
C LEU B 216 9.42 47.51 -24.98
N PRO B 217 8.44 47.21 -25.82
CA PRO B 217 7.08 47.73 -25.61
C PRO B 217 6.44 47.11 -24.38
N GLN B 218 5.44 47.80 -23.86
CA GLN B 218 4.61 47.19 -22.83
C GLN B 218 3.42 46.55 -23.53
N GLY B 219 3.06 45.37 -23.06
CA GLY B 219 2.04 44.57 -23.70
C GLY B 219 2.60 43.17 -23.67
N PHE B 220 1.92 42.19 -24.25
CA PHE B 220 2.34 40.80 -24.09
C PHE B 220 2.41 40.11 -25.44
N SER B 221 3.42 39.25 -25.60
CA SER B 221 3.48 38.34 -26.72
C SER B 221 4.19 37.07 -26.30
N ALA B 222 3.82 35.97 -26.93
CA ALA B 222 4.41 34.66 -26.67
C ALA B 222 5.17 34.17 -27.89
N LEU B 223 6.29 33.49 -27.65
CA LEU B 223 7.16 33.02 -28.71
C LEU B 223 6.73 31.64 -29.18
N GLU B 224 6.42 31.52 -30.47
CA GLU B 224 5.99 30.27 -31.07
C GLU B 224 7.18 29.39 -31.45
N PRO B 225 7.04 28.06 -31.35
CA PRO B 225 8.08 27.17 -31.89
C PRO B 225 8.14 27.22 -33.41
N LEU B 226 9.35 27.22 -33.95
CA LEU B 226 9.58 27.20 -35.39
C LEU B 226 9.99 25.83 -35.91
N VAL B 227 11.00 25.24 -35.28
CA VAL B 227 11.58 23.94 -35.64
C VAL B 227 12.19 23.36 -34.37
N ASP B 228 12.12 22.05 -34.24
CA ASP B 228 12.73 21.34 -33.12
C ASP B 228 14.01 20.70 -33.64
N LEU B 229 15.15 21.26 -33.26
CA LEU B 229 16.42 20.82 -33.80
C LEU B 229 17.00 19.77 -32.87
N PRO B 230 17.20 18.52 -33.34
CA PRO B 230 17.63 17.39 -32.49
C PRO B 230 19.13 17.24 -32.22
N ILE B 231 19.76 18.24 -31.59
CA ILE B 231 21.20 18.18 -31.32
C ILE B 231 21.47 18.38 -29.83
N GLY B 232 21.97 17.33 -29.19
CA GLY B 232 22.29 17.30 -27.77
C GLY B 232 23.67 17.82 -27.40
N ILE B 233 23.93 19.10 -27.59
CA ILE B 233 25.25 19.68 -27.35
C ILE B 233 25.12 20.51 -26.08
N ASN B 234 26.27 20.86 -25.48
CA ASN B 234 26.29 21.67 -24.25
C ASN B 234 26.75 23.08 -24.62
N ILE B 235 25.79 24.01 -24.64
CA ILE B 235 26.04 25.38 -25.05
C ILE B 235 26.09 26.24 -23.80
N THR B 236 27.24 26.88 -23.60
CA THR B 236 27.50 27.79 -22.51
C THR B 236 27.95 29.17 -22.98
N ARG B 237 28.24 29.34 -24.26
CA ARG B 237 28.79 30.59 -24.75
C ARG B 237 28.16 30.95 -26.10
N PHE B 238 28.01 32.25 -26.37
CA PHE B 238 27.51 32.62 -27.69
C PHE B 238 28.04 33.99 -28.06
N GLN B 239 27.96 34.28 -29.36
CA GLN B 239 28.36 35.56 -29.92
C GLN B 239 27.34 35.98 -30.98
N THR B 240 27.08 37.28 -31.08
CA THR B 240 26.10 37.80 -32.03
C THR B 240 26.81 38.27 -33.29
N LEU B 241 26.27 37.90 -34.46
CA LEU B 241 26.81 38.33 -35.75
C LEU B 241 26.05 39.55 -36.24
N LEU B 242 26.76 40.62 -36.58
CA LEU B 242 26.08 41.80 -37.07
C LEU B 242 26.58 42.19 -38.46
N ALA B 243 25.72 42.84 -39.24
CA ALA B 243 26.12 43.43 -40.52
C ALA B 243 25.91 44.95 -40.50
N TRP B 258 33.07 49.25 -45.47
CA TRP B 258 31.85 48.70 -44.92
C TRP B 258 31.10 49.77 -44.10
N THR B 259 29.80 49.59 -43.90
CA THR B 259 29.00 50.55 -43.16
C THR B 259 28.12 49.85 -42.12
N ALA B 260 27.60 50.64 -41.19
CA ALA B 260 26.70 50.19 -40.14
C ALA B 260 25.27 50.62 -40.47
N GLY B 261 24.29 49.81 -40.07
CA GLY B 261 22.90 50.18 -40.21
C GLY B 261 22.29 50.72 -38.91
N ALA B 262 20.99 51.02 -39.00
CA ALA B 262 20.21 51.50 -37.86
C ALA B 262 19.48 50.32 -37.23
N ALA B 263 19.97 49.85 -36.08
CA ALA B 263 19.38 48.70 -35.40
C ALA B 263 19.92 48.62 -33.97
N ALA B 264 19.21 47.86 -33.14
CA ALA B 264 19.67 47.52 -31.80
C ALA B 264 19.10 46.18 -31.40
N TYR B 265 19.75 45.53 -30.43
CA TYR B 265 19.27 44.27 -29.89
C TYR B 265 19.45 44.21 -28.38
N TYR B 266 18.64 43.37 -27.75
CA TYR B 266 18.54 43.26 -26.31
C TYR B 266 18.72 41.81 -25.89
N VAL B 267 19.46 41.58 -24.82
CA VAL B 267 19.69 40.23 -24.31
C VAL B 267 19.37 40.19 -22.81
N GLY B 268 18.51 39.26 -22.41
CA GLY B 268 18.19 39.03 -21.01
C GLY B 268 18.58 37.61 -20.66
N TYR B 269 18.45 37.26 -19.38
CA TYR B 269 18.85 35.93 -18.93
C TYR B 269 17.72 35.19 -18.22
N LEU B 270 17.64 33.90 -18.54
CA LEU B 270 16.69 32.92 -18.03
C LEU B 270 17.22 32.19 -16.81
N GLN B 271 16.32 31.86 -15.89
CA GLN B 271 16.60 31.06 -14.70
C GLN B 271 15.46 30.05 -14.55
N PRO B 272 15.70 28.89 -13.91
CA PRO B 272 14.57 28.01 -13.59
C PRO B 272 13.59 28.63 -12.62
N ARG B 273 12.39 28.92 -13.13
CA ARG B 273 11.30 29.53 -12.38
C ARG B 273 9.99 28.86 -12.80
N THR B 274 9.00 28.94 -11.93
CA THR B 274 7.66 28.43 -12.23
C THR B 274 6.74 29.56 -12.67
N PHE B 275 6.16 29.41 -13.86
CA PHE B 275 5.20 30.36 -14.39
C PHE B 275 3.87 29.68 -14.64
N LEU B 276 2.78 30.35 -14.31
CA LEU B 276 1.45 29.91 -14.69
C LEU B 276 1.00 30.75 -15.87
N LEU B 277 0.79 30.11 -17.01
CA LEU B 277 0.49 30.82 -18.26
C LEU B 277 -1.00 30.72 -18.52
N LYS B 278 -1.61 31.84 -18.87
CA LYS B 278 -3.05 31.94 -19.10
C LYS B 278 -3.37 31.81 -20.58
N TYR B 279 -4.07 30.74 -20.94
CA TYR B 279 -4.48 30.48 -22.31
C TYR B 279 -5.92 30.93 -22.46
N ASN B 280 -6.21 31.73 -23.49
CA ASN B 280 -7.58 32.18 -23.66
C ASN B 280 -8.39 31.18 -24.49
N GLU B 281 -9.66 31.52 -24.73
CA GLU B 281 -10.56 30.65 -25.48
C GLU B 281 -10.06 30.40 -26.89
N ASN B 282 -9.48 31.42 -27.50
CA ASN B 282 -9.01 31.40 -28.88
C ASN B 282 -7.73 30.58 -29.00
N GLY B 283 -6.99 30.51 -27.90
CA GLY B 283 -5.77 29.77 -27.77
C GLY B 283 -4.49 30.57 -27.69
N THR B 284 -4.57 31.88 -27.45
CA THR B 284 -3.40 32.72 -27.37
C THR B 284 -3.07 32.99 -25.91
N ILE B 285 -1.79 32.91 -25.56
CA ILE B 285 -1.37 33.28 -24.21
C ILE B 285 -1.35 34.80 -24.14
N THR B 286 -2.09 35.37 -23.20
CA THR B 286 -2.26 36.82 -23.14
C THR B 286 -1.56 37.48 -21.96
N ASP B 287 -1.20 36.75 -20.91
CA ASP B 287 -0.48 37.24 -19.74
C ASP B 287 0.33 36.10 -19.14
N ALA B 288 1.12 36.44 -18.11
CA ALA B 288 1.94 35.50 -17.35
C ALA B 288 2.37 36.17 -16.07
N VAL B 289 2.57 35.35 -15.03
CA VAL B 289 3.12 35.81 -13.75
C VAL B 289 4.35 34.97 -13.39
N ASP B 290 5.45 35.66 -13.05
CA ASP B 290 6.65 35.02 -12.52
C ASP B 290 6.44 34.88 -11.03
N CYS B 291 6.07 33.67 -10.56
CA CYS B 291 5.69 33.59 -9.15
C CYS B 291 6.85 33.75 -8.19
N ALA B 292 8.10 33.78 -8.67
CA ALA B 292 9.22 33.93 -7.76
C ALA B 292 9.76 35.36 -7.81
N LEU B 293 9.08 36.25 -8.53
CA LEU B 293 9.51 37.64 -8.59
C LEU B 293 9.23 38.36 -7.27
N ASP B 294 8.01 38.22 -6.74
CA ASP B 294 7.63 38.89 -5.51
C ASP B 294 6.50 38.09 -4.86
N PRO B 295 6.18 38.38 -3.58
CA PRO B 295 5.12 37.62 -2.89
C PRO B 295 3.71 37.75 -3.47
N LEU B 296 3.39 38.80 -4.23
CA LEU B 296 2.02 38.84 -4.74
C LEU B 296 1.91 37.87 -5.90
N SER B 297 2.98 37.79 -6.69
CA SER B 297 3.03 36.77 -7.74
C SER B 297 3.10 35.39 -7.11
N GLU B 298 3.73 35.26 -5.93
CA GLU B 298 3.74 33.96 -5.23
C GLU B 298 2.32 33.54 -4.88
N THR B 299 1.51 34.50 -4.39
CA THR B 299 0.11 34.24 -4.11
C THR B 299 -0.65 33.87 -5.38
N LYS B 300 -0.38 34.61 -6.46
CA LYS B 300 -1.00 34.34 -7.76
C LYS B 300 -0.67 32.92 -8.23
N CYS B 301 0.58 32.50 -8.02
CA CYS B 301 1.03 31.16 -8.41
C CYS B 301 0.33 30.09 -7.59
N THR B 302 0.21 30.31 -6.28
CA THR B 302 -0.46 29.35 -5.41
C THR B 302 -1.96 29.23 -5.73
N LEU B 303 -2.63 30.35 -5.98
CA LEU B 303 -4.08 30.37 -6.19
C LEU B 303 -4.55 30.12 -7.61
N LYS B 304 -3.64 29.95 -8.58
CA LYS B 304 -3.98 29.75 -10.00
C LYS B 304 -4.94 30.83 -10.51
N SER B 305 -4.63 32.08 -10.18
CA SER B 305 -5.49 33.19 -10.60
C SER B 305 -4.68 34.47 -10.66
N PHE B 306 -5.13 35.40 -11.50
CA PHE B 306 -4.53 36.72 -11.61
C PHE B 306 -5.19 37.74 -10.71
N THR B 307 -6.25 37.34 -10.00
CA THR B 307 -6.94 38.18 -9.04
C THR B 307 -6.92 37.45 -7.70
N VAL B 308 -6.54 38.14 -6.64
CA VAL B 308 -6.49 37.53 -5.32
C VAL B 308 -7.42 38.28 -4.39
N GLU B 309 -8.28 37.52 -3.72
CA GLU B 309 -9.23 38.04 -2.75
C GLU B 309 -8.59 38.27 -1.39
N LYS B 310 -9.31 39.02 -0.57
CA LYS B 310 -8.95 39.26 0.82
C LYS B 310 -8.87 37.95 1.60
N GLY B 311 -7.78 37.75 2.32
CA GLY B 311 -7.58 36.52 3.06
C GLY B 311 -6.12 36.30 3.39
N ILE B 312 -5.82 35.08 3.84
CA ILE B 312 -4.49 34.64 4.23
C ILE B 312 -4.10 33.54 3.27
N TYR B 313 -2.93 33.65 2.65
CA TYR B 313 -2.54 32.61 1.71
C TYR B 313 -1.16 32.10 2.08
N GLN B 314 -1.02 30.78 2.11
CA GLN B 314 0.24 30.09 2.36
C GLN B 314 0.92 29.75 1.03
N THR B 315 2.06 30.37 0.73
CA THR B 315 2.65 30.25 -0.59
C THR B 315 3.95 29.48 -0.59
N SER B 316 4.68 29.45 0.52
CA SER B 316 5.95 28.77 0.62
C SER B 316 6.22 28.50 2.10
N ASN B 317 7.44 28.09 2.41
CA ASN B 317 7.85 27.86 3.80
C ASN B 317 9.25 28.40 4.05
N PHE B 318 9.40 29.19 5.12
CA PHE B 318 10.71 29.74 5.44
C PHE B 318 11.49 28.73 6.25
N ARG B 319 12.78 28.67 5.99
CA ARG B 319 13.67 27.78 6.72
C ARG B 319 15.02 28.48 6.80
N VAL B 320 15.59 28.53 8.00
CA VAL B 320 16.93 29.06 8.15
C VAL B 320 17.90 28.01 7.62
N GLN B 321 18.77 28.43 6.77
CA GLN B 321 19.70 27.47 6.17
C GLN B 321 20.97 27.38 6.99
N PRO B 322 21.57 26.19 7.05
CA PRO B 322 22.85 26.05 7.74
C PRO B 322 23.95 26.77 6.99
N THR B 323 24.90 27.34 7.75
CA THR B 323 26.02 28.07 7.16
C THR B 323 27.34 27.36 7.33
N GLU B 324 27.44 26.39 8.22
CA GLU B 324 28.66 25.63 8.45
C GLU B 324 28.29 24.16 8.52
N SER B 325 29.26 23.29 8.21
CA SER B 325 29.10 21.85 8.33
C SER B 325 29.97 21.34 9.47
N ILE B 326 29.32 20.87 10.53
CA ILE B 326 29.98 20.44 11.75
C ILE B 326 29.94 18.91 11.84
N VAL B 327 31.11 18.29 11.79
CA VAL B 327 31.23 16.84 11.81
C VAL B 327 32.04 16.49 13.05
N ARG B 328 31.45 15.68 13.94
CA ARG B 328 32.10 15.30 15.19
C ARG B 328 31.95 13.80 15.38
N PHE B 329 33.10 13.12 15.44
CA PHE B 329 33.12 11.65 15.63
C PHE B 329 33.95 11.39 16.89
N PRO B 330 34.15 10.14 17.37
CA PRO B 330 34.89 9.90 18.61
C PRO B 330 36.35 10.35 18.50
N ASN B 331 36.95 10.76 19.62
CA ASN B 331 38.34 11.26 19.62
C ASN B 331 39.28 10.15 19.13
N ILE B 332 39.03 8.90 19.51
CA ILE B 332 39.97 7.80 19.15
C ILE B 332 40.04 7.72 17.62
N THR B 333 41.26 7.70 17.07
CA THR B 333 41.45 7.61 15.60
C THR B 333 42.07 6.25 15.26
N ASN B 334 42.10 5.33 16.21
CA ASN B 334 42.77 4.03 15.96
C ASN B 334 42.04 3.29 14.84
N LEU B 335 42.80 2.67 13.93
CA LEU B 335 42.18 1.96 12.78
C LEU B 335 41.47 0.71 13.28
N CYS B 336 40.17 0.58 12.99
CA CYS B 336 39.42 -0.60 13.42
C CYS B 336 39.97 -1.84 12.72
N PRO B 337 40.11 -2.97 13.43
CA PRO B 337 40.75 -4.15 12.86
C PRO B 337 39.88 -4.94 11.88
N PHE B 338 39.29 -4.25 10.90
CA PHE B 338 38.72 -4.97 9.77
C PHE B 338 39.81 -5.66 8.96
N GLY B 339 41.01 -5.10 8.97
CA GLY B 339 42.14 -5.79 8.37
C GLY B 339 42.41 -7.12 9.05
N GLU B 340 42.36 -7.14 10.39
CA GLU B 340 42.58 -8.37 11.13
C GLU B 340 41.51 -9.42 10.84
N VAL B 341 40.35 -9.00 10.34
CA VAL B 341 39.28 -9.93 9.98
C VAL B 341 39.44 -10.41 8.55
N PHE B 342 39.58 -9.47 7.60
CA PHE B 342 39.61 -9.86 6.19
C PHE B 342 40.95 -10.49 5.80
N ASN B 343 42.07 -9.98 6.31
CA ASN B 343 43.35 -10.53 5.85
C ASN B 343 43.62 -11.92 6.44
N ALA B 344 42.90 -12.28 7.51
CA ALA B 344 43.21 -13.45 8.36
C ALA B 344 43.44 -14.72 7.54
N THR B 345 44.48 -15.46 7.93
CA THR B 345 44.89 -16.65 7.18
C THR B 345 43.83 -17.75 7.22
N ARG B 346 43.19 -17.95 8.37
CA ARG B 346 42.21 -19.03 8.49
C ARG B 346 40.93 -18.52 9.11
N PHE B 347 39.81 -18.81 8.45
CA PHE B 347 38.48 -18.56 8.98
C PHE B 347 37.87 -19.82 9.57
N ALA B 348 36.99 -19.62 10.54
CA ALA B 348 36.24 -20.71 11.15
C ALA B 348 35.20 -21.25 10.18
N SER B 349 34.93 -22.55 10.27
CA SER B 349 33.96 -23.17 9.37
C SER B 349 32.55 -22.65 9.60
N VAL B 350 31.66 -23.02 8.68
CA VAL B 350 30.29 -22.50 8.67
C VAL B 350 29.46 -22.96 9.87
N TYR B 351 29.80 -24.09 10.50
CA TYR B 351 29.00 -24.53 11.64
C TYR B 351 29.49 -23.90 12.95
N ALA B 352 30.80 -23.69 13.05
CA ALA B 352 31.46 -23.12 14.22
C ALA B 352 32.06 -21.75 13.91
N TRP B 353 31.31 -20.93 13.17
CA TRP B 353 31.83 -19.68 12.63
C TRP B 353 32.29 -18.75 13.75
N ASN B 354 33.38 -18.03 13.48
CA ASN B 354 33.94 -17.13 14.46
C ASN B 354 33.12 -15.85 14.55
N ARG B 355 33.41 -15.07 15.58
CA ARG B 355 32.71 -13.83 15.84
C ARG B 355 33.75 -12.86 16.42
N LYS B 356 34.26 -11.98 15.57
CA LYS B 356 35.29 -11.04 15.99
C LYS B 356 34.56 -9.71 16.18
N ARG B 357 34.42 -9.30 17.42
CA ARG B 357 33.77 -8.05 17.77
C ARG B 357 34.69 -6.85 17.55
N ILE B 358 34.14 -5.79 16.97
CA ILE B 358 34.88 -4.55 16.77
C ILE B 358 34.17 -3.44 17.53
N SER B 359 34.94 -2.69 18.32
CA SER B 359 34.37 -1.60 19.10
C SER B 359 35.44 -0.55 19.37
N ASN B 360 34.98 0.67 19.64
CA ASN B 360 35.78 1.78 20.17
C ASN B 360 36.93 2.13 19.22
N CYS B 361 36.57 2.49 17.99
CA CYS B 361 37.53 2.98 17.00
C CYS B 361 36.77 3.61 15.84
N VAL B 362 37.53 4.07 14.85
CA VAL B 362 37.00 4.56 13.58
C VAL B 362 37.35 3.55 12.49
N ALA B 363 36.34 3.13 11.75
CA ALA B 363 36.47 2.07 10.75
C ALA B 363 36.42 2.67 9.35
N ASP B 364 37.54 2.58 8.64
CA ASP B 364 37.66 3.07 7.26
C ASP B 364 36.96 2.08 6.34
N TYR B 365 35.66 2.32 6.11
CA TYR B 365 34.90 1.50 5.18
C TYR B 365 35.27 1.78 3.73
N SER B 366 36.12 2.78 3.47
CA SER B 366 36.57 3.09 2.12
C SER B 366 37.24 1.88 1.45
N VAL B 367 38.12 1.19 2.17
CA VAL B 367 38.78 0.00 1.63
C VAL B 367 37.78 -1.09 1.23
N LEU B 368 36.58 -1.10 1.83
CA LEU B 368 35.53 -2.00 1.40
C LEU B 368 34.78 -1.44 0.19
N TYR B 369 34.47 -0.14 0.21
CA TYR B 369 33.62 0.44 -0.83
C TYR B 369 34.36 0.54 -2.18
N ASN B 370 35.59 1.03 -2.18
CA ASN B 370 36.28 1.26 -3.44
C ASN B 370 36.88 -0.01 -4.03
N SER B 371 37.02 -1.07 -3.25
CA SER B 371 37.62 -2.29 -3.76
C SER B 371 36.69 -3.01 -4.73
N ALA B 372 37.29 -3.61 -5.75
CA ALA B 372 36.58 -4.39 -6.76
C ALA B 372 36.86 -5.89 -6.64
N SER B 373 37.82 -6.28 -5.80
CA SER B 373 38.16 -7.69 -5.63
C SER B 373 36.97 -8.50 -5.11
N PHE B 374 36.04 -7.85 -4.42
CA PHE B 374 34.87 -8.52 -3.89
C PHE B 374 33.94 -8.76 -5.07
N SER B 375 33.83 -10.02 -5.49
CA SER B 375 33.05 -10.37 -6.69
C SER B 375 31.58 -10.04 -6.50
N THR B 376 30.99 -10.50 -5.41
CA THR B 376 29.56 -10.30 -5.16
C THR B 376 29.45 -9.47 -3.90
N PHE B 377 29.14 -8.18 -4.07
CA PHE B 377 28.88 -7.27 -2.98
C PHE B 377 27.46 -6.77 -3.21
N LYS B 378 26.49 -7.59 -2.86
CA LYS B 378 25.08 -7.24 -2.97
C LYS B 378 24.55 -7.09 -1.56
N CYS B 379 24.06 -5.90 -1.25
CA CYS B 379 24.03 -5.44 0.13
C CYS B 379 22.64 -4.99 0.56
N TYR B 380 22.11 -5.66 1.57
CA TYR B 380 20.77 -5.35 2.05
C TYR B 380 20.93 -4.33 3.15
N GLY B 381 19.83 -3.92 3.77
CA GLY B 381 19.94 -3.11 4.97
C GLY B 381 20.44 -1.69 4.81
N VAL B 382 21.66 -1.55 4.27
CA VAL B 382 22.25 -0.26 3.98
C VAL B 382 22.75 -0.23 2.54
N SER B 383 23.18 0.96 2.10
CA SER B 383 23.67 1.13 0.74
C SER B 383 25.00 0.42 0.55
N PRO B 384 25.28 -0.11 -0.64
CA PRO B 384 26.50 -0.91 -0.77
C PRO B 384 27.73 -0.05 -0.93
N THR B 385 27.57 1.22 -1.31
CA THR B 385 28.73 2.06 -1.64
C THR B 385 29.03 3.13 -0.60
N LYS B 386 28.03 3.90 -0.19
CA LYS B 386 28.25 5.03 0.72
C LYS B 386 28.04 4.63 2.18
N LEU B 387 28.87 3.70 2.62
CA LEU B 387 28.85 3.24 3.99
C LEU B 387 29.58 4.16 4.96
N ASN B 388 30.47 5.01 4.45
CA ASN B 388 31.41 5.77 5.28
C ASN B 388 30.74 6.87 6.09
N ASP B 389 29.47 7.18 5.85
CA ASP B 389 28.82 8.34 6.44
C ASP B 389 27.84 7.91 7.55
N LEU B 390 28.22 6.92 8.36
CA LEU B 390 27.37 6.54 9.48
C LEU B 390 28.23 6.10 10.65
N CYS B 391 27.66 6.20 11.85
CA CYS B 391 28.25 5.66 13.07
C CYS B 391 27.43 4.46 13.52
N PHE B 392 28.12 3.39 13.90
CA PHE B 392 27.49 2.10 14.08
C PHE B 392 27.47 1.80 15.58
N THR B 393 26.31 1.41 16.09
CA THR B 393 26.17 1.12 17.52
C THR B 393 27.02 -0.08 17.92
N ASN B 394 27.00 -1.12 17.11
CA ASN B 394 27.81 -2.31 17.31
C ASN B 394 27.91 -3.03 15.98
N VAL B 395 29.03 -3.70 15.77
CA VAL B 395 29.30 -4.38 14.52
C VAL B 395 29.78 -5.79 14.81
N TYR B 396 29.25 -6.74 14.06
CA TYR B 396 29.70 -8.12 14.10
C TYR B 396 30.27 -8.47 12.73
N ALA B 397 31.10 -9.50 12.71
CA ALA B 397 31.74 -9.94 11.47
C ALA B 397 31.76 -11.46 11.55
N ASP B 398 30.72 -12.09 11.01
CA ASP B 398 30.64 -13.53 10.97
C ASP B 398 31.31 -13.97 9.68
N SER B 399 32.52 -14.50 9.80
CA SER B 399 33.33 -14.84 8.65
C SER B 399 33.44 -16.35 8.50
N PHE B 400 33.08 -16.86 7.33
CA PHE B 400 33.13 -18.30 7.08
C PHE B 400 33.23 -18.54 5.59
N VAL B 401 33.11 -19.80 5.19
CA VAL B 401 33.35 -20.24 3.82
C VAL B 401 32.18 -21.13 3.41
N ILE B 402 31.60 -20.83 2.24
CA ILE B 402 30.48 -21.62 1.70
C ILE B 402 30.76 -21.94 0.24
N ARG B 403 30.44 -23.19 -0.14
CA ARG B 403 30.61 -23.58 -1.57
C ARG B 403 29.78 -24.84 -1.84
N GLY B 404 29.95 -25.47 -3.01
CA GLY B 404 29.06 -26.60 -3.37
C GLY B 404 27.71 -25.99 -3.67
N ASP B 405 26.68 -26.30 -2.88
CA ASP B 405 25.45 -25.56 -3.02
C ASP B 405 25.58 -24.27 -2.21
N GLU B 406 24.46 -23.57 -2.02
CA GLU B 406 24.36 -22.41 -1.13
C GLU B 406 25.28 -21.26 -1.52
N VAL B 407 25.52 -21.14 -2.83
CA VAL B 407 26.41 -20.06 -3.35
C VAL B 407 25.89 -18.72 -2.85
N ARG B 408 24.59 -18.48 -2.94
CA ARG B 408 24.08 -17.15 -2.63
C ARG B 408 22.71 -17.13 -1.93
N GLN B 409 22.37 -18.10 -1.09
CA GLN B 409 21.12 -17.93 -0.35
C GLN B 409 21.37 -17.48 1.09
N ILE B 410 22.58 -17.05 1.41
CA ILE B 410 22.87 -16.51 2.74
C ILE B 410 22.47 -15.05 2.68
N ALA B 411 21.19 -14.81 2.97
CA ALA B 411 20.48 -13.55 2.80
C ALA B 411 19.14 -13.69 3.53
N PRO B 412 18.56 -12.60 4.04
CA PRO B 412 17.30 -12.71 4.80
C PRO B 412 16.13 -13.17 3.94
N GLY B 413 15.61 -14.34 4.25
CA GLY B 413 14.46 -14.89 3.55
C GLY B 413 14.77 -15.99 2.55
N GLN B 414 15.72 -16.84 2.90
CA GLN B 414 16.08 -17.97 2.05
C GLN B 414 16.24 -19.21 2.91
N THR B 415 16.08 -20.37 2.29
CA THR B 415 16.13 -21.64 3.00
C THR B 415 16.88 -22.68 2.18
N GLY B 416 17.42 -23.65 2.89
CA GLY B 416 18.19 -24.72 2.27
C GLY B 416 18.98 -25.47 3.33
N LYS B 417 19.84 -26.38 2.85
CA LYS B 417 20.59 -27.22 3.77
C LYS B 417 21.63 -26.43 4.55
N ILE B 418 22.23 -25.41 3.96
CA ILE B 418 23.33 -24.72 4.60
C ILE B 418 22.83 -23.47 5.31
N ALA B 419 22.00 -22.71 4.61
CA ALA B 419 21.48 -21.44 5.12
C ALA B 419 20.30 -21.64 6.05
N ASP B 420 19.85 -22.87 6.27
CA ASP B 420 18.72 -23.10 7.15
C ASP B 420 19.05 -24.01 8.31
N TYR B 421 20.12 -24.81 8.22
CA TYR B 421 20.52 -25.71 9.28
C TYR B 421 21.94 -25.44 9.82
N ASN B 422 22.69 -24.50 9.24
CA ASN B 422 24.03 -24.22 9.76
C ASN B 422 24.23 -22.77 10.16
N TYR B 423 23.70 -21.84 9.38
CA TYR B 423 23.79 -20.42 9.72
C TYR B 423 22.64 -19.75 8.98
N LYS B 424 21.62 -19.38 9.73
CA LYS B 424 20.41 -18.80 9.17
C LYS B 424 20.37 -17.32 9.55
N LEU B 425 20.47 -16.46 8.56
CA LEU B 425 20.32 -15.04 8.82
C LEU B 425 18.88 -14.76 9.21
N PRO B 426 18.66 -13.80 10.12
CA PRO B 426 17.30 -13.48 10.52
C PRO B 426 16.53 -12.81 9.40
N ASP B 427 15.21 -12.82 9.53
CA ASP B 427 14.39 -12.21 8.49
C ASP B 427 14.31 -10.70 8.64
N ASP B 428 14.79 -10.16 9.76
CA ASP B 428 14.95 -8.72 9.93
C ASP B 428 16.42 -8.30 9.82
N PHE B 429 17.21 -9.08 9.08
CA PHE B 429 18.66 -8.90 9.02
C PHE B 429 19.05 -7.53 8.49
N THR B 430 19.92 -6.85 9.22
CA THR B 430 20.48 -5.57 8.80
C THR B 430 21.98 -5.74 8.66
N GLY B 431 22.46 -5.63 7.44
CA GLY B 431 23.84 -5.86 7.10
C GLY B 431 23.92 -6.38 5.68
N CYS B 432 24.96 -7.18 5.43
CA CYS B 432 25.13 -7.87 4.15
C CYS B 432 26.38 -8.74 4.16
N VAL B 433 26.52 -9.50 3.08
CA VAL B 433 27.52 -10.53 2.93
C VAL B 433 28.45 -10.09 1.81
N ILE B 434 29.73 -9.93 2.15
CA ILE B 434 30.78 -9.78 1.17
C ILE B 434 31.28 -11.16 0.79
N ALA B 435 31.16 -11.52 -0.47
CA ALA B 435 31.59 -12.83 -0.93
C ALA B 435 32.43 -12.67 -2.18
N TRP B 436 33.59 -13.33 -2.18
CA TRP B 436 34.52 -13.36 -3.29
C TRP B 436 35.20 -14.72 -3.32
N ASN B 437 35.42 -15.25 -4.52
CA ASN B 437 36.08 -16.55 -4.62
C ASN B 437 37.51 -16.47 -4.10
N SER B 438 37.88 -17.45 -3.29
CA SER B 438 39.25 -17.63 -2.86
C SER B 438 39.89 -18.85 -3.50
N ASN B 439 39.47 -19.19 -4.73
CA ASN B 439 40.00 -20.38 -5.39
C ASN B 439 41.50 -20.30 -5.64
N ASN B 440 42.07 -19.10 -5.71
CA ASN B 440 43.51 -19.00 -5.93
C ASN B 440 44.31 -19.40 -4.70
N LEU B 441 43.91 -18.97 -3.50
CA LEU B 441 44.68 -19.24 -2.30
C LEU B 441 44.02 -20.27 -1.38
N ASP B 442 42.79 -20.04 -0.96
CA ASP B 442 42.14 -20.89 0.04
C ASP B 442 41.21 -21.92 -0.61
N SER B 443 41.75 -22.74 -1.51
CA SER B 443 41.05 -23.96 -1.87
C SER B 443 41.88 -25.15 -1.42
N LYS B 444 42.99 -25.47 -2.10
CA LYS B 444 44.14 -26.27 -1.68
C LYS B 444 44.94 -26.46 -2.98
N VAL B 445 46.11 -27.08 -2.91
CA VAL B 445 46.62 -27.78 -4.07
C VAL B 445 45.61 -28.87 -4.46
N GLY B 446 45.11 -29.60 -3.46
CA GLY B 446 44.04 -30.56 -3.63
C GLY B 446 42.71 -30.05 -3.10
N GLY B 447 42.31 -30.47 -1.89
CA GLY B 447 41.06 -30.00 -1.30
C GLY B 447 41.10 -29.83 0.21
N ASN B 448 40.67 -28.69 0.75
CA ASN B 448 40.73 -28.47 2.20
C ASN B 448 39.50 -29.12 2.80
N TYR B 449 39.69 -30.30 3.35
CA TYR B 449 38.65 -31.00 4.10
C TYR B 449 38.67 -30.54 5.56
N ASN B 450 38.48 -29.22 5.73
CA ASN B 450 38.46 -28.59 7.05
C ASN B 450 37.32 -27.60 7.22
N TYR B 451 36.26 -27.70 6.42
CA TYR B 451 35.09 -26.83 6.59
C TYR B 451 33.84 -27.68 6.75
N LEU B 452 33.56 -28.00 8.01
CA LEU B 452 32.47 -28.87 8.40
C LEU B 452 31.15 -28.12 8.20
N TYR B 453 30.08 -28.83 7.80
CA TYR B 453 28.85 -28.08 7.57
C TYR B 453 27.56 -28.71 8.10
N ARG B 454 27.64 -29.79 8.87
CA ARG B 454 26.63 -30.19 9.87
C ARG B 454 25.19 -30.15 9.33
N LEU B 455 24.95 -31.09 8.42
CA LEU B 455 23.81 -31.06 7.49
C LEU B 455 22.45 -30.94 8.16
N PHE B 456 22.08 -31.95 8.96
CA PHE B 456 20.68 -32.23 9.31
C PHE B 456 20.46 -32.31 10.83
N ARG B 457 20.82 -31.26 11.58
CA ARG B 457 21.12 -31.30 13.02
C ARG B 457 19.98 -31.96 13.82
N LYS B 458 18.82 -31.31 13.99
CA LYS B 458 17.69 -32.03 14.55
C LYS B 458 16.44 -31.82 13.70
N SER B 459 15.95 -30.59 13.70
CA SER B 459 14.77 -30.23 12.93
C SER B 459 15.03 -28.99 12.08
N ASN B 460 15.54 -27.94 12.72
CA ASN B 460 15.60 -26.60 12.13
C ASN B 460 16.63 -25.81 12.94
N LEU B 461 16.73 -24.51 12.71
CA LEU B 461 17.78 -23.68 13.30
C LEU B 461 17.25 -22.27 13.52
N LYS B 462 17.20 -21.85 14.79
CA LYS B 462 16.85 -20.47 15.11
C LYS B 462 18.05 -19.54 14.84
N PRO B 463 17.78 -18.27 14.52
CA PRO B 463 18.85 -17.38 14.03
C PRO B 463 20.00 -17.16 15.01
N PHE B 464 21.20 -17.07 14.44
CA PHE B 464 22.41 -16.54 15.08
C PHE B 464 22.90 -17.33 16.29
N GLU B 465 22.51 -18.58 16.49
CA GLU B 465 23.04 -19.32 17.62
C GLU B 465 24.04 -20.33 17.07
N ARG B 466 25.28 -20.24 17.54
CA ARG B 466 26.30 -21.20 17.14
C ARG B 466 26.13 -22.46 18.01
N ASP B 467 26.09 -23.62 17.34
CA ASP B 467 25.90 -24.89 18.01
C ASP B 467 27.00 -25.87 17.58
N ILE B 468 27.98 -26.08 18.46
CA ILE B 468 29.09 -27.00 18.24
C ILE B 468 28.67 -28.38 18.72
N SER B 469 27.40 -28.53 19.12
CA SER B 469 26.89 -29.78 19.70
C SER B 469 27.05 -30.95 18.75
N THR B 470 27.74 -31.99 19.21
CA THR B 470 27.93 -33.23 18.45
C THR B 470 27.06 -34.42 18.86
N GLU B 471 25.93 -34.21 19.54
CA GLU B 471 25.05 -35.33 19.88
C GLU B 471 24.55 -36.04 18.63
N ILE B 472 24.55 -37.38 18.67
CA ILE B 472 24.21 -38.15 17.49
C ILE B 472 22.72 -38.01 17.23
N TYR B 473 22.34 -37.88 15.97
CA TYR B 473 20.95 -37.66 15.60
C TYR B 473 20.36 -39.00 15.21
N GLN B 474 19.15 -39.28 15.70
CA GLN B 474 18.48 -40.54 15.42
C GLN B 474 17.13 -40.28 14.78
N ALA B 475 16.75 -41.14 13.83
CA ALA B 475 15.49 -41.01 13.13
C ALA B 475 14.65 -42.28 13.13
N GLY B 476 15.24 -43.43 13.46
CA GLY B 476 14.53 -44.69 13.51
C GLY B 476 14.37 -45.32 14.88
N SER B 477 15.20 -46.31 15.16
CA SER B 477 15.20 -47.01 16.44
C SER B 477 15.87 -46.14 17.50
N THR B 478 15.08 -45.71 18.48
CA THR B 478 15.49 -44.90 19.62
C THR B 478 16.53 -45.48 20.59
N PRO B 479 16.78 -46.85 20.69
CA PRO B 479 17.86 -47.36 21.56
C PRO B 479 19.21 -46.63 21.57
N CYS B 480 19.57 -45.93 20.50
CA CYS B 480 20.80 -45.13 20.49
C CYS B 480 20.82 -44.13 21.64
N ASN B 481 21.94 -44.12 22.38
CA ASN B 481 22.20 -43.15 23.44
C ASN B 481 23.69 -42.86 23.33
N GLY B 482 24.05 -41.83 22.57
CA GLY B 482 25.44 -41.49 22.40
C GLY B 482 26.19 -42.54 21.60
N VAL B 483 25.45 -43.38 20.88
CA VAL B 483 25.99 -44.47 20.09
C VAL B 483 25.42 -44.32 18.68
N GLU B 484 26.17 -44.84 17.73
CA GLU B 484 25.89 -44.78 16.30
C GLU B 484 25.34 -46.15 15.90
N GLY B 485 24.17 -46.16 15.28
CA GLY B 485 23.58 -47.43 14.93
C GLY B 485 22.92 -47.48 13.57
N PHE B 486 21.72 -48.05 13.54
CA PHE B 486 20.95 -48.25 12.32
C PHE B 486 20.68 -46.89 11.70
N ASN B 487 19.84 -46.11 12.36
CA ASN B 487 19.35 -44.81 11.90
C ASN B 487 19.87 -43.69 12.80
N CYS B 488 21.15 -43.74 13.16
CA CYS B 488 21.77 -42.81 14.09
C CYS B 488 23.04 -42.24 13.46
N TYR B 489 22.99 -40.97 13.05
CA TYR B 489 24.04 -40.31 12.28
C TYR B 489 24.94 -39.40 13.12
N PHE B 490 26.24 -39.40 12.80
CA PHE B 490 27.17 -38.38 13.27
C PHE B 490 27.01 -37.18 12.34
N PRO B 491 26.72 -35.97 12.83
CA PRO B 491 26.12 -34.96 11.95
C PRO B 491 27.04 -34.08 11.10
N LEU B 492 28.36 -34.05 11.33
CA LEU B 492 29.25 -33.03 10.74
C LEU B 492 29.38 -33.08 9.21
N GLN B 493 30.07 -34.10 8.68
CA GLN B 493 30.21 -34.44 7.26
C GLN B 493 30.67 -33.26 6.39
N SER B 494 31.93 -32.85 6.55
CA SER B 494 32.49 -31.63 5.92
C SER B 494 32.41 -31.62 4.39
N TYR B 495 32.61 -30.42 3.83
CA TYR B 495 32.64 -30.16 2.38
C TYR B 495 33.72 -30.96 1.66
N GLY B 496 33.70 -30.82 0.33
CA GLY B 496 34.83 -31.22 -0.47
C GLY B 496 35.03 -30.32 -1.67
N PHE B 497 36.24 -29.74 -1.78
CA PHE B 497 36.53 -28.78 -2.87
C PHE B 497 37.73 -29.25 -3.69
N GLN B 498 38.02 -28.58 -4.81
CA GLN B 498 39.23 -28.87 -5.62
C GLN B 498 39.58 -27.51 -6.24
N PRO B 499 40.80 -27.27 -6.76
CA PRO B 499 41.07 -25.98 -7.39
C PRO B 499 40.13 -25.79 -8.57
N THR B 500 39.87 -26.86 -9.32
CA THR B 500 39.01 -26.77 -10.54
C THR B 500 37.64 -27.40 -10.27
N ASN B 501 37.23 -27.51 -9.01
CA ASN B 501 35.92 -28.13 -8.67
C ASN B 501 34.76 -27.47 -9.43
N GLY B 502 34.82 -26.15 -9.67
CA GLY B 502 33.76 -25.46 -10.41
C GLY B 502 33.42 -24.12 -9.78
N VAL B 503 32.74 -23.24 -10.51
CA VAL B 503 32.47 -21.86 -9.98
C VAL B 503 31.57 -21.95 -8.74
N GLY B 504 30.49 -22.73 -8.80
CA GLY B 504 29.63 -22.92 -7.61
C GLY B 504 30.39 -23.65 -6.52
N TYR B 505 31.16 -24.68 -6.91
CA TYR B 505 31.93 -25.50 -5.94
C TYR B 505 33.06 -24.68 -5.30
N GLN B 506 33.55 -23.66 -5.98
CA GLN B 506 34.63 -22.79 -5.43
C GLN B 506 34.10 -22.00 -4.23
N PRO B 507 34.90 -21.77 -3.17
CA PRO B 507 34.42 -21.11 -1.95
C PRO B 507 34.37 -19.58 -1.89
N TYR B 508 33.17 -19.00 -1.96
CA TYR B 508 33.03 -17.56 -1.77
C TYR B 508 33.22 -17.28 -0.28
N ARG B 509 34.39 -16.77 0.08
CA ARG B 509 34.66 -16.36 1.46
C ARG B 509 33.66 -15.30 1.90
N VAL B 510 32.78 -15.65 2.82
CA VAL B 510 31.70 -14.77 3.22
C VAL B 510 32.05 -14.16 4.57
N VAL B 511 31.94 -12.85 4.67
CA VAL B 511 32.01 -12.15 5.95
C VAL B 511 30.65 -11.47 6.17
N VAL B 512 29.87 -12.02 7.10
CA VAL B 512 28.54 -11.47 7.32
C VAL B 512 28.74 -10.28 8.25
N LEU B 513 28.92 -9.10 7.66
CA LEU B 513 28.95 -7.88 8.44
C LEU B 513 27.52 -7.55 8.81
N SER B 514 27.13 -7.91 10.02
CA SER B 514 25.77 -7.73 10.50
C SER B 514 25.76 -6.51 11.41
N PHE B 515 25.02 -5.48 11.00
CA PHE B 515 25.03 -4.21 11.71
C PHE B 515 23.71 -4.04 12.45
N GLU B 516 23.78 -3.42 13.62
CA GLU B 516 22.59 -2.94 14.33
C GLU B 516 22.77 -1.46 14.56
N LEU B 517 21.90 -0.65 13.95
CA LEU B 517 22.06 0.80 13.99
C LEU B 517 21.29 1.47 15.13
N LEU B 518 20.43 0.73 15.84
CA LEU B 518 19.61 1.27 16.92
C LEU B 518 19.68 0.37 18.14
N HIS B 519 20.89 -0.03 18.54
CA HIS B 519 21.05 -0.99 19.62
C HIS B 519 21.56 -0.38 20.92
N ALA B 520 22.46 0.60 20.85
CA ALA B 520 23.12 1.17 22.02
C ALA B 520 23.77 2.49 21.60
N PRO B 521 24.39 3.25 22.51
CA PRO B 521 25.26 4.34 22.05
C PRO B 521 26.35 3.87 21.09
N ALA B 522 26.50 4.60 19.99
CA ALA B 522 27.44 4.24 18.93
C ALA B 522 28.88 4.22 19.42
N THR B 523 29.62 3.16 19.06
CA THR B 523 31.00 2.98 19.45
C THR B 523 32.00 3.02 18.30
N VAL B 524 31.58 2.64 17.09
CA VAL B 524 32.43 2.63 15.90
C VAL B 524 31.83 3.56 14.85
N CYS B 525 32.69 4.38 14.23
CA CYS B 525 32.26 5.36 13.25
C CYS B 525 33.14 5.36 12.00
N GLY B 526 32.71 6.13 11.01
CA GLY B 526 33.40 6.21 9.74
C GLY B 526 34.53 7.22 9.70
N PRO B 527 35.38 7.13 8.68
CA PRO B 527 36.58 8.01 8.58
C PRO B 527 36.35 9.42 8.05
N LYS B 528 35.78 10.29 8.86
CA LYS B 528 35.49 11.66 8.43
C LYS B 528 36.28 12.65 9.27
N LYS B 529 36.90 13.62 8.60
CA LYS B 529 37.64 14.69 9.27
C LYS B 529 36.72 15.47 10.21
N SER B 530 37.20 15.73 11.42
CA SER B 530 36.40 16.42 12.42
C SER B 530 36.68 17.92 12.37
N THR B 531 35.63 18.72 12.24
CA THR B 531 35.74 20.16 12.26
C THR B 531 35.60 20.73 13.68
N ASN B 532 35.80 22.04 13.78
CA ASN B 532 35.64 22.77 15.04
C ASN B 532 34.16 22.84 15.42
N LEU B 533 33.91 22.81 16.73
CA LEU B 533 32.55 22.90 17.23
C LEU B 533 32.06 24.35 17.19
N VAL B 534 30.85 24.55 16.66
CA VAL B 534 30.24 25.86 16.50
C VAL B 534 28.97 25.93 17.34
N LYS B 535 28.86 26.96 18.17
CA LYS B 535 27.72 27.18 19.04
C LYS B 535 26.92 28.40 18.62
N ASN B 536 25.64 28.39 19.00
CA ASN B 536 24.70 29.50 18.77
C ASN B 536 24.54 29.85 17.29
N LYS B 537 24.63 28.86 16.39
CA LYS B 537 24.46 29.14 14.98
C LYS B 537 23.72 27.97 14.33
N CYS B 538 22.99 28.26 13.27
CA CYS B 538 22.28 27.22 12.53
C CYS B 538 23.28 26.40 11.70
N VAL B 539 23.42 25.11 12.04
CA VAL B 539 24.34 24.21 11.36
C VAL B 539 23.67 22.87 11.11
N ASN B 540 24.22 22.11 10.16
CA ASN B 540 23.90 20.70 10.00
C ASN B 540 24.94 19.89 10.77
N PHE B 541 24.49 19.11 11.75
CA PHE B 541 25.38 18.42 12.67
C PHE B 541 25.35 16.91 12.47
N ASN B 542 26.46 16.28 12.88
CA ASN B 542 26.57 14.84 12.92
C ASN B 542 27.31 14.52 14.22
N PHE B 543 26.56 14.12 15.25
CA PHE B 543 27.11 13.77 16.56
C PHE B 543 27.03 12.28 16.79
N ASN B 544 28.15 11.59 16.53
CA ASN B 544 28.27 10.15 16.74
C ASN B 544 27.16 9.35 16.07
N GLY B 545 26.80 9.75 14.84
CA GLY B 545 25.76 9.11 14.07
C GLY B 545 24.42 9.80 14.06
N LEU B 546 24.21 10.72 14.99
CA LEU B 546 22.97 11.48 15.01
C LEU B 546 23.09 12.64 14.04
N THR B 547 22.21 12.68 13.04
CA THR B 547 22.35 13.70 12.00
C THR B 547 21.09 14.56 11.98
N GLY B 548 21.29 15.81 11.61
CA GLY B 548 20.20 16.75 11.52
C GLY B 548 20.75 18.14 11.30
N THR B 549 19.83 19.10 11.29
CA THR B 549 20.17 20.51 11.13
C THR B 549 19.66 21.24 12.36
N GLY B 550 20.48 22.10 12.94
CA GLY B 550 20.03 22.82 14.11
C GLY B 550 21.11 23.69 14.73
N VAL B 551 20.75 24.23 15.89
CA VAL B 551 21.60 25.13 16.66
C VAL B 551 22.03 24.42 17.95
N LEU B 552 23.33 24.41 18.20
CA LEU B 552 23.95 23.70 19.31
C LEU B 552 24.14 24.64 20.50
N THR B 553 23.60 24.25 21.67
CA THR B 553 23.73 25.03 22.89
C THR B 553 24.24 24.14 24.01
N GLU B 554 24.73 24.78 25.07
CA GLU B 554 25.20 24.07 26.26
C GLU B 554 24.06 23.49 27.09
N SER B 555 24.21 22.24 27.51
CA SER B 555 23.22 21.51 28.26
C SER B 555 23.56 21.56 29.76
N ASN B 556 22.53 21.47 30.60
CA ASN B 556 22.73 21.40 32.05
C ASN B 556 22.34 20.06 32.67
N LYS B 557 22.17 19.00 31.88
CA LYS B 557 21.81 17.71 32.46
C LYS B 557 23.05 16.99 33.00
N LYS B 558 22.88 16.33 34.14
CA LYS B 558 23.96 15.60 34.81
C LYS B 558 23.97 14.15 34.35
N PHE B 559 24.58 13.93 33.20
CA PHE B 559 24.72 12.59 32.65
C PHE B 559 25.69 11.77 33.48
N LEU B 560 25.36 10.49 33.65
CA LEU B 560 26.26 9.56 34.28
C LEU B 560 27.40 9.24 33.30
N PRO B 561 28.59 8.80 33.82
CA PRO B 561 29.76 8.57 32.95
C PRO B 561 29.60 7.69 31.72
N PHE B 562 28.62 6.79 31.70
CA PHE B 562 28.45 5.89 30.56
C PHE B 562 27.42 6.38 29.57
N GLN B 563 26.61 7.34 29.96
CA GLN B 563 25.49 7.82 29.16
C GLN B 563 25.90 8.94 28.21
N GLN B 564 25.58 8.78 26.91
CA GLN B 564 26.02 9.75 25.91
C GLN B 564 24.96 10.70 25.34
N PHE B 565 23.67 10.36 25.31
CA PHE B 565 22.72 11.31 24.73
C PHE B 565 21.33 11.07 25.30
N GLY B 566 20.45 12.05 25.08
CA GLY B 566 19.09 11.98 25.57
C GLY B 566 18.01 12.20 24.51
N ARG B 567 16.77 11.87 24.92
CA ARG B 567 15.59 12.07 24.10
C ARG B 567 14.46 12.72 24.90
N ASP B 568 13.60 13.45 24.19
CA ASP B 568 12.43 14.17 24.68
C ASP B 568 11.18 13.29 24.79
N ILE B 569 10.07 13.95 25.18
CA ILE B 569 8.75 13.33 25.27
C ILE B 569 8.35 12.76 23.92
N ALA B 570 8.74 13.41 22.83
CA ALA B 570 8.49 13.01 21.46
C ALA B 570 9.33 11.80 21.04
N ASP B 571 10.23 11.34 21.91
CA ASP B 571 11.16 10.25 21.67
C ASP B 571 12.09 10.63 20.51
N THR B 572 12.43 11.91 20.47
CA THR B 572 13.42 12.44 19.55
C THR B 572 14.59 13.01 20.33
N THR B 573 15.76 12.98 19.70
CA THR B 573 17.00 13.43 20.32
C THR B 573 16.96 14.93 20.60
N ASP B 574 17.38 15.33 21.81
CA ASP B 574 17.40 16.74 22.15
C ASP B 574 18.67 17.09 22.94
N ALA B 575 19.60 16.16 23.10
CA ALA B 575 20.84 16.46 23.80
C ALA B 575 21.86 15.38 23.47
N VAL B 576 23.12 15.79 23.37
CA VAL B 576 24.25 14.89 23.09
C VAL B 576 25.45 15.37 23.89
N ARG B 577 26.23 14.43 24.40
CA ARG B 577 27.53 14.66 24.99
C ARG B 577 28.57 14.52 23.88
N ASP B 578 29.42 15.55 23.72
CA ASP B 578 30.41 15.55 22.66
C ASP B 578 31.41 14.41 22.83
N PRO B 579 31.68 13.62 21.78
CA PRO B 579 32.59 12.47 21.92
C PRO B 579 34.08 12.79 22.07
N GLN B 580 34.55 14.00 21.81
CA GLN B 580 35.99 14.24 21.93
C GLN B 580 36.36 15.01 23.18
N THR B 581 35.61 16.05 23.51
CA THR B 581 35.77 16.81 24.74
C THR B 581 34.47 16.62 25.50
N LEU B 582 34.54 16.36 26.80
CA LEU B 582 33.36 15.90 27.55
C LEU B 582 32.42 17.04 28.00
N GLU B 583 31.96 17.82 27.02
CA GLU B 583 30.99 18.87 27.28
C GLU B 583 29.63 18.31 26.88
N ILE B 584 28.60 18.64 27.64
CA ILE B 584 27.25 18.21 27.33
C ILE B 584 26.53 19.33 26.60
N LEU B 585 26.02 19.02 25.42
CA LEU B 585 25.30 19.97 24.58
C LEU B 585 23.82 19.61 24.43
N ASP B 586 22.99 20.66 24.39
CA ASP B 586 21.58 20.55 24.03
C ASP B 586 21.49 20.88 22.54
N ILE B 587 20.65 20.14 21.83
CA ILE B 587 20.48 20.33 20.39
C ILE B 587 19.05 20.74 20.08
N THR B 588 18.88 21.93 19.47
CA THR B 588 17.56 22.18 18.93
C THR B 588 17.69 22.49 17.44
N PRO B 589 16.69 22.14 16.64
CA PRO B 589 16.65 22.56 15.24
C PRO B 589 16.47 24.06 15.05
N CYS B 590 16.87 24.51 13.85
CA CYS B 590 16.77 25.91 13.48
C CYS B 590 15.32 26.34 13.27
N SER B 591 15.05 27.60 13.63
CA SER B 591 13.70 28.17 13.57
C SER B 591 13.15 28.14 12.15
N PHE B 592 11.92 27.67 12.00
CA PHE B 592 11.30 27.68 10.67
C PHE B 592 9.81 27.88 10.84
N GLY B 593 9.15 28.19 9.72
CA GLY B 593 7.72 28.37 9.74
C GLY B 593 7.22 28.82 8.39
N GLY B 594 5.91 28.78 8.24
CA GLY B 594 5.28 29.14 6.98
C GLY B 594 5.37 30.62 6.71
N VAL B 595 5.24 30.97 5.43
CA VAL B 595 5.25 32.36 5.00
C VAL B 595 3.89 32.71 4.40
N SER B 596 3.28 33.74 4.95
CA SER B 596 1.99 34.23 4.53
C SER B 596 2.23 35.59 3.88
N VAL B 597 1.47 35.87 2.82
CA VAL B 597 1.63 37.10 2.07
C VAL B 597 0.50 38.04 2.45
N ILE B 598 0.87 39.21 2.94
CA ILE B 598 -0.11 40.20 3.38
C ILE B 598 -0.30 41.11 2.17
N THR B 599 -1.52 41.19 1.66
CA THR B 599 -1.69 41.99 0.46
C THR B 599 -3.08 42.58 0.26
N PRO B 600 -3.14 43.78 -0.28
CA PRO B 600 -4.40 44.24 -0.90
C PRO B 600 -4.60 43.50 -2.20
N GLY B 601 -5.83 43.52 -2.70
CA GLY B 601 -6.12 42.82 -3.93
C GLY B 601 -5.40 43.42 -5.12
N THR B 602 -5.26 42.60 -6.18
CA THR B 602 -4.57 43.07 -7.38
C THR B 602 -5.35 44.15 -8.12
N ASN B 603 -6.62 44.37 -7.75
CA ASN B 603 -7.37 45.49 -8.27
C ASN B 603 -6.84 46.82 -7.72
N THR B 604 -6.18 46.80 -6.57
CA THR B 604 -5.77 48.02 -5.90
C THR B 604 -4.26 48.27 -5.86
N SER B 605 -3.44 47.30 -5.48
CA SER B 605 -2.02 47.60 -5.32
C SER B 605 -1.17 46.34 -5.41
N ASN B 606 0.08 46.53 -5.86
CA ASN B 606 1.09 45.49 -5.93
C ASN B 606 2.06 45.51 -4.75
N GLN B 607 1.80 46.31 -3.71
CA GLN B 607 2.65 46.33 -2.54
C GLN B 607 2.28 45.18 -1.62
N VAL B 608 3.30 44.48 -1.09
CA VAL B 608 3.08 43.33 -0.22
C VAL B 608 3.92 43.40 1.05
N ALA B 609 3.52 42.58 2.02
CA ALA B 609 4.26 42.33 3.25
C ALA B 609 4.47 40.83 3.38
N VAL B 610 5.57 40.45 4.03
CA VAL B 610 5.99 39.06 4.17
C VAL B 610 6.02 38.70 5.64
N LEU B 611 5.42 37.58 6.00
CA LEU B 611 5.36 37.07 7.37
C LEU B 611 6.31 35.91 7.63
N TYR B 612 7.26 36.11 8.55
CA TYR B 612 8.07 35.02 9.08
C TYR B 612 7.51 34.63 10.44
N GLN B 613 6.81 33.52 10.50
CA GLN B 613 6.02 33.16 11.67
C GLN B 613 6.91 32.58 12.75
N ASP B 614 6.87 33.17 13.97
CA ASP B 614 7.67 32.72 15.12
C ASP B 614 9.16 32.66 14.78
N VAL B 615 9.66 33.71 14.12
CA VAL B 615 11.07 33.85 13.78
C VAL B 615 11.55 35.24 14.19
N ASN B 616 12.71 35.27 14.84
CA ASN B 616 13.32 36.48 15.36
C ASN B 616 13.75 37.39 14.22
N CYS B 617 13.60 38.70 14.44
CA CYS B 617 14.02 39.72 13.47
C CYS B 617 15.48 39.54 13.06
N THR B 618 16.34 39.27 14.05
CA THR B 618 17.78 39.15 13.88
C THR B 618 18.18 38.02 12.93
N GLU B 619 17.47 36.90 12.98
CA GLU B 619 17.87 35.71 12.22
C GLU B 619 17.32 35.70 10.80
N VAL B 620 16.54 36.71 10.41
CA VAL B 620 15.93 36.72 9.08
C VAL B 620 16.95 36.73 7.94
N PRO B 621 17.94 37.67 7.88
CA PRO B 621 18.83 37.63 6.71
C PRO B 621 19.73 36.40 6.62
N ASN B 641 10.79 48.29 7.06
CA ASN B 641 9.50 47.99 7.68
C ASN B 641 9.55 46.60 8.31
N VAL B 642 10.36 46.45 9.35
CA VAL B 642 10.46 45.20 10.10
C VAL B 642 9.80 45.39 11.46
N PHE B 643 8.78 44.57 11.73
CA PHE B 643 8.06 44.62 12.99
C PHE B 643 8.11 43.27 13.68
N GLN B 644 8.77 43.23 14.83
CA GLN B 644 8.84 42.01 15.63
C GLN B 644 7.62 41.92 16.53
N THR B 645 6.93 40.79 16.48
CA THR B 645 5.80 40.52 17.35
C THR B 645 5.89 39.07 17.82
N ARG B 646 4.97 38.71 18.72
CA ARG B 646 4.91 37.36 19.26
C ARG B 646 4.77 36.35 18.13
N ALA B 647 3.96 36.68 17.11
CA ALA B 647 3.78 35.79 15.96
C ALA B 647 5.03 35.67 15.11
N GLY B 648 5.98 36.60 15.20
CA GLY B 648 7.18 36.53 14.41
C GLY B 648 7.61 37.86 13.83
N CYS B 649 8.47 37.76 12.82
CA CYS B 649 8.97 38.90 12.06
C CYS B 649 8.11 39.23 10.84
N LEU B 650 7.44 40.38 10.87
CA LEU B 650 6.53 40.81 9.81
C LEU B 650 7.26 41.91 9.02
N ILE B 651 7.63 41.62 7.77
CA ILE B 651 8.46 42.51 6.97
C ILE B 651 7.69 43.02 5.75
N GLY B 652 7.76 44.32 5.52
CA GLY B 652 7.12 44.98 4.39
C GLY B 652 5.92 45.83 4.73
N ALA B 653 5.39 45.70 5.92
CA ALA B 653 4.28 46.52 6.39
C ALA B 653 4.83 47.51 7.40
N GLU B 654 4.41 48.76 7.29
CA GLU B 654 4.88 49.77 8.24
C GLU B 654 4.01 49.68 9.48
N HIS B 655 4.65 49.48 10.63
CA HIS B 655 3.94 49.36 11.88
C HIS B 655 3.50 50.70 12.43
N VAL B 656 2.22 50.78 12.77
CA VAL B 656 1.64 51.97 13.36
C VAL B 656 0.95 51.55 14.64
N ASN B 657 1.08 52.37 15.68
CA ASN B 657 0.47 52.07 16.97
C ASN B 657 -1.06 52.08 16.88
N ASN B 658 -1.62 53.04 16.12
CA ASN B 658 -3.07 53.16 15.93
C ASN B 658 -3.67 51.83 15.48
N SER B 659 -4.72 51.42 16.19
CA SER B 659 -5.44 50.19 15.89
C SER B 659 -6.59 50.45 14.92
N TYR B 660 -6.92 49.40 14.15
CA TYR B 660 -8.01 49.43 13.17
C TYR B 660 -8.67 48.07 13.16
N GLU B 661 -9.72 47.92 12.35
CA GLU B 661 -10.34 46.61 12.21
C GLU B 661 -9.39 45.65 11.52
N CYS B 662 -9.45 44.38 11.95
CA CYS B 662 -8.63 43.36 11.32
C CYS B 662 -9.08 43.16 9.88
N ASP B 663 -8.12 43.21 8.95
CA ASP B 663 -8.41 42.96 7.55
C ASP B 663 -7.74 41.66 7.12
N ILE B 664 -6.41 41.63 7.02
CA ILE B 664 -5.69 40.39 6.78
C ILE B 664 -5.08 39.95 8.10
N PRO B 665 -5.57 38.90 8.74
CA PRO B 665 -5.00 38.46 10.01
C PRO B 665 -3.64 37.78 9.86
N ILE B 666 -2.76 38.09 10.80
CA ILE B 666 -1.45 37.46 10.93
C ILE B 666 -1.41 36.42 12.04
N GLY B 667 -1.87 36.77 13.23
CA GLY B 667 -1.84 35.81 14.30
C GLY B 667 -1.22 36.45 15.52
N ALA B 668 -1.52 35.91 16.71
CA ALA B 668 -0.98 36.38 17.97
C ALA B 668 -1.25 37.86 18.19
N GLY B 669 -2.45 38.29 17.82
CA GLY B 669 -2.89 39.65 18.03
C GLY B 669 -2.58 40.65 16.94
N ILE B 670 -1.84 40.26 15.91
CA ILE B 670 -1.50 41.20 14.84
C ILE B 670 -2.38 40.98 13.61
N CYS B 671 -2.94 42.08 13.11
CA CYS B 671 -3.64 42.15 11.83
C CYS B 671 -3.08 43.32 11.05
N ALA B 672 -3.27 43.28 9.74
CA ALA B 672 -2.79 44.32 8.85
C ALA B 672 -3.96 44.78 8.01
N SER B 673 -3.88 46.02 7.53
CA SER B 673 -4.94 46.55 6.70
C SER B 673 -4.38 47.63 5.77
N TYR B 674 -5.16 47.93 4.73
CA TYR B 674 -4.79 48.95 3.75
C TYR B 674 -5.59 50.24 3.94
N GLN B 675 -4.90 51.30 4.35
CA GLN B 675 -5.51 52.63 4.57
C GLN B 675 -4.54 53.71 4.11
N GLN B 687 -3.18 55.94 0.06
CA GLN B 687 -3.31 54.81 0.97
C GLN B 687 -2.11 53.88 0.89
N SER B 688 -1.88 53.11 1.96
CA SER B 688 -0.76 52.17 2.01
C SER B 688 -1.12 51.04 2.96
N ILE B 689 -0.26 50.02 2.98
CA ILE B 689 -0.43 48.89 3.89
C ILE B 689 0.23 49.21 5.23
N ILE B 690 -0.51 48.99 6.32
CA ILE B 690 -0.02 49.25 7.65
C ILE B 690 -0.08 47.97 8.47
N ALA B 691 0.72 47.93 9.52
CA ALA B 691 0.72 46.83 10.47
C ALA B 691 0.44 47.42 11.84
N TYR B 692 -0.32 46.72 12.66
CA TYR B 692 -0.68 47.26 13.96
C TYR B 692 -1.04 46.12 14.89
N THR B 693 -1.10 46.45 16.18
CA THR B 693 -1.69 45.50 17.11
C THR B 693 -3.19 45.63 16.88
N MET B 694 -3.85 44.49 16.68
CA MET B 694 -5.23 44.52 16.24
C MET B 694 -6.18 45.05 17.30
N SER B 695 -7.18 45.82 16.84
CA SER B 695 -8.32 46.24 17.64
C SER B 695 -9.38 45.18 17.56
N LEU B 696 -10.10 45.00 18.64
CA LEU B 696 -11.16 44.04 18.67
C LEU B 696 -12.47 44.74 18.35
N GLY B 697 -12.36 46.00 17.96
CA GLY B 697 -13.47 46.89 17.74
C GLY B 697 -13.21 48.20 18.46
N ALA B 698 -14.06 49.18 18.16
CA ALA B 698 -13.89 50.45 18.82
C ALA B 698 -14.18 50.26 20.29
N GLU B 699 -13.48 51.01 21.13
CA GLU B 699 -13.72 50.88 22.55
C GLU B 699 -14.96 51.68 22.91
N ASN B 700 -15.70 51.17 23.89
CA ASN B 700 -16.90 51.84 24.36
C ASN B 700 -16.97 51.54 25.85
N SER B 701 -16.64 52.53 26.66
CA SER B 701 -16.81 52.37 28.09
C SER B 701 -18.29 52.55 28.36
N VAL B 702 -18.92 51.53 28.93
CA VAL B 702 -20.35 51.58 29.15
C VAL B 702 -20.61 52.35 30.44
N ALA B 703 -21.56 53.29 30.38
CA ALA B 703 -21.86 54.14 31.53
C ALA B 703 -22.70 53.38 32.57
N TYR B 704 -22.10 52.34 33.14
CA TYR B 704 -22.82 51.52 34.08
C TYR B 704 -22.86 52.19 35.44
N SER B 705 -24.03 52.10 36.05
CA SER B 705 -24.26 52.47 37.44
C SER B 705 -25.42 51.59 37.88
N ASN B 706 -25.68 51.57 39.18
CA ASN B 706 -26.72 50.71 39.72
C ASN B 706 -28.11 51.23 39.42
N ASN B 707 -28.21 52.44 38.87
CA ASN B 707 -29.48 53.11 38.63
C ASN B 707 -29.56 53.78 37.25
N SER B 708 -28.95 53.20 36.21
CA SER B 708 -28.98 53.80 34.88
C SER B 708 -29.53 52.81 33.86
N ILE B 709 -30.58 53.23 33.13
CA ILE B 709 -31.20 52.42 32.09
C ILE B 709 -31.16 53.14 30.74
N ALA B 710 -30.75 52.41 29.71
CA ALA B 710 -30.83 52.92 28.35
C ALA B 710 -32.02 52.25 27.69
N ILE B 711 -32.80 53.00 26.91
CA ILE B 711 -33.95 52.42 26.21
C ILE B 711 -34.00 53.01 24.80
N PRO B 712 -34.04 52.15 23.77
CA PRO B 712 -34.06 52.64 22.39
C PRO B 712 -35.29 53.48 22.07
N THR B 713 -35.07 54.61 21.41
CA THR B 713 -36.20 55.43 20.97
C THR B 713 -36.57 55.00 19.57
N ASN B 714 -36.01 55.71 18.59
CA ASN B 714 -36.13 55.31 17.19
C ASN B 714 -35.48 53.95 16.97
N PHE B 715 -36.11 53.13 16.14
CA PHE B 715 -35.56 51.84 15.81
C PHE B 715 -35.32 51.83 14.31
N THR B 716 -34.44 50.94 13.86
CA THR B 716 -34.20 50.72 12.45
C THR B 716 -34.51 49.27 12.20
N ILE B 717 -34.87 48.93 10.96
CA ILE B 717 -35.06 47.54 10.59
C ILE B 717 -33.93 47.15 9.64
N SER B 718 -33.20 46.11 10.01
CA SER B 718 -32.06 45.62 9.24
C SER B 718 -32.37 44.22 8.74
N VAL B 719 -31.94 43.92 7.53
CA VAL B 719 -32.04 42.57 7.01
C VAL B 719 -30.62 42.06 6.75
N THR B 720 -30.26 40.97 7.42
CA THR B 720 -28.94 40.39 7.27
C THR B 720 -29.10 39.10 6.49
N THR B 721 -28.21 38.88 5.53
CA THR B 721 -28.27 37.66 4.75
C THR B 721 -27.30 36.63 5.31
N GLU B 722 -27.83 35.47 5.70
CA GLU B 722 -27.02 34.37 6.20
C GLU B 722 -27.26 33.28 5.18
N ILE B 723 -26.18 32.73 4.67
CA ILE B 723 -26.21 31.79 3.58
C ILE B 723 -25.81 30.41 4.09
N LEU B 724 -26.66 29.42 3.83
CA LEU B 724 -26.39 28.06 4.27
C LEU B 724 -26.47 27.12 3.08
N PRO B 725 -25.49 26.23 2.92
CA PRO B 725 -25.62 25.13 1.95
C PRO B 725 -26.78 24.19 2.23
N VAL B 726 -27.42 23.75 1.15
CA VAL B 726 -28.47 22.74 1.21
C VAL B 726 -28.09 21.49 0.44
N SER B 727 -27.52 21.65 -0.75
CA SER B 727 -27.19 20.51 -1.57
C SER B 727 -25.85 20.71 -2.25
N MET B 728 -25.34 19.61 -2.78
CA MET B 728 -24.05 19.53 -3.44
C MET B 728 -24.30 18.73 -4.70
N THR B 729 -23.41 18.90 -5.67
CA THR B 729 -23.55 18.12 -6.91
C THR B 729 -23.61 16.66 -6.52
N LYS B 730 -24.64 15.97 -7.02
CA LYS B 730 -24.84 14.60 -6.59
C LYS B 730 -23.95 13.73 -7.46
N THR B 731 -22.70 13.67 -7.03
CA THR B 731 -21.74 12.90 -7.76
C THR B 731 -21.94 11.45 -7.34
N SER B 732 -21.55 10.54 -8.22
CA SER B 732 -21.62 9.10 -7.97
C SER B 732 -20.40 8.54 -8.66
N VAL B 733 -19.46 8.03 -7.87
CA VAL B 733 -18.22 7.59 -8.45
C VAL B 733 -18.24 6.08 -8.46
N ASP B 734 -18.52 5.56 -9.64
CA ASP B 734 -18.44 4.13 -9.93
C ASP B 734 -16.99 3.73 -9.92
N CYS B 735 -16.64 2.73 -9.09
CA CYS B 735 -15.23 2.35 -9.03
C CYS B 735 -14.77 1.87 -10.38
N THR B 736 -15.61 1.09 -11.07
CA THR B 736 -15.20 0.53 -12.34
C THR B 736 -14.91 1.63 -13.35
N MET B 737 -15.82 2.60 -13.48
CA MET B 737 -15.61 3.64 -14.48
C MET B 737 -14.47 4.59 -14.09
N TYR B 738 -14.44 5.06 -12.84
CA TYR B 738 -13.41 6.01 -12.41
C TYR B 738 -12.02 5.40 -12.32
N ILE B 739 -11.89 4.19 -11.79
CA ILE B 739 -10.59 3.60 -11.52
C ILE B 739 -10.16 2.67 -12.65
N CYS B 740 -11.09 1.89 -13.20
CA CYS B 740 -10.79 0.96 -14.26
C CYS B 740 -11.72 1.28 -15.42
N GLY B 741 -11.83 2.56 -15.78
CA GLY B 741 -12.77 3.02 -16.78
C GLY B 741 -12.75 2.32 -18.11
N ASP B 742 -13.91 1.75 -18.48
CA ASP B 742 -14.12 1.03 -19.73
C ASP B 742 -13.08 -0.09 -19.90
N SER B 743 -12.73 -0.73 -18.78
CA SER B 743 -11.75 -1.82 -18.81
C SER B 743 -12.27 -2.99 -17.99
N THR B 744 -12.57 -4.09 -18.67
CA THR B 744 -13.05 -5.29 -18.01
C THR B 744 -11.95 -5.95 -17.19
N GLU B 745 -10.73 -6.00 -17.72
CA GLU B 745 -9.63 -6.64 -17.00
C GLU B 745 -9.30 -5.89 -15.71
N CYS B 746 -9.30 -4.56 -15.76
CA CYS B 746 -9.03 -3.79 -14.56
C CYS B 746 -10.17 -3.95 -13.57
N SER B 747 -11.42 -3.91 -14.04
CA SER B 747 -12.57 -4.09 -13.14
C SER B 747 -12.51 -5.47 -12.46
N ASN B 748 -12.12 -6.50 -13.21
CA ASN B 748 -12.00 -7.83 -12.66
C ASN B 748 -10.90 -7.88 -11.60
N LEU B 749 -9.79 -7.18 -11.84
CA LEU B 749 -8.75 -7.07 -10.82
C LEU B 749 -9.27 -6.32 -9.60
N LEU B 750 -10.12 -5.32 -9.83
CA LEU B 750 -10.67 -4.50 -8.76
C LEU B 750 -11.59 -5.32 -7.88
N LEU B 751 -12.24 -6.33 -8.46
CA LEU B 751 -13.18 -7.18 -7.75
C LEU B 751 -12.53 -7.95 -6.60
N GLN B 752 -11.20 -8.00 -6.56
CA GLN B 752 -10.44 -8.71 -5.54
C GLN B 752 -10.43 -7.99 -4.21
N TYR B 753 -10.96 -6.77 -4.14
CA TYR B 753 -11.06 -5.99 -2.91
C TYR B 753 -12.45 -6.11 -2.32
N GLY B 754 -13.24 -7.05 -2.79
CA GLY B 754 -14.53 -7.31 -2.17
C GLY B 754 -15.54 -6.18 -2.32
N SER B 755 -16.07 -5.73 -1.19
CA SER B 755 -17.17 -4.80 -1.15
C SER B 755 -16.79 -3.33 -1.02
N PHE B 756 -15.52 -2.94 -1.20
CA PHE B 756 -15.17 -1.52 -1.05
C PHE B 756 -15.97 -0.64 -2.01
N CYS B 757 -16.09 -1.05 -3.26
CA CYS B 757 -16.98 -0.36 -4.18
C CYS B 757 -18.46 -0.48 -3.83
N THR B 758 -18.89 -1.54 -3.17
CA THR B 758 -20.29 -1.51 -2.75
C THR B 758 -20.52 -0.58 -1.57
N GLN B 759 -19.52 -0.38 -0.71
CA GLN B 759 -19.73 0.57 0.38
C GLN B 759 -19.38 2.00 -0.02
N LEU B 760 -18.47 2.20 -0.97
CA LEU B 760 -18.20 3.55 -1.46
C LEU B 760 -19.33 4.03 -2.35
N ASN B 761 -19.81 3.17 -3.27
CA ASN B 761 -20.93 3.59 -4.10
C ASN B 761 -22.19 3.67 -3.27
N ARG B 762 -22.36 2.80 -2.26
CA ARG B 762 -23.51 2.88 -1.38
C ARG B 762 -23.46 4.15 -0.54
N ALA B 763 -22.28 4.51 -0.01
CA ALA B 763 -22.12 5.74 0.74
C ALA B 763 -22.38 6.96 -0.12
N LEU B 764 -21.85 6.98 -1.34
CA LEU B 764 -22.07 8.14 -2.20
C LEU B 764 -23.51 8.21 -2.71
N THR B 765 -24.12 7.05 -2.96
CA THR B 765 -25.54 7.00 -3.29
C THR B 765 -26.34 7.53 -2.11
N GLY B 766 -25.95 7.12 -0.91
CA GLY B 766 -26.55 7.65 0.29
C GLY B 766 -26.39 9.15 0.39
N ILE B 767 -25.23 9.67 -0.05
CA ILE B 767 -25.01 11.11 -0.09
C ILE B 767 -26.01 11.77 -1.05
N ALA B 768 -26.15 11.21 -2.26
CA ALA B 768 -27.11 11.77 -3.23
C ALA B 768 -28.54 11.74 -2.69
N VAL B 769 -28.91 10.60 -2.07
CA VAL B 769 -30.21 10.46 -1.44
C VAL B 769 -30.30 11.44 -0.29
N GLU B 770 -29.20 11.60 0.44
CA GLU B 770 -29.09 12.53 1.55
C GLU B 770 -29.34 13.97 1.11
N GLN B 771 -28.82 14.38 -0.06
CA GLN B 771 -29.16 15.74 -0.46
C GLN B 771 -30.61 15.84 -0.87
N ASP B 772 -31.16 14.77 -1.48
CA ASP B 772 -32.59 14.86 -1.81
C ASP B 772 -33.46 14.84 -0.55
N LYS B 773 -33.07 14.06 0.45
CA LYS B 773 -33.79 14.05 1.71
C LYS B 773 -33.67 15.38 2.45
N ASN B 774 -32.47 15.96 2.54
CA ASN B 774 -32.32 17.25 3.19
C ASN B 774 -33.04 18.36 2.44
N THR B 775 -32.92 18.40 1.11
CA THR B 775 -33.64 19.38 0.31
C THR B 775 -35.14 19.22 0.53
N GLN B 776 -35.62 17.97 0.61
CA GLN B 776 -37.04 17.74 0.81
C GLN B 776 -37.47 18.14 2.22
N GLU B 777 -36.57 18.07 3.21
CA GLU B 777 -36.92 18.57 4.54
C GLU B 777 -36.95 20.09 4.59
N VAL B 778 -36.03 20.74 3.88
CA VAL B 778 -36.00 22.21 3.93
C VAL B 778 -37.06 22.81 3.02
N PHE B 779 -37.17 22.36 1.75
CA PHE B 779 -38.11 23.00 0.85
C PHE B 779 -39.42 22.23 0.72
N ALA B 780 -39.37 20.89 0.67
CA ALA B 780 -40.58 20.09 0.48
C ALA B 780 -41.16 19.71 1.84
N GLN B 781 -41.41 20.74 2.63
CA GLN B 781 -41.96 20.57 3.96
C GLN B 781 -43.42 20.98 3.99
N VAL B 782 -43.95 21.37 2.83
CA VAL B 782 -45.32 21.82 2.67
C VAL B 782 -46.04 20.85 1.74
N LYS B 783 -47.24 20.44 2.15
CA LYS B 783 -47.99 19.44 1.39
C LYS B 783 -48.48 19.99 0.06
N GLN B 784 -48.89 21.25 0.00
CA GLN B 784 -49.50 21.80 -1.20
C GLN B 784 -48.65 22.95 -1.73
N ILE B 785 -48.76 23.19 -3.03
CA ILE B 785 -48.07 24.30 -3.69
C ILE B 785 -48.99 25.53 -3.71
N TYR B 786 -48.69 26.48 -2.85
CA TYR B 786 -49.54 27.67 -2.77
C TYR B 786 -49.07 28.64 -3.83
N LYS B 787 -50.01 29.40 -4.39
CA LYS B 787 -49.69 30.42 -5.37
C LYS B 787 -50.30 31.75 -4.96
N THR B 788 -49.60 32.82 -5.32
CA THR B 788 -50.06 34.17 -5.07
C THR B 788 -51.11 34.56 -6.11
N PRO B 789 -51.97 35.55 -5.81
CA PRO B 789 -52.94 36.01 -6.81
C PRO B 789 -52.32 36.81 -7.93
N PRO B 790 -53.00 36.88 -9.09
CA PRO B 790 -52.59 37.79 -10.18
C PRO B 790 -52.45 39.24 -9.77
N ILE B 791 -53.21 39.71 -8.80
CA ILE B 791 -53.18 41.10 -8.36
C ILE B 791 -52.27 41.16 -7.13
N LYS B 792 -51.09 41.74 -7.33
CA LYS B 792 -50.02 41.74 -6.32
C LYS B 792 -50.23 42.92 -5.36
N ASP B 793 -51.34 42.84 -4.64
CA ASP B 793 -51.74 43.77 -3.59
C ASP B 793 -51.30 43.09 -2.30
N PHE B 794 -50.11 43.42 -1.81
CA PHE B 794 -49.61 42.68 -0.66
C PHE B 794 -49.39 43.56 0.57
N GLY B 795 -50.41 44.31 0.99
CA GLY B 795 -50.31 44.99 2.27
C GLY B 795 -49.56 46.29 2.22
N GLY B 796 -49.12 46.69 1.03
CA GLY B 796 -48.24 47.82 0.81
C GLY B 796 -46.79 47.47 1.02
N PHE B 797 -46.48 46.28 1.52
CA PHE B 797 -45.10 45.81 1.60
C PHE B 797 -44.74 45.28 0.23
N ASN B 798 -43.80 45.88 -0.45
CA ASN B 798 -43.52 45.43 -1.81
C ASN B 798 -42.64 44.19 -1.74
N PHE B 799 -43.10 43.09 -2.34
CA PHE B 799 -42.35 41.83 -2.42
C PHE B 799 -42.06 41.38 -3.83
N SER B 800 -42.27 42.24 -4.83
CA SER B 800 -42.00 41.85 -6.22
C SER B 800 -40.55 41.42 -6.39
N GLN B 801 -39.66 41.98 -5.57
CA GLN B 801 -38.23 41.67 -5.59
C GLN B 801 -37.96 40.22 -5.20
N ILE B 802 -38.77 39.63 -4.32
CA ILE B 802 -38.50 38.29 -3.84
C ILE B 802 -39.43 37.24 -4.45
N LEU B 803 -40.55 37.63 -5.00
CA LEU B 803 -41.53 36.73 -5.59
C LEU B 803 -41.24 36.57 -7.09
N PRO B 804 -41.55 35.42 -7.69
CA PRO B 804 -41.24 35.20 -9.11
C PRO B 804 -41.95 36.18 -10.04
N ASP B 805 -41.23 36.62 -11.08
CA ASP B 805 -41.81 37.49 -12.10
C ASP B 805 -42.22 36.71 -13.35
N PRO B 806 -43.49 36.77 -13.81
CA PRO B 806 -43.86 36.09 -15.06
C PRO B 806 -43.05 36.67 -16.23
N SER B 807 -42.44 37.84 -16.03
CA SER B 807 -41.70 38.51 -17.12
C SER B 807 -40.53 37.61 -17.57
N LYS B 808 -39.80 37.03 -16.62
CA LYS B 808 -38.72 36.07 -16.99
C LYS B 808 -39.39 34.80 -17.52
N PRO B 809 -38.86 34.14 -18.57
CA PRO B 809 -39.45 32.88 -19.04
C PRO B 809 -39.40 31.85 -17.89
N SER B 810 -38.27 31.77 -17.20
CA SER B 810 -38.19 30.87 -16.01
C SER B 810 -38.99 31.53 -14.88
N LYS B 811 -39.75 30.73 -14.12
CA LYS B 811 -40.61 31.34 -13.07
C LYS B 811 -39.76 31.53 -11.81
N ARG B 812 -38.80 32.44 -11.86
CA ARG B 812 -37.91 32.71 -10.70
C ARG B 812 -38.01 34.19 -10.37
N SER B 813 -37.52 34.62 -9.20
CA SER B 813 -37.66 36.01 -8.82
C SER B 813 -36.52 36.85 -9.40
N PRO B 814 -36.63 38.23 -9.46
CA PRO B 814 -35.46 39.00 -9.94
C PRO B 814 -34.21 39.07 -9.08
N ILE B 815 -34.31 39.36 -7.76
CA ILE B 815 -33.11 39.33 -6.92
C ILE B 815 -32.51 37.93 -6.88
N GLU B 816 -33.38 36.91 -6.81
CA GLU B 816 -32.93 35.53 -6.82
C GLU B 816 -32.23 35.22 -8.15
N ASP B 817 -32.78 35.76 -9.25
CA ASP B 817 -32.13 35.64 -10.56
C ASP B 817 -30.78 36.31 -10.57
N LEU B 818 -30.64 37.44 -9.86
CA LEU B 818 -29.34 38.08 -9.74
C LEU B 818 -28.38 37.17 -8.99
N LEU B 819 -28.90 36.50 -7.95
CA LEU B 819 -28.08 35.59 -7.15
C LEU B 819 -27.62 34.43 -8.01
N PHE B 820 -28.50 33.96 -8.90
CA PHE B 820 -28.17 32.83 -9.78
C PHE B 820 -27.15 33.29 -10.81
N ASN B 821 -27.27 34.53 -11.29
CA ASN B 821 -26.33 35.09 -12.25
C ASN B 821 -24.96 35.29 -11.61
N LYS B 822 -24.95 35.64 -10.32
CA LYS B 822 -23.69 35.83 -9.61
C LYS B 822 -22.99 34.49 -9.37
N VAL B 823 -23.75 33.47 -8.99
CA VAL B 823 -23.18 32.14 -8.78
C VAL B 823 -23.89 31.10 -9.65
N LEU B 846 -17.53 21.67 -18.51
CA LEU B 846 -16.83 21.00 -17.43
C LEU B 846 -17.55 19.72 -17.01
N ILE B 847 -18.88 19.80 -16.91
CA ILE B 847 -19.69 18.66 -16.48
C ILE B 847 -19.54 17.51 -17.46
N CYS B 848 -19.35 17.81 -18.75
CA CYS B 848 -19.04 16.77 -19.71
C CYS B 848 -17.64 16.23 -19.46
N ALA B 849 -16.67 17.15 -19.29
CA ALA B 849 -15.28 16.76 -19.03
C ALA B 849 -15.16 15.93 -17.75
N GLN B 850 -15.99 16.23 -16.76
CA GLN B 850 -15.99 15.44 -15.53
C GLN B 850 -16.60 14.07 -15.79
N LYS B 851 -17.76 14.03 -16.45
CA LYS B 851 -18.45 12.78 -16.78
C LYS B 851 -17.55 11.82 -17.55
N PHE B 852 -16.73 12.35 -18.45
CA PHE B 852 -15.88 11.59 -19.37
C PHE B 852 -14.88 10.66 -18.69
N ASN B 853 -14.64 10.82 -17.39
CA ASN B 853 -13.80 9.89 -16.65
C ASN B 853 -14.60 8.98 -15.74
N GLY B 854 -15.92 8.93 -15.94
CA GLY B 854 -16.81 8.07 -15.18
C GLY B 854 -17.21 8.62 -13.84
N LEU B 855 -17.11 9.93 -13.66
CA LEU B 855 -17.48 10.62 -12.43
C LEU B 855 -18.59 11.56 -12.86
N THR B 856 -19.81 11.06 -12.82
CA THR B 856 -20.97 11.78 -13.30
C THR B 856 -21.66 12.50 -12.17
N VAL B 857 -22.58 13.38 -12.54
CA VAL B 857 -23.39 14.14 -11.60
C VAL B 857 -24.84 13.80 -11.85
N LEU B 858 -25.53 13.45 -10.77
CA LEU B 858 -26.91 13.05 -10.88
C LEU B 858 -27.80 14.27 -10.85
N PRO B 859 -28.85 14.32 -11.65
CA PRO B 859 -29.72 15.48 -11.61
C PRO B 859 -30.50 15.49 -10.31
N PRO B 860 -30.77 16.66 -9.76
CA PRO B 860 -31.68 16.74 -8.62
C PRO B 860 -33.06 16.25 -9.03
N LEU B 861 -33.79 15.70 -8.05
CA LEU B 861 -35.16 15.31 -8.30
C LEU B 861 -35.97 16.55 -8.63
N LEU B 862 -35.65 17.64 -7.96
CA LEU B 862 -36.28 18.93 -8.13
C LEU B 862 -35.38 19.77 -9.03
N THR B 863 -35.88 20.15 -10.21
CA THR B 863 -35.10 20.95 -11.15
C THR B 863 -35.02 22.37 -10.64
N ASP B 864 -34.18 23.20 -11.28
CA ASP B 864 -34.08 24.61 -10.87
C ASP B 864 -35.45 25.27 -10.93
N GLU B 865 -36.29 24.85 -11.89
CA GLU B 865 -37.66 25.33 -11.96
C GLU B 865 -38.47 24.83 -10.77
N MET B 866 -38.17 23.62 -10.28
CA MET B 866 -38.89 23.12 -9.11
C MET B 866 -38.39 23.69 -7.80
N ILE B 867 -37.11 24.05 -7.73
CA ILE B 867 -36.61 24.77 -6.56
C ILE B 867 -37.26 26.14 -6.52
N ALA B 868 -37.39 26.77 -7.69
CA ALA B 868 -38.13 28.01 -7.81
C ALA B 868 -39.60 27.82 -7.44
N GLN B 869 -40.18 26.68 -7.83
CA GLN B 869 -41.58 26.40 -7.49
C GLN B 869 -41.77 26.22 -5.99
N TYR B 870 -40.83 25.53 -5.31
CA TYR B 870 -40.86 25.47 -3.85
C TYR B 870 -40.59 26.81 -3.20
N THR B 871 -39.68 27.61 -3.73
CA THR B 871 -39.50 28.90 -3.09
C THR B 871 -40.75 29.75 -3.28
N SER B 872 -41.43 29.60 -4.42
CA SER B 872 -42.71 30.27 -4.60
C SER B 872 -43.74 29.75 -3.62
N ALA B 873 -43.80 28.43 -3.42
CA ALA B 873 -44.74 27.84 -2.46
C ALA B 873 -44.41 28.22 -1.02
N LEU B 874 -43.14 28.19 -0.63
CA LEU B 874 -42.74 28.52 0.74
C LEU B 874 -42.96 30.00 1.02
N LEU B 875 -42.62 30.87 0.08
CA LEU B 875 -42.86 32.29 0.27
C LEU B 875 -44.35 32.57 0.22
N ALA B 876 -45.08 31.91 -0.68
CA ALA B 876 -46.52 32.05 -0.73
C ALA B 876 -47.12 31.62 0.60
N GLY B 877 -46.53 30.60 1.21
CA GLY B 877 -46.94 30.20 2.54
C GLY B 877 -46.70 31.29 3.55
N THR B 878 -45.49 31.88 3.56
CA THR B 878 -45.22 32.99 4.49
C THR B 878 -46.16 34.17 4.25
N ILE B 879 -46.35 34.54 2.99
CA ILE B 879 -47.15 35.69 2.62
C ILE B 879 -48.62 35.48 2.90
N THR B 880 -49.15 34.32 2.58
CA THR B 880 -50.56 34.13 2.74
C THR B 880 -50.93 33.49 4.07
N SER B 881 -49.98 32.89 4.79
CA SER B 881 -50.33 32.19 6.01
C SER B 881 -49.49 32.49 7.23
N GLY B 882 -48.50 33.40 7.15
CA GLY B 882 -47.64 33.56 8.30
C GLY B 882 -46.98 32.26 8.61
N TRP B 883 -47.12 31.89 9.87
CA TRP B 883 -46.60 30.67 10.46
C TRP B 883 -47.63 29.55 10.57
N THR B 884 -48.87 29.81 10.18
CA THR B 884 -49.95 28.83 10.35
C THR B 884 -49.87 27.65 9.37
N PHE B 885 -49.25 27.84 8.21
CA PHE B 885 -49.17 26.77 7.20
C PHE B 885 -48.25 25.63 7.59
N GLY B 886 -47.39 25.82 8.59
CA GLY B 886 -46.43 24.82 8.98
C GLY B 886 -46.89 23.80 9.99
N ALA B 887 -48.13 23.92 10.47
CA ALA B 887 -48.66 23.02 11.49
C ALA B 887 -49.99 22.41 11.07
N GLY B 888 -50.25 22.36 9.77
CA GLY B 888 -51.51 21.88 9.26
C GLY B 888 -51.94 22.64 8.02
N PRO B 889 -53.25 22.77 7.82
CA PRO B 889 -53.74 23.54 6.67
C PRO B 889 -53.41 25.02 6.72
N ALA B 890 -53.19 25.59 5.54
CA ALA B 890 -52.86 27.01 5.44
C ALA B 890 -54.08 27.89 5.71
N LEU B 891 -53.94 28.76 6.69
CA LEU B 891 -54.86 29.84 7.01
C LEU B 891 -54.49 31.05 6.15
N GLN B 892 -55.46 31.85 5.74
CA GLN B 892 -55.02 33.09 5.11
C GLN B 892 -54.76 34.21 6.13
N ILE B 893 -53.73 35.04 5.88
CA ILE B 893 -53.49 36.24 6.70
C ILE B 893 -52.81 37.39 5.97
N PRO B 894 -53.33 38.61 6.16
CA PRO B 894 -52.65 39.85 5.77
C PRO B 894 -51.32 40.15 6.49
N PHE B 895 -50.41 40.81 5.77
CA PHE B 895 -49.10 41.13 6.34
C PHE B 895 -49.08 42.02 7.58
N PRO B 896 -49.91 43.08 7.75
CA PRO B 896 -49.76 43.79 9.03
C PRO B 896 -50.11 42.94 10.25
N MET B 897 -51.10 42.05 10.20
CA MET B 897 -51.27 41.20 11.36
C MET B 897 -50.17 40.16 11.45
N GLN B 898 -49.65 39.68 10.31
CA GLN B 898 -48.50 38.75 10.38
C GLN B 898 -47.32 39.40 11.09
N MET B 899 -47.05 40.67 10.77
CA MET B 899 -46.01 41.43 11.44
C MET B 899 -46.38 41.62 12.90
N ALA B 900 -47.68 41.78 13.18
CA ALA B 900 -48.17 41.89 14.56
C ALA B 900 -47.93 40.61 15.34
N TYR B 901 -48.07 39.44 14.69
CA TYR B 901 -47.81 38.18 15.39
C TYR B 901 -46.36 38.09 15.76
N ARG B 902 -45.49 38.51 14.84
CA ARG B 902 -44.06 38.43 15.10
C ARG B 902 -43.59 39.45 16.14
N PHE B 903 -44.17 40.66 16.13
CA PHE B 903 -43.87 41.63 17.20
C PHE B 903 -44.39 41.18 18.56
N ASN B 904 -45.60 40.64 18.63
CA ASN B 904 -46.10 40.14 19.90
C ASN B 904 -45.22 39.02 20.41
N GLY B 905 -44.79 38.14 19.51
CA GLY B 905 -43.88 37.07 19.90
C GLY B 905 -42.54 37.57 20.41
N ILE B 906 -42.02 38.67 19.86
CA ILE B 906 -40.71 39.14 20.32
C ILE B 906 -40.83 40.13 21.47
N GLY B 907 -42.03 40.31 22.01
CA GLY B 907 -42.16 41.17 23.15
C GLY B 907 -42.23 42.64 22.80
N VAL B 908 -42.63 42.98 21.58
CA VAL B 908 -42.74 44.36 21.14
C VAL B 908 -44.19 44.61 20.76
N THR B 909 -44.74 45.72 21.25
CA THR B 909 -46.16 45.98 21.11
C THR B 909 -46.51 46.28 19.64
N GLN B 910 -47.77 46.04 19.28
CA GLN B 910 -48.27 46.20 17.92
C GLN B 910 -48.24 47.66 17.46
N ASN B 911 -48.33 48.61 18.38
CA ASN B 911 -48.46 50.01 18.00
C ASN B 911 -47.25 50.55 17.25
N VAL B 912 -46.07 49.97 17.42
CA VAL B 912 -44.93 50.43 16.64
C VAL B 912 -45.15 50.10 15.17
N LEU B 913 -45.62 48.89 14.91
CA LEU B 913 -45.97 48.44 13.56
C LEU B 913 -47.06 49.28 12.94
N TYR B 914 -48.17 49.42 13.66
CA TYR B 914 -49.31 50.06 13.03
C TYR B 914 -49.09 51.57 12.85
N GLU B 915 -48.51 52.23 13.86
CA GLU B 915 -48.22 53.65 13.72
C GLU B 915 -47.11 53.94 12.70
N ASN B 916 -46.10 53.07 12.58
CA ASN B 916 -44.97 53.32 11.68
C ASN B 916 -44.95 52.38 10.45
N GLN B 917 -46.11 51.82 10.08
CA GLN B 917 -46.15 50.83 9.01
C GLN B 917 -45.65 51.32 7.64
N LYS B 918 -45.94 52.57 7.28
CA LYS B 918 -45.52 53.03 5.95
C LYS B 918 -44.02 53.25 5.87
N LEU B 919 -43.44 53.90 6.89
CA LEU B 919 -42.00 54.07 6.93
C LEU B 919 -41.27 52.74 7.07
N ILE B 920 -41.81 51.80 7.87
CA ILE B 920 -41.13 50.51 8.02
C ILE B 920 -41.14 49.78 6.68
N ALA B 921 -42.26 49.82 5.95
CA ALA B 921 -42.31 49.20 4.63
C ALA B 921 -41.30 49.85 3.69
N ASN B 922 -41.16 51.18 3.77
CA ASN B 922 -40.20 51.88 2.91
C ASN B 922 -38.77 51.52 3.30
N GLN B 923 -38.50 51.39 4.59
CA GLN B 923 -37.18 50.99 5.06
C GLN B 923 -36.87 49.57 4.62
N PHE B 924 -37.87 48.71 4.62
CA PHE B 924 -37.68 47.35 4.14
C PHE B 924 -37.34 47.35 2.66
N ASN B 925 -38.08 48.13 1.86
CA ASN B 925 -37.79 48.23 0.43
C ASN B 925 -36.39 48.78 0.17
N SER B 926 -35.97 49.77 0.96
CA SER B 926 -34.63 50.29 0.76
C SER B 926 -33.60 49.26 1.19
N ALA B 927 -33.89 48.51 2.25
CA ALA B 927 -33.01 47.44 2.70
C ALA B 927 -32.88 46.32 1.66
N ILE B 928 -34.00 45.96 1.01
CA ILE B 928 -33.96 44.95 -0.05
C ILE B 928 -33.15 45.48 -1.23
N GLY B 929 -33.32 46.76 -1.58
CA GLY B 929 -32.49 47.36 -2.60
C GLY B 929 -31.02 47.34 -2.22
N LYS B 930 -30.73 47.53 -0.93
CA LYS B 930 -29.35 47.45 -0.45
C LYS B 930 -28.82 46.04 -0.60
N ILE B 931 -29.66 45.04 -0.38
CA ILE B 931 -29.22 43.65 -0.59
C ILE B 931 -28.92 43.41 -2.05
N GLN B 932 -29.82 43.87 -2.93
CA GLN B 932 -29.60 43.72 -4.36
C GLN B 932 -28.30 44.39 -4.82
N ASP B 933 -28.07 45.62 -4.38
CA ASP B 933 -26.89 46.35 -4.81
C ASP B 933 -25.60 45.82 -4.17
N SER B 934 -25.64 45.50 -2.87
CA SER B 934 -24.45 44.99 -2.19
C SER B 934 -24.04 43.63 -2.71
N LEU B 935 -24.99 42.73 -2.90
CA LEU B 935 -24.68 41.41 -3.44
C LEU B 935 -24.28 41.48 -4.90
N SER B 936 -24.91 42.35 -5.69
CA SER B 936 -24.52 42.49 -7.10
C SER B 936 -23.12 43.08 -7.25
N SER B 937 -22.75 44.02 -6.37
CA SER B 937 -21.46 44.70 -6.48
C SER B 937 -20.33 43.87 -5.87
N THR B 938 -20.51 43.44 -4.63
CA THR B 938 -19.45 42.85 -3.83
C THR B 938 -19.43 41.35 -4.05
N PRO B 939 -18.41 40.79 -4.70
CA PRO B 939 -18.41 39.34 -4.95
C PRO B 939 -18.36 38.49 -3.68
N SER B 940 -17.71 38.95 -2.61
CA SER B 940 -17.58 38.11 -1.42
C SER B 940 -18.86 38.11 -0.58
N ALA B 941 -19.88 38.89 -0.99
CA ALA B 941 -21.12 38.99 -0.23
C ALA B 941 -21.80 37.64 -0.10
N LEU B 942 -21.62 36.78 -1.11
CA LEU B 942 -22.20 35.45 -1.18
C LEU B 942 -21.14 34.42 -0.84
N GLY B 943 -20.15 34.80 -0.03
CA GLY B 943 -19.08 33.89 0.34
C GLY B 943 -19.50 32.57 0.95
N LYS B 944 -20.59 32.53 1.71
CA LYS B 944 -21.02 31.25 2.28
C LYS B 944 -21.46 30.27 1.19
N LEU B 945 -22.00 30.75 0.06
CA LEU B 945 -22.26 29.82 -1.04
C LEU B 945 -21.07 29.68 -1.95
N GLN B 946 -20.31 30.76 -2.14
CA GLN B 946 -19.17 30.68 -3.03
C GLN B 946 -18.10 29.77 -2.49
N ASP B 947 -17.86 29.76 -1.17
CA ASP B 947 -16.87 28.84 -0.64
C ASP B 947 -17.36 27.40 -0.71
N VAL B 948 -18.64 27.14 -0.46
CA VAL B 948 -19.13 25.76 -0.55
C VAL B 948 -19.14 25.27 -2.00
N VAL B 949 -19.62 26.09 -2.94
CA VAL B 949 -19.59 25.72 -4.35
C VAL B 949 -18.16 25.53 -4.81
N ASN B 950 -17.25 26.41 -4.37
CA ASN B 950 -15.84 26.28 -4.73
C ASN B 950 -15.23 25.04 -4.10
N GLN B 951 -15.58 24.72 -2.86
CA GLN B 951 -15.06 23.50 -2.24
C GLN B 951 -15.56 22.26 -2.97
N ASN B 952 -16.81 22.28 -3.42
CA ASN B 952 -17.32 21.12 -4.15
C ASN B 952 -16.70 21.05 -5.55
N ALA B 953 -16.51 22.22 -6.19
CA ALA B 953 -15.86 22.28 -7.49
C ALA B 953 -14.41 21.84 -7.39
N GLN B 954 -13.72 22.27 -6.34
CA GLN B 954 -12.35 21.84 -6.09
C GLN B 954 -12.29 20.37 -5.74
N ALA B 955 -13.26 19.86 -4.98
CA ALA B 955 -13.24 18.44 -4.65
C ALA B 955 -13.38 17.60 -5.92
N LEU B 956 -14.28 17.96 -6.83
CA LEU B 956 -14.39 17.19 -8.07
C LEU B 956 -13.23 17.47 -9.01
N ASN B 957 -12.78 18.73 -9.11
CA ASN B 957 -11.67 19.09 -9.97
C ASN B 957 -10.38 18.49 -9.44
N THR B 958 -10.22 18.45 -8.13
CA THR B 958 -9.08 17.85 -7.46
C THR B 958 -9.10 16.36 -7.68
N LEU B 959 -10.27 15.73 -7.59
CA LEU B 959 -10.39 14.29 -7.83
C LEU B 959 -9.96 13.98 -9.27
N VAL B 960 -10.39 14.83 -10.21
CA VAL B 960 -10.02 14.64 -11.60
C VAL B 960 -8.52 14.86 -11.75
N LYS B 961 -7.96 15.87 -11.09
CA LYS B 961 -6.52 16.05 -11.14
C LYS B 961 -5.80 14.88 -10.49
N GLN B 962 -6.44 14.21 -9.52
CA GLN B 962 -5.85 12.99 -9.00
C GLN B 962 -5.87 11.91 -10.06
N LEU B 963 -6.77 12.04 -11.04
CA LEU B 963 -6.71 11.07 -12.13
C LEU B 963 -5.52 11.41 -13.03
N SER B 964 -5.01 12.64 -12.90
CA SER B 964 -3.79 13.09 -13.57
C SER B 964 -2.58 12.91 -12.66
N SER B 965 -2.81 12.43 -11.44
CA SER B 965 -1.73 12.17 -10.50
C SER B 965 -1.19 10.78 -10.80
N ASN B 966 0.12 10.62 -10.62
CA ASN B 966 0.70 9.35 -11.00
C ASN B 966 0.53 8.28 -9.92
N PHE B 967 0.55 8.66 -8.64
CA PHE B 967 0.45 7.77 -7.48
C PHE B 967 1.53 6.69 -7.43
N GLY B 968 2.69 6.88 -8.06
CA GLY B 968 3.73 5.88 -8.02
C GLY B 968 3.81 4.99 -9.24
N ALA B 969 2.83 5.05 -10.12
CA ALA B 969 2.76 4.26 -11.34
C ALA B 969 3.73 4.79 -12.39
N ILE B 970 3.99 3.96 -13.40
CA ILE B 970 4.80 4.41 -14.52
C ILE B 970 4.10 5.49 -15.33
N SER B 971 2.78 5.60 -15.24
CA SER B 971 2.02 6.61 -15.96
C SER B 971 0.69 6.83 -15.24
N SER B 972 0.23 8.07 -15.25
CA SER B 972 -1.08 8.39 -14.69
C SER B 972 -2.27 8.04 -15.58
N VAL B 973 -2.06 7.79 -16.87
CA VAL B 973 -3.19 7.59 -17.78
C VAL B 973 -3.47 6.08 -17.95
N LEU B 974 -4.69 5.73 -17.54
CA LEU B 974 -5.18 4.36 -17.48
C LEU B 974 -5.28 3.68 -18.84
N ASN B 975 -5.74 4.39 -19.87
CA ASN B 975 -5.87 3.76 -21.17
C ASN B 975 -4.52 3.40 -21.77
N ASP B 976 -3.52 4.23 -21.52
CA ASP B 976 -2.19 3.92 -22.02
C ASP B 976 -1.56 2.81 -21.21
N ILE B 977 -1.83 2.77 -19.89
CA ILE B 977 -1.29 1.65 -19.10
C ILE B 977 -1.88 0.33 -19.57
N LEU B 978 -3.21 0.27 -19.80
CA LEU B 978 -3.78 -0.99 -20.25
C LEU B 978 -3.40 -1.31 -21.69
N SER B 979 -3.04 -0.30 -22.49
CA SER B 979 -2.65 -0.56 -23.87
C SER B 979 -1.17 -0.88 -23.96
N ARG B 980 -0.43 -0.59 -22.89
CA ARG B 980 1.01 -0.69 -22.82
C ARG B 980 1.55 -1.80 -21.93
N LEU B 981 0.78 -2.29 -20.96
CA LEU B 981 1.30 -3.26 -20.01
C LEU B 981 0.52 -4.57 -20.11
N ASP B 982 1.26 -5.68 -20.06
CA ASP B 982 0.69 -7.00 -20.10
C ASP B 982 0.06 -7.32 -18.74
N PRO B 983 -0.89 -8.25 -18.68
CA PRO B 983 -1.57 -8.55 -17.39
C PRO B 983 -0.63 -8.99 -16.27
N PRO B 984 0.43 -9.82 -16.51
CA PRO B 984 1.28 -10.20 -15.37
C PRO B 984 1.99 -9.08 -14.62
N GLU B 985 2.54 -8.09 -15.31
CA GLU B 985 3.18 -6.97 -14.62
C GLU B 985 2.12 -5.93 -14.30
N ALA B 986 1.30 -5.62 -15.29
CA ALA B 986 0.13 -4.75 -15.16
C ALA B 986 -0.66 -5.02 -13.89
N GLU B 987 -0.77 -6.27 -13.40
CA GLU B 987 -1.57 -6.46 -12.19
C GLU B 987 -0.93 -5.76 -11.00
N VAL B 988 0.39 -5.81 -10.86
CA VAL B 988 1.02 -5.10 -9.74
C VAL B 988 0.97 -3.59 -9.98
N GLN B 989 1.25 -3.13 -11.21
CA GLN B 989 1.23 -1.67 -11.44
C GLN B 989 -0.18 -1.09 -11.33
N ILE B 990 -1.18 -1.83 -11.80
CA ILE B 990 -2.56 -1.39 -11.67
C ILE B 990 -2.99 -1.48 -10.22
N ASP B 991 -2.59 -2.54 -9.50
CA ASP B 991 -2.89 -2.64 -8.07
C ASP B 991 -2.34 -1.42 -7.34
N ARG B 992 -1.18 -0.95 -7.76
CA ARG B 992 -0.61 0.28 -7.20
C ARG B 992 -1.51 1.46 -7.54
N LEU B 993 -2.04 1.48 -8.77
CA LEU B 993 -2.95 2.55 -9.15
C LEU B 993 -4.26 2.49 -8.36
N ILE B 994 -4.81 1.29 -8.11
CA ILE B 994 -6.03 1.22 -7.30
C ILE B 994 -5.73 1.68 -5.88
N THR B 995 -4.60 1.27 -5.30
CA THR B 995 -4.31 1.71 -3.93
C THR B 995 -4.18 3.23 -3.87
N GLY B 996 -3.42 3.85 -4.78
CA GLY B 996 -3.29 5.30 -4.73
C GLY B 996 -4.57 6.03 -5.10
N ARG B 997 -5.25 5.59 -6.15
CA ARG B 997 -6.46 6.24 -6.63
C ARG B 997 -7.62 5.98 -5.68
N LEU B 998 -7.68 4.78 -5.11
CA LEU B 998 -8.68 4.42 -4.12
C LEU B 998 -8.46 5.17 -2.82
N GLN B 999 -7.21 5.35 -2.38
CA GLN B 999 -6.98 6.15 -1.19
C GLN B 999 -7.42 7.59 -1.47
N SER B 1000 -7.17 8.07 -2.69
CA SER B 1000 -7.59 9.42 -3.06
C SER B 1000 -9.10 9.51 -3.13
N LEU B 1001 -9.72 8.45 -3.68
CA LEU B 1001 -11.19 8.42 -3.83
C LEU B 1001 -11.82 8.07 -2.48
N GLN B 1002 -11.19 7.19 -1.71
CA GLN B 1002 -11.72 6.92 -0.34
C GLN B 1002 -11.59 8.24 0.42
N THR B 1003 -10.44 8.92 0.26
CA THR B 1003 -10.25 10.22 0.93
C THR B 1003 -11.32 11.16 0.40
N TYR B 1004 -11.58 11.16 -0.90
CA TYR B 1004 -12.55 12.14 -1.43
C TYR B 1004 -13.90 11.87 -0.79
N VAL B 1005 -14.32 10.60 -0.72
CA VAL B 1005 -15.67 10.26 -0.19
C VAL B 1005 -15.71 10.65 1.29
N THR B 1006 -14.64 10.38 2.03
CA THR B 1006 -14.62 10.67 3.48
C THR B 1006 -14.71 12.18 3.67
N GLN B 1007 -14.01 12.95 2.85
CA GLN B 1007 -14.00 14.42 2.98
C GLN B 1007 -15.42 14.89 2.69
N GLN B 1008 -16.05 14.29 1.68
CA GLN B 1008 -17.41 14.72 1.29
C GLN B 1008 -18.33 14.43 2.48
N LEU B 1009 -18.19 13.27 3.11
CA LEU B 1009 -19.05 12.87 4.24
C LEU B 1009 -18.84 13.82 5.43
N ILE B 1010 -17.58 14.20 5.68
CA ILE B 1010 -17.28 15.11 6.84
C ILE B 1010 -17.92 16.45 6.52
N ARG B 1011 -17.81 16.89 5.27
CA ARG B 1011 -18.45 18.15 4.85
C ARG B 1011 -19.93 17.85 4.92
N ALA B 1012 -20.29 16.65 4.45
CA ALA B 1012 -21.70 16.33 4.46
C ALA B 1012 -22.25 16.34 5.88
N ALA B 1013 -21.47 15.89 6.86
CA ALA B 1013 -21.93 15.94 8.24
C ALA B 1013 -22.08 17.38 8.71
N GLU B 1014 -21.13 18.23 8.32
CA GLU B 1014 -21.27 19.66 8.62
C GLU B 1014 -22.45 20.24 7.87
N ILE B 1015 -22.63 19.80 6.63
CA ILE B 1015 -23.75 20.18 5.80
C ILE B 1015 -25.05 19.67 6.40
N ARG B 1016 -25.06 18.46 6.97
CA ARG B 1016 -26.23 17.98 7.69
C ARG B 1016 -26.54 18.86 8.86
N ALA B 1017 -25.52 19.26 9.62
CA ALA B 1017 -25.78 20.16 10.73
C ALA B 1017 -26.33 21.48 10.20
N SER B 1018 -25.76 21.98 9.09
CA SER B 1018 -26.26 23.21 8.48
C SER B 1018 -27.65 23.01 7.89
N ALA B 1019 -27.90 21.88 7.23
CA ALA B 1019 -29.20 21.54 6.67
C ALA B 1019 -30.26 21.34 7.74
N ASN B 1020 -29.88 20.71 8.85
CA ASN B 1020 -30.79 20.54 9.98
C ASN B 1020 -31.04 21.90 10.59
N LEU B 1021 -30.00 22.72 10.58
CA LEU B 1021 -30.08 24.08 11.04
C LEU B 1021 -30.97 24.88 10.11
N ALA B 1022 -30.82 24.66 8.80
CA ALA B 1022 -31.63 25.31 7.78
C ALA B 1022 -33.08 24.88 7.88
N ALA B 1023 -33.33 23.60 8.12
CA ALA B 1023 -34.70 23.11 8.28
C ALA B 1023 -35.30 23.65 9.57
N THR B 1024 -34.48 23.70 10.62
CA THR B 1024 -34.90 24.27 11.88
C THR B 1024 -35.19 25.75 11.71
N LYS B 1025 -34.33 26.45 10.97
CA LYS B 1025 -34.55 27.86 10.67
C LYS B 1025 -35.77 28.02 9.78
N MET B 1026 -35.98 27.12 8.83
CA MET B 1026 -37.17 27.18 8.00
C MET B 1026 -38.42 27.09 8.85
N SER B 1027 -38.45 26.07 9.72
CA SER B 1027 -39.63 25.87 10.55
C SER B 1027 -39.77 26.98 11.58
N GLU B 1028 -38.69 27.36 12.25
CA GLU B 1028 -38.85 28.28 13.36
C GLU B 1028 -38.74 29.74 12.95
N CYS B 1029 -38.08 30.05 11.82
CA CYS B 1029 -37.84 31.40 11.36
C CYS B 1029 -38.78 31.76 10.22
N VAL B 1030 -39.22 30.77 9.43
CA VAL B 1030 -40.05 30.97 8.26
C VAL B 1030 -41.49 30.58 8.54
N LEU B 1031 -41.64 29.43 9.19
CA LEU B 1031 -42.91 28.86 9.57
C LEU B 1031 -43.24 29.24 11.00
N GLY B 1032 -42.58 30.28 11.49
CA GLY B 1032 -42.80 30.74 12.84
C GLY B 1032 -41.99 31.98 13.07
N GLN B 1033 -41.92 32.36 14.33
CA GLN B 1033 -41.11 33.48 14.77
C GLN B 1033 -40.31 32.98 15.96
N SER B 1034 -38.98 33.09 15.91
CA SER B 1034 -38.17 32.48 16.94
C SER B 1034 -37.94 33.46 18.08
N LYS B 1035 -37.87 32.92 19.29
CA LYS B 1035 -37.52 33.72 20.45
C LYS B 1035 -36.10 33.44 20.90
N ARG B 1036 -35.33 32.73 20.10
CA ARG B 1036 -33.93 32.48 20.42
C ARG B 1036 -33.15 33.67 19.90
N VAL B 1037 -32.50 34.40 20.80
CA VAL B 1037 -31.79 35.61 20.42
C VAL B 1037 -30.56 35.24 19.60
N ASP B 1038 -30.35 35.97 18.49
CA ASP B 1038 -29.24 35.83 17.55
C ASP B 1038 -29.20 34.45 16.87
N PHE B 1039 -30.31 33.70 16.94
CA PHE B 1039 -30.39 32.43 16.23
C PHE B 1039 -30.69 32.62 14.75
N CYS B 1040 -31.58 33.56 14.41
CA CYS B 1040 -32.02 33.74 13.04
C CYS B 1040 -31.55 35.09 12.53
N GLY B 1041 -30.27 35.41 12.67
CA GLY B 1041 -29.80 36.70 12.24
C GLY B 1041 -29.58 37.65 13.41
N LYS B 1042 -28.94 38.77 13.12
CA LYS B 1042 -28.53 39.73 14.14
C LYS B 1042 -29.66 40.72 14.37
N GLY B 1043 -30.30 40.59 15.53
CA GLY B 1043 -31.44 41.34 15.99
C GLY B 1043 -32.49 40.42 16.55
N TYR B 1044 -33.68 40.96 16.75
CA TYR B 1044 -34.81 40.17 17.21
C TYR B 1044 -35.52 39.67 15.96
N HIS B 1045 -35.60 38.36 15.80
CA HIS B 1045 -36.14 37.78 14.57
C HIS B 1045 -37.63 37.99 14.39
N LEU B 1046 -38.01 38.47 13.21
CA LEU B 1046 -39.41 38.50 12.86
C LEU B 1046 -39.77 37.37 11.90
N MET B 1047 -39.09 37.33 10.76
CA MET B 1047 -39.36 36.34 9.72
C MET B 1047 -38.21 36.30 8.74
N SER B 1048 -38.23 35.25 7.93
CA SER B 1048 -37.25 35.10 6.89
C SER B 1048 -37.91 34.64 5.61
N PHE B 1049 -37.17 34.85 4.53
CA PHE B 1049 -37.62 34.58 3.17
C PHE B 1049 -36.62 33.61 2.56
N PRO B 1050 -37.07 32.48 2.07
CA PRO B 1050 -36.15 31.59 1.36
C PRO B 1050 -35.91 32.16 -0.01
N GLN B 1051 -34.72 31.90 -0.53
CA GLN B 1051 -34.46 32.24 -1.91
C GLN B 1051 -33.72 31.07 -2.54
N SER B 1052 -34.08 30.77 -3.78
CA SER B 1052 -33.37 29.71 -4.47
C SER B 1052 -31.97 30.18 -4.80
N ALA B 1053 -31.03 29.27 -4.70
CA ALA B 1053 -29.67 29.57 -5.08
C ALA B 1053 -29.13 28.29 -5.66
N PRO B 1054 -28.10 28.36 -6.51
CA PRO B 1054 -27.48 27.13 -6.99
C PRO B 1054 -27.01 26.27 -5.83
N HIS B 1055 -27.62 25.10 -5.71
CA HIS B 1055 -27.29 24.10 -4.70
C HIS B 1055 -27.30 24.66 -3.27
N GLY B 1056 -28.22 25.58 -2.97
CA GLY B 1056 -28.22 26.16 -1.64
C GLY B 1056 -29.44 27.04 -1.42
N VAL B 1057 -29.46 27.69 -0.26
CA VAL B 1057 -30.58 28.53 0.14
C VAL B 1057 -30.04 29.88 0.63
N VAL B 1058 -30.81 30.93 0.35
CA VAL B 1058 -30.55 32.27 0.85
C VAL B 1058 -31.71 32.68 1.74
N PHE B 1059 -31.40 33.10 2.96
CA PHE B 1059 -32.42 33.56 3.88
C PHE B 1059 -32.31 35.07 3.99
N LEU B 1060 -33.43 35.74 3.86
CA LEU B 1060 -33.51 37.17 4.13
C LEU B 1060 -34.20 37.34 5.47
N HIS B 1061 -33.44 37.65 6.51
CA HIS B 1061 -33.99 37.74 7.85
C HIS B 1061 -34.39 39.15 8.17
N VAL B 1062 -35.64 39.31 8.58
CA VAL B 1062 -36.18 40.61 8.93
C VAL B 1062 -36.07 40.67 10.44
N THR B 1063 -35.25 41.59 10.93
CA THR B 1063 -34.96 41.69 12.34
C THR B 1063 -35.22 43.09 12.85
N TYR B 1064 -35.55 43.18 14.13
CA TYR B 1064 -35.71 44.44 14.82
C TYR B 1064 -34.38 44.71 15.51
N VAL B 1065 -33.77 45.85 15.19
CA VAL B 1065 -32.49 46.25 15.76
C VAL B 1065 -32.60 47.66 16.33
N PRO B 1066 -32.38 47.86 17.62
CA PRO B 1066 -32.33 49.21 18.19
C PRO B 1066 -31.31 50.11 17.54
N ALA B 1067 -31.67 51.38 17.37
CA ALA B 1067 -30.77 52.33 16.75
C ALA B 1067 -30.35 53.42 17.73
N GLN B 1068 -31.11 54.52 17.77
CA GLN B 1068 -30.70 55.67 18.55
C GLN B 1068 -30.69 55.39 20.06
N GLU B 1069 -29.74 56.02 20.75
CA GLU B 1069 -29.48 55.83 22.17
C GLU B 1069 -30.03 57.00 22.98
N LYS B 1070 -30.56 56.70 24.17
CA LYS B 1070 -30.92 57.72 25.15
C LYS B 1070 -30.72 57.16 26.56
N ASN B 1071 -30.10 57.96 27.43
CA ASN B 1071 -29.85 57.56 28.82
C ASN B 1071 -31.03 57.92 29.71
N PHE B 1072 -31.33 57.02 30.65
CA PHE B 1072 -32.35 57.21 31.67
C PHE B 1072 -31.87 56.59 32.99
N THR B 1073 -32.42 57.08 34.09
CA THR B 1073 -32.22 56.51 35.42
C THR B 1073 -33.33 55.48 35.68
N THR B 1074 -33.00 54.43 36.42
CA THR B 1074 -33.93 53.33 36.66
C THR B 1074 -34.09 53.04 38.14
N ALA B 1075 -34.97 52.07 38.43
CA ALA B 1075 -35.25 51.66 39.79
C ALA B 1075 -35.78 50.23 39.83
N PRO B 1076 -35.43 49.44 40.85
CA PRO B 1076 -35.93 48.06 40.89
C PRO B 1076 -37.41 47.92 41.24
N ALA B 1077 -38.04 48.90 41.89
CA ALA B 1077 -39.42 48.78 42.34
C ALA B 1077 -40.00 50.16 42.59
N ILE B 1078 -41.32 50.22 42.66
CA ILE B 1078 -42.05 51.45 42.99
C ILE B 1078 -42.85 51.24 44.28
N CYS B 1079 -42.69 52.17 45.22
CA CYS B 1079 -43.47 52.21 46.46
C CYS B 1079 -44.59 53.23 46.31
N HIS B 1080 -45.84 52.75 46.21
CA HIS B 1080 -46.93 53.72 46.04
C HIS B 1080 -47.67 54.01 47.34
N ASP B 1081 -48.43 53.04 47.84
CA ASP B 1081 -49.14 53.19 49.11
C ASP B 1081 -48.45 52.45 50.24
N GLY B 1082 -47.17 52.14 50.05
CA GLY B 1082 -46.38 51.33 50.95
C GLY B 1082 -46.17 49.93 50.44
N LYS B 1083 -46.92 49.56 49.39
CA LYS B 1083 -46.80 48.29 48.70
C LYS B 1083 -45.84 48.45 47.52
N ALA B 1084 -45.18 47.36 47.15
CA ALA B 1084 -44.26 47.38 46.02
C ALA B 1084 -45.03 46.98 44.76
N HIS B 1085 -45.08 47.89 43.79
CA HIS B 1085 -45.75 47.66 42.52
C HIS B 1085 -44.70 47.30 41.47
N PHE B 1086 -44.91 46.17 40.78
CA PHE B 1086 -43.94 45.79 39.77
C PHE B 1086 -44.60 45.76 38.39
N PRO B 1087 -43.87 46.10 37.34
CA PRO B 1087 -44.42 46.01 35.99
C PRO B 1087 -44.49 44.58 35.52
N ARG B 1088 -45.52 44.27 34.74
CA ARG B 1088 -45.59 42.94 34.16
C ARG B 1088 -44.71 42.83 32.93
N GLU B 1089 -44.62 43.88 32.12
CA GLU B 1089 -43.91 43.79 30.86
C GLU B 1089 -42.70 44.70 30.72
N GLY B 1090 -42.71 45.92 31.27
CA GLY B 1090 -41.58 46.76 30.95
C GLY B 1090 -40.59 47.25 31.99
N VAL B 1091 -39.99 48.41 31.71
CA VAL B 1091 -38.98 49.07 32.55
C VAL B 1091 -39.35 50.54 32.71
N PHE B 1092 -39.07 51.10 33.89
CA PHE B 1092 -39.42 52.47 34.20
C PHE B 1092 -38.43 53.49 33.62
N VAL B 1093 -38.96 54.60 33.05
CA VAL B 1093 -38.18 55.66 32.42
C VAL B 1093 -38.10 56.87 33.36
N SER B 1094 -36.90 57.44 33.49
CA SER B 1094 -36.63 58.61 34.36
C SER B 1094 -36.76 60.01 33.75
N ASN B 1095 -38.00 60.47 33.50
CA ASN B 1095 -38.15 61.83 32.97
C ASN B 1095 -37.47 62.85 33.89
N GLY B 1096 -37.68 62.70 35.19
CA GLY B 1096 -37.09 63.58 36.18
C GLY B 1096 -38.13 63.85 37.23
N THR B 1097 -39.40 63.76 36.81
CA THR B 1097 -40.58 63.95 37.64
C THR B 1097 -41.74 63.08 37.14
N HIS B 1098 -41.56 62.40 36.01
CA HIS B 1098 -42.63 61.66 35.35
C HIS B 1098 -42.12 60.28 34.94
N TRP B 1099 -41.97 59.38 35.90
CA TRP B 1099 -41.62 57.99 35.61
C TRP B 1099 -42.71 57.30 34.79
N PHE B 1100 -42.32 56.59 33.74
CA PHE B 1100 -43.31 55.90 32.90
C PHE B 1100 -42.72 54.51 32.68
N VAL B 1101 -43.53 53.55 32.25
CA VAL B 1101 -43.02 52.23 31.91
C VAL B 1101 -43.11 51.97 30.41
N THR B 1102 -42.05 51.35 29.86
CA THR B 1102 -41.96 51.10 28.43
C THR B 1102 -41.45 49.68 28.28
N GLN B 1103 -41.84 49.02 27.18
CA GLN B 1103 -41.26 47.72 26.87
C GLN B 1103 -39.77 47.89 26.63
N ARG B 1104 -39.01 46.86 26.97
CA ARG B 1104 -37.56 46.93 27.09
C ARG B 1104 -36.87 47.42 25.82
N ASN B 1105 -37.37 47.05 24.65
CA ASN B 1105 -36.66 47.35 23.40
C ASN B 1105 -37.20 48.55 22.61
N PHE B 1106 -38.09 49.37 23.16
CA PHE B 1106 -38.62 50.51 22.40
C PHE B 1106 -39.19 51.57 23.33
N TYR B 1107 -38.65 52.78 23.25
CA TYR B 1107 -39.11 53.87 24.12
C TYR B 1107 -40.51 54.30 23.71
N GLU B 1108 -41.49 54.09 24.59
CA GLU B 1108 -42.88 54.47 24.33
C GLU B 1108 -43.57 54.65 25.67
N PRO B 1109 -43.40 55.81 26.30
CA PRO B 1109 -43.86 55.99 27.68
C PRO B 1109 -45.37 55.94 27.81
N GLN B 1110 -45.81 55.22 28.85
CA GLN B 1110 -47.22 55.08 29.17
C GLN B 1110 -47.44 55.42 30.64
N ILE B 1111 -48.64 55.90 30.94
CA ILE B 1111 -49.02 56.25 32.32
C ILE B 1111 -48.98 54.99 33.18
N ILE B 1112 -48.46 55.12 34.39
CA ILE B 1112 -48.31 53.97 35.28
C ILE B 1112 -49.69 53.65 35.85
N THR B 1113 -50.20 52.47 35.55
CA THR B 1113 -51.53 52.07 36.00
C THR B 1113 -51.48 50.63 36.49
N THR B 1114 -52.58 50.20 37.11
CA THR B 1114 -52.73 48.81 37.55
C THR B 1114 -52.98 47.84 36.40
N ASP B 1115 -53.17 48.32 35.17
CA ASP B 1115 -53.40 47.43 34.06
C ASP B 1115 -52.11 46.99 33.38
N ASN B 1116 -50.99 47.61 33.76
CA ASN B 1116 -49.68 47.28 33.24
C ASN B 1116 -48.70 47.05 34.37
N THR B 1117 -49.19 47.01 35.61
CA THR B 1117 -48.40 46.69 36.80
C THR B 1117 -49.18 45.70 37.64
N PHE B 1118 -48.47 45.11 38.60
CA PHE B 1118 -49.09 44.26 39.60
C PHE B 1118 -48.48 44.57 40.96
N VAL B 1119 -49.21 44.22 42.02
CA VAL B 1119 -48.81 44.53 43.38
C VAL B 1119 -48.51 43.22 44.10
N SER B 1120 -47.35 43.15 44.75
CA SER B 1120 -46.98 41.97 45.52
C SER B 1120 -45.96 42.35 46.59
N GLY B 1121 -46.33 42.21 47.85
CA GLY B 1121 -45.43 42.55 48.94
C GLY B 1121 -45.32 44.04 49.11
N ASN B 1122 -44.37 44.46 49.95
CA ASN B 1122 -44.21 45.87 50.19
C ASN B 1122 -42.82 46.39 49.83
N CYS B 1123 -42.71 47.71 49.89
CA CYS B 1123 -41.54 48.51 49.52
C CYS B 1123 -40.48 48.60 50.62
N ASP B 1124 -40.72 47.99 51.78
CA ASP B 1124 -39.82 48.12 52.92
C ASP B 1124 -38.59 47.23 52.79
N VAL B 1125 -38.53 46.35 51.80
CA VAL B 1125 -37.38 45.47 51.65
C VAL B 1125 -36.54 45.77 50.40
N VAL B 1126 -37.09 46.36 49.35
CA VAL B 1126 -36.33 46.54 48.12
C VAL B 1126 -35.41 47.77 48.23
N ILE B 1127 -34.16 47.58 47.84
CA ILE B 1127 -33.10 48.59 47.86
C ILE B 1127 -33.07 49.44 46.59
N GLY B 1128 -33.36 50.74 46.71
CA GLY B 1128 -33.25 51.64 45.57
C GLY B 1128 -34.50 52.26 44.98
N ILE B 1129 -35.66 52.10 45.63
CA ILE B 1129 -36.93 52.63 45.12
C ILE B 1129 -36.89 54.15 44.99
N VAL B 1130 -37.52 54.67 43.92
CA VAL B 1130 -37.48 56.09 43.53
C VAL B 1130 -38.74 56.83 43.96
N ASN B 1131 -39.60 56.17 44.72
CA ASN B 1131 -40.83 56.67 45.33
C ASN B 1131 -41.75 57.39 44.33
N ASN B 1132 -42.17 56.69 43.26
CA ASN B 1132 -43.11 57.34 42.33
C ASN B 1132 -44.57 56.92 42.62
N THR B 1133 -45.50 57.55 41.89
CA THR B 1133 -46.94 57.36 42.02
C THR B 1133 -47.50 56.34 41.02
N VAL B 1134 -48.45 55.53 41.45
CA VAL B 1134 -49.14 54.59 40.60
C VAL B 1134 -50.60 55.04 40.50
N TYR B 1135 -51.26 54.71 39.38
CA TYR B 1135 -52.66 55.08 39.16
C TYR B 1135 -53.51 53.82 39.14
N ASP B 1136 -54.73 53.94 39.64
CA ASP B 1136 -55.69 52.83 39.70
C ASP B 1136 -56.92 53.17 38.86
N PRO B 1137 -56.77 53.30 37.52
CA PRO B 1137 -57.79 53.76 36.55
C PRO B 1137 -59.19 53.16 36.72
N CYS C 15 41.70 -28.17 45.54
CA CYS C 15 40.43 -27.85 46.17
C CYS C 15 39.95 -28.96 47.12
N VAL C 16 39.24 -28.54 48.16
CA VAL C 16 38.70 -29.43 49.19
C VAL C 16 37.20 -29.17 49.37
N ASN C 17 36.43 -30.26 49.45
CA ASN C 17 34.98 -30.21 49.58
C ASN C 17 34.68 -30.17 51.08
N LEU C 18 34.11 -29.05 51.52
CA LEU C 18 33.77 -28.78 52.91
C LEU C 18 32.38 -29.30 53.24
N THR C 19 32.31 -30.18 54.24
CA THR C 19 31.08 -30.83 54.66
C THR C 19 30.59 -30.39 56.04
N THR C 20 31.43 -29.71 56.82
CA THR C 20 31.07 -29.26 58.16
C THR C 20 30.18 -28.01 58.04
N ARG C 21 28.96 -28.26 57.57
CA ARG C 21 27.97 -27.24 57.24
C ARG C 21 26.64 -27.69 57.81
N THR C 22 25.93 -26.80 58.50
CA THR C 22 24.61 -27.17 58.99
C THR C 22 23.62 -27.23 57.83
N GLN C 23 22.80 -28.27 57.83
CA GLN C 23 21.84 -28.55 56.75
C GLN C 23 20.42 -28.15 57.17
N LEU C 24 20.00 -26.97 56.73
CA LEU C 24 18.67 -26.46 56.99
C LEU C 24 17.97 -26.20 55.65
N PRO C 25 16.65 -26.19 55.62
CA PRO C 25 15.96 -25.84 54.37
C PRO C 25 16.15 -24.37 54.04
N PRO C 26 15.99 -23.98 52.77
CA PRO C 26 16.11 -22.57 52.39
C PRO C 26 15.09 -21.68 53.11
N ALA C 27 15.53 -20.47 53.44
CA ALA C 27 14.67 -19.47 54.04
C ALA C 27 14.10 -18.57 52.95
N TYR C 28 13.02 -17.87 53.27
CA TYR C 28 12.40 -16.99 52.29
C TYR C 28 12.10 -15.63 52.92
N THR C 29 12.17 -14.60 52.09
CA THR C 29 11.88 -13.22 52.48
C THR C 29 11.13 -12.54 51.35
N ASN C 30 10.83 -11.26 51.52
CA ASN C 30 10.08 -10.47 50.56
C ASN C 30 11.06 -9.55 49.83
N SER C 31 11.07 -9.65 48.49
CA SER C 31 11.95 -8.83 47.67
C SER C 31 11.56 -7.35 47.64
N PHE C 32 10.34 -7.01 48.05
CA PHE C 32 9.76 -5.67 47.98
C PHE C 32 9.84 -5.06 46.58
N THR C 33 10.57 -3.97 46.42
CA THR C 33 10.66 -3.26 45.15
C THR C 33 12.07 -3.24 44.57
N ARG C 34 12.92 -4.17 44.98
CA ARG C 34 14.30 -4.21 44.50
C ARG C 34 14.40 -4.97 43.18
N GLY C 35 15.51 -4.78 42.48
CA GLY C 35 15.82 -5.53 41.28
C GLY C 35 15.53 -4.89 39.94
N VAL C 36 15.18 -3.62 39.89
CA VAL C 36 14.96 -2.92 38.64
C VAL C 36 16.27 -2.30 38.17
N TYR C 37 16.59 -2.47 36.89
CA TYR C 37 17.84 -1.96 36.33
C TYR C 37 17.59 -1.20 35.03
N TYR C 38 18.61 -0.45 34.60
CA TYR C 38 18.55 0.34 33.37
C TYR C 38 18.46 -0.55 32.14
N PRO C 39 17.36 -0.51 31.37
CA PRO C 39 17.21 -1.47 30.26
C PRO C 39 18.11 -1.17 29.08
N ASP C 40 18.69 0.03 29.03
CA ASP C 40 19.50 0.49 27.91
C ASP C 40 20.54 1.44 28.47
N LYS C 41 21.36 2.01 27.59
CA LYS C 41 22.47 2.88 27.94
C LYS C 41 22.19 4.30 27.41
N VAL C 42 20.90 4.63 27.28
CA VAL C 42 20.42 5.87 26.68
C VAL C 42 19.73 6.72 27.74
N PHE C 43 20.01 8.03 27.72
CA PHE C 43 19.42 8.98 28.65
C PHE C 43 18.00 9.34 28.24
N ARG C 44 17.10 9.30 29.20
CA ARG C 44 15.76 9.80 29.01
C ARG C 44 15.39 10.50 30.31
N SER C 45 14.53 11.50 30.22
CA SER C 45 14.20 12.26 31.41
C SER C 45 12.78 12.80 31.31
N SER C 46 12.15 12.93 32.48
CA SER C 46 10.77 13.42 32.62
C SER C 46 9.82 12.66 31.70
N VAL C 47 10.04 11.35 31.58
CA VAL C 47 9.21 10.50 30.74
C VAL C 47 8.88 9.23 31.51
N LEU C 48 7.82 8.57 31.07
CA LEU C 48 7.51 7.23 31.52
C LEU C 48 7.71 6.36 30.29
N HIS C 49 8.67 5.44 30.34
CA HIS C 49 9.00 4.64 29.17
C HIS C 49 8.74 3.18 29.52
N SER C 50 7.98 2.50 28.66
CA SER C 50 7.64 1.11 28.85
C SER C 50 8.62 0.23 28.09
N THR C 51 9.26 -0.69 28.81
CA THR C 51 10.26 -1.58 28.24
C THR C 51 9.94 -3.02 28.64
N GLN C 52 10.08 -3.94 27.69
CA GLN C 52 9.93 -5.36 27.94
C GLN C 52 11.31 -6.00 27.93
N ASP C 53 11.73 -6.50 29.09
CA ASP C 53 13.07 -7.06 29.26
C ASP C 53 13.02 -8.02 30.44
N LEU C 54 14.16 -8.63 30.75
CA LEU C 54 14.25 -9.55 31.87
C LEU C 54 14.55 -8.72 33.12
N PHE C 55 13.58 -8.61 34.03
CA PHE C 55 13.68 -7.84 35.26
C PHE C 55 13.22 -8.71 36.43
N LEU C 56 13.71 -8.38 37.63
CA LEU C 56 13.24 -9.04 38.85
C LEU C 56 11.85 -8.51 39.23
N PRO C 57 10.85 -9.39 39.32
CA PRO C 57 9.49 -8.96 39.69
C PRO C 57 9.39 -8.34 41.07
N PHE C 58 8.45 -7.39 41.19
CA PHE C 58 8.14 -6.80 42.47
C PHE C 58 7.43 -7.80 43.38
N PHE C 59 7.77 -7.75 44.67
CA PHE C 59 7.21 -8.59 45.72
C PHE C 59 7.37 -10.09 45.43
N SER C 60 8.40 -10.47 44.67
CA SER C 60 8.64 -11.88 44.40
C SER C 60 9.13 -12.59 45.65
N ASN C 61 8.74 -13.85 45.82
CA ASN C 61 9.32 -14.63 46.91
C ASN C 61 10.73 -15.03 46.48
N VAL C 62 11.71 -14.65 47.29
CA VAL C 62 13.12 -14.78 46.98
C VAL C 62 13.77 -15.71 47.99
N THR C 63 14.45 -16.74 47.50
CA THR C 63 15.15 -17.66 48.38
C THR C 63 16.31 -16.94 49.08
N TRP C 64 16.44 -17.20 50.37
CA TRP C 64 17.29 -16.45 51.27
C TRP C 64 18.36 -17.32 51.90
N PHE C 65 19.63 -16.93 51.71
CA PHE C 65 20.81 -17.64 52.19
C PHE C 65 21.62 -16.76 53.12
N HIS C 66 22.32 -17.41 54.04
CA HIS C 66 23.21 -16.73 54.99
C HIS C 66 24.66 -17.11 54.72
N ARG C 78 26.97 -19.38 60.55
CA ARG C 78 27.26 -20.70 60.02
C ARG C 78 28.14 -20.59 58.78
N PHE C 79 27.79 -21.34 57.73
CA PHE C 79 28.42 -21.21 56.43
C PHE C 79 27.46 -21.71 55.37
N ASP C 80 26.45 -20.88 55.03
CA ASP C 80 25.33 -21.29 54.20
C ASP C 80 25.54 -20.77 52.78
N ASN C 81 25.65 -21.71 51.82
CA ASN C 81 25.93 -21.43 50.41
C ASN C 81 25.77 -22.67 49.52
N PRO C 82 24.57 -23.16 49.25
CA PRO C 82 24.43 -24.25 48.29
C PRO C 82 24.43 -23.74 46.85
N VAL C 83 24.37 -24.69 45.93
CA VAL C 83 24.21 -24.41 44.51
C VAL C 83 22.75 -24.10 44.18
N LEU C 84 22.54 -23.04 43.39
CA LEU C 84 21.17 -22.67 43.06
C LEU C 84 20.92 -22.76 41.56
N PRO C 85 19.68 -23.00 41.13
CA PRO C 85 19.34 -22.90 39.71
C PRO C 85 19.42 -21.49 39.16
N PHE C 86 19.73 -21.40 37.86
CA PHE C 86 19.72 -20.18 37.07
C PHE C 86 18.80 -20.37 35.88
N ASN C 87 17.70 -19.60 35.79
CA ASN C 87 16.71 -19.88 34.79
C ASN C 87 16.82 -18.87 33.66
N ASP C 88 16.12 -17.73 33.71
CA ASP C 88 16.29 -16.68 32.72
C ASP C 88 17.40 -15.72 33.10
N GLY C 89 17.63 -15.56 34.39
CA GLY C 89 18.65 -14.69 34.92
C GLY C 89 18.41 -14.52 36.41
N VAL C 90 19.40 -13.93 37.08
CA VAL C 90 19.29 -13.70 38.51
C VAL C 90 19.67 -12.29 38.90
N TYR C 91 19.13 -11.89 40.05
CA TYR C 91 19.45 -10.66 40.74
C TYR C 91 20.26 -11.04 41.96
N PHE C 92 21.40 -10.37 42.15
CA PHE C 92 22.28 -10.69 43.27
C PHE C 92 22.57 -9.43 44.05
N ALA C 93 22.45 -9.52 45.37
CA ALA C 93 22.79 -8.44 46.28
C ALA C 93 23.40 -9.06 47.54
N SER C 94 24.37 -8.37 48.12
CA SER C 94 25.00 -8.81 49.35
C SER C 94 25.10 -7.67 50.34
N THR C 95 24.91 -7.99 51.61
CA THR C 95 25.14 -7.05 52.69
C THR C 95 26.28 -7.64 53.54
N GLU C 96 27.38 -6.91 53.63
CA GLU C 96 28.60 -7.49 54.18
C GLU C 96 29.45 -6.48 54.95
N LYS C 97 30.29 -7.02 55.84
CA LYS C 97 31.34 -6.26 56.52
C LYS C 97 32.76 -6.69 56.21
N SER C 98 32.99 -7.85 55.61
CA SER C 98 34.38 -8.23 55.39
C SER C 98 34.62 -8.83 54.01
N ASN C 99 33.79 -8.47 53.03
CA ASN C 99 33.94 -8.82 51.61
C ASN C 99 34.26 -10.30 51.40
N ILE C 100 33.27 -11.14 51.68
CA ILE C 100 33.50 -12.58 51.59
C ILE C 100 33.24 -13.12 50.19
N ILE C 101 32.27 -12.56 49.45
CA ILE C 101 31.95 -13.03 48.11
C ILE C 101 33.10 -12.72 47.16
N ARG C 102 33.46 -13.71 46.31
CA ARG C 102 34.58 -13.57 45.38
C ARG C 102 34.19 -13.57 43.91
N GLY C 103 33.14 -14.29 43.51
CA GLY C 103 32.84 -14.35 42.09
C GLY C 103 31.94 -15.52 41.76
N TRP C 104 31.88 -15.84 40.47
CA TRP C 104 30.96 -16.83 39.95
C TRP C 104 31.57 -17.67 38.85
N ILE C 105 31.03 -18.87 38.72
CA ILE C 105 31.34 -19.82 37.65
C ILE C 105 30.07 -19.93 36.83
N PHE C 106 30.17 -19.78 35.52
CA PHE C 106 28.99 -19.88 34.67
C PHE C 106 29.17 -21.01 33.68
N GLY C 107 28.07 -21.70 33.41
CA GLY C 107 28.13 -22.79 32.47
C GLY C 107 26.81 -23.53 32.44
N THR C 108 26.89 -24.74 31.92
CA THR C 108 25.83 -25.73 31.76
C THR C 108 25.98 -26.79 32.83
N THR C 109 27.23 -27.12 33.12
CA THR C 109 27.67 -28.06 34.12
C THR C 109 28.62 -27.40 35.12
N LEU C 110 29.33 -26.34 34.71
CA LEU C 110 30.23 -25.55 35.54
C LEU C 110 31.42 -26.36 36.04
N ASP C 111 31.82 -27.35 35.23
CA ASP C 111 32.90 -28.28 35.51
C ASP C 111 33.79 -28.42 34.28
N SER C 112 34.15 -27.28 33.69
CA SER C 112 35.00 -27.15 32.51
C SER C 112 34.41 -27.75 31.24
N LYS C 113 33.15 -28.22 31.29
CA LYS C 113 32.48 -28.76 30.12
C LYS C 113 32.00 -27.69 29.16
N THR C 114 31.80 -26.47 29.64
CA THR C 114 31.38 -25.34 28.83
C THR C 114 32.31 -24.17 29.10
N GLN C 115 32.23 -23.14 28.26
CA GLN C 115 33.04 -21.95 28.48
C GLN C 115 32.55 -21.21 29.72
N SER C 116 33.50 -20.74 30.51
CA SER C 116 33.19 -20.02 31.74
C SER C 116 34.03 -18.77 31.86
N LEU C 117 33.49 -17.82 32.60
CA LEU C 117 34.13 -16.53 32.86
C LEU C 117 34.51 -16.58 34.34
N LEU C 118 35.75 -16.23 34.64
CA LEU C 118 36.28 -16.25 35.98
C LEU C 118 36.64 -14.84 36.41
N ILE C 119 36.10 -14.44 37.56
CA ILE C 119 36.35 -13.13 38.12
C ILE C 119 37.14 -13.35 39.40
N VAL C 120 38.40 -12.94 39.38
CA VAL C 120 39.30 -13.08 40.50
C VAL C 120 39.17 -11.81 41.33
N ASN C 121 39.62 -11.86 42.58
CA ASN C 121 39.54 -10.70 43.45
C ASN C 121 40.50 -9.62 42.94
N ASN C 122 40.15 -8.36 43.25
CA ASN C 122 40.92 -7.17 42.89
C ASN C 122 42.21 -6.99 43.66
N ALA C 123 42.52 -7.87 44.63
CA ALA C 123 43.78 -7.77 45.37
C ALA C 123 44.97 -7.73 44.42
N THR C 124 44.97 -8.60 43.41
CA THR C 124 45.95 -8.46 42.33
C THR C 124 45.52 -7.40 41.32
N ASN C 125 44.43 -7.67 40.60
CA ASN C 125 43.80 -6.73 39.66
C ASN C 125 42.36 -7.19 39.43
N VAL C 126 41.47 -6.24 39.14
CA VAL C 126 40.11 -6.62 38.79
C VAL C 126 40.17 -7.30 37.43
N VAL C 127 39.85 -8.58 37.37
CA VAL C 127 40.05 -9.30 36.12
C VAL C 127 38.89 -10.26 35.87
N ILE C 128 38.33 -10.17 34.67
CA ILE C 128 37.36 -11.13 34.17
C ILE C 128 38.11 -11.85 33.06
N LYS C 129 38.41 -13.12 33.25
CA LYS C 129 39.16 -13.88 32.26
C LYS C 129 38.19 -14.88 31.65
N VAL C 130 37.91 -14.72 30.35
CA VAL C 130 37.01 -15.62 29.64
C VAL C 130 37.86 -16.66 28.90
N CYS C 131 38.90 -17.15 29.57
CA CYS C 131 39.71 -18.21 28.99
C CYS C 131 39.09 -19.58 29.27
N GLU C 132 39.53 -20.56 28.49
CA GLU C 132 39.10 -21.95 28.68
C GLU C 132 39.97 -22.58 29.75
N PHE C 133 39.40 -22.79 30.94
CA PHE C 133 40.12 -23.35 32.07
C PHE C 133 39.69 -24.79 32.31
N GLN C 134 40.64 -25.59 32.79
CA GLN C 134 40.35 -26.92 33.32
C GLN C 134 40.22 -26.79 34.84
N PHE C 135 38.97 -26.72 35.31
CA PHE C 135 38.71 -26.51 36.72
C PHE C 135 38.69 -27.84 37.46
N CYS C 136 38.94 -27.77 38.77
CA CYS C 136 38.75 -28.93 39.63
C CYS C 136 37.25 -29.16 39.83
N ASN C 137 36.90 -30.33 40.37
CA ASN C 137 35.50 -30.70 40.54
C ASN C 137 34.82 -30.00 41.72
N ASP C 138 35.50 -29.08 42.40
CA ASP C 138 34.89 -28.21 43.41
C ASP C 138 35.68 -26.91 43.45
N PRO C 139 35.58 -26.10 42.38
CA PRO C 139 36.42 -24.90 42.29
C PRO C 139 36.06 -23.77 43.23
N PHE C 140 37.10 -23.04 43.62
CA PHE C 140 37.04 -21.87 44.49
C PHE C 140 38.39 -21.19 44.31
N LEU C 141 38.52 -19.99 44.86
CA LEU C 141 39.83 -19.36 44.93
C LEU C 141 40.29 -19.21 46.37
N GLY C 142 41.60 -19.09 46.54
CA GLY C 142 42.19 -18.99 47.85
C GLY C 142 43.12 -17.79 47.94
N VAL C 143 43.35 -17.38 49.18
CA VAL C 143 44.16 -16.21 49.46
C VAL C 143 45.10 -16.46 50.62
N TRP C 152 46.40 -11.08 57.73
CA TRP C 152 45.88 -11.92 56.67
C TRP C 152 46.59 -11.50 55.38
N MET C 153 47.31 -12.41 54.73
CA MET C 153 48.04 -12.09 53.51
C MET C 153 47.81 -13.19 52.48
N GLU C 154 47.87 -12.81 51.21
CA GLU C 154 47.73 -13.81 50.15
C GLU C 154 48.99 -14.65 49.99
N SER C 155 48.78 -15.96 49.83
CA SER C 155 49.87 -16.90 49.59
C SER C 155 49.49 -17.84 48.45
N GLU C 156 48.41 -18.58 48.70
CA GLU C 156 47.92 -19.62 47.80
C GLU C 156 47.21 -19.08 46.57
N PHE C 157 47.38 -19.78 45.45
CA PHE C 157 46.61 -19.56 44.22
C PHE C 157 46.25 -20.95 43.75
N ARG C 158 45.03 -21.38 44.02
CA ARG C 158 44.61 -22.76 43.78
C ARG C 158 43.27 -22.83 43.05
N VAL C 159 43.19 -22.19 41.89
CA VAL C 159 41.97 -22.13 41.11
C VAL C 159 41.98 -23.13 39.97
N TYR C 160 43.10 -23.24 39.29
CA TYR C 160 43.28 -24.12 38.14
C TYR C 160 44.73 -24.58 38.06
N SER C 161 44.95 -25.64 37.29
CA SER C 161 46.31 -26.11 37.05
C SER C 161 46.69 -25.75 35.61
N SER C 162 46.20 -26.54 34.65
CA SER C 162 46.43 -26.25 33.24
C SER C 162 45.56 -25.09 32.79
N ALA C 163 46.09 -24.29 31.85
CA ALA C 163 45.33 -23.14 31.36
C ALA C 163 45.88 -22.73 30.00
N ASN C 164 45.13 -23.03 28.95
CA ASN C 164 45.46 -22.64 27.59
C ASN C 164 44.14 -22.43 26.84
N ASN C 165 44.26 -22.13 25.55
CA ASN C 165 43.12 -21.85 24.66
C ASN C 165 42.30 -20.65 25.18
N CYS C 166 43.01 -19.57 25.46
CA CYS C 166 42.42 -18.30 25.89
C CYS C 166 41.84 -17.53 24.73
N THR C 167 40.59 -17.10 24.87
CA THR C 167 39.87 -16.40 23.83
C THR C 167 39.58 -14.94 24.16
N PHE C 168 39.43 -14.58 25.43
CA PHE C 168 39.14 -13.20 25.78
C PHE C 168 39.75 -12.84 27.13
N GLU C 169 40.24 -11.59 27.23
CA GLU C 169 40.69 -11.05 28.51
C GLU C 169 40.40 -9.56 28.55
N TYR C 170 40.02 -9.08 29.74
CA TYR C 170 39.79 -7.67 30.03
C TYR C 170 40.21 -7.45 31.47
N VAL C 171 40.95 -6.39 31.77
CA VAL C 171 41.31 -6.10 33.16
C VAL C 171 40.93 -4.67 33.54
N SER C 172 40.02 -4.54 34.50
CA SER C 172 39.62 -3.27 35.09
C SER C 172 40.67 -2.74 36.06
N GLN C 173 40.72 -1.42 36.21
CA GLN C 173 41.53 -0.64 37.15
C GLN C 173 41.55 -1.18 38.58
N PRO C 174 42.74 -1.36 39.15
CA PRO C 174 42.89 -1.92 40.52
C PRO C 174 42.11 -1.20 41.62
N PHE C 175 41.58 -2.00 42.56
CA PHE C 175 40.80 -1.63 43.75
C PHE C 175 41.18 -2.61 44.86
N LEU C 176 40.29 -2.86 45.84
CA LEU C 176 40.64 -3.81 46.90
C LEU C 176 39.40 -4.30 47.65
N MET C 177 39.22 -5.63 47.61
CA MET C 177 38.17 -6.41 48.29
C MET C 177 38.76 -6.98 49.59
N ASP C 178 38.31 -6.47 50.74
CA ASP C 178 38.71 -6.93 52.08
C ASP C 178 38.77 -8.46 52.11
N LEU C 179 39.95 -8.97 52.46
CA LEU C 179 40.24 -10.40 52.44
C LEU C 179 40.02 -11.12 53.77
N GLU C 180 39.43 -10.46 54.76
CA GLU C 180 39.19 -11.11 56.04
C GLU C 180 38.04 -10.49 56.82
N ASN C 185 23.85 -1.04 61.52
CA ASN C 185 23.68 -1.04 60.07
C ASN C 185 24.90 -1.56 59.30
N PHE C 186 24.67 -2.10 58.11
CA PHE C 186 25.74 -2.58 57.25
C PHE C 186 26.17 -1.43 56.32
N LYS C 187 27.31 -1.57 55.66
CA LYS C 187 27.77 -0.49 54.78
C LYS C 187 28.01 -0.82 53.31
N ASN C 188 28.40 -2.03 52.91
CA ASN C 188 28.82 -2.27 51.53
C ASN C 188 27.87 -3.21 50.78
N LEU C 189 27.34 -2.70 49.66
CA LEU C 189 26.46 -3.44 48.74
C LEU C 189 27.12 -3.65 47.38
N ARG C 190 27.15 -4.90 46.93
CA ARG C 190 27.60 -5.25 45.59
C ARG C 190 26.44 -5.92 44.90
N GLU C 191 26.09 -5.43 43.72
CA GLU C 191 24.94 -5.90 42.97
C GLU C 191 25.38 -6.42 41.61
N PHE C 192 24.80 -7.53 41.19
CA PHE C 192 25.08 -8.11 39.88
C PHE C 192 23.80 -8.55 39.19
N VAL C 193 23.78 -8.34 37.88
CA VAL C 193 22.77 -8.86 36.97
C VAL C 193 23.47 -9.66 35.88
N PHE C 194 22.99 -10.87 35.62
CA PHE C 194 23.62 -11.77 34.64
C PHE C 194 22.61 -11.95 33.53
N LYS C 195 22.93 -11.41 32.36
CA LYS C 195 22.10 -11.46 31.16
C LYS C 195 22.77 -12.14 29.99
N ASN C 196 21.95 -12.74 29.13
CA ASN C 196 22.44 -13.34 27.88
C ASN C 196 21.55 -12.78 26.77
N ILE C 197 21.86 -11.57 26.31
CA ILE C 197 21.02 -10.88 25.33
C ILE C 197 21.91 -10.38 24.19
N ASP C 198 21.52 -10.75 22.96
CA ASP C 198 22.03 -10.24 21.67
C ASP C 198 23.55 -10.10 21.64
N GLY C 199 24.27 -11.07 22.21
CA GLY C 199 25.71 -10.99 22.14
C GLY C 199 26.39 -10.30 23.32
N TYR C 200 25.65 -9.69 24.24
CA TYR C 200 26.25 -9.03 25.39
C TYR C 200 26.05 -9.79 26.69
N PHE C 201 27.13 -9.91 27.47
CA PHE C 201 27.01 -10.32 28.86
C PHE C 201 27.12 -8.98 29.57
N LYS C 202 26.01 -8.45 30.03
CA LYS C 202 26.00 -7.10 30.55
C LYS C 202 25.97 -7.18 32.08
N ILE C 203 26.94 -6.52 32.73
CA ILE C 203 27.07 -6.49 34.18
C ILE C 203 26.81 -5.09 34.73
N TYR C 204 25.87 -5.01 35.66
CA TYR C 204 25.54 -3.79 36.37
C TYR C 204 25.86 -3.95 37.84
N SER C 205 26.21 -2.83 38.49
CA SER C 205 26.52 -2.86 39.91
C SER C 205 26.15 -1.51 40.50
N LYS C 206 25.88 -1.51 41.80
CA LYS C 206 25.54 -0.29 42.52
C LYS C 206 26.10 -0.38 43.92
N HIS C 207 26.60 0.74 44.44
CA HIS C 207 27.11 0.84 45.79
C HIS C 207 26.25 1.85 46.53
N THR C 208 25.63 1.43 47.64
CA THR C 208 24.75 2.30 48.42
C THR C 208 24.92 2.01 49.90
N PRO C 209 24.53 2.95 50.75
CA PRO C 209 24.30 2.63 52.17
C PRO C 209 23.06 1.78 52.34
N ILE C 210 23.07 0.99 53.42
CA ILE C 210 21.93 0.16 53.82
C ILE C 210 21.78 0.32 55.33
N ASN C 211 20.59 0.00 55.83
CA ASN C 211 20.37 0.10 57.27
C ASN C 211 19.57 -1.08 57.82
N LEU C 212 19.35 -2.13 57.04
CA LEU C 212 18.69 -3.32 57.56
C LEU C 212 19.75 -4.25 58.12
N VAL C 213 19.38 -5.04 59.13
CA VAL C 213 20.28 -6.08 59.60
C VAL C 213 20.16 -7.36 58.76
N ARG C 214 18.93 -7.81 58.53
CA ARG C 214 18.70 -9.16 58.01
C ARG C 214 17.74 -9.22 56.83
N ASP C 215 17.57 -8.13 56.09
CA ASP C 215 16.58 -8.15 55.01
C ASP C 215 16.93 -7.09 53.97
N LEU C 216 16.09 -7.01 52.94
CA LEU C 216 16.14 -6.01 51.87
C LEU C 216 15.34 -4.78 52.25
N PRO C 217 15.91 -3.59 52.06
CA PRO C 217 15.25 -2.36 52.52
C PRO C 217 13.99 -2.11 51.72
N GLN C 218 13.09 -1.30 52.29
CA GLN C 218 11.98 -0.82 51.50
C GLN C 218 12.40 0.52 50.92
N GLY C 219 12.03 0.74 49.66
CA GLY C 219 12.46 1.91 48.93
C GLY C 219 12.86 1.41 47.56
N PHE C 220 13.36 2.28 46.69
CA PHE C 220 13.59 1.89 45.31
C PHE C 220 15.00 2.31 44.92
N SER C 221 15.66 1.48 44.12
CA SER C 221 16.92 1.86 43.50
C SER C 221 17.06 1.16 42.16
N ALA C 222 17.80 1.81 41.26
CA ALA C 222 18.08 1.31 39.92
C ALA C 222 19.56 0.99 39.80
N LEU C 223 19.87 -0.07 39.06
CA LEU C 223 21.24 -0.55 38.93
C LEU C 223 21.94 0.15 37.77
N GLU C 224 23.01 0.87 38.07
CA GLU C 224 23.72 1.52 36.99
C GLU C 224 24.73 0.54 36.36
N PRO C 225 25.00 0.67 35.07
CA PRO C 225 26.09 -0.11 34.46
C PRO C 225 27.47 0.27 34.95
N LEU C 226 28.30 -0.75 35.14
CA LEU C 226 29.68 -0.59 35.56
C LEU C 226 30.60 -0.76 34.37
N VAL C 227 30.38 -1.82 33.60
CA VAL C 227 31.15 -2.14 32.41
C VAL C 227 30.25 -3.00 31.54
N ASP C 228 30.35 -2.83 30.22
CA ASP C 228 29.60 -3.65 29.26
C ASP C 228 30.57 -4.65 28.66
N LEU C 229 30.44 -5.91 29.06
CA LEU C 229 31.40 -6.92 28.65
C LEU C 229 30.85 -7.57 27.38
N PRO C 230 31.55 -7.48 26.23
CA PRO C 230 31.01 -7.97 24.95
C PRO C 230 31.16 -9.47 24.65
N ILE C 231 30.59 -10.33 25.50
CA ILE C 231 30.67 -11.79 25.30
C ILE C 231 29.29 -12.42 25.29
N GLY C 232 28.92 -12.97 24.14
CA GLY C 232 27.65 -13.62 23.89
C GLY C 232 27.68 -15.07 24.34
N ILE C 233 27.73 -15.32 25.65
CA ILE C 233 27.92 -16.66 26.20
C ILE C 233 26.59 -17.16 26.76
N ASN C 234 26.34 -18.45 26.58
CA ASN C 234 25.13 -19.11 27.06
C ASN C 234 25.31 -19.61 28.50
N ILE C 235 24.66 -18.92 29.43
CA ILE C 235 24.78 -19.20 30.86
C ILE C 235 23.43 -19.72 31.38
N THR C 236 23.47 -20.91 31.97
CA THR C 236 22.28 -21.53 32.54
C THR C 236 22.48 -22.01 33.97
N ARG C 237 23.71 -22.02 34.48
CA ARG C 237 24.00 -22.52 35.82
C ARG C 237 25.05 -21.61 36.44
N PHE C 238 25.00 -21.43 37.75
CA PHE C 238 26.04 -20.64 38.39
C PHE C 238 26.27 -21.10 39.82
N GLN C 239 27.42 -20.72 40.36
CA GLN C 239 27.80 -21.03 41.72
C GLN C 239 28.47 -19.79 42.31
N THR C 240 28.28 -19.55 43.60
CA THR C 240 28.82 -18.38 44.24
C THR C 240 30.16 -18.74 44.88
N LEU C 241 31.17 -17.89 44.65
CA LEU C 241 32.49 -18.08 45.23
C LEU C 241 32.63 -17.29 46.52
N LEU C 242 33.03 -17.96 47.59
CA LEU C 242 33.24 -17.32 48.87
C LEU C 242 34.68 -17.56 49.33
N ALA C 243 35.20 -16.64 50.13
CA ALA C 243 36.49 -16.85 50.78
C ALA C 243 36.34 -16.86 52.30
N TRP C 258 40.88 -21.23 57.64
CA TRP C 258 40.21 -20.06 57.10
C TRP C 258 39.07 -19.75 58.06
N THR C 259 38.57 -18.51 58.04
CA THR C 259 37.51 -18.11 58.94
C THR C 259 36.41 -17.43 58.12
N ALA C 260 35.25 -17.26 58.74
CA ALA C 260 34.12 -16.61 58.10
C ALA C 260 33.92 -15.18 58.61
N GLY C 261 33.43 -14.33 57.71
CA GLY C 261 33.05 -12.98 58.04
C GLY C 261 31.55 -12.83 58.28
N ALA C 262 31.15 -11.59 58.53
CA ALA C 262 29.75 -11.24 58.74
C ALA C 262 29.18 -10.78 57.41
N ALA C 263 28.35 -11.63 56.80
CA ALA C 263 27.77 -11.34 55.48
C ALA C 263 26.59 -12.26 55.20
N ALA C 264 25.77 -11.83 54.25
CA ALA C 264 24.69 -12.63 53.69
C ALA C 264 24.44 -12.16 52.26
N TYR C 265 23.84 -13.03 51.46
CA TYR C 265 23.48 -12.65 50.09
C TYR C 265 22.13 -13.22 49.72
N TYR C 266 21.50 -12.57 48.74
CA TYR C 266 20.14 -12.86 48.32
C TYR C 266 20.13 -13.08 46.82
N VAL C 267 19.38 -14.06 46.34
CA VAL C 267 19.27 -14.33 44.91
C VAL C 267 17.80 -14.42 44.52
N GLY C 268 17.40 -13.64 43.51
CA GLY C 268 16.06 -13.68 42.97
C GLY C 268 16.13 -14.09 41.50
N TYR C 269 14.97 -14.26 40.88
CA TYR C 269 14.94 -14.69 39.48
C TYR C 269 14.15 -13.76 38.58
N LEU C 270 14.70 -13.58 37.38
CA LEU C 270 14.17 -12.76 36.30
C LEU C 270 13.30 -13.58 35.34
N GLN C 271 12.28 -12.92 34.80
CA GLN C 271 11.41 -13.45 33.76
C GLN C 271 11.22 -12.35 32.72
N PRO C 272 10.90 -12.71 31.45
CA PRO C 272 10.51 -11.66 30.50
C PRO C 272 9.23 -10.95 30.94
N ARG C 273 9.37 -9.69 31.30
CA ARG C 273 8.26 -8.89 31.77
C ARG C 273 8.35 -7.50 31.17
N THR C 274 7.23 -6.81 31.12
CA THR C 274 7.18 -5.43 30.66
C THR C 274 7.13 -4.53 31.88
N PHE C 275 8.07 -3.60 31.97
CA PHE C 275 8.13 -2.64 33.05
C PHE C 275 8.02 -1.24 32.47
N LEU C 276 7.27 -0.38 33.14
CA LEU C 276 7.18 1.03 32.81
C LEU C 276 8.06 1.80 33.80
N LEU C 277 9.12 2.42 33.29
CA LEU C 277 10.14 3.05 34.10
C LEU C 277 10.01 4.57 34.15
N LYS C 278 10.10 5.13 35.36
CA LYS C 278 9.97 6.57 35.59
C LYS C 278 11.34 7.24 35.69
N TYR C 279 11.64 8.14 34.76
CA TYR C 279 12.91 8.85 34.79
C TYR C 279 12.68 10.23 35.38
N ASN C 280 13.51 10.60 36.36
CA ASN C 280 13.43 11.89 37.05
C ASN C 280 14.23 12.97 36.31
N GLU C 281 14.36 14.13 36.98
CA GLU C 281 15.05 15.29 36.43
C GLU C 281 16.52 15.03 36.12
N ASN C 282 17.19 14.15 36.87
CA ASN C 282 18.59 13.86 36.60
C ASN C 282 18.71 12.65 35.69
N GLY C 283 17.58 12.15 35.23
CA GLY C 283 17.54 10.98 34.38
C GLY C 283 17.72 9.70 35.17
N THR C 284 17.50 9.76 36.49
CA THR C 284 17.57 8.61 37.37
C THR C 284 16.21 7.98 37.54
N ILE C 285 16.17 6.65 37.50
CA ILE C 285 14.93 5.93 37.71
C ILE C 285 14.62 5.91 39.21
N THR C 286 13.44 6.42 39.57
CA THR C 286 13.06 6.58 40.96
C THR C 286 11.96 5.62 41.40
N ASP C 287 11.22 5.04 40.46
CA ASP C 287 10.22 4.04 40.75
C ASP C 287 10.08 3.16 39.51
N ALA C 288 9.27 2.10 39.62
CA ALA C 288 9.02 1.19 38.51
C ALA C 288 7.80 0.35 38.83
N VAL C 289 7.10 -0.09 37.79
CA VAL C 289 5.97 -1.02 37.92
C VAL C 289 6.19 -2.26 37.06
N ASP C 290 6.06 -3.43 37.67
CA ASP C 290 6.04 -4.71 36.96
C ASP C 290 4.58 -4.91 36.56
N CYS C 291 4.24 -4.66 35.29
CA CYS C 291 2.83 -4.65 34.94
C CYS C 291 2.15 -6.03 35.00
N ALA C 292 2.88 -7.12 35.21
CA ALA C 292 2.25 -8.43 35.25
C ALA C 292 2.06 -8.95 36.68
N LEU C 293 2.31 -8.12 37.69
CA LEU C 293 2.12 -8.55 39.07
C LEU C 293 0.62 -8.68 39.40
N ASP C 294 -0.17 -7.67 39.07
CA ASP C 294 -1.59 -7.68 39.38
C ASP C 294 -2.30 -6.77 38.38
N PRO C 295 -3.65 -6.82 38.32
CA PRO C 295 -4.37 -5.98 37.34
C PRO C 295 -4.21 -4.49 37.53
N LEU C 296 -3.81 -4.05 38.73
CA LEU C 296 -3.60 -2.61 38.88
C LEU C 296 -2.29 -2.26 38.22
N SER C 297 -1.31 -3.15 38.32
CA SER C 297 -0.05 -2.93 37.61
C SER C 297 -0.24 -3.01 36.10
N GLU C 298 -1.11 -3.90 35.57
CA GLU C 298 -1.38 -3.84 34.12
C GLU C 298 -2.03 -2.50 33.75
N THR C 299 -2.95 -2.00 34.58
CA THR C 299 -3.53 -0.69 34.30
C THR C 299 -2.46 0.40 34.28
N LYS C 300 -1.54 0.36 35.25
CA LYS C 300 -0.42 1.30 35.30
C LYS C 300 0.44 1.22 34.05
N CYS C 301 0.70 -0.01 33.59
CA CYS C 301 1.50 -0.22 32.39
C CYS C 301 0.82 0.28 31.13
N THR C 302 -0.48 0.02 30.99
CA THR C 302 -1.24 0.48 29.84
C THR C 302 -1.39 1.99 29.78
N LEU C 303 -1.62 2.63 30.93
CA LEU C 303 -1.92 4.07 30.98
C LEU C 303 -0.70 4.98 31.05
N LYS C 304 0.52 4.44 31.06
CA LYS C 304 1.76 5.21 31.17
C LYS C 304 1.76 6.17 32.36
N SER C 305 1.32 5.67 33.51
CA SER C 305 1.28 6.48 34.72
C SER C 305 1.32 5.59 35.94
N PHE C 306 1.83 6.13 37.05
CA PHE C 306 1.83 5.42 38.31
C PHE C 306 0.61 5.76 39.15
N THR C 307 -0.23 6.67 38.66
CA THR C 307 -1.47 7.04 39.29
C THR C 307 -2.58 6.79 38.27
N VAL C 308 -3.66 6.14 38.70
CA VAL C 308 -4.75 5.82 37.80
C VAL C 308 -6.00 6.52 38.32
N GLU C 309 -6.68 7.22 37.43
CA GLU C 309 -7.91 7.92 37.73
C GLU C 309 -9.10 6.96 37.69
N LYS C 310 -10.21 7.40 38.26
CA LYS C 310 -11.47 6.67 38.21
C LYS C 310 -11.93 6.47 36.76
N GLY C 311 -12.30 5.23 36.44
CA GLY C 311 -12.72 4.92 35.08
C GLY C 311 -12.63 3.44 34.79
N ILE C 312 -12.73 3.12 33.50
CA ILE C 312 -12.68 1.75 32.99
C ILE C 312 -11.45 1.65 32.13
N TYR C 313 -10.61 0.65 32.36
CA TYR C 313 -9.39 0.58 31.58
C TYR C 313 -9.29 -0.81 30.96
N GLN C 314 -8.98 -0.85 29.67
CA GLN C 314 -8.74 -2.10 28.94
C GLN C 314 -7.24 -2.37 28.93
N THR C 315 -6.81 -3.43 29.62
CA THR C 315 -5.40 -3.66 29.88
C THR C 315 -4.84 -4.87 29.16
N SER C 316 -5.66 -5.86 28.82
CA SER C 316 -5.18 -7.08 28.18
C SER C 316 -6.35 -7.72 27.45
N ASN C 317 -6.15 -8.96 27.03
CA ASN C 317 -7.18 -9.75 26.35
C ASN C 317 -7.16 -11.18 26.89
N PHE C 318 -8.33 -11.67 27.28
CA PHE C 318 -8.46 -13.03 27.80
C PHE C 318 -8.61 -14.03 26.67
N ARG C 319 -8.02 -15.19 26.87
CA ARG C 319 -8.14 -16.25 25.87
C ARG C 319 -8.14 -17.58 26.58
N VAL C 320 -9.10 -18.43 26.23
CA VAL C 320 -9.09 -19.79 26.74
C VAL C 320 -8.03 -20.53 25.93
N GLN C 321 -7.15 -21.18 26.60
CA GLN C 321 -6.15 -21.82 25.77
C GLN C 321 -6.59 -23.23 25.42
N PRO C 322 -6.26 -23.70 24.22
CA PRO C 322 -6.57 -25.09 23.89
C PRO C 322 -5.73 -26.03 24.73
N THR C 323 -6.31 -27.16 25.10
CA THR C 323 -5.63 -28.13 25.94
C THR C 323 -5.30 -29.41 25.18
N GLU C 324 -5.91 -29.63 24.04
CA GLU C 324 -5.66 -30.80 23.23
C GLU C 324 -5.54 -30.37 21.78
N SER C 325 -4.81 -31.17 21.02
CA SER C 325 -4.68 -30.98 19.58
C SER C 325 -5.40 -32.17 18.96
N ILE C 326 -6.52 -31.89 18.32
CA ILE C 326 -7.39 -32.93 17.75
C ILE C 326 -7.20 -32.89 16.24
N VAL C 327 -6.75 -34.01 15.68
CA VAL C 327 -6.61 -34.10 14.20
C VAL C 327 -7.51 -35.23 13.72
N ARG C 328 -8.56 -34.92 12.95
CA ARG C 328 -9.41 -36.00 12.37
C ARG C 328 -9.25 -35.92 10.86
N PHE C 329 -8.88 -37.03 10.21
CA PHE C 329 -8.61 -37.02 8.75
C PHE C 329 -9.28 -38.23 8.10
N PRO C 330 -9.47 -38.28 6.78
CA PRO C 330 -10.19 -39.40 6.14
C PRO C 330 -9.51 -40.75 6.41
N ASN C 331 -10.31 -41.81 6.53
CA ASN C 331 -9.77 -43.16 6.88
C ASN C 331 -8.81 -43.70 5.81
N ILE C 332 -8.93 -43.24 4.56
CA ILE C 332 -8.09 -43.84 3.47
C ILE C 332 -6.62 -43.77 3.89
N THR C 333 -5.88 -44.86 3.72
CA THR C 333 -4.47 -44.90 4.21
C THR C 333 -3.54 -45.38 3.10
N ASN C 334 -4.06 -45.90 1.98
CA ASN C 334 -3.18 -46.24 0.88
C ASN C 334 -2.39 -45.03 0.43
N LEU C 335 -1.10 -45.22 0.20
CA LEU C 335 -0.25 -44.11 -0.22
C LEU C 335 -0.70 -43.62 -1.59
N CYS C 336 -0.79 -42.31 -1.75
CA CYS C 336 -1.18 -41.74 -3.02
C CYS C 336 -0.18 -42.06 -4.12
N PRO C 337 -0.65 -42.26 -5.37
CA PRO C 337 0.27 -42.62 -6.44
C PRO C 337 1.18 -41.49 -6.91
N PHE C 338 1.88 -40.85 -5.96
CA PHE C 338 2.92 -39.90 -6.32
C PHE C 338 4.13 -40.63 -6.90
N GLY C 339 4.32 -41.88 -6.50
CA GLY C 339 5.30 -42.70 -7.20
C GLY C 339 4.86 -42.92 -8.63
N GLU C 340 3.57 -43.17 -8.84
CA GLU C 340 3.03 -43.36 -10.19
C GLU C 340 3.07 -42.07 -11.02
N VAL C 341 3.28 -40.92 -10.37
CA VAL C 341 3.38 -39.65 -11.08
C VAL C 341 4.85 -39.35 -11.34
N PHE C 342 5.66 -39.21 -10.29
CA PHE C 342 7.05 -38.81 -10.52
C PHE C 342 7.85 -39.95 -11.13
N ASN C 343 7.63 -41.17 -10.67
CA ASN C 343 8.38 -42.35 -11.08
C ASN C 343 7.57 -43.08 -12.16
N ALA C 344 7.09 -42.29 -13.10
CA ALA C 344 6.72 -42.77 -14.42
C ALA C 344 7.95 -43.02 -15.29
N THR C 345 7.95 -44.14 -16.00
CA THR C 345 9.07 -44.50 -16.86
C THR C 345 9.21 -43.49 -17.99
N ARG C 346 8.09 -43.10 -18.60
CA ARG C 346 8.08 -42.18 -19.72
C ARG C 346 6.93 -41.21 -19.51
N PHE C 347 7.20 -39.93 -19.77
CA PHE C 347 6.20 -38.88 -19.66
C PHE C 347 5.75 -38.40 -21.03
N ALA C 348 4.59 -37.74 -21.04
CA ALA C 348 4.03 -37.15 -22.24
C ALA C 348 4.81 -35.90 -22.65
N SER C 349 4.74 -35.58 -23.94
CA SER C 349 5.41 -34.39 -24.44
C SER C 349 4.74 -33.11 -23.91
N VAL C 350 5.46 -32.00 -24.10
CA VAL C 350 5.03 -30.70 -23.59
C VAL C 350 3.80 -30.14 -24.33
N TYR C 351 3.43 -30.62 -25.52
CA TYR C 351 2.23 -30.01 -26.08
C TYR C 351 1.00 -30.76 -25.60
N ALA C 352 1.15 -32.08 -25.46
CA ALA C 352 0.09 -33.00 -25.04
C ALA C 352 0.36 -33.59 -23.67
N TRP C 353 0.83 -32.75 -22.74
CA TRP C 353 1.29 -33.19 -21.43
C TRP C 353 0.17 -33.91 -20.71
N ASN C 354 0.52 -34.94 -19.96
CA ASN C 354 -0.50 -35.71 -19.28
C ASN C 354 -1.06 -34.96 -18.08
N ARG C 355 -2.17 -35.48 -17.58
CA ARG C 355 -2.92 -34.89 -16.47
C ARG C 355 -3.47 -36.05 -15.64
N LYS C 356 -2.77 -36.37 -14.57
CA LYS C 356 -3.17 -37.49 -13.73
C LYS C 356 -3.76 -36.85 -12.48
N ARG C 357 -5.07 -36.96 -12.32
CA ARG C 357 -5.73 -36.43 -11.14
C ARG C 357 -5.59 -37.43 -10.01
N ILE C 358 -5.22 -36.94 -8.82
CA ILE C 358 -5.11 -37.80 -7.65
C ILE C 358 -6.14 -37.37 -6.62
N SER C 359 -6.89 -38.34 -6.11
CA SER C 359 -7.91 -38.09 -5.11
C SER C 359 -8.09 -39.35 -4.27
N ASN C 360 -8.62 -39.14 -3.06
CA ASN C 360 -9.08 -40.20 -2.16
C ASN C 360 -7.95 -41.15 -1.76
N CYS C 361 -6.92 -40.57 -1.14
CA CYS C 361 -5.80 -41.32 -0.56
C CYS C 361 -5.02 -40.37 0.35
N VAL C 362 -3.96 -40.88 0.95
CA VAL C 362 -3.07 -40.08 1.79
C VAL C 362 -1.81 -39.76 0.99
N ALA C 363 -1.47 -38.48 0.91
CA ALA C 363 -0.35 -37.99 0.10
C ALA C 363 0.87 -37.74 0.99
N ASP C 364 1.83 -38.67 0.93
CA ASP C 364 3.07 -38.56 1.69
C ASP C 364 3.99 -37.52 1.04
N TYR C 365 3.79 -36.25 1.40
CA TYR C 365 4.63 -35.17 0.90
C TYR C 365 6.05 -35.18 1.49
N SER C 366 6.32 -36.05 2.47
CA SER C 366 7.67 -36.18 3.01
C SER C 366 8.69 -36.50 1.93
N VAL C 367 8.37 -37.46 1.04
CA VAL C 367 9.26 -37.82 -0.05
C VAL C 367 9.55 -36.64 -0.98
N LEU C 368 8.70 -35.63 -1.01
CA LEU C 368 9.00 -34.40 -1.74
C LEU C 368 9.80 -33.41 -0.90
N TYR C 369 9.45 -33.26 0.38
CA TYR C 369 10.08 -32.23 1.20
C TYR C 369 11.54 -32.57 1.51
N ASN C 370 11.80 -33.80 1.94
CA ASN C 370 13.15 -34.14 2.39
C ASN C 370 14.10 -34.50 1.26
N SER C 371 13.60 -34.70 0.04
CA SER C 371 14.42 -35.11 -1.08
C SER C 371 15.38 -34.02 -1.52
N ALA C 372 16.58 -34.46 -1.96
CA ALA C 372 17.62 -33.58 -2.45
C ALA C 372 17.87 -33.70 -3.94
N SER C 373 17.39 -34.76 -4.60
CA SER C 373 17.57 -34.92 -6.03
C SER C 373 16.87 -33.83 -6.83
N PHE C 374 15.87 -33.16 -6.25
CA PHE C 374 15.17 -32.07 -6.91
C PHE C 374 16.10 -30.87 -6.96
N SER C 375 16.58 -30.54 -8.16
CA SER C 375 17.56 -29.47 -8.31
C SER C 375 16.98 -28.12 -7.91
N THR C 376 15.83 -27.76 -8.48
CA THR C 376 15.16 -26.52 -8.14
C THR C 376 13.75 -26.88 -7.67
N PHE C 377 13.47 -26.54 -6.42
CA PHE C 377 12.14 -26.61 -5.83
C PHE C 377 11.83 -25.17 -5.43
N LYS C 378 11.41 -24.38 -6.40
CA LYS C 378 11.12 -22.97 -6.20
C LYS C 378 9.61 -22.84 -6.34
N CYS C 379 8.95 -22.68 -5.19
CA CYS C 379 7.57 -23.13 -5.02
C CYS C 379 6.66 -21.97 -4.67
N TYR C 380 5.69 -21.70 -5.54
CA TYR C 380 4.83 -20.54 -5.37
C TYR C 380 3.68 -20.95 -4.47
N GLY C 381 2.75 -20.02 -4.23
CA GLY C 381 1.51 -20.38 -3.58
C GLY C 381 1.60 -20.81 -2.13
N VAL C 382 2.33 -21.90 -1.87
CA VAL C 382 2.54 -22.42 -0.53
C VAL C 382 4.04 -22.57 -0.25
N SER C 383 4.35 -22.85 1.02
CA SER C 383 5.74 -22.98 1.45
C SER C 383 6.38 -24.20 0.80
N PRO C 384 7.67 -24.14 0.43
CA PRO C 384 8.24 -25.25 -0.34
C PRO C 384 8.55 -26.47 0.52
N THR C 385 8.61 -26.34 1.85
CA THR C 385 8.99 -27.46 2.69
C THR C 385 7.76 -28.09 3.37
N LYS C 386 7.01 -27.30 4.13
CA LYS C 386 5.91 -27.81 4.94
C LYS C 386 4.59 -27.92 4.17
N LEU C 387 4.61 -28.83 3.18
CA LEU C 387 3.43 -29.22 2.40
C LEU C 387 2.51 -30.17 3.16
N ASN C 388 3.02 -30.90 4.15
CA ASN C 388 2.28 -31.99 4.77
C ASN C 388 1.10 -31.51 5.61
N ASP C 389 1.03 -30.22 5.91
CA ASP C 389 0.06 -29.67 6.86
C ASP C 389 -1.07 -28.91 6.14
N LEU C 390 -1.45 -29.37 4.95
CA LEU C 390 -2.59 -28.81 4.22
C LEU C 390 -3.42 -29.91 3.60
N CYS C 391 -4.71 -29.65 3.41
CA CYS C 391 -5.57 -30.57 2.68
C CYS C 391 -6.14 -29.90 1.45
N PHE C 392 -6.03 -30.58 0.32
CA PHE C 392 -6.36 -30.00 -0.97
C PHE C 392 -7.69 -30.56 -1.46
N THR C 393 -8.48 -29.68 -2.09
CA THR C 393 -9.71 -30.10 -2.76
C THR C 393 -9.40 -31.04 -3.92
N ASN C 394 -8.37 -30.71 -4.68
CA ASN C 394 -7.97 -31.51 -5.82
C ASN C 394 -6.53 -31.16 -6.15
N VAL C 395 -5.76 -32.17 -6.52
CA VAL C 395 -4.35 -32.00 -6.86
C VAL C 395 -4.18 -32.45 -8.30
N TYR C 396 -3.40 -31.69 -9.04
CA TYR C 396 -3.18 -31.94 -10.45
C TYR C 396 -1.69 -32.17 -10.63
N ALA C 397 -1.32 -32.94 -11.65
CA ALA C 397 0.07 -33.31 -11.84
C ALA C 397 0.31 -33.25 -13.35
N ASP C 398 0.79 -32.10 -13.81
CA ASP C 398 1.20 -31.95 -15.20
C ASP C 398 2.70 -32.18 -15.24
N SER C 399 3.11 -33.31 -15.81
CA SER C 399 4.54 -33.62 -15.93
C SER C 399 4.93 -33.65 -17.40
N PHE C 400 6.00 -32.95 -17.73
CA PHE C 400 6.49 -32.88 -19.10
C PHE C 400 7.98 -32.55 -19.07
N VAL C 401 8.54 -32.23 -20.23
CA VAL C 401 9.98 -32.04 -20.41
C VAL C 401 10.21 -30.75 -21.18
N ILE C 402 11.07 -29.88 -20.65
CA ILE C 402 11.44 -28.63 -21.31
C ILE C 402 12.95 -28.46 -21.25
N ARG C 403 13.57 -28.16 -22.38
CA ARG C 403 14.98 -27.77 -22.41
C ARG C 403 15.16 -26.69 -23.48
N GLY C 404 16.42 -26.43 -23.81
CA GLY C 404 16.80 -25.38 -24.72
C GLY C 404 16.79 -24.03 -24.03
N ASP C 405 15.89 -23.15 -24.40
CA ASP C 405 15.63 -21.97 -23.59
C ASP C 405 14.55 -22.31 -22.58
N GLU C 406 14.12 -21.31 -21.81
CA GLU C 406 12.98 -21.39 -20.88
C GLU C 406 13.08 -22.54 -19.88
N VAL C 407 14.31 -22.88 -19.45
CA VAL C 407 14.52 -23.98 -18.53
C VAL C 407 13.77 -23.78 -17.22
N ARG C 408 13.63 -22.53 -16.78
CA ARG C 408 12.87 -22.18 -15.59
C ARG C 408 12.00 -20.96 -15.84
N GLN C 409 11.37 -20.90 -17.01
CA GLN C 409 10.50 -19.79 -17.37
C GLN C 409 9.04 -20.17 -17.14
N ILE C 410 8.82 -21.33 -16.50
CA ILE C 410 7.47 -21.81 -16.16
C ILE C 410 7.14 -21.23 -14.78
N ALA C 411 6.43 -20.10 -14.78
CA ALA C 411 6.16 -19.39 -13.55
C ALA C 411 4.98 -18.47 -13.80
N PRO C 412 4.14 -18.22 -12.77
CA PRO C 412 2.98 -17.34 -12.97
C PRO C 412 3.42 -15.92 -13.29
N GLY C 413 3.17 -15.53 -14.53
CA GLY C 413 3.56 -14.22 -14.97
C GLY C 413 4.81 -14.23 -15.82
N GLN C 414 4.90 -15.21 -16.71
CA GLN C 414 6.05 -15.38 -17.59
C GLN C 414 5.59 -15.58 -19.02
N THR C 415 6.46 -15.24 -19.96
CA THR C 415 6.16 -15.33 -21.38
C THR C 415 7.35 -15.83 -22.17
N GLY C 416 7.06 -16.41 -23.32
CA GLY C 416 8.08 -16.93 -24.22
C GLY C 416 7.48 -17.95 -25.15
N LYS C 417 8.36 -18.58 -25.94
CA LYS C 417 7.91 -19.56 -26.93
C LYS C 417 7.40 -20.82 -26.26
N ILE C 418 8.03 -21.24 -25.17
CA ILE C 418 7.65 -22.49 -24.56
C ILE C 418 6.55 -22.25 -23.54
N ALA C 419 6.72 -21.21 -22.73
CA ALA C 419 5.82 -20.90 -21.63
C ALA C 419 4.56 -20.17 -22.07
N ASP C 420 4.42 -19.79 -23.34
CA ASP C 420 3.25 -19.04 -23.77
C ASP C 420 2.44 -19.71 -24.88
N TYR C 421 3.08 -20.47 -25.76
CA TYR C 421 2.41 -21.04 -26.93
C TYR C 421 2.33 -22.56 -26.87
N ASN C 422 2.75 -23.19 -25.78
CA ASN C 422 2.63 -24.63 -25.59
C ASN C 422 1.98 -24.98 -24.26
N TYR C 423 2.29 -24.24 -23.20
CA TYR C 423 1.71 -24.49 -21.89
C TYR C 423 1.79 -23.17 -21.14
N LYS C 424 0.67 -22.45 -21.08
CA LYS C 424 0.63 -21.11 -20.51
C LYS C 424 0.15 -21.27 -19.07
N LEU C 425 1.10 -21.30 -18.16
CA LEU C 425 0.76 -21.36 -16.74
C LEU C 425 0.07 -20.06 -16.34
N PRO C 426 -1.10 -20.12 -15.71
CA PRO C 426 -1.88 -18.91 -15.46
C PRO C 426 -1.20 -17.95 -14.50
N ASP C 427 -1.64 -16.69 -14.56
CA ASP C 427 -1.04 -15.65 -13.75
C ASP C 427 -1.58 -15.65 -12.33
N ASP C 428 -2.69 -16.34 -12.08
CA ASP C 428 -3.23 -16.59 -10.75
C ASP C 428 -2.85 -17.97 -10.22
N PHE C 429 -1.76 -18.54 -10.72
CA PHE C 429 -1.39 -19.93 -10.44
C PHE C 429 -1.16 -20.16 -8.95
N THR C 430 -1.91 -21.10 -8.39
CA THR C 430 -1.74 -21.55 -7.01
C THR C 430 -1.23 -22.98 -7.06
N GLY C 431 -0.01 -23.18 -6.62
CA GLY C 431 0.66 -24.46 -6.69
C GLY C 431 2.15 -24.20 -6.83
N CYS C 432 2.83 -25.13 -7.53
CA CYS C 432 4.25 -24.99 -7.85
C CYS C 432 4.85 -26.06 -8.73
N VAL C 433 6.16 -25.92 -8.94
CA VAL C 433 6.91 -26.63 -9.97
C VAL C 433 8.10 -27.34 -9.34
N ILE C 434 8.16 -28.66 -9.52
CA ILE C 434 9.34 -29.45 -9.21
C ILE C 434 10.09 -29.68 -10.51
N ALA C 435 11.38 -29.31 -10.54
CA ALA C 435 12.22 -29.50 -11.70
C ALA C 435 13.56 -30.06 -11.27
N TRP C 436 14.07 -31.01 -12.04
CA TRP C 436 15.37 -31.61 -11.81
C TRP C 436 15.97 -32.12 -13.12
N ASN C 437 17.28 -31.96 -13.28
CA ASN C 437 17.94 -32.41 -14.50
C ASN C 437 17.87 -33.93 -14.63
N SER C 438 17.63 -34.41 -15.84
CA SER C 438 17.54 -35.85 -16.10
C SER C 438 18.60 -36.54 -16.97
N ASN C 439 19.91 -36.22 -16.87
CA ASN C 439 20.87 -36.90 -17.76
C ASN C 439 20.87 -38.40 -17.53
N ASN C 440 20.72 -38.84 -16.29
CA ASN C 440 20.85 -40.26 -15.96
C ASN C 440 19.75 -41.05 -16.68
N LEU C 441 18.55 -40.48 -16.76
CA LEU C 441 17.39 -41.24 -17.33
C LEU C 441 16.85 -40.66 -18.65
N ASP C 442 16.24 -39.46 -18.62
CA ASP C 442 15.57 -38.92 -19.84
C ASP C 442 16.57 -38.24 -20.77
N SER C 443 17.51 -39.00 -21.33
CA SER C 443 18.45 -38.45 -22.34
C SER C 443 18.93 -39.63 -23.19
N LYS C 444 19.36 -39.38 -24.42
CA LYS C 444 19.87 -40.47 -25.30
C LYS C 444 21.12 -39.94 -26.00
N VAL C 445 22.06 -40.82 -26.35
CA VAL C 445 23.32 -40.31 -26.97
C VAL C 445 22.93 -39.61 -28.27
N GLY C 446 22.09 -40.25 -29.08
CA GLY C 446 21.57 -39.55 -30.27
C GLY C 446 20.66 -38.43 -29.81
N GLY C 447 19.80 -38.72 -28.83
CA GLY C 447 18.88 -37.70 -28.29
C GLY C 447 17.42 -38.13 -28.39
N ASN C 448 16.63 -37.89 -27.34
CA ASN C 448 15.20 -38.13 -27.40
C ASN C 448 14.52 -37.10 -28.29
N TYR C 449 14.43 -37.38 -29.59
CA TYR C 449 13.73 -36.46 -30.46
C TYR C 449 12.25 -36.80 -30.50
N ASN C 450 11.65 -36.90 -29.30
CA ASN C 450 10.23 -37.32 -29.20
C ASN C 450 9.40 -36.31 -28.40
N TYR C 451 10.02 -35.23 -27.91
CA TYR C 451 9.19 -34.21 -27.21
C TYR C 451 8.90 -33.06 -28.16
N LEU C 452 7.67 -33.00 -28.69
CA LEU C 452 7.30 -31.96 -29.69
C LEU C 452 7.17 -30.61 -28.97
N TYR C 453 7.74 -29.53 -29.52
CA TYR C 453 7.67 -28.25 -28.76
C TYR C 453 6.79 -27.18 -29.43
N ARG C 454 6.42 -27.32 -30.71
CA ARG C 454 5.43 -26.39 -31.34
C ARG C 454 5.73 -24.91 -31.07
N LEU C 455 6.83 -24.35 -31.59
CA LEU C 455 7.20 -22.96 -31.21
C LEU C 455 6.05 -21.99 -31.51
N PHE C 456 5.41 -22.11 -32.67
CA PHE C 456 4.32 -21.17 -33.03
C PHE C 456 3.10 -21.97 -33.49
N ARG C 457 1.95 -21.74 -32.85
CA ARG C 457 0.76 -22.41 -33.38
C ARG C 457 -0.22 -21.55 -34.20
N LYS C 458 -0.97 -20.65 -33.59
CA LYS C 458 -1.73 -19.68 -34.38
C LYS C 458 -1.46 -18.27 -33.87
N SER C 459 -1.88 -17.99 -32.64
CA SER C 459 -1.63 -16.68 -32.05
C SER C 459 -0.97 -16.80 -30.69
N ASN C 460 -1.58 -17.60 -29.80
CA ASN C 460 -1.18 -17.75 -28.39
C ASN C 460 -2.03 -18.84 -27.75
N LEU C 461 -1.95 -18.94 -26.42
CA LEU C 461 -2.76 -19.83 -25.62
C LEU C 461 -3.21 -19.11 -24.36
N LYS C 462 -4.48 -19.32 -24.00
CA LYS C 462 -5.02 -18.94 -22.71
C LYS C 462 -4.55 -19.97 -21.68
N PRO C 463 -4.86 -19.77 -20.38
CA PRO C 463 -4.39 -20.74 -19.39
C PRO C 463 -5.00 -22.13 -19.56
N PHE C 464 -4.14 -23.14 -19.50
CA PHE C 464 -4.50 -24.53 -19.16
C PHE C 464 -5.32 -25.25 -20.22
N GLU C 465 -5.20 -24.92 -21.50
CA GLU C 465 -5.82 -25.73 -22.54
C GLU C 465 -4.72 -26.53 -23.24
N ARG C 466 -4.89 -27.85 -23.25
CA ARG C 466 -4.06 -28.72 -24.05
C ARG C 466 -4.60 -28.77 -25.48
N ASP C 467 -3.74 -28.50 -26.45
CA ASP C 467 -4.11 -28.40 -27.85
C ASP C 467 -3.28 -29.37 -28.68
N ILE C 468 -3.88 -30.51 -29.04
CA ILE C 468 -3.21 -31.52 -29.84
C ILE C 468 -3.37 -31.22 -31.34
N SER C 469 -4.04 -30.11 -31.66
CA SER C 469 -4.31 -29.75 -33.05
C SER C 469 -3.03 -29.58 -33.86
N THR C 470 -2.94 -30.34 -34.95
CA THR C 470 -1.83 -30.25 -35.89
C THR C 470 -2.23 -29.46 -37.14
N GLU C 471 -3.15 -28.53 -37.00
CA GLU C 471 -3.61 -27.73 -38.14
C GLU C 471 -2.47 -26.90 -38.70
N ILE C 472 -2.46 -26.76 -40.03
CA ILE C 472 -1.39 -26.04 -40.70
C ILE C 472 -1.50 -24.54 -40.43
N TYR C 473 -0.40 -23.93 -39.98
CA TYR C 473 -0.36 -22.50 -39.75
C TYR C 473 -0.16 -21.76 -41.07
N GLN C 474 -0.86 -20.66 -41.26
CA GLN C 474 -0.71 -19.87 -42.47
C GLN C 474 -0.39 -18.43 -42.09
N ALA C 475 0.61 -17.84 -42.76
CA ALA C 475 0.98 -16.46 -42.52
C ALA C 475 1.04 -15.60 -43.78
N GLY C 476 1.17 -16.20 -44.96
CA GLY C 476 1.22 -15.46 -46.20
C GLY C 476 0.03 -15.68 -47.14
N SER C 477 0.25 -16.53 -48.13
CA SER C 477 -0.79 -16.87 -49.09
C SER C 477 -1.81 -17.81 -48.45
N THR C 478 -3.02 -17.32 -48.24
CA THR C 478 -4.14 -18.07 -47.68
C THR C 478 -4.65 -19.29 -48.47
N PRO C 479 -4.47 -19.42 -49.85
CA PRO C 479 -4.92 -20.63 -50.58
C PRO C 479 -4.71 -22.00 -49.95
N CYS C 480 -3.71 -22.14 -49.07
CA CYS C 480 -3.49 -23.39 -48.35
C CYS C 480 -4.74 -23.79 -47.57
N ASN C 481 -5.16 -25.06 -47.73
CA ASN C 481 -6.30 -25.62 -46.99
C ASN C 481 -5.89 -27.04 -46.61
N GLY C 482 -5.28 -27.20 -45.44
CA GLY C 482 -4.78 -28.49 -45.02
C GLY C 482 -3.62 -28.99 -45.85
N VAL C 483 -3.03 -28.11 -46.64
CA VAL C 483 -1.93 -28.40 -47.55
C VAL C 483 -0.85 -27.37 -47.23
N GLU C 484 0.39 -27.76 -47.43
CA GLU C 484 1.56 -26.97 -47.10
C GLU C 484 2.11 -26.31 -48.36
N GLY C 485 2.46 -25.03 -48.24
CA GLY C 485 2.97 -24.29 -49.38
C GLY C 485 4.09 -23.33 -49.08
N PHE C 486 4.00 -22.13 -49.66
CA PHE C 486 5.01 -21.09 -49.45
C PHE C 486 5.10 -20.68 -47.97
N ASN C 487 3.97 -20.31 -47.37
CA ASN C 487 3.93 -19.84 -45.98
C ASN C 487 2.99 -20.69 -45.15
N CYS C 488 3.05 -22.01 -45.33
CA CYS C 488 2.18 -22.94 -44.64
C CYS C 488 3.04 -23.98 -43.93
N TYR C 489 2.89 -24.07 -42.60
CA TYR C 489 3.75 -24.88 -41.76
C TYR C 489 2.97 -25.96 -41.04
N PHE C 490 3.65 -27.09 -40.80
CA PHE C 490 3.23 -28.07 -39.81
C PHE C 490 4.00 -27.75 -38.54
N PRO C 491 3.34 -27.41 -37.42
CA PRO C 491 4.02 -26.62 -36.38
C PRO C 491 4.77 -27.35 -35.27
N LEU C 492 4.69 -28.68 -35.18
CA LEU C 492 5.18 -29.44 -34.02
C LEU C 492 6.69 -29.29 -33.80
N GLN C 493 7.53 -29.77 -34.73
CA GLN C 493 9.00 -29.59 -34.70
C GLN C 493 9.67 -29.93 -33.35
N SER C 494 9.74 -31.24 -33.07
CA SER C 494 10.17 -31.80 -31.79
C SER C 494 11.53 -31.33 -31.29
N TYR C 495 11.76 -31.44 -29.99
CA TYR C 495 13.00 -31.04 -29.32
C TYR C 495 14.21 -31.79 -29.88
N GLY C 496 15.40 -31.27 -29.57
CA GLY C 496 16.62 -32.05 -29.75
C GLY C 496 17.58 -31.89 -28.58
N PHE C 497 17.90 -33.00 -27.91
CA PHE C 497 18.80 -32.96 -26.75
C PHE C 497 20.07 -33.75 -27.06
N GLN C 498 21.12 -33.45 -26.30
CA GLN C 498 22.39 -34.23 -26.42
C GLN C 498 22.88 -34.46 -24.99
N PRO C 499 23.46 -35.63 -24.64
CA PRO C 499 23.99 -35.84 -23.30
C PRO C 499 25.13 -34.83 -23.13
N THR C 500 25.94 -34.67 -24.19
CA THR C 500 27.13 -33.79 -24.14
C THR C 500 26.75 -32.36 -23.72
N ASN C 501 27.14 -31.95 -22.52
CA ASN C 501 26.92 -30.54 -22.08
C ASN C 501 25.45 -30.16 -22.22
N GLY C 502 25.19 -29.03 -22.87
CA GLY C 502 23.80 -28.54 -22.95
C GLY C 502 23.24 -28.40 -21.55
N VAL C 503 23.98 -27.77 -20.64
CA VAL C 503 23.47 -27.53 -19.26
C VAL C 503 22.24 -26.63 -19.36
N GLY C 504 22.28 -25.59 -20.19
CA GLY C 504 21.09 -24.76 -20.43
C GLY C 504 20.04 -25.58 -21.16
N TYR C 505 20.49 -26.46 -22.07
CA TYR C 505 19.56 -27.30 -22.87
C TYR C 505 19.32 -28.63 -22.15
N GLN C 506 19.68 -28.69 -20.87
CA GLN C 506 19.45 -29.92 -20.07
C GLN C 506 17.96 -30.05 -19.74
N PRO C 507 17.28 -31.20 -19.99
CA PRO C 507 15.88 -31.35 -19.58
C PRO C 507 15.63 -31.24 -18.08
N TYR C 508 15.04 -30.14 -17.63
CA TYR C 508 14.53 -30.06 -16.27
C TYR C 508 13.14 -30.68 -16.28
N ARG C 509 13.04 -31.93 -15.83
CA ARG C 509 11.75 -32.61 -15.77
C ARG C 509 10.77 -31.85 -14.89
N VAL C 510 9.79 -31.22 -15.50
CA VAL C 510 8.83 -30.38 -14.79
C VAL C 510 7.67 -31.25 -14.33
N VAL C 511 7.32 -31.14 -13.05
CA VAL C 511 6.12 -31.77 -12.52
C VAL C 511 5.35 -30.69 -11.77
N VAL C 512 4.26 -30.21 -12.35
CA VAL C 512 3.54 -29.07 -11.80
C VAL C 512 2.44 -29.61 -10.89
N LEU C 513 2.65 -29.50 -9.58
CA LEU C 513 1.57 -29.72 -8.63
C LEU C 513 0.77 -28.44 -8.51
N SER C 514 -0.36 -28.38 -9.19
CA SER C 514 -1.20 -27.18 -9.20
C SER C 514 -2.39 -27.47 -8.28
N PHE C 515 -2.37 -26.86 -7.11
CA PHE C 515 -3.37 -27.11 -6.09
C PHE C 515 -4.47 -26.05 -6.16
N GLU C 516 -5.71 -26.48 -5.91
CA GLU C 516 -6.83 -25.56 -5.75
C GLU C 516 -7.45 -25.83 -4.39
N LEU C 517 -7.26 -24.91 -3.45
CA LEU C 517 -7.63 -25.14 -2.05
C LEU C 517 -9.06 -24.70 -1.73
N LEU C 518 -9.76 -24.03 -2.63
CA LEU C 518 -11.10 -23.51 -2.35
C LEU C 518 -12.04 -23.85 -3.51
N HIS C 519 -12.03 -25.10 -3.94
CA HIS C 519 -12.84 -25.56 -5.06
C HIS C 519 -13.97 -26.50 -4.64
N ALA C 520 -13.74 -27.35 -3.64
CA ALA C 520 -14.69 -28.38 -3.21
C ALA C 520 -14.26 -28.87 -1.83
N PRO C 521 -15.02 -29.75 -1.16
CA PRO C 521 -14.48 -30.43 0.02
C PRO C 521 -13.17 -31.16 -0.27
N ALA C 522 -12.19 -30.99 0.61
CA ALA C 522 -10.87 -31.58 0.43
C ALA C 522 -10.93 -33.11 0.47
N THR C 523 -10.20 -33.75 -0.45
CA THR C 523 -10.18 -35.20 -0.55
C THR C 523 -8.82 -35.85 -0.39
N VAL C 524 -7.72 -35.18 -0.73
CA VAL C 524 -6.39 -35.78 -0.66
C VAL C 524 -5.43 -34.88 0.13
N CYS C 525 -4.73 -35.49 1.10
CA CYS C 525 -3.66 -34.85 1.87
C CYS C 525 -2.76 -35.72 2.76
N GLY C 526 -2.00 -35.06 3.64
CA GLY C 526 -0.79 -35.60 4.22
C GLY C 526 -0.92 -36.65 5.31
N PRO C 527 0.18 -37.41 5.54
CA PRO C 527 0.22 -38.52 6.50
C PRO C 527 0.51 -38.20 7.97
N LYS C 528 -0.51 -37.82 8.71
CA LYS C 528 -0.34 -37.55 10.13
C LYS C 528 -1.30 -38.43 10.93
N LYS C 529 -0.93 -38.71 12.17
CA LYS C 529 -1.78 -39.52 13.04
C LYS C 529 -3.05 -38.77 13.45
N SER C 530 -4.12 -39.54 13.61
CA SER C 530 -5.42 -39.01 14.00
C SER C 530 -5.78 -39.50 15.40
N THR C 531 -5.91 -38.57 16.33
CA THR C 531 -6.24 -38.86 17.72
C THR C 531 -7.75 -39.08 17.87
N ASN C 532 -8.13 -39.46 19.10
CA ASN C 532 -9.53 -39.66 19.45
C ASN C 532 -10.28 -38.33 19.48
N LEU C 533 -11.55 -38.38 19.10
CA LEU C 533 -12.37 -37.18 19.09
C LEU C 533 -12.80 -36.83 20.52
N VAL C 534 -12.62 -35.55 20.87
CA VAL C 534 -12.94 -35.02 22.19
C VAL C 534 -14.02 -33.95 22.03
N LYS C 535 -15.08 -34.08 22.82
CA LYS C 535 -16.22 -33.18 22.79
C LYS C 535 -16.30 -32.34 24.06
N ASN C 536 -16.97 -31.20 23.94
CA ASN C 536 -17.24 -30.27 25.04
C ASN C 536 -15.96 -29.73 25.71
N LYS C 537 -14.89 -29.55 24.94
CA LYS C 537 -13.67 -29.00 25.50
C LYS C 537 -13.02 -28.07 24.48
N CYS C 538 -12.29 -27.08 24.98
CA CYS C 538 -11.57 -26.15 24.11
C CYS C 538 -10.36 -26.86 23.51
N VAL C 539 -10.38 -27.05 22.19
CA VAL C 539 -9.30 -27.75 21.47
C VAL C 539 -8.92 -27.00 20.20
N ASN C 540 -7.71 -27.32 19.71
CA ASN C 540 -7.25 -26.94 18.39
C ASN C 540 -7.57 -28.06 17.40
N PHE C 541 -8.39 -27.76 16.40
CA PHE C 541 -8.87 -28.78 15.48
C PHE C 541 -8.33 -28.59 14.07
N ASN C 542 -8.28 -29.71 13.34
CA ASN C 542 -7.94 -29.74 11.91
C ASN C 542 -8.87 -30.78 11.29
N PHE C 543 -9.93 -30.32 10.64
CA PHE C 543 -10.91 -31.20 9.99
C PHE C 543 -10.77 -31.12 8.48
N ASN C 544 -10.04 -32.09 7.91
CA ASN C 544 -9.82 -32.22 6.47
C ASN C 544 -9.30 -30.92 5.85
N GLY C 545 -8.39 -30.26 6.55
CA GLY C 545 -7.81 -29.00 6.08
C GLY C 545 -8.39 -27.77 6.71
N LEU C 546 -9.54 -27.88 7.33
CA LEU C 546 -10.16 -26.76 8.01
C LEU C 546 -9.52 -26.66 9.40
N THR C 547 -8.87 -25.53 9.68
CA THR C 547 -8.12 -25.41 10.92
C THR C 547 -8.66 -24.25 11.75
N GLY C 548 -8.54 -24.42 13.06
CA GLY C 548 -8.95 -23.40 14.00
C GLY C 548 -8.90 -23.95 15.41
N THR C 549 -9.34 -23.12 16.35
CA THR C 549 -9.38 -23.49 17.76
C THR C 549 -10.83 -23.35 18.20
N GLY C 550 -11.34 -24.34 18.92
CA GLY C 550 -12.71 -24.23 19.34
C GLY C 550 -13.23 -25.47 20.06
N VAL C 551 -14.54 -25.43 20.30
CA VAL C 551 -15.26 -26.49 21.01
C VAL C 551 -16.17 -27.20 20.01
N LEU C 552 -16.06 -28.52 19.96
CA LEU C 552 -16.77 -29.37 19.03
C LEU C 552 -18.04 -29.90 19.66
N THR C 553 -19.19 -29.66 19.02
CA THR C 553 -20.47 -30.16 19.53
C THR C 553 -21.21 -30.90 18.42
N GLU C 554 -22.18 -31.71 18.83
CA GLU C 554 -23.01 -32.44 17.88
C GLU C 554 -24.02 -31.53 17.17
N SER C 555 -24.11 -31.67 15.85
CA SER C 555 -25.01 -30.90 15.02
C SER C 555 -26.25 -31.74 14.73
N ASN C 556 -27.36 -31.06 14.47
CA ASN C 556 -28.59 -31.74 14.06
C ASN C 556 -28.95 -31.43 12.59
N LYS C 557 -27.98 -30.95 11.81
CA LYS C 557 -28.23 -30.64 10.42
C LYS C 557 -28.22 -31.91 9.58
N LYS C 558 -29.16 -31.99 8.62
CA LYS C 558 -29.31 -33.14 7.73
C LYS C 558 -28.53 -32.90 6.45
N PHE C 559 -27.23 -33.20 6.51
CA PHE C 559 -26.39 -33.05 5.33
C PHE C 559 -26.74 -34.13 4.31
N LEU C 560 -26.73 -33.75 3.04
CA LEU C 560 -26.89 -34.71 1.97
C LEU C 560 -25.57 -35.48 1.82
N PRO C 561 -25.59 -36.73 1.28
CA PRO C 561 -24.37 -37.56 1.23
C PRO C 561 -23.07 -37.04 0.61
N PHE C 562 -23.07 -36.09 -0.32
CA PHE C 562 -21.78 -35.68 -0.88
C PHE C 562 -21.24 -34.42 -0.25
N GLN C 563 -22.10 -33.70 0.46
CA GLN C 563 -21.78 -32.40 1.04
C GLN C 563 -21.18 -32.59 2.43
N GLN C 564 -20.00 -31.99 2.67
CA GLN C 564 -19.25 -32.19 3.91
C GLN C 564 -19.25 -31.06 4.94
N PHE C 565 -19.47 -29.80 4.59
CA PHE C 565 -19.40 -28.79 5.65
C PHE C 565 -20.25 -27.59 5.28
N GLY C 566 -20.51 -26.74 6.28
CA GLY C 566 -21.33 -25.56 6.08
C GLY C 566 -20.71 -24.24 6.51
N ARG C 567 -21.34 -23.16 6.04
CA ARG C 567 -20.98 -21.79 6.36
C ARG C 567 -22.22 -20.97 6.71
N ASP C 568 -22.00 -19.96 7.56
CA ASP C 568 -22.96 -18.99 8.07
C ASP C 568 -23.12 -17.78 7.14
N ILE C 569 -23.93 -16.80 7.59
CA ILE C 569 -24.11 -15.54 6.88
C ILE C 569 -22.77 -14.84 6.66
N ALA C 570 -21.85 -14.96 7.63
CA ALA C 570 -20.52 -14.37 7.54
C ALA C 570 -19.61 -15.08 6.54
N ASP C 571 -20.07 -16.20 5.97
CA ASP C 571 -19.33 -17.02 5.02
C ASP C 571 -18.07 -17.59 5.70
N THR C 572 -18.21 -17.95 6.97
CA THR C 572 -17.17 -18.66 7.70
C THR C 572 -17.75 -20.00 8.13
N THR C 573 -16.87 -20.98 8.30
CA THR C 573 -17.28 -22.34 8.62
C THR C 573 -17.94 -22.42 9.99
N ASP C 574 -19.09 -23.12 10.05
CA ASP C 574 -19.82 -23.31 11.31
C ASP C 574 -20.35 -24.72 11.51
N ALA C 575 -20.00 -25.67 10.63
CA ALA C 575 -20.44 -27.05 10.76
C ALA C 575 -19.51 -27.90 9.91
N VAL C 576 -19.23 -29.12 10.38
CA VAL C 576 -18.34 -30.06 9.69
C VAL C 576 -18.86 -31.49 9.87
N ARG C 577 -18.72 -32.31 8.84
CA ARG C 577 -18.93 -33.75 8.93
C ARG C 577 -17.59 -34.36 9.32
N ASP C 578 -17.59 -35.14 10.39
CA ASP C 578 -16.34 -35.75 10.83
C ASP C 578 -15.86 -36.72 9.73
N PRO C 579 -14.58 -36.66 9.35
CA PRO C 579 -14.11 -37.48 8.23
C PRO C 579 -14.02 -38.98 8.50
N GLN C 580 -14.08 -39.45 9.74
CA GLN C 580 -13.96 -40.89 9.99
C GLN C 580 -15.26 -41.58 10.32
N THR C 581 -16.08 -41.00 11.18
CA THR C 581 -17.41 -41.51 11.49
C THR C 581 -18.40 -40.42 11.08
N LEU C 582 -19.50 -40.82 10.43
CA LEU C 582 -20.37 -39.88 9.74
C LEU C 582 -21.39 -39.17 10.66
N GLU C 583 -20.84 -38.47 11.65
CA GLU C 583 -21.62 -37.64 12.58
C GLU C 583 -21.57 -36.21 12.05
N ILE C 584 -22.66 -35.48 12.23
CA ILE C 584 -22.70 -34.09 11.80
C ILE C 584 -22.34 -33.28 13.03
N LEU C 585 -21.26 -32.49 12.94
CA LEU C 585 -20.79 -31.67 14.05
C LEU C 585 -20.90 -30.19 13.74
N ASP C 586 -21.23 -29.41 14.76
CA ASP C 586 -21.14 -27.96 14.73
C ASP C 586 -19.81 -27.60 15.40
N ILE C 587 -19.11 -26.62 14.84
CA ILE C 587 -17.83 -26.17 15.39
C ILE C 587 -17.96 -24.71 15.80
N THR C 588 -17.74 -24.43 17.08
CA THR C 588 -17.61 -23.04 17.44
C THR C 588 -16.28 -22.79 18.15
N PRO C 589 -15.70 -21.60 18.00
CA PRO C 589 -14.53 -21.22 18.81
C PRO C 589 -14.81 -21.09 20.29
N CYS C 590 -13.73 -21.18 21.06
CA CYS C 590 -13.79 -21.07 22.52
C CYS C 590 -14.10 -19.65 22.97
N SER C 591 -14.85 -19.56 24.07
CA SER C 591 -15.31 -18.28 24.60
C SER C 591 -14.14 -17.37 24.95
N PHE C 592 -14.18 -16.12 24.52
CA PHE C 592 -13.13 -15.18 24.89
C PHE C 592 -13.74 -13.78 24.97
N GLY C 593 -12.97 -12.86 25.52
CA GLY C 593 -13.42 -11.48 25.63
C GLY C 593 -12.39 -10.65 26.36
N GLY C 594 -12.60 -9.34 26.30
CA GLY C 594 -11.66 -8.41 26.89
C GLY C 594 -11.69 -8.44 28.40
N VAL C 595 -10.59 -7.97 28.99
CA VAL C 595 -10.46 -7.88 30.44
C VAL C 595 -10.33 -6.43 30.86
N SER C 596 -11.22 -6.03 31.75
CA SER C 596 -11.28 -4.69 32.31
C SER C 596 -10.91 -4.79 33.77
N VAL C 597 -10.17 -3.81 34.27
CA VAL C 597 -9.69 -3.82 35.65
C VAL C 597 -10.55 -2.88 36.46
N ILE C 598 -11.15 -3.41 37.52
CA ILE C 598 -12.01 -2.65 38.40
C ILE C 598 -11.13 -2.20 39.55
N THR C 599 -10.99 -0.89 39.73
CA THR C 599 -10.09 -0.45 40.78
C THR C 599 -10.42 0.90 41.38
N PRO C 600 -10.22 1.07 42.68
CA PRO C 600 -10.10 2.41 43.24
C PRO C 600 -8.75 2.97 42.82
N GLY C 601 -8.60 4.29 42.92
CA GLY C 601 -7.35 4.91 42.52
C GLY C 601 -6.20 4.48 43.41
N THR C 602 -4.98 4.63 42.88
CA THR C 602 -3.80 4.26 43.64
C THR C 602 -3.54 5.18 44.82
N ASN C 603 -4.25 6.30 44.91
CA ASN C 603 -4.23 7.14 46.09
C ASN C 603 -4.90 6.46 47.28
N THR C 604 -5.82 5.51 47.03
CA THR C 604 -6.61 4.91 48.08
C THR C 604 -6.29 3.44 48.35
N SER C 605 -6.22 2.59 47.33
CA SER C 605 -6.03 1.17 47.59
C SER C 605 -5.45 0.46 46.38
N ASN C 606 -4.73 -0.63 46.65
CA ASN C 606 -4.18 -1.51 45.62
C ASN C 606 -5.03 -2.76 45.38
N GLN C 607 -6.22 -2.84 45.97
CA GLN C 607 -7.10 -3.97 45.74
C GLN C 607 -7.85 -3.81 44.43
N VAL C 608 -7.92 -4.89 43.64
CA VAL C 608 -8.58 -4.87 42.35
C VAL C 608 -9.55 -6.04 42.19
N ALA C 609 -10.41 -5.90 41.19
CA ALA C 609 -11.32 -6.93 40.72
C ALA C 609 -11.05 -7.11 39.22
N VAL C 610 -11.28 -8.32 38.72
CA VAL C 610 -10.95 -8.65 37.35
C VAL C 610 -12.22 -9.02 36.60
N LEU C 611 -12.43 -8.44 35.44
CA LEU C 611 -13.58 -8.70 34.59
C LEU C 611 -13.28 -9.55 33.37
N TYR C 612 -13.91 -10.71 33.28
CA TYR C 612 -13.92 -11.52 32.05
C TYR C 612 -15.25 -11.30 31.36
N GLN C 613 -15.22 -10.49 30.30
CA GLN C 613 -16.46 -10.02 29.70
C GLN C 613 -17.03 -11.12 28.80
N ASP C 614 -18.27 -11.49 29.07
CA ASP C 614 -19.02 -12.54 28.35
C ASP C 614 -18.27 -13.88 28.33
N VAL C 615 -17.71 -14.27 29.47
CA VAL C 615 -17.06 -15.57 29.63
C VAL C 615 -17.73 -16.26 30.82
N ASN C 616 -18.16 -17.50 30.61
CA ASN C 616 -18.88 -18.23 31.65
C ASN C 616 -17.93 -18.58 32.79
N CYS C 617 -18.45 -18.52 34.02
CA CYS C 617 -17.67 -18.79 35.24
C CYS C 617 -16.89 -20.10 35.20
N THR C 618 -17.61 -21.22 35.03
CA THR C 618 -17.06 -22.56 34.86
C THR C 618 -15.77 -22.66 34.05
N GLU C 619 -15.66 -21.90 32.97
CA GLU C 619 -14.51 -22.02 32.08
C GLU C 619 -13.36 -21.08 32.48
N VAL C 620 -13.53 -20.28 33.54
CA VAL C 620 -12.49 -19.30 33.91
C VAL C 620 -11.14 -19.92 34.28
N PRO C 621 -11.05 -20.93 35.20
CA PRO C 621 -9.70 -21.42 35.50
C PRO C 621 -8.98 -22.13 34.36
N ASN C 641 -14.71 -14.92 45.38
CA ASN C 641 -15.60 -13.83 44.99
C ASN C 641 -15.86 -13.86 43.49
N VAL C 642 -16.54 -14.90 43.02
CA VAL C 642 -16.94 -15.04 41.62
C VAL C 642 -18.43 -14.78 41.52
N PHE C 643 -18.81 -13.78 40.72
CA PHE C 643 -20.21 -13.42 40.54
C PHE C 643 -20.62 -13.56 39.08
N GLN C 644 -21.57 -14.45 38.82
CA GLN C 644 -22.10 -14.65 37.48
C GLN C 644 -23.16 -13.61 37.15
N THR C 645 -22.95 -12.90 36.04
CA THR C 645 -23.91 -11.94 35.53
C THR C 645 -23.94 -12.12 34.02
N ARG C 646 -24.90 -11.43 33.38
CA ARG C 646 -25.04 -11.53 31.92
C ARG C 646 -23.74 -11.10 31.23
N ALA C 647 -23.08 -10.06 31.76
CA ALA C 647 -21.82 -9.60 31.17
C ALA C 647 -20.66 -10.57 31.37
N GLY C 648 -20.74 -11.46 32.34
CA GLY C 648 -19.68 -12.42 32.57
C GLY C 648 -19.42 -12.63 34.04
N CYS C 649 -18.28 -13.28 34.33
CA CYS C 649 -17.84 -13.55 35.69
C CYS C 649 -16.79 -12.55 36.13
N LEU C 650 -17.08 -11.84 37.21
CA LEU C 650 -16.20 -10.83 37.76
C LEU C 650 -15.57 -11.38 39.04
N ILE C 651 -14.23 -11.46 39.09
CA ILE C 651 -13.53 -12.10 40.20
C ILE C 651 -12.72 -11.08 40.98
N GLY C 652 -12.85 -11.13 42.30
CA GLY C 652 -12.14 -10.28 43.24
C GLY C 652 -13.00 -9.25 43.93
N ALA C 653 -14.22 -9.01 43.46
CA ALA C 653 -15.14 -8.14 44.14
C ALA C 653 -16.23 -8.97 44.80
N GLU C 654 -16.55 -8.62 46.04
CA GLU C 654 -17.58 -9.32 46.80
C GLU C 654 -18.94 -8.74 46.45
N HIS C 655 -19.85 -9.63 46.02
CA HIS C 655 -21.20 -9.26 45.62
C HIS C 655 -22.04 -8.99 46.85
N VAL C 656 -22.70 -7.83 46.85
CA VAL C 656 -23.57 -7.36 47.92
C VAL C 656 -24.95 -7.11 47.31
N ASN C 657 -25.96 -7.02 48.19
CA ASN C 657 -27.34 -6.87 47.78
C ASN C 657 -27.74 -5.40 47.67
N ASN C 658 -26.87 -4.48 48.13
CA ASN C 658 -27.17 -3.05 48.12
C ASN C 658 -26.86 -2.40 46.79
N SER C 659 -27.86 -1.78 46.18
CA SER C 659 -27.55 -1.07 44.95
C SER C 659 -27.07 0.32 45.37
N TYR C 660 -26.18 0.89 44.57
CA TYR C 660 -25.61 2.22 44.79
C TYR C 660 -25.45 2.91 43.45
N GLU C 661 -24.98 4.15 43.47
CA GLU C 661 -24.70 4.84 42.22
C GLU C 661 -23.53 4.15 41.52
N CYS C 662 -23.61 4.11 40.20
CA CYS C 662 -22.54 3.52 39.42
C CYS C 662 -21.27 4.34 39.59
N ASP C 663 -20.18 3.65 39.90
CA ASP C 663 -18.87 4.28 40.01
C ASP C 663 -17.99 3.80 38.86
N ILE C 664 -17.58 2.54 38.87
CA ILE C 664 -16.90 1.96 37.71
C ILE C 664 -17.90 1.04 37.01
N PRO C 665 -18.41 1.41 35.84
CA PRO C 665 -19.35 0.54 35.15
C PRO C 665 -18.68 -0.69 34.53
N ILE C 666 -19.36 -1.82 34.64
CA ILE C 666 -18.95 -3.07 33.99
C ILE C 666 -19.75 -3.37 32.75
N GLY C 667 -21.07 -3.32 32.84
CA GLY C 667 -21.89 -3.59 31.69
C GLY C 667 -22.95 -4.59 32.07
N ALA C 668 -24.05 -4.61 31.32
CA ALA C 668 -25.16 -5.55 31.52
C ALA C 668 -25.72 -5.46 32.94
N GLY C 669 -25.83 -4.24 33.46
CA GLY C 669 -26.43 -4.04 34.75
C GLY C 669 -25.51 -4.08 35.96
N ILE C 670 -24.25 -4.40 35.80
CA ILE C 670 -23.34 -4.47 36.93
C ILE C 670 -22.47 -3.22 37.02
N CYS C 671 -22.39 -2.63 38.21
CA CYS C 671 -21.46 -1.56 38.53
C CYS C 671 -20.72 -1.95 39.79
N ALA C 672 -19.55 -1.36 39.97
CA ALA C 672 -18.72 -1.61 41.14
C ALA C 672 -18.34 -0.28 41.77
N SER C 673 -18.07 -0.34 43.07
CA SER C 673 -17.65 0.83 43.82
C SER C 673 -16.82 0.38 45.02
N TYR C 674 -16.08 1.31 45.60
CA TYR C 674 -15.24 1.02 46.77
C TYR C 674 -15.88 1.58 48.04
N GLN C 675 -16.31 0.66 48.92
CA GLN C 675 -16.93 0.98 50.21
C GLN C 675 -16.49 -0.03 51.26
N GLN C 687 -12.86 -0.39 54.41
CA GLN C 687 -13.52 -0.36 53.11
C GLN C 687 -12.96 -1.41 52.16
N SER C 688 -13.76 -1.81 51.17
CA SER C 688 -13.37 -2.80 50.19
C SER C 688 -14.12 -2.57 48.89
N ILE C 689 -13.72 -3.32 47.87
CA ILE C 689 -14.37 -3.28 46.57
C ILE C 689 -15.58 -4.20 46.56
N ILE C 690 -16.72 -3.69 46.10
CA ILE C 690 -17.94 -4.47 46.04
C ILE C 690 -18.43 -4.49 44.61
N ALA C 691 -19.24 -5.50 44.31
CA ALA C 691 -19.92 -5.65 43.04
C ALA C 691 -21.40 -5.74 43.34
N TYR C 692 -22.23 -5.16 42.49
CA TYR C 692 -23.65 -5.14 42.81
C TYR C 692 -24.47 -4.98 41.55
N THR C 693 -25.76 -5.24 41.69
CA THR C 693 -26.72 -4.93 40.65
C THR C 693 -26.93 -3.44 40.68
N MET C 694 -26.86 -2.81 39.51
CA MET C 694 -26.81 -1.36 39.41
C MET C 694 -28.13 -0.73 39.85
N SER C 695 -28.01 0.42 40.49
CA SER C 695 -29.14 1.27 40.77
C SER C 695 -29.33 2.13 39.53
N LEU C 696 -30.56 2.45 39.22
CA LEU C 696 -30.85 3.29 38.09
C LEU C 696 -30.95 4.75 38.53
N GLY C 697 -30.69 4.96 39.81
CA GLY C 697 -30.74 6.20 40.56
C GLY C 697 -31.66 6.00 41.72
N ALA C 698 -31.13 5.47 42.84
CA ALA C 698 -31.87 5.18 44.07
C ALA C 698 -33.23 4.57 43.75
N GLU C 699 -34.26 5.02 44.45
CA GLU C 699 -35.63 4.64 44.15
C GLU C 699 -36.48 5.74 44.78
N ASN C 700 -37.56 6.09 44.10
CA ASN C 700 -38.46 7.12 44.62
C ASN C 700 -39.86 6.77 44.11
N SER C 701 -40.70 6.21 44.97
CA SER C 701 -42.07 6.02 44.54
C SER C 701 -42.76 7.36 44.67
N VAL C 702 -43.26 7.89 43.56
CA VAL C 702 -43.89 9.20 43.58
C VAL C 702 -45.33 9.02 44.04
N ALA C 703 -45.77 9.87 44.97
CA ALA C 703 -47.12 9.73 45.52
C ALA C 703 -48.15 10.29 44.53
N TYR C 704 -48.24 9.66 43.36
CA TYR C 704 -49.14 10.13 42.33
C TYR C 704 -50.57 9.72 42.63
N SER C 705 -51.47 10.66 42.41
CA SER C 705 -52.89 10.39 42.43
C SER C 705 -53.53 11.41 41.50
N ASN C 706 -54.80 11.17 41.20
CA ASN C 706 -55.52 12.02 40.27
C ASN C 706 -55.88 13.37 40.89
N ASN C 707 -55.67 13.52 42.20
CA ASN C 707 -56.10 14.72 42.90
C ASN C 707 -55.02 15.24 43.85
N SER C 708 -53.73 15.08 43.51
CA SER C 708 -52.62 15.51 44.35
C SER C 708 -51.66 16.40 43.57
N ILE C 709 -51.38 17.60 44.07
CA ILE C 709 -50.44 18.52 43.42
C ILE C 709 -49.30 18.89 44.39
N ALA C 710 -48.08 18.79 43.91
CA ALA C 710 -46.91 19.26 44.66
C ALA C 710 -46.41 20.58 44.09
N ILE C 711 -46.01 21.52 44.95
CA ILE C 711 -45.48 22.80 44.50
C ILE C 711 -44.29 23.20 45.36
N PRO C 712 -43.14 23.49 44.75
CA PRO C 712 -41.92 23.84 45.50
C PRO C 712 -42.11 25.09 46.34
N THR C 713 -41.66 25.05 47.60
CA THR C 713 -41.77 26.29 48.36
C THR C 713 -40.48 27.09 48.24
N ASN C 714 -39.57 26.94 49.20
CA ASN C 714 -38.25 27.54 49.12
C ASN C 714 -37.44 26.95 47.97
N PHE C 715 -36.68 27.79 47.29
CA PHE C 715 -35.82 27.34 46.21
C PHE C 715 -34.37 27.64 46.55
N THR C 716 -33.46 26.94 45.86
CA THR C 716 -32.04 27.17 45.99
C THR C 716 -31.50 27.50 44.61
N ILE C 717 -30.39 28.22 44.55
CA ILE C 717 -29.72 28.48 43.27
C ILE C 717 -28.42 27.70 43.22
N SER C 718 -28.29 26.87 42.20
CA SER C 718 -27.14 26.02 41.95
C SER C 718 -26.49 26.49 40.67
N VAL C 719 -25.17 26.46 40.61
CA VAL C 719 -24.46 26.76 39.37
C VAL C 719 -23.71 25.50 38.96
N THR C 720 -24.03 25.00 37.77
CA THR C 720 -23.41 23.80 37.25
C THR C 720 -22.49 24.22 36.13
N THR C 721 -21.30 23.65 36.10
CA THR C 721 -20.35 23.97 35.04
C THR C 721 -20.42 22.90 33.96
N GLU C 722 -20.74 23.34 32.76
CA GLU C 722 -20.77 22.49 31.58
C GLU C 722 -19.72 23.06 30.65
N ILE C 723 -18.83 22.20 30.20
CA ILE C 723 -17.66 22.61 29.45
C ILE C 723 -17.82 22.13 28.02
N LEU C 724 -17.64 23.04 27.07
CA LEU C 724 -17.76 22.65 25.69
C LEU C 724 -16.44 23.05 25.03
N PRO C 725 -15.84 22.18 24.26
CA PRO C 725 -14.71 22.58 23.42
C PRO C 725 -15.12 23.64 22.41
N VAL C 726 -14.23 24.61 22.22
CA VAL C 726 -14.38 25.64 21.22
C VAL C 726 -13.26 25.60 20.20
N SER C 727 -12.04 25.37 20.67
CA SER C 727 -10.89 25.42 19.80
C SER C 727 -9.94 24.29 20.17
N MET C 728 -8.97 24.12 19.31
CA MET C 728 -7.92 23.12 19.38
C MET C 728 -6.61 23.84 19.09
N THR C 729 -5.50 23.25 19.54
CA THR C 729 -4.21 23.82 19.17
C THR C 729 -4.19 23.87 17.65
N LYS C 730 -3.86 25.03 17.09
CA LYS C 730 -3.99 25.15 15.63
C LYS C 730 -2.74 24.59 15.00
N THR C 731 -2.73 23.28 14.87
CA THR C 731 -1.59 22.65 14.25
C THR C 731 -1.71 22.75 12.74
N SER C 732 -0.56 22.66 12.08
CA SER C 732 -0.50 22.67 10.63
C SER C 732 0.62 21.73 10.25
N VAL C 733 0.29 20.60 9.66
CA VAL C 733 1.29 19.59 9.36
C VAL C 733 1.51 19.66 7.85
N ASP C 734 2.63 20.29 7.48
CA ASP C 734 3.10 20.35 6.11
C ASP C 734 3.47 18.94 5.70
N CYS C 735 2.85 18.44 4.64
CA CYS C 735 3.10 17.03 4.25
C CYS C 735 4.59 16.87 3.94
N THR C 736 5.14 17.80 3.17
CA THR C 736 6.56 17.65 2.74
C THR C 736 7.46 17.67 3.99
N MET C 737 7.24 18.61 4.90
CA MET C 737 8.13 18.71 6.05
C MET C 737 8.00 17.49 6.97
N TYR C 738 6.76 17.04 7.22
CA TYR C 738 6.53 15.89 8.10
C TYR C 738 7.05 14.59 7.51
N ILE C 739 6.89 14.38 6.21
CA ILE C 739 7.24 13.08 5.63
C ILE C 739 8.65 13.08 5.08
N CYS C 740 9.06 14.17 4.45
CA CYS C 740 10.37 14.29 3.85
C CYS C 740 11.09 15.51 4.39
N GLY C 741 11.10 15.68 5.71
CA GLY C 741 11.66 16.84 6.38
C GLY C 741 13.09 17.14 6.01
N ASP C 742 13.29 18.36 5.50
CA ASP C 742 14.59 18.89 5.09
C ASP C 742 15.27 17.99 4.06
N SER C 743 14.47 17.38 3.18
CA SER C 743 15.00 16.51 2.13
C SER C 743 14.32 16.84 0.82
N THR C 744 15.11 17.41 -0.11
CA THR C 744 14.57 17.77 -1.42
C THR C 744 14.26 16.55 -2.28
N GLU C 745 15.12 15.52 -2.27
CA GLU C 745 14.88 14.32 -3.07
C GLU C 745 13.63 13.61 -2.62
N CYS C 746 13.45 13.52 -1.30
CA CYS C 746 12.25 12.88 -0.77
C CYS C 746 11.02 13.71 -1.11
N SER C 747 11.12 15.04 -1.00
CA SER C 747 9.99 15.91 -1.35
C SER C 747 9.58 15.71 -2.81
N ASN C 748 10.57 15.56 -3.69
CA ASN C 748 10.27 15.30 -5.11
C ASN C 748 9.59 13.94 -5.27
N LEU C 749 10.02 12.95 -4.49
CA LEU C 749 9.31 11.66 -4.54
C LEU C 749 7.88 11.81 -4.03
N LEU C 750 7.65 12.66 -3.03
CA LEU C 750 6.25 12.74 -2.53
C LEU C 750 5.42 13.43 -3.61
N LEU C 751 6.03 14.39 -4.31
CA LEU C 751 5.29 15.16 -5.31
C LEU C 751 4.66 14.26 -6.38
N GLN C 752 5.04 12.99 -6.44
CA GLN C 752 4.55 12.03 -7.40
C GLN C 752 3.12 11.58 -7.07
N TYR C 753 2.60 11.97 -5.92
CA TYR C 753 1.24 11.66 -5.52
C TYR C 753 0.30 12.84 -5.74
N GLY C 754 0.80 13.88 -6.39
CA GLY C 754 -0.01 15.04 -6.81
C GLY C 754 -0.60 15.91 -5.71
N SER C 755 -1.93 16.00 -5.62
CA SER C 755 -2.55 16.99 -4.70
C SER C 755 -2.90 16.40 -3.33
N PHE C 756 -2.41 15.21 -3.01
CA PHE C 756 -2.70 14.70 -1.65
C PHE C 756 -2.14 15.66 -0.61
N CYS C 757 -0.91 16.14 -0.84
CA CYS C 757 -0.27 17.05 0.13
C CYS C 757 -1.09 18.34 0.21
N THR C 758 -1.52 18.88 -0.94
CA THR C 758 -2.26 20.15 -0.92
C THR C 758 -3.56 19.95 -0.15
N GLN C 759 -4.21 18.80 -0.35
CA GLN C 759 -5.50 18.53 0.33
C GLN C 759 -5.27 18.53 1.84
N LEU C 760 -4.21 17.86 2.31
CA LEU C 760 -3.99 17.75 3.78
C LEU C 760 -3.73 19.14 4.34
N ASN C 761 -2.87 19.92 3.68
CA ASN C 761 -2.55 21.28 4.16
C ASN C 761 -3.79 22.16 4.05
N ARG C 762 -4.54 22.04 2.96
CA ARG C 762 -5.77 22.85 2.79
C ARG C 762 -6.72 22.47 3.91
N ALA C 763 -7.00 21.18 4.06
CA ALA C 763 -7.83 20.73 5.17
C ALA C 763 -7.32 21.26 6.50
N LEU C 764 -6.01 21.23 6.75
CA LEU C 764 -5.51 21.72 8.03
C LEU C 764 -5.55 23.24 8.15
N THR C 765 -5.32 23.95 7.05
CA THR C 765 -5.50 25.40 7.06
C THR C 765 -6.95 25.73 7.31
N GLY C 766 -7.86 24.96 6.68
CA GLY C 766 -9.27 25.11 6.95
C GLY C 766 -9.62 24.85 8.40
N ILE C 767 -8.95 23.87 9.03
CA ILE C 767 -9.17 23.61 10.45
C ILE C 767 -8.77 24.83 11.28
N ALA C 768 -7.60 25.41 10.98
CA ALA C 768 -7.17 26.61 11.68
C ALA C 768 -8.16 27.75 11.47
N VAL C 769 -8.69 27.86 10.25
CA VAL C 769 -9.70 28.87 9.95
C VAL C 769 -10.98 28.58 10.73
N GLU C 770 -11.37 27.30 10.82
CA GLU C 770 -12.53 26.93 11.63
C GLU C 770 -12.33 27.28 13.09
N GLN C 771 -11.11 27.13 13.63
CA GLN C 771 -10.91 27.50 15.03
C GLN C 771 -10.95 29.01 15.20
N ASP C 772 -10.44 29.77 14.24
CA ASP C 772 -10.55 31.21 14.36
C ASP C 772 -11.99 31.67 14.16
N LYS C 773 -12.71 31.02 13.25
CA LYS C 773 -14.10 31.35 13.02
C LYS C 773 -15.00 30.98 14.20
N ASN C 774 -14.87 29.77 14.78
CA ASN C 774 -15.72 29.41 15.92
C ASN C 774 -15.39 30.27 17.14
N THR C 775 -14.10 30.52 17.43
CA THR C 775 -13.77 31.41 18.54
C THR C 775 -14.37 32.79 18.26
N GLN C 776 -14.32 33.25 17.00
CA GLN C 776 -14.87 34.56 16.70
C GLN C 776 -16.40 34.60 16.74
N GLU C 777 -17.12 33.49 16.50
CA GLU C 777 -18.57 33.55 16.74
C GLU C 777 -18.88 33.51 18.23
N VAL C 778 -18.12 32.74 19.02
CA VAL C 778 -18.49 32.69 20.43
C VAL C 778 -18.06 33.97 21.15
N PHE C 779 -16.82 34.44 20.96
CA PHE C 779 -16.42 35.60 21.73
C PHE C 779 -16.51 36.89 20.95
N ALA C 780 -16.17 36.87 19.64
CA ALA C 780 -16.18 38.08 18.82
C ALA C 780 -17.54 38.25 18.14
N GLN C 781 -18.59 38.31 18.94
CA GLN C 781 -19.91 38.49 18.39
C GLN C 781 -20.36 39.92 18.65
N VAL C 782 -19.48 40.71 19.26
CA VAL C 782 -19.73 42.09 19.63
C VAL C 782 -18.65 42.96 18.97
N LYS C 783 -19.10 44.05 18.36
CA LYS C 783 -18.21 44.98 17.68
C LYS C 783 -17.57 45.98 18.62
N GLN C 784 -18.05 46.13 19.85
CA GLN C 784 -17.45 47.08 20.77
C GLN C 784 -16.92 46.32 21.98
N ILE C 785 -15.77 46.76 22.48
CA ILE C 785 -15.15 46.22 23.68
C ILE C 785 -15.61 47.02 24.89
N TYR C 786 -16.51 46.43 25.66
CA TYR C 786 -17.09 47.09 26.81
C TYR C 786 -16.17 46.89 28.01
N LYS C 787 -16.12 47.87 28.88
CA LYS C 787 -15.33 47.78 30.10
C LYS C 787 -16.19 48.10 31.30
N THR C 788 -15.85 47.46 32.42
CA THR C 788 -16.52 47.72 33.66
C THR C 788 -16.02 49.03 34.28
N PRO C 789 -16.80 49.65 35.15
CA PRO C 789 -16.31 50.85 35.84
C PRO C 789 -15.27 50.47 36.88
N PRO C 790 -14.42 51.43 37.28
CA PRO C 790 -13.51 51.18 38.42
C PRO C 790 -14.20 50.72 39.69
N ILE C 791 -15.43 51.17 39.93
CA ILE C 791 -16.20 50.81 41.11
C ILE C 791 -17.14 49.69 40.70
N LYS C 792 -16.86 48.47 41.14
CA LYS C 792 -17.60 47.28 40.71
C LYS C 792 -18.82 47.09 41.63
N ASP C 793 -19.73 48.04 41.52
CA ASP C 793 -21.01 48.07 42.23
C ASP C 793 -22.04 47.48 41.28
N PHE C 794 -22.27 46.17 41.40
CA PHE C 794 -23.18 45.44 40.53
C PHE C 794 -24.31 44.77 41.32
N GLY C 795 -25.06 45.53 42.11
CA GLY C 795 -26.25 44.97 42.70
C GLY C 795 -26.03 44.27 44.02
N GLY C 796 -24.81 44.30 44.55
CA GLY C 796 -24.42 43.53 45.71
C GLY C 796 -23.98 42.12 45.39
N PHE C 797 -23.92 41.77 44.12
CA PHE C 797 -23.41 40.48 43.68
C PHE C 797 -21.92 40.66 43.46
N ASN C 798 -21.10 39.80 44.06
CA ASN C 798 -19.66 39.97 44.03
C ASN C 798 -19.12 39.28 42.79
N PHE C 799 -18.72 40.10 41.81
CA PHE C 799 -18.16 39.67 40.53
C PHE C 799 -16.65 39.78 40.43
N SER C 800 -15.96 40.06 41.54
CA SER C 800 -14.51 40.19 41.48
C SER C 800 -13.89 38.88 41.03
N GLN C 801 -14.57 37.78 41.36
CA GLN C 801 -14.14 36.43 41.02
C GLN C 801 -14.21 36.18 39.51
N ILE C 802 -15.14 36.82 38.81
CA ILE C 802 -15.35 36.53 37.39
C ILE C 802 -14.79 37.61 36.48
N LEU C 803 -14.52 38.86 37.01
CA LEU C 803 -13.97 40.06 36.37
C LEU C 803 -12.45 40.11 36.55
N PRO C 804 -11.73 40.74 35.61
CA PRO C 804 -10.26 40.79 35.67
C PRO C 804 -9.74 41.45 36.93
N ASP C 805 -8.64 40.90 37.45
CA ASP C 805 -7.97 41.46 38.63
C ASP C 805 -6.80 42.30 38.18
N PRO C 806 -6.76 43.64 38.43
CA PRO C 806 -5.58 44.44 38.08
C PRO C 806 -4.32 43.95 38.82
N SER C 807 -4.50 43.35 40.00
CA SER C 807 -3.33 42.90 40.80
C SER C 807 -2.56 41.83 40.03
N LYS C 808 -3.27 40.91 39.37
CA LYS C 808 -2.58 39.91 38.53
C LYS C 808 -1.88 40.68 37.39
N PRO C 809 -0.62 40.36 37.05
CA PRO C 809 0.09 41.15 36.03
C PRO C 809 -0.70 41.02 34.72
N SER C 810 -1.11 39.80 34.37
CA SER C 810 -1.97 39.62 33.17
C SER C 810 -3.38 40.11 33.56
N LYS C 811 -4.12 40.69 32.62
CA LYS C 811 -5.44 41.24 33.00
C LYS C 811 -6.45 40.10 33.01
N ARG C 812 -6.34 39.20 33.99
CA ARG C 812 -7.24 38.02 34.06
C ARG C 812 -7.89 37.98 35.43
N SER C 813 -8.91 37.13 35.60
CA SER C 813 -9.67 37.04 36.85
C SER C 813 -9.01 36.01 37.77
N PRO C 814 -9.33 35.97 39.09
CA PRO C 814 -8.75 34.89 39.91
C PRO C 814 -9.27 33.50 39.56
N ILE C 815 -10.58 33.32 39.34
CA ILE C 815 -11.11 32.04 38.88
C ILE C 815 -10.47 31.69 37.55
N GLU C 816 -10.28 32.69 36.70
CA GLU C 816 -9.63 32.50 35.42
C GLU C 816 -8.20 31.99 35.60
N ASP C 817 -7.47 32.56 36.56
CA ASP C 817 -6.13 32.10 36.90
C ASP C 817 -6.16 30.66 37.42
N LEU C 818 -7.18 30.33 38.20
CA LEU C 818 -7.32 28.96 38.72
C LEU C 818 -7.56 27.98 37.58
N LEU C 819 -8.42 28.35 36.64
CA LEU C 819 -8.75 27.48 35.52
C LEU C 819 -7.55 27.28 34.60
N PHE C 820 -6.78 28.36 34.37
CA PHE C 820 -5.63 28.25 33.47
C PHE C 820 -4.52 27.46 34.15
N ASN C 821 -4.33 27.65 35.46
CA ASN C 821 -3.29 26.91 36.16
C ASN C 821 -3.63 25.43 36.26
N LYS C 822 -4.91 25.08 36.43
CA LYS C 822 -5.25 23.67 36.48
C LYS C 822 -5.14 23.01 35.10
N VAL C 823 -5.62 23.69 34.06
CA VAL C 823 -5.49 23.10 32.72
C VAL C 823 -4.74 24.06 31.81
N LEU C 846 7.96 21.68 25.37
CA LEU C 846 7.27 20.67 24.58
C LEU C 846 6.91 21.22 23.20
N ILE C 847 6.42 22.47 23.16
CA ILE C 847 5.99 23.10 21.91
C ILE C 847 7.16 23.20 20.93
N CYS C 848 8.37 23.38 21.46
CA CYS C 848 9.56 23.34 20.62
C CYS C 848 9.81 21.92 20.13
N ALA C 849 9.73 20.94 21.04
CA ALA C 849 9.93 19.53 20.69
C ALA C 849 8.94 19.08 19.62
N GLN C 850 7.71 19.61 19.67
CA GLN C 850 6.73 19.27 18.63
C GLN C 850 7.12 19.92 17.32
N LYS C 851 7.45 21.23 17.36
CA LYS C 851 7.84 21.98 16.16
C LYS C 851 9.00 21.32 15.42
N PHE C 852 9.95 20.75 16.17
CA PHE C 852 11.19 20.15 15.67
C PHE C 852 11.01 19.00 14.69
N ASN C 853 9.82 18.42 14.55
CA ASN C 853 9.59 17.39 13.56
C ASN C 853 8.73 17.90 12.40
N GLY C 854 8.57 19.21 12.30
CA GLY C 854 7.83 19.82 11.22
C GLY C 854 6.34 19.82 11.46
N LEU C 855 5.91 19.67 12.70
CA LEU C 855 4.52 19.65 13.10
C LEU C 855 4.42 20.84 14.04
N THR C 856 4.12 21.99 13.48
CA THR C 856 4.12 23.23 14.23
C THR C 856 2.71 23.55 14.70
N VAL C 857 2.63 24.50 15.62
CA VAL C 857 1.37 24.96 16.15
C VAL C 857 1.24 26.45 15.84
N LEU C 858 0.12 26.81 15.25
CA LEU C 858 -0.04 28.20 14.87
C LEU C 858 -0.63 28.95 16.06
N PRO C 859 -0.17 30.18 16.30
CA PRO C 859 -0.73 30.93 17.40
C PRO C 859 -2.15 31.35 17.06
N PRO C 860 -3.04 31.40 18.04
CA PRO C 860 -4.36 31.98 17.80
C PRO C 860 -4.24 33.43 17.38
N LEU C 861 -5.19 33.88 16.56
CA LEU C 861 -5.24 35.29 16.20
C LEU C 861 -5.46 36.12 17.45
N LEU C 862 -6.25 35.60 18.35
CA LEU C 862 -6.58 36.21 19.62
C LEU C 862 -5.70 35.56 20.67
N THR C 863 -4.82 36.33 21.30
CA THR C 863 -3.90 35.78 22.30
C THR C 863 -4.67 35.48 23.57
N ASP C 864 -4.03 34.76 24.51
CA ASP C 864 -4.70 34.46 25.77
C ASP C 864 -5.13 35.74 26.48
N GLU C 865 -4.34 36.81 26.34
CA GLU C 865 -4.71 38.11 26.87
C GLU C 865 -5.91 38.67 26.11
N MET C 866 -6.00 38.38 24.81
CA MET C 866 -7.12 38.85 24.01
C MET C 866 -8.38 38.02 24.23
N ILE C 867 -8.22 36.74 24.55
CA ILE C 867 -9.36 35.91 24.95
C ILE C 867 -9.88 36.42 26.27
N ALA C 868 -8.96 36.79 27.16
CA ALA C 868 -9.34 37.43 28.42
C ALA C 868 -10.04 38.76 28.15
N GLN C 869 -9.57 39.51 27.16
CA GLN C 869 -10.22 40.77 26.81
C GLN C 869 -11.62 40.55 26.26
N TYR C 870 -11.82 39.53 25.41
CA TYR C 870 -13.19 39.21 24.98
C TYR C 870 -14.06 38.69 26.10
N THR C 871 -13.53 37.84 26.96
CA THR C 871 -14.38 37.35 28.03
C THR C 871 -14.71 38.47 29.00
N SER C 872 -13.77 39.39 29.24
CA SER C 872 -14.09 40.54 30.07
C SER C 872 -15.09 41.46 29.39
N ALA C 873 -14.90 41.75 28.10
CA ALA C 873 -15.83 42.60 27.37
C ALA C 873 -17.20 41.97 27.19
N LEU C 874 -17.24 40.68 26.83
CA LEU C 874 -18.47 39.96 26.63
C LEU C 874 -19.21 39.75 27.94
N LEU C 875 -18.49 39.42 29.01
CA LEU C 875 -19.10 39.22 30.31
C LEU C 875 -19.60 40.55 30.86
N ALA C 876 -18.80 41.60 30.68
CA ALA C 876 -19.22 42.95 31.05
C ALA C 876 -20.42 43.37 30.23
N GLY C 877 -20.45 42.97 28.96
CA GLY C 877 -21.60 43.25 28.12
C GLY C 877 -22.85 42.58 28.66
N THR C 878 -22.74 41.29 29.00
CA THR C 878 -23.87 40.59 29.59
C THR C 878 -24.32 41.26 30.87
N ILE C 879 -23.36 41.66 31.72
CA ILE C 879 -23.66 42.23 33.03
C ILE C 879 -24.31 43.60 32.89
N THR C 880 -23.83 44.42 31.96
CA THR C 880 -24.29 45.79 31.82
C THR C 880 -25.43 45.93 30.82
N SER C 881 -25.70 44.93 29.98
CA SER C 881 -26.71 45.08 28.96
C SER C 881 -27.72 43.97 28.82
N GLY C 882 -27.70 42.92 29.65
CA GLY C 882 -28.63 41.83 29.41
C GLY C 882 -28.40 41.23 28.04
N TRP C 883 -29.49 41.13 27.28
CA TRP C 883 -29.44 40.60 25.94
C TRP C 883 -29.39 41.68 24.87
N THR C 884 -29.44 42.95 25.25
CA THR C 884 -29.54 44.02 24.26
C THR C 884 -28.24 44.24 23.48
N PHE C 885 -27.09 43.93 24.07
CA PHE C 885 -25.83 44.13 23.35
C PHE C 885 -25.63 43.12 22.24
N GLY C 886 -26.36 42.02 22.25
CA GLY C 886 -26.25 40.96 21.26
C GLY C 886 -27.15 41.14 20.06
N ALA C 887 -27.97 42.20 20.07
CA ALA C 887 -28.91 42.48 18.99
C ALA C 887 -28.79 43.91 18.48
N GLY C 888 -27.64 44.56 18.71
CA GLY C 888 -27.47 45.93 18.34
C GLY C 888 -26.61 46.67 19.36
N PRO C 889 -26.85 47.97 19.51
CA PRO C 889 -26.10 48.74 20.51
C PRO C 889 -26.38 48.32 21.95
N ALA C 890 -25.35 48.41 22.77
CA ALA C 890 -25.50 48.05 24.18
C ALA C 890 -26.27 49.10 24.94
N LEU C 891 -27.36 48.67 25.55
CA LEU C 891 -28.14 49.43 26.51
C LEU C 891 -27.51 49.25 27.89
N GLN C 892 -27.59 50.25 28.74
CA GLN C 892 -27.21 49.99 30.11
C GLN C 892 -28.40 49.42 30.87
N ILE C 893 -28.12 48.48 31.78
CA ILE C 893 -29.11 47.93 32.71
C ILE C 893 -28.37 47.52 33.98
N PRO C 894 -28.88 47.86 35.15
CA PRO C 894 -28.35 47.30 36.40
C PRO C 894 -28.50 45.79 36.48
N PHE C 895 -27.50 45.15 37.08
CA PHE C 895 -27.53 43.70 37.18
C PHE C 895 -28.69 43.10 38.01
N PRO C 896 -29.15 43.62 39.17
CA PRO C 896 -30.32 42.97 39.79
C PRO C 896 -31.60 43.05 38.95
N MET C 897 -31.85 44.15 38.23
CA MET C 897 -33.03 44.16 37.38
C MET C 897 -32.83 43.20 36.21
N GLN C 898 -31.59 43.06 35.73
CA GLN C 898 -31.31 42.03 34.72
C GLN C 898 -31.67 40.64 35.24
N MET C 899 -31.33 40.38 36.51
CA MET C 899 -31.69 39.11 37.14
C MET C 899 -33.21 38.99 37.22
N ALA C 900 -33.87 40.13 37.46
CA ALA C 900 -35.34 40.19 37.50
C ALA C 900 -35.96 39.90 36.13
N TYR C 901 -35.32 40.36 35.04
CA TYR C 901 -35.87 40.06 33.72
C TYR C 901 -35.77 38.58 33.47
N ARG C 902 -34.66 37.99 33.89
CA ARG C 902 -34.47 36.55 33.67
C ARG C 902 -35.44 35.72 34.53
N PHE C 903 -35.76 36.20 35.73
CA PHE C 903 -36.80 35.54 36.51
C PHE C 903 -38.16 35.65 35.82
N ASN C 904 -38.46 36.81 35.26
CA ASN C 904 -39.70 36.99 34.50
C ASN C 904 -39.71 36.05 33.28
N GLY C 905 -38.55 35.92 32.64
CA GLY C 905 -38.41 35.03 31.49
C GLY C 905 -38.70 33.57 31.77
N ILE C 906 -38.38 33.09 32.97
CA ILE C 906 -38.64 31.67 33.26
C ILE C 906 -40.05 31.52 33.85
N GLY C 907 -40.84 32.60 33.83
CA GLY C 907 -42.18 32.41 34.33
C GLY C 907 -42.26 32.48 35.82
N VAL C 908 -41.31 33.17 36.45
CA VAL C 908 -41.25 33.33 37.90
C VAL C 908 -41.37 34.82 38.18
N THR C 909 -42.23 35.18 39.11
CA THR C 909 -42.51 36.59 39.30
C THR C 909 -41.29 37.29 39.92
N GLN C 910 -41.19 38.60 39.68
CA GLN C 910 -40.06 39.40 40.14
C GLN C 910 -39.99 39.52 41.66
N ASN C 911 -41.15 39.43 42.33
CA ASN C 911 -41.19 39.68 43.76
C ASN C 911 -40.42 38.68 44.59
N VAL C 912 -40.25 37.45 44.12
CA VAL C 912 -39.45 36.52 44.90
C VAL C 912 -37.99 36.94 44.90
N LEU C 913 -37.49 37.36 43.72
CA LEU C 913 -36.13 37.84 43.57
C LEU C 913 -35.88 39.07 44.43
N TYR C 914 -36.77 40.06 44.33
CA TYR C 914 -36.51 41.31 45.04
C TYR C 914 -36.65 41.12 46.55
N GLU C 915 -37.62 40.32 46.99
CA GLU C 915 -37.74 40.07 48.43
C GLU C 915 -36.55 39.30 48.98
N ASN C 916 -35.95 38.36 48.24
CA ASN C 916 -34.82 37.63 48.81
C ASN C 916 -33.49 37.97 48.15
N GLN C 917 -33.35 39.16 47.56
CA GLN C 917 -32.14 39.52 46.80
C GLN C 917 -30.86 39.34 47.60
N LYS C 918 -30.89 39.62 48.90
CA LYS C 918 -29.67 39.46 49.70
C LYS C 918 -29.35 37.98 49.86
N LEU C 919 -30.37 37.16 50.11
CA LEU C 919 -30.15 35.71 50.20
C LEU C 919 -29.71 35.13 48.86
N ILE C 920 -30.26 35.63 47.75
CA ILE C 920 -29.88 35.12 46.44
C ILE C 920 -28.42 35.51 46.16
N ALA C 921 -28.03 36.73 46.52
CA ALA C 921 -26.64 37.17 46.37
C ALA C 921 -25.72 36.29 47.20
N ASN C 922 -26.15 35.93 48.41
CA ASN C 922 -25.33 35.08 49.26
C ASN C 922 -25.25 33.67 48.68
N GLN C 923 -26.36 33.15 48.14
CA GLN C 923 -26.37 31.83 47.54
C GLN C 923 -25.49 31.80 46.30
N PHE C 924 -25.53 32.86 45.49
CA PHE C 924 -24.66 32.95 44.31
C PHE C 924 -23.20 33.00 44.71
N ASN C 925 -22.88 33.85 45.70
CA ASN C 925 -21.50 33.97 46.19
C ASN C 925 -20.99 32.66 46.76
N SER C 926 -21.84 31.95 47.50
CA SER C 926 -21.43 30.66 48.06
C SER C 926 -21.32 29.62 46.96
N ALA C 927 -22.17 29.72 45.94
CA ALA C 927 -22.09 28.82 44.79
C ALA C 927 -20.77 29.03 44.05
N ILE C 928 -20.35 30.29 43.90
CA ILE C 928 -19.07 30.60 43.26
C ILE C 928 -17.93 30.07 44.10
N GLY C 929 -18.01 30.25 45.43
CA GLY C 929 -17.01 29.66 46.31
C GLY C 929 -16.97 28.15 46.20
N LYS C 930 -18.13 27.52 46.02
CA LYS C 930 -18.17 26.07 45.82
C LYS C 930 -17.50 25.69 44.51
N ILE C 931 -17.67 26.52 43.47
CA ILE C 931 -17.00 26.25 42.21
C ILE C 931 -15.50 26.37 42.38
N GLN C 932 -15.04 27.43 43.05
CA GLN C 932 -13.61 27.59 43.30
C GLN C 932 -13.03 26.42 44.09
N ASP C 933 -13.71 26.01 45.16
CA ASP C 933 -13.18 24.93 45.99
C ASP C 933 -13.27 23.56 45.32
N SER C 934 -14.39 23.27 44.65
CA SER C 934 -14.57 21.99 43.98
C SER C 934 -13.60 21.82 42.83
N LEU C 935 -13.45 22.85 42.00
CA LEU C 935 -12.51 22.80 40.89
C LEU C 935 -11.06 22.79 41.36
N SER C 936 -10.73 23.57 42.42
CA SER C 936 -9.38 23.56 42.93
C SER C 936 -9.02 22.21 43.55
N SER C 937 -9.97 21.56 44.22
CA SER C 937 -9.67 20.30 44.90
C SER C 937 -9.70 19.11 43.95
N THR C 938 -10.80 18.97 43.20
CA THR C 938 -11.08 17.79 42.43
C THR C 938 -10.50 17.96 41.03
N PRO C 939 -9.45 17.22 40.66
CA PRO C 939 -8.88 17.41 39.32
C PRO C 939 -9.82 17.01 38.18
N SER C 940 -10.69 16.03 38.37
CA SER C 940 -11.56 15.57 37.29
C SER C 940 -12.76 16.48 37.09
N ALA C 941 -12.90 17.54 37.92
CA ALA C 941 -14.03 18.46 37.83
C ALA C 941 -14.07 19.13 36.46
N LEU C 942 -12.90 19.36 35.88
CA LEU C 942 -12.74 19.98 34.56
C LEU C 942 -12.42 18.90 33.55
N GLY C 943 -12.85 17.67 33.84
CA GLY C 943 -12.57 16.56 32.94
C GLY C 943 -13.04 16.71 31.51
N LYS C 944 -14.15 17.38 31.26
CA LYS C 944 -14.56 17.55 29.86
C LYS C 944 -13.58 18.44 29.07
N LEU C 945 -12.96 19.41 29.74
CA LEU C 945 -11.96 20.23 29.08
C LEU C 945 -10.59 19.59 29.13
N GLN C 946 -10.29 18.91 30.22
CA GLN C 946 -9.01 18.26 30.33
C GLN C 946 -8.96 17.13 29.32
N ASP C 947 -10.10 16.47 29.12
CA ASP C 947 -10.21 15.43 28.10
C ASP C 947 -10.11 15.99 26.70
N VAL C 948 -10.70 17.17 26.41
CA VAL C 948 -10.53 17.65 25.04
C VAL C 948 -9.08 18.08 24.77
N VAL C 949 -8.46 18.82 25.71
CA VAL C 949 -7.06 19.19 25.57
C VAL C 949 -6.18 17.94 25.53
N ASN C 950 -6.52 16.94 26.35
CA ASN C 950 -5.77 15.70 26.41
C ASN C 950 -5.92 14.92 25.11
N GLN C 951 -7.11 14.90 24.52
CA GLN C 951 -7.28 14.22 23.24
C GLN C 951 -6.47 14.90 22.15
N ASN C 952 -6.37 16.23 22.20
CA ASN C 952 -5.56 16.91 21.19
C ASN C 952 -4.07 16.66 21.44
N ALA C 953 -3.68 16.62 22.71
CA ALA C 953 -2.30 16.29 23.08
C ALA C 953 -1.95 14.87 22.70
N GLN C 954 -2.87 13.93 22.91
CA GLN C 954 -2.66 12.54 22.51
C GLN C 954 -2.63 12.42 21.00
N ALA C 955 -3.48 13.16 20.29
CA ALA C 955 -3.47 13.10 18.84
C ALA C 955 -2.11 13.56 18.30
N LEU C 956 -1.57 14.64 18.88
CA LEU C 956 -0.27 15.13 18.43
C LEU C 956 0.85 14.21 18.88
N ASN C 957 0.78 13.69 20.11
CA ASN C 957 1.78 12.79 20.64
C ASN C 957 1.74 11.47 19.91
N THR C 958 0.54 11.03 19.53
CA THR C 958 0.33 9.82 18.76
C THR C 958 0.91 10.00 17.37
N LEU C 959 0.70 11.17 16.77
CA LEU C 959 1.27 11.47 15.46
C LEU C 959 2.80 11.36 15.53
N VAL C 960 3.38 11.87 16.61
CA VAL C 960 4.82 11.77 16.80
C VAL C 960 5.21 10.30 16.98
N LYS C 961 4.41 9.52 17.73
CA LYS C 961 4.74 8.10 17.83
C LYS C 961 4.64 7.41 16.49
N GLN C 962 3.74 7.85 15.58
CA GLN C 962 3.86 7.26 14.25
C GLN C 962 5.11 7.75 13.55
N LEU C 963 5.67 8.89 13.96
CA LEU C 963 6.94 9.25 13.35
C LEU C 963 8.05 8.39 13.93
N SER C 964 7.79 7.79 15.08
CA SER C 964 8.66 6.83 15.76
C SER C 964 8.29 5.38 15.41
N SER C 965 7.24 5.18 14.64
CA SER C 965 6.76 3.87 14.23
C SER C 965 7.48 3.40 12.98
N ASN C 966 7.69 2.09 12.90
CA ASN C 966 8.43 1.52 11.79
C ASN C 966 7.61 1.31 10.52
N PHE C 967 6.34 0.93 10.61
CA PHE C 967 5.47 0.65 9.45
C PHE C 967 6.03 -0.41 8.51
N GLY C 968 6.92 -1.31 8.93
CA GLY C 968 7.45 -2.28 8.00
C GLY C 968 8.82 -1.94 7.42
N ALA C 969 9.30 -0.72 7.66
CA ALA C 969 10.57 -0.20 7.18
C ALA C 969 11.80 -0.70 7.95
N ILE C 970 12.95 -0.55 7.30
CA ILE C 970 14.20 -0.89 7.95
C ILE C 970 14.52 0.05 9.11
N SER C 971 13.99 1.27 9.12
CA SER C 971 14.19 2.22 10.20
C SER C 971 13.09 3.26 10.17
N SER C 972 12.65 3.67 11.36
CA SER C 972 11.67 4.72 11.54
C SER C 972 12.20 6.14 11.39
N VAL C 973 13.51 6.35 11.40
CA VAL C 973 14.06 7.69 11.45
C VAL C 973 14.33 8.14 10.02
N LEU C 974 13.69 9.25 9.63
CA LEU C 974 13.78 9.78 8.27
C LEU C 974 15.18 10.23 7.92
N ASN C 975 15.87 10.86 8.87
CA ASN C 975 17.23 11.32 8.63
C ASN C 975 18.15 10.12 8.46
N ASP C 976 17.83 9.03 9.17
CA ASP C 976 18.64 7.83 9.08
C ASP C 976 18.36 7.13 7.75
N ILE C 977 17.11 7.14 7.26
CA ILE C 977 16.83 6.56 5.95
C ILE C 977 17.55 7.32 4.84
N LEU C 978 17.51 8.67 4.88
CA LEU C 978 18.20 9.39 3.81
C LEU C 978 19.72 9.30 3.95
N SER C 979 20.23 9.15 5.17
CA SER C 979 21.64 8.97 5.42
C SER C 979 22.11 7.56 5.09
N ARG C 980 21.19 6.61 5.09
CA ARG C 980 21.42 5.20 4.86
C ARG C 980 21.24 4.74 3.43
N LEU C 981 20.22 5.19 2.70
CA LEU C 981 19.99 4.59 1.39
C LEU C 981 20.45 5.54 0.29
N ASP C 982 20.95 4.91 -0.91
CA ASP C 982 21.30 5.52 -2.17
C ASP C 982 20.12 5.52 -3.14
N PRO C 983 20.07 6.48 -4.07
CA PRO C 983 18.93 6.60 -5.05
C PRO C 983 18.49 5.33 -5.78
N PRO C 984 19.40 4.51 -6.40
CA PRO C 984 18.91 3.36 -7.19
C PRO C 984 18.08 2.30 -6.47
N GLU C 985 18.24 2.15 -5.17
CA GLU C 985 17.46 1.21 -4.36
C GLU C 985 16.48 1.95 -3.48
N ALA C 986 16.91 3.14 -3.08
CA ALA C 986 16.17 4.03 -2.23
C ALA C 986 14.88 4.49 -2.88
N GLU C 987 14.85 4.68 -4.20
CA GLU C 987 13.60 5.18 -4.76
C GLU C 987 12.46 4.16 -4.62
N VAL C 988 12.74 2.87 -4.83
CA VAL C 988 11.69 1.88 -4.62
C VAL C 988 11.42 1.63 -3.12
N GLN C 989 12.49 1.47 -2.31
CA GLN C 989 12.26 1.18 -0.90
C GLN C 989 11.66 2.36 -0.15
N ILE C 990 12.13 3.57 -0.45
CA ILE C 990 11.59 4.79 0.15
C ILE C 990 10.20 5.06 -0.38
N ASP C 991 9.93 4.79 -1.66
CA ASP C 991 8.55 4.94 -2.14
C ASP C 991 7.61 4.09 -1.30
N ARG C 992 8.07 2.89 -0.91
CA ARG C 992 7.26 2.06 -0.01
C ARG C 992 7.14 2.69 1.39
N LEU C 993 8.24 3.23 1.91
CA LEU C 993 8.21 3.86 3.24
C LEU C 993 7.37 5.15 3.27
N ILE C 994 7.48 5.96 2.23
CA ILE C 994 6.70 7.19 2.09
C ILE C 994 5.24 6.84 1.96
N THR C 995 4.93 5.79 1.20
CA THR C 995 3.56 5.35 1.03
C THR C 995 2.93 5.01 2.38
N GLY C 996 3.67 4.26 3.21
CA GLY C 996 3.15 3.88 4.52
C GLY C 996 3.00 5.07 5.45
N ARG C 997 3.99 5.98 5.45
CA ARG C 997 3.90 7.14 6.34
C ARG C 997 2.81 8.09 5.86
N LEU C 998 2.61 8.18 4.55
CA LEU C 998 1.53 9.01 4.04
C LEU C 998 0.17 8.44 4.42
N GLN C 999 0.00 7.11 4.40
CA GLN C 999 -1.29 6.59 4.90
C GLN C 999 -1.44 6.93 6.38
N SER C 1000 -0.35 6.90 7.14
CA SER C 1000 -0.45 7.25 8.56
C SER C 1000 -0.80 8.72 8.76
N LEU C 1001 -0.21 9.62 7.96
CA LEU C 1001 -0.53 11.03 8.08
C LEU C 1001 -1.94 11.31 7.58
N GLN C 1002 -2.34 10.64 6.51
CA GLN C 1002 -3.69 10.77 5.96
C GLN C 1002 -4.70 10.29 6.98
N THR C 1003 -4.38 9.21 7.69
CA THR C 1003 -5.23 8.71 8.76
C THR C 1003 -5.32 9.71 9.88
N TYR C 1004 -4.18 10.31 10.28
CA TYR C 1004 -4.21 11.35 11.29
C TYR C 1004 -5.09 12.51 10.89
N VAL C 1005 -4.90 13.03 9.68
CA VAL C 1005 -5.67 14.19 9.26
C VAL C 1005 -7.15 13.86 9.11
N THR C 1006 -7.50 12.71 8.50
CA THR C 1006 -8.91 12.30 8.40
C THR C 1006 -9.58 12.06 9.75
N GLN C 1007 -8.89 11.38 10.66
CA GLN C 1007 -9.40 11.14 12.00
C GLN C 1007 -9.51 12.47 12.74
N GLN C 1008 -8.56 13.37 12.45
CA GLN C 1008 -8.52 14.70 13.04
C GLN C 1008 -9.66 15.52 12.47
N LEU C 1009 -10.03 15.27 11.21
CA LEU C 1009 -11.16 15.95 10.60
C LEU C 1009 -12.46 15.50 11.24
N ILE C 1010 -12.57 14.21 11.57
CA ILE C 1010 -13.77 13.74 12.23
C ILE C 1010 -13.84 14.32 13.65
N ARG C 1011 -12.71 14.30 14.37
CA ARG C 1011 -12.71 14.92 15.70
C ARG C 1011 -13.00 16.40 15.59
N ALA C 1012 -12.43 17.08 14.59
CA ALA C 1012 -12.68 18.49 14.36
C ALA C 1012 -14.14 18.73 14.06
N ALA C 1013 -14.78 17.79 13.37
CA ALA C 1013 -16.20 17.91 13.13
C ALA C 1013 -16.95 17.83 14.46
N GLU C 1014 -16.49 16.95 15.36
CA GLU C 1014 -17.11 16.87 16.67
C GLU C 1014 -16.87 18.14 17.51
N ILE C 1015 -15.65 18.69 17.50
CA ILE C 1015 -15.42 19.98 18.16
C ILE C 1015 -16.19 21.09 17.46
N ARG C 1016 -16.30 21.04 16.13
CA ARG C 1016 -17.09 22.02 15.38
C ARG C 1016 -18.57 21.97 15.79
N ALA C 1017 -19.12 20.76 15.93
CA ALA C 1017 -20.49 20.60 16.39
C ALA C 1017 -20.64 21.13 17.80
N SER C 1018 -19.65 20.85 18.65
CA SER C 1018 -19.65 21.37 20.01
C SER C 1018 -19.56 22.89 19.97
N ALA C 1019 -18.75 23.41 19.06
CA ALA C 1019 -18.60 24.85 18.87
C ALA C 1019 -19.90 25.47 18.39
N ASN C 1020 -20.66 24.76 17.54
CA ASN C 1020 -21.97 25.27 17.13
C ASN C 1020 -22.90 25.27 18.31
N LEU C 1021 -22.78 24.26 19.17
CA LEU C 1021 -23.56 24.20 20.40
C LEU C 1021 -23.13 25.31 21.33
N ALA C 1022 -21.82 25.55 21.41
CA ALA C 1022 -21.27 26.61 22.23
C ALA C 1022 -21.69 27.98 21.73
N ALA C 1023 -21.69 28.20 20.42
CA ALA C 1023 -22.12 29.49 19.89
C ALA C 1023 -23.61 29.71 20.08
N THR C 1024 -24.42 28.66 19.88
CA THR C 1024 -25.85 28.79 20.15
C THR C 1024 -26.09 28.99 21.63
N LYS C 1025 -25.39 28.23 22.46
CA LYS C 1025 -25.50 28.37 23.90
C LYS C 1025 -25.02 29.75 24.33
N MET C 1026 -23.96 30.23 23.68
CA MET C 1026 -23.45 31.56 23.93
C MET C 1026 -24.50 32.62 23.62
N SER C 1027 -25.09 32.57 22.41
CA SER C 1027 -26.03 33.61 22.01
C SER C 1027 -27.34 33.57 22.80
N GLU C 1028 -27.99 32.40 22.93
CA GLU C 1028 -29.28 32.43 23.61
C GLU C 1028 -29.19 32.22 25.12
N CYS C 1029 -28.09 31.68 25.64
CA CYS C 1029 -28.00 31.41 27.06
C CYS C 1029 -27.17 32.49 27.74
N VAL C 1030 -26.25 33.11 27.02
CA VAL C 1030 -25.35 34.10 27.60
C VAL C 1030 -25.75 35.51 27.21
N LEU C 1031 -26.07 35.69 25.93
CA LEU C 1031 -26.47 36.95 25.38
C LEU C 1031 -27.96 37.07 25.37
N GLY C 1032 -28.63 36.28 26.19
CA GLY C 1032 -30.07 36.28 26.24
C GLY C 1032 -30.55 35.38 27.33
N GLN C 1033 -31.84 35.07 27.25
CA GLN C 1033 -32.47 34.13 28.17
C GLN C 1033 -33.24 33.07 27.42
N SER C 1034 -32.91 31.82 27.68
CA SER C 1034 -33.51 30.73 26.95
C SER C 1034 -34.72 30.25 27.74
N LYS C 1035 -35.75 29.84 27.02
CA LYS C 1035 -36.91 29.22 27.65
C LYS C 1035 -36.90 27.72 27.42
N ARG C 1036 -35.78 27.20 26.92
CA ARG C 1036 -35.64 25.78 26.65
C ARG C 1036 -35.18 25.06 27.91
N VAL C 1037 -36.01 24.17 28.41
CA VAL C 1037 -35.71 23.46 29.65
C VAL C 1037 -34.57 22.46 29.43
N ASP C 1038 -33.59 22.48 30.34
CA ASP C 1038 -32.41 21.62 30.39
C ASP C 1038 -31.50 21.78 29.17
N PHE C 1039 -31.67 22.84 28.38
CA PHE C 1039 -30.77 23.15 27.28
C PHE C 1039 -29.49 23.81 27.75
N CYS C 1040 -29.61 24.71 28.72
CA CYS C 1040 -28.49 25.55 29.13
C CYS C 1040 -28.12 25.19 30.57
N GLY C 1041 -27.92 23.92 30.86
CA GLY C 1041 -27.62 23.46 32.19
C GLY C 1041 -28.82 22.86 32.89
N LYS C 1042 -28.56 22.20 34.02
CA LYS C 1042 -29.58 21.44 34.73
C LYS C 1042 -30.29 22.34 35.73
N GLY C 1043 -31.55 22.65 35.42
CA GLY C 1043 -32.43 23.53 36.15
C GLY C 1043 -33.10 24.47 35.18
N TYR C 1044 -33.74 25.51 35.71
CA TYR C 1044 -34.34 26.51 34.85
C TYR C 1044 -33.29 27.58 34.61
N HIS C 1045 -32.91 27.76 33.35
CA HIS C 1045 -31.82 28.68 33.02
C HIS C 1045 -32.15 30.15 33.21
N LEU C 1046 -31.27 30.85 33.93
CA LEU C 1046 -31.32 32.31 34.04
C LEU C 1046 -30.29 33.02 33.18
N MET C 1047 -29.02 32.68 33.35
CA MET C 1047 -27.94 33.35 32.64
C MET C 1047 -26.68 32.51 32.72
N SER C 1048 -25.70 32.90 31.90
CA SER C 1048 -24.41 32.27 31.92
C SER C 1048 -23.32 33.34 31.85
N PHE C 1049 -22.12 32.94 32.28
CA PHE C 1049 -20.96 33.80 32.32
C PHE C 1049 -19.85 33.08 31.58
N PRO C 1050 -19.25 33.70 30.58
CA PRO C 1050 -18.11 33.06 29.91
C PRO C 1050 -16.89 33.17 30.77
N GLN C 1051 -16.03 32.17 30.65
CA GLN C 1051 -14.73 32.24 31.27
C GLN C 1051 -13.74 31.73 30.25
N SER C 1052 -12.59 32.39 30.18
CA SER C 1052 -11.55 31.93 29.29
C SER C 1052 -10.99 30.64 29.85
N ALA C 1053 -10.64 29.73 28.97
CA ALA C 1053 -9.99 28.50 29.36
C ALA C 1053 -8.99 28.21 28.27
N PRO C 1054 -7.94 27.42 28.55
CA PRO C 1054 -7.02 27.04 27.48
C PRO C 1054 -7.77 26.35 26.34
N HIS C 1055 -7.74 27.01 25.19
CA HIS C 1055 -8.35 26.53 23.95
C HIS C 1055 -9.81 26.10 24.11
N GLY C 1056 -10.55 26.80 24.97
CA GLY C 1056 -11.93 26.44 25.22
C GLY C 1056 -12.59 27.49 26.08
N VAL C 1057 -13.84 27.20 26.46
CA VAL C 1057 -14.65 28.14 27.25
C VAL C 1057 -15.26 27.40 28.42
N VAL C 1058 -15.41 28.11 29.54
CA VAL C 1058 -16.09 27.62 30.73
C VAL C 1058 -17.31 28.50 30.95
N PHE C 1059 -18.47 27.88 31.08
CA PHE C 1059 -19.71 28.60 31.33
C PHE C 1059 -20.12 28.39 32.77
N LEU C 1060 -20.45 29.49 33.44
CA LEU C 1060 -21.04 29.41 34.78
C LEU C 1060 -22.52 29.71 34.59
N HIS C 1061 -23.35 28.68 34.66
CA HIS C 1061 -24.78 28.81 34.43
C HIS C 1061 -25.49 28.97 35.75
N VAL C 1062 -26.27 30.03 35.86
CA VAL C 1062 -27.03 30.30 37.07
C VAL C 1062 -28.42 29.79 36.79
N THR C 1063 -28.85 28.78 37.54
CA THR C 1063 -30.11 28.12 37.28
C THR C 1063 -30.98 28.13 38.54
N TYR C 1064 -32.28 28.10 38.31
CA TYR C 1064 -33.26 28.01 39.37
C TYR C 1064 -33.60 26.53 39.52
N VAL C 1065 -33.42 25.99 40.72
CA VAL C 1065 -33.72 24.59 41.00
C VAL C 1065 -34.60 24.50 42.23
N PRO C 1066 -35.81 23.95 42.11
CA PRO C 1066 -36.66 23.70 43.28
C PRO C 1066 -36.01 22.79 44.32
N ALA C 1067 -36.25 23.12 45.59
CA ALA C 1067 -35.66 22.31 46.65
C ALA C 1067 -36.77 21.65 47.46
N GLN C 1068 -37.24 22.32 48.51
CA GLN C 1068 -38.19 21.72 49.45
C GLN C 1068 -39.54 21.40 48.81
N GLU C 1069 -40.13 20.31 49.31
CA GLU C 1069 -41.38 19.73 48.85
C GLU C 1069 -42.55 20.05 49.77
N LYS C 1070 -43.74 20.25 49.18
CA LYS C 1070 -44.97 20.35 49.95
C LYS C 1070 -46.12 19.80 49.12
N ASN C 1071 -46.95 18.97 49.76
CA ASN C 1071 -48.10 18.34 49.12
C ASN C 1071 -49.36 19.20 49.19
N PHE C 1072 -50.12 19.20 48.09
CA PHE C 1072 -51.41 19.88 48.01
C PHE C 1072 -52.38 19.06 47.17
N THR C 1073 -53.66 19.27 47.41
CA THR C 1073 -54.76 18.73 46.61
C THR C 1073 -55.08 19.75 45.52
N THR C 1074 -55.53 19.28 44.36
CA THR C 1074 -55.77 20.14 43.20
C THR C 1074 -57.18 19.98 42.69
N ALA C 1075 -57.49 20.75 41.64
CA ALA C 1075 -58.79 20.71 41.02
C ALA C 1075 -58.58 21.15 39.58
N PRO C 1076 -59.28 20.58 38.61
CA PRO C 1076 -59.03 20.94 37.21
C PRO C 1076 -59.53 22.33 36.80
N ALA C 1077 -60.52 22.89 37.50
CA ALA C 1077 -61.15 24.14 37.12
C ALA C 1077 -61.89 24.67 38.34
N ILE C 1078 -62.27 25.95 38.28
CA ILE C 1078 -63.07 26.55 39.34
C ILE C 1078 -64.43 26.98 38.84
N CYS C 1079 -65.48 26.55 39.55
CA CYS C 1079 -66.86 26.95 39.32
C CYS C 1079 -67.20 28.04 40.33
N HIS C 1080 -67.34 29.28 39.87
CA HIS C 1080 -67.62 30.33 40.85
C HIS C 1080 -69.11 30.67 40.89
N ASP C 1081 -69.63 31.29 39.83
CA ASP C 1081 -71.05 31.61 39.70
C ASP C 1081 -71.76 30.66 38.76
N GLY C 1082 -71.18 29.48 38.54
CA GLY C 1082 -71.66 28.51 37.58
C GLY C 1082 -70.81 28.47 36.33
N LYS C 1083 -69.92 29.44 36.17
CA LYS C 1083 -68.96 29.53 35.08
C LYS C 1083 -67.65 28.87 35.50
N ALA C 1084 -66.92 28.35 34.52
CA ALA C 1084 -65.64 27.70 34.81
C ALA C 1084 -64.51 28.73 34.71
N HIS C 1085 -63.80 28.93 35.82
CA HIS C 1085 -62.67 29.85 35.90
C HIS C 1085 -61.36 29.10 35.81
N PHE C 1086 -60.49 29.54 34.89
CA PHE C 1086 -59.19 28.93 34.73
C PHE C 1086 -58.09 29.93 35.05
N PRO C 1087 -56.96 29.49 35.59
CA PRO C 1087 -55.85 30.41 35.87
C PRO C 1087 -55.12 30.81 34.60
N ARG C 1088 -54.66 32.06 34.57
CA ARG C 1088 -53.84 32.48 33.43
C ARG C 1088 -52.39 32.03 33.59
N GLU C 1089 -51.87 32.09 34.81
CA GLU C 1089 -50.46 31.80 35.04
C GLU C 1089 -50.16 30.64 35.98
N GLY C 1090 -50.96 30.40 37.02
CA GLY C 1090 -50.51 29.38 37.95
C GLY C 1090 -51.25 28.08 38.22
N VAL C 1091 -51.08 27.57 39.45
CA VAL C 1091 -51.66 26.32 39.92
C VAL C 1091 -52.32 26.55 41.27
N PHE C 1092 -53.46 25.90 41.51
CA PHE C 1092 -54.20 26.09 42.75
C PHE C 1092 -53.65 25.28 43.92
N VAL C 1093 -53.55 25.92 45.10
CA VAL C 1093 -53.03 25.26 46.31
C VAL C 1093 -54.18 24.93 47.25
N SER C 1094 -54.17 23.70 47.78
CA SER C 1094 -55.18 23.22 48.73
C SER C 1094 -54.85 23.42 50.21
N ASN C 1095 -54.88 24.68 50.69
CA ASN C 1095 -54.62 24.91 52.11
C ASN C 1095 -55.59 24.04 52.95
N GLY C 1096 -56.83 23.93 52.50
CA GLY C 1096 -57.84 23.11 53.16
C GLY C 1096 -59.16 23.83 53.30
N THR C 1097 -59.10 25.16 53.33
CA THR C 1097 -60.31 25.97 53.39
C THR C 1097 -60.05 27.29 52.69
N HIS C 1098 -58.79 27.51 52.26
CA HIS C 1098 -58.34 28.75 51.63
C HIS C 1098 -57.52 28.39 50.39
N TRP C 1099 -58.19 27.98 49.32
CA TRP C 1099 -57.51 27.72 48.05
C TRP C 1099 -56.89 28.99 47.47
N PHE C 1100 -55.63 28.88 47.01
CA PHE C 1100 -54.96 30.03 46.43
C PHE C 1100 -54.28 29.55 45.16
N VAL C 1101 -53.90 30.48 44.28
CA VAL C 1101 -53.12 30.19 43.08
C VAL C 1101 -51.73 30.80 43.20
N THR C 1102 -50.73 30.07 42.74
CA THR C 1102 -49.34 30.50 42.85
C THR C 1102 -48.67 30.21 41.50
N GLN C 1103 -47.65 31.01 41.18
CA GLN C 1103 -46.88 30.76 39.96
C GLN C 1103 -46.22 29.40 39.99
N ARG C 1104 -46.06 28.86 38.78
CA ARG C 1104 -45.75 27.46 38.53
C ARG C 1104 -44.49 27.01 39.25
N ASN C 1105 -43.47 27.87 39.31
CA ASN C 1105 -42.18 27.46 39.84
C ASN C 1105 -41.87 27.93 41.27
N PHE C 1106 -42.84 28.49 42.00
CA PHE C 1106 -42.55 28.99 43.34
C PHE C 1106 -43.80 29.18 44.18
N TYR C 1107 -43.88 28.48 45.32
CA TYR C 1107 -45.05 28.59 46.20
C TYR C 1107 -45.12 29.97 46.84
N GLU C 1108 -46.14 30.74 46.49
CA GLU C 1108 -46.37 32.07 47.04
C GLU C 1108 -47.85 32.34 46.86
N PRO C 1109 -48.68 31.82 47.78
CA PRO C 1109 -50.12 31.85 47.56
C PRO C 1109 -50.69 33.26 47.55
N GLN C 1110 -51.57 33.49 46.58
CA GLN C 1110 -52.27 34.76 46.40
C GLN C 1110 -53.77 34.49 46.31
N ILE C 1111 -54.54 35.51 46.70
CA ILE C 1111 -56.00 35.43 46.67
C ILE C 1111 -56.49 35.24 45.24
N ILE C 1112 -57.51 34.40 45.08
CA ILE C 1112 -58.02 34.06 43.76
C ILE C 1112 -58.85 35.25 43.28
N THR C 1113 -58.42 35.86 42.18
CA THR C 1113 -59.10 37.04 41.66
C THR C 1113 -59.27 36.93 40.15
N THR C 1114 -60.06 37.85 39.61
CA THR C 1114 -60.25 37.94 38.17
C THR C 1114 -59.05 38.55 37.44
N ASP C 1115 -58.06 39.06 38.17
CA ASP C 1115 -56.89 39.65 37.53
C ASP C 1115 -55.77 38.65 37.31
N ASN C 1116 -55.89 37.45 37.87
CA ASN C 1116 -54.89 36.40 37.69
C ASN C 1116 -55.55 35.09 37.28
N THR C 1117 -56.85 35.13 36.97
CA THR C 1117 -57.63 34.03 36.44
C THR C 1117 -58.46 34.57 35.29
N PHE C 1118 -59.03 33.67 34.50
CA PHE C 1118 -59.98 34.08 33.47
C PHE C 1118 -61.16 33.13 33.46
N VAL C 1119 -62.27 33.60 32.88
CA VAL C 1119 -63.53 32.88 32.87
C VAL C 1119 -63.83 32.49 31.43
N SER C 1120 -64.15 31.22 31.23
CA SER C 1120 -64.51 30.73 29.89
C SER C 1120 -65.38 29.48 30.00
N GLY C 1121 -66.61 29.56 29.56
CA GLY C 1121 -67.50 28.41 29.61
C GLY C 1121 -68.02 28.18 31.01
N ASN C 1122 -68.67 27.04 31.20
CA ASN C 1122 -69.21 26.76 32.52
C ASN C 1122 -68.64 25.48 33.12
N CYS C 1123 -68.97 25.27 34.39
CA CYS C 1123 -68.48 24.19 35.23
C CYS C 1123 -69.25 22.88 35.05
N ASP C 1124 -70.27 22.84 34.20
CA ASP C 1124 -71.11 21.66 34.08
C ASP C 1124 -70.54 20.57 33.17
N VAL C 1125 -69.39 20.77 32.53
CA VAL C 1125 -68.85 19.75 31.65
C VAL C 1125 -67.54 19.15 32.17
N VAL C 1126 -66.76 19.88 32.96
CA VAL C 1126 -65.46 19.39 33.40
C VAL C 1126 -65.65 18.45 34.58
N ILE C 1127 -64.97 17.31 34.55
CA ILE C 1127 -65.09 16.30 35.59
C ILE C 1127 -64.14 16.59 36.76
N GLY C 1128 -64.72 16.85 37.94
CA GLY C 1128 -63.97 17.04 39.17
C GLY C 1128 -63.84 18.43 39.76
N ILE C 1129 -64.54 19.43 39.23
CA ILE C 1129 -64.43 20.79 39.75
C ILE C 1129 -64.90 20.83 41.20
N VAL C 1130 -64.20 21.59 42.05
CA VAL C 1130 -64.50 21.60 43.48
C VAL C 1130 -65.29 22.82 43.91
N ASN C 1131 -65.65 23.69 42.96
CA ASN C 1131 -66.49 24.91 43.07
C ASN C 1131 -66.18 25.72 44.34
N ASN C 1132 -64.95 26.20 44.42
CA ASN C 1132 -64.53 27.03 45.53
C ASN C 1132 -64.72 28.52 45.16
N THR C 1133 -64.43 29.42 46.10
CA THR C 1133 -64.73 30.82 45.87
C THR C 1133 -63.58 31.63 45.26
N VAL C 1134 -63.98 32.59 44.42
CA VAL C 1134 -63.12 33.55 43.73
C VAL C 1134 -63.49 34.94 44.26
N TYR C 1135 -62.54 35.88 44.18
CA TYR C 1135 -62.73 37.24 44.64
C TYR C 1135 -62.76 38.14 43.41
N ASP C 1136 -63.56 39.20 43.46
CA ASP C 1136 -63.72 40.14 42.34
C ASP C 1136 -63.25 41.55 42.67
N PRO C 1137 -61.93 41.74 42.94
CA PRO C 1137 -61.27 42.97 43.42
C PRO C 1137 -61.72 44.28 42.75
N VAL D 2 47.53 -14.90 -21.67
CA VAL D 2 48.08 -13.65 -22.18
C VAL D 2 49.37 -13.94 -22.94
N GLN D 3 49.48 -13.41 -24.16
CA GLN D 3 50.66 -13.59 -24.98
C GLN D 3 51.10 -12.27 -25.57
N LEU D 4 52.42 -12.10 -25.71
CA LEU D 4 53.05 -10.91 -26.25
C LEU D 4 54.06 -11.31 -27.30
N VAL D 5 53.86 -10.85 -28.53
CA VAL D 5 54.78 -11.12 -29.64
C VAL D 5 55.49 -9.81 -29.94
N GLU D 6 56.77 -9.91 -30.28
CA GLU D 6 57.62 -8.76 -30.53
C GLU D 6 58.35 -8.91 -31.85
N SER D 7 58.73 -7.78 -32.45
CA SER D 7 59.52 -7.76 -33.67
C SER D 7 60.18 -6.39 -33.81
N GLY D 8 61.15 -6.30 -34.73
CA GLY D 8 61.81 -5.05 -35.06
C GLY D 8 63.32 -5.06 -34.91
N GLY D 9 63.85 -5.87 -33.99
CA GLY D 9 65.29 -5.92 -33.79
C GLY D 9 66.03 -6.52 -34.97
N GLY D 10 67.22 -5.98 -35.23
CA GLY D 10 68.04 -6.46 -36.35
C GLY D 10 69.41 -5.82 -36.35
N LEU D 11 70.28 -6.38 -37.21
CA LEU D 11 71.66 -5.93 -37.34
C LEU D 11 71.69 -4.66 -38.19
N ILE D 12 72.12 -3.54 -37.60
CA ILE D 12 72.18 -2.27 -38.29
C ILE D 12 73.49 -1.54 -38.04
N GLN D 13 73.85 -0.69 -38.99
CA GLN D 13 75.02 0.16 -38.82
C GLN D 13 74.68 1.27 -37.83
N ALA D 14 75.69 1.98 -37.36
CA ALA D 14 75.47 3.04 -36.39
C ALA D 14 74.65 4.19 -36.98
N GLY D 15 73.67 4.67 -36.22
CA GLY D 15 72.87 5.80 -36.64
C GLY D 15 71.69 5.51 -37.55
N GLY D 16 71.27 4.25 -37.67
CA GLY D 16 70.14 3.92 -38.54
C GLY D 16 68.80 4.15 -37.86
N SER D 17 67.76 3.58 -38.47
CA SER D 17 66.40 3.71 -37.95
C SER D 17 65.70 2.36 -38.06
N LEU D 18 64.77 2.11 -37.11
CA LEU D 18 64.01 0.85 -37.02
C LEU D 18 62.61 1.20 -36.58
N ARG D 19 61.77 0.17 -36.40
CA ARG D 19 60.46 0.43 -35.84
C ARG D 19 60.15 -0.84 -35.05
N LEU D 20 60.06 -0.77 -33.72
CA LEU D 20 59.69 -1.94 -32.92
C LEU D 20 58.17 -2.12 -32.78
N SER D 21 57.70 -3.31 -33.12
CA SER D 21 56.29 -3.66 -33.06
C SER D 21 56.06 -4.74 -32.00
N CYS D 22 55.11 -4.48 -31.10
CA CYS D 22 54.73 -5.38 -30.01
C CYS D 22 53.21 -5.47 -30.05
N ALA D 23 52.69 -6.61 -30.50
CA ALA D 23 51.25 -6.84 -30.57
C ALA D 23 50.85 -7.70 -29.38
N ALA D 24 49.77 -7.31 -28.72
CA ALA D 24 49.34 -7.98 -27.50
C ALA D 24 48.05 -8.75 -27.73
N SER D 25 48.08 -10.04 -27.41
CA SER D 25 46.90 -10.88 -27.46
C SER D 25 46.49 -11.24 -26.04
N GLY D 26 45.20 -11.08 -25.74
CA GLY D 26 44.67 -11.22 -24.41
C GLY D 26 44.50 -9.92 -23.66
N PHE D 27 45.14 -8.84 -24.12
CA PHE D 27 44.97 -7.52 -23.56
C PHE D 27 45.45 -6.49 -24.59
N GLY D 28 45.09 -5.23 -24.35
CA GLY D 28 45.36 -4.14 -25.27
C GLY D 28 46.41 -3.18 -24.73
N VAL D 29 46.55 -2.05 -25.42
CA VAL D 29 47.52 -1.04 -25.03
C VAL D 29 46.87 -0.05 -24.08
N ARG D 30 45.59 -0.23 -23.83
CA ARG D 30 44.78 0.67 -23.05
C ARG D 30 44.55 0.14 -21.64
N ASN D 31 44.35 -1.19 -21.52
CA ASN D 31 44.00 -1.83 -20.26
C ASN D 31 45.00 -1.50 -19.17
N ASN D 32 46.29 -1.68 -19.44
CA ASN D 32 47.32 -1.44 -18.46
C ASN D 32 48.43 -0.63 -19.10
N TYR D 33 49.33 -0.14 -18.25
CA TYR D 33 50.41 0.73 -18.72
C TYR D 33 51.33 -0.07 -19.61
N MET D 34 51.76 0.53 -20.70
CA MET D 34 52.65 -0.11 -21.65
C MET D 34 54.02 0.54 -21.50
N SER D 35 54.93 -0.17 -20.84
CA SER D 35 56.26 0.32 -20.52
C SER D 35 57.29 -0.24 -21.49
N TRP D 36 58.46 0.41 -21.50
CA TRP D 36 59.58 -0.06 -22.28
C TRP D 36 60.80 -0.21 -21.37
N VAL D 37 61.43 -1.39 -21.42
CA VAL D 37 62.63 -1.68 -20.65
C VAL D 37 63.66 -2.27 -21.61
N ARG D 38 64.95 -2.01 -21.36
CA ARG D 38 65.99 -2.62 -22.17
C ARG D 38 66.81 -3.48 -21.21
N GLN D 39 67.18 -4.69 -21.61
CA GLN D 39 68.00 -5.51 -20.72
C GLN D 39 69.36 -5.76 -21.38
N ALA D 40 70.34 -4.98 -20.93
CA ALA D 40 71.70 -5.12 -21.42
C ALA D 40 72.24 -6.49 -21.01
N PRO D 41 73.07 -7.15 -21.84
CA PRO D 41 73.55 -8.50 -21.50
C PRO D 41 74.31 -8.53 -20.18
N GLY D 42 73.76 -9.21 -19.18
CA GLY D 42 74.35 -9.24 -17.86
C GLY D 42 74.27 -7.97 -17.03
N LYS D 43 73.21 -7.17 -17.20
CA LYS D 43 73.05 -5.97 -16.37
C LYS D 43 71.62 -5.87 -15.85
N GLY D 44 71.29 -4.74 -15.24
CA GLY D 44 69.96 -4.54 -14.71
C GLY D 44 68.95 -4.16 -15.77
N LEU D 45 67.69 -4.04 -15.34
CA LEU D 45 66.62 -3.54 -16.21
C LEU D 45 66.53 -2.04 -16.05
N GLU D 46 67.14 -1.28 -16.96
CA GLU D 46 67.13 0.18 -16.89
C GLU D 46 65.90 0.62 -17.65
N TRP D 47 64.95 1.19 -16.92
CA TRP D 47 63.71 1.64 -17.53
C TRP D 47 63.97 2.68 -18.62
N VAL D 48 63.36 2.46 -19.77
CA VAL D 48 63.48 3.26 -20.98
C VAL D 48 62.32 4.24 -21.06
N SER D 49 61.11 3.72 -21.22
CA SER D 49 59.94 4.55 -21.51
C SER D 49 58.70 3.84 -21.00
N VAL D 50 57.56 4.54 -21.10
CA VAL D 50 56.26 3.97 -20.78
C VAL D 50 55.17 4.72 -21.55
N ILE D 51 54.28 3.99 -22.19
CA ILE D 51 53.09 4.59 -22.77
C ILE D 51 51.94 4.31 -21.82
N TYR D 52 51.27 5.37 -21.37
CA TYR D 52 50.13 5.20 -20.47
C TYR D 52 48.91 4.95 -21.35
N SER D 53 47.74 4.98 -20.71
CA SER D 53 46.51 4.80 -21.45
C SER D 53 46.29 5.94 -22.45
N GLY D 54 46.95 7.09 -22.26
CA GLY D 54 46.95 8.16 -23.25
C GLY D 54 47.90 9.33 -23.03
N GLY D 55 48.71 9.66 -24.04
CA GLY D 55 49.45 10.92 -23.99
C GLY D 55 50.60 11.04 -23.01
N THR D 56 51.72 10.33 -23.25
CA THR D 56 52.90 10.42 -22.40
C THR D 56 54.18 10.57 -23.21
N THR D 57 55.10 11.36 -22.67
CA THR D 57 56.44 11.50 -23.22
C THR D 57 57.49 11.30 -22.12
N TYR D 58 57.32 10.24 -21.35
CA TYR D 58 58.21 9.93 -20.22
C TYR D 58 59.37 9.06 -20.66
N TYR D 59 60.59 9.57 -20.47
CA TYR D 59 61.79 8.90 -20.94
C TYR D 59 62.79 8.89 -19.79
N ALA D 60 63.90 8.22 -20.02
CA ALA D 60 64.97 8.18 -19.03
C ALA D 60 65.86 9.41 -19.20
N ASP D 61 66.67 9.68 -18.18
CA ASP D 61 67.52 10.87 -18.20
C ASP D 61 68.56 10.80 -19.33
N SER D 62 69.00 9.59 -19.69
CA SER D 62 70.08 9.45 -20.64
C SER D 62 69.61 9.28 -22.08
N VAL D 63 68.30 9.26 -22.34
CA VAL D 63 67.80 8.98 -23.68
C VAL D 63 66.77 10.03 -24.10
N LYS D 64 66.80 11.19 -23.45
CA LYS D 64 65.84 12.25 -23.72
C LYS D 64 65.97 12.79 -25.15
N GLY D 65 64.83 13.05 -25.77
CA GLY D 65 64.80 13.72 -27.05
C GLY D 65 65.07 12.89 -28.28
N ARG D 66 65.20 11.57 -28.14
CA ARG D 66 65.41 10.71 -29.31
C ARG D 66 64.26 9.73 -29.51
N PHE D 67 63.89 8.99 -28.48
CA PHE D 67 62.88 7.94 -28.60
C PHE D 67 61.50 8.56 -28.73
N THR D 68 60.68 7.97 -29.60
CA THR D 68 59.32 8.45 -29.85
C THR D 68 58.38 7.28 -29.66
N ILE D 69 57.31 7.51 -28.88
CA ILE D 69 56.37 6.46 -28.49
C ILE D 69 54.98 6.82 -28.99
N SER D 70 54.32 5.84 -29.60
CA SER D 70 52.99 6.00 -30.16
C SER D 70 52.34 4.62 -30.19
N ARG D 71 51.06 4.60 -30.57
CA ARG D 71 50.32 3.35 -30.65
C ARG D 71 49.45 3.38 -31.90
N ASP D 72 49.28 2.24 -32.54
CA ASP D 72 48.11 2.04 -33.40
C ASP D 72 47.16 1.16 -32.59
N ASN D 73 46.13 1.79 -32.04
CA ASN D 73 45.08 1.10 -31.30
C ASN D 73 44.18 0.25 -32.19
N SER D 74 44.11 0.55 -33.49
CA SER D 74 43.32 -0.22 -34.44
C SER D 74 43.78 -1.68 -34.55
N LYS D 75 45.08 -1.91 -34.64
CA LYS D 75 45.70 -3.22 -34.74
C LYS D 75 46.34 -3.69 -33.42
N ASN D 76 46.19 -2.92 -32.36
CA ASN D 76 46.72 -3.19 -31.00
C ASN D 76 48.25 -3.34 -31.01
N THR D 77 48.91 -2.32 -31.54
CA THR D 77 50.35 -2.35 -31.75
C THR D 77 50.99 -1.11 -31.13
N VAL D 78 52.05 -1.31 -30.34
CA VAL D 78 52.83 -0.22 -29.76
C VAL D 78 54.02 -0.01 -30.67
N PHE D 79 54.23 1.21 -31.09
CA PHE D 79 55.39 1.55 -31.87
C PHE D 79 56.37 2.41 -31.08
N LEU D 80 57.63 2.01 -31.11
CA LEU D 80 58.78 2.75 -30.57
C LEU D 80 59.74 3.02 -31.71
N GLN D 81 59.69 4.21 -32.31
CA GLN D 81 60.52 4.51 -33.46
C GLN D 81 61.87 5.04 -32.97
N MET D 82 62.96 4.40 -33.39
CA MET D 82 64.29 4.64 -32.83
C MET D 82 65.11 5.42 -33.85
N ASN D 83 65.44 6.66 -33.54
CA ASN D 83 66.28 7.43 -34.42
C ASN D 83 67.47 7.97 -33.64
N SER D 84 68.60 8.04 -34.34
CA SER D 84 69.89 8.52 -33.83
C SER D 84 70.32 7.64 -32.65
N LEU D 85 70.58 6.37 -32.99
CA LEU D 85 71.09 5.38 -32.04
C LEU D 85 72.38 5.84 -31.38
N ARG D 86 72.61 5.31 -30.17
CA ARG D 86 73.88 5.43 -29.48
C ARG D 86 74.23 4.09 -28.85
N ALA D 87 75.38 4.06 -28.18
CA ALA D 87 75.98 2.82 -27.69
C ALA D 87 75.13 2.15 -26.63
N GLU D 88 74.58 2.91 -25.68
CA GLU D 88 73.98 2.27 -24.52
C GLU D 88 72.63 1.65 -24.84
N ASP D 89 72.04 2.00 -25.99
CA ASP D 89 70.75 1.44 -26.34
C ASP D 89 70.85 -0.02 -26.79
N THR D 90 72.07 -0.53 -27.01
CA THR D 90 72.26 -1.93 -27.40
C THR D 90 71.84 -2.81 -26.25
N ALA D 91 70.73 -3.52 -26.41
CA ALA D 91 70.20 -4.39 -25.37
C ALA D 91 69.05 -5.21 -25.96
N VAL D 92 68.53 -6.11 -25.13
CA VAL D 92 67.30 -6.82 -25.43
C VAL D 92 66.17 -5.97 -24.86
N TYR D 93 65.20 -5.65 -25.70
CA TYR D 93 64.10 -4.75 -25.33
C TYR D 93 62.84 -5.56 -25.04
N TYR D 94 62.22 -5.24 -23.92
CA TYR D 94 60.99 -5.88 -23.49
C TYR D 94 59.87 -4.86 -23.46
N CYS D 95 58.76 -5.17 -24.12
CA CYS D 95 57.55 -4.38 -23.94
C CYS D 95 56.86 -4.97 -22.71
N ALA D 96 56.78 -4.19 -21.64
CA ALA D 96 56.34 -4.69 -20.36
C ALA D 96 54.90 -4.29 -20.08
N ARG D 97 54.09 -5.26 -19.71
CA ARG D 97 52.72 -5.03 -19.29
C ARG D 97 52.70 -4.76 -17.79
N GLU D 98 52.34 -3.55 -17.41
CA GLU D 98 52.19 -3.20 -16.01
C GLU D 98 50.99 -3.94 -15.43
N GLY D 99 51.06 -4.23 -14.13
CA GLY D 99 50.01 -4.97 -13.47
C GLY D 99 48.67 -4.26 -13.60
N ASP D 100 47.78 -4.84 -14.39
CA ASP D 100 46.50 -4.21 -14.72
C ASP D 100 45.60 -4.03 -13.52
N VAL D 101 44.44 -3.41 -13.72
CA VAL D 101 43.51 -3.20 -12.62
C VAL D 101 43.05 -4.58 -12.13
N GLU D 102 42.91 -4.70 -10.81
CA GLU D 102 42.73 -5.98 -10.10
C GLU D 102 43.90 -6.92 -10.41
N GLY D 103 45.10 -6.47 -10.03
CA GLY D 103 46.32 -7.22 -10.32
C GLY D 103 46.42 -8.57 -9.64
N PHE D 104 46.29 -9.66 -10.40
CA PHE D 104 46.30 -11.04 -9.87
C PHE D 104 45.27 -11.21 -8.75
N SER D 105 44.17 -10.46 -8.85
CA SER D 105 43.05 -10.48 -7.90
C SER D 105 43.50 -10.24 -6.46
N ASP D 106 44.47 -9.35 -6.28
CA ASP D 106 44.92 -8.97 -4.95
C ASP D 106 43.80 -8.31 -4.17
N LEU D 107 43.54 -8.80 -2.97
CA LEU D 107 42.32 -8.45 -2.26
C LEU D 107 42.47 -7.17 -1.46
N TRP D 108 43.11 -6.13 -2.02
CA TRP D 108 43.16 -4.81 -1.39
C TRP D 108 43.05 -3.62 -2.33
N SER D 109 43.39 -3.73 -3.61
CA SER D 109 43.54 -2.57 -4.47
C SER D 109 42.30 -2.40 -5.35
N GLY D 110 41.54 -1.34 -5.08
CA GLY D 110 40.34 -1.10 -5.86
C GLY D 110 40.50 0.03 -6.85
N TYR D 111 40.65 -0.34 -8.12
CA TYR D 111 40.76 0.53 -9.29
C TYR D 111 41.94 1.50 -9.23
N SER D 112 42.88 1.33 -8.31
CA SER D 112 44.08 2.15 -8.31
C SER D 112 45.01 1.60 -9.37
N ARG D 113 45.12 2.28 -10.50
CA ARG D 113 45.89 1.72 -11.59
C ARG D 113 47.40 2.02 -11.48
N ASP D 114 47.85 2.77 -10.47
CA ASP D 114 49.30 3.06 -10.30
C ASP D 114 50.17 1.81 -10.26
N ARG D 115 50.06 1.03 -9.18
CA ARG D 115 50.57 -0.35 -9.06
C ARG D 115 51.89 -0.59 -9.78
N TYR D 116 52.90 0.20 -9.47
CA TYR D 116 54.08 0.29 -10.34
C TYR D 116 54.98 -0.94 -10.18
N TYR D 117 54.50 -2.05 -10.75
CA TYR D 117 55.25 -3.28 -10.93
C TYR D 117 54.93 -3.79 -12.32
N PHE D 118 55.39 -5.01 -12.65
CA PHE D 118 55.31 -5.56 -13.98
C PHE D 118 54.69 -6.97 -14.00
N ASP D 119 53.79 -7.20 -14.95
CA ASP D 119 53.11 -8.47 -15.17
C ASP D 119 53.97 -9.30 -16.15
N TYR D 120 53.40 -10.33 -16.76
CA TYR D 120 54.08 -11.12 -17.79
C TYR D 120 54.39 -10.27 -19.03
N TRP D 121 55.50 -10.59 -19.70
CA TRP D 121 55.91 -9.91 -20.93
C TRP D 121 56.11 -10.90 -22.07
N GLY D 122 56.64 -10.39 -23.18
CA GLY D 122 57.00 -11.19 -24.32
C GLY D 122 58.36 -11.83 -24.17
N GLN D 123 58.92 -12.26 -25.30
CA GLN D 123 60.22 -12.92 -25.29
C GLN D 123 61.39 -11.97 -25.51
N GLY D 124 61.13 -10.70 -25.82
CA GLY D 124 62.21 -9.75 -26.01
C GLY D 124 62.91 -9.77 -27.36
N THR D 125 63.31 -8.61 -27.87
CA THR D 125 64.02 -8.51 -29.14
C THR D 125 65.41 -7.96 -28.89
N LEU D 126 66.42 -8.63 -29.45
CA LEU D 126 67.80 -8.15 -29.36
C LEU D 126 67.97 -7.03 -30.37
N VAL D 127 68.35 -5.85 -29.89
CA VAL D 127 68.58 -4.68 -30.72
C VAL D 127 70.03 -4.27 -30.54
N THR D 128 70.84 -4.45 -31.59
CA THR D 128 72.28 -4.23 -31.54
C THR D 128 72.65 -3.07 -32.45
N VAL D 129 73.53 -2.20 -31.96
CA VAL D 129 74.07 -1.10 -32.74
C VAL D 129 75.48 -1.48 -33.16
N SER D 130 75.69 -1.62 -34.47
CA SER D 130 76.97 -2.06 -35.00
C SER D 130 77.30 -1.37 -36.31
N VAL E 3 70.78 4.97 -9.64
CA VAL E 3 70.88 3.53 -9.90
C VAL E 3 71.13 2.79 -8.60
N LEU E 4 70.13 2.04 -8.13
CA LEU E 4 70.27 1.26 -6.91
C LEU E 4 71.29 0.15 -7.06
N THR E 5 72.07 -0.04 -5.99
CA THR E 5 73.18 -0.98 -6.00
C THR E 5 72.76 -2.23 -5.23
N GLN E 6 73.12 -3.40 -5.75
CA GLN E 6 72.66 -4.67 -5.12
C GLN E 6 73.87 -5.53 -4.73
N PRO E 7 73.73 -6.49 -3.80
CA PRO E 7 74.84 -7.36 -3.41
C PRO E 7 75.34 -8.30 -4.51
N ALA E 8 76.61 -8.71 -4.43
CA ALA E 8 77.24 -9.55 -5.47
C ALA E 8 76.83 -11.03 -5.34
N SER E 9 77.23 -11.86 -6.32
CA SER E 9 76.88 -13.31 -6.34
C SER E 9 77.48 -14.05 -5.13
N VAL E 10 76.74 -15.03 -4.60
CA VAL E 10 77.18 -15.81 -3.41
C VAL E 10 76.77 -17.28 -3.58
N SER E 11 77.40 -18.20 -2.84
CA SER E 11 77.06 -19.65 -2.89
C SER E 11 76.70 -20.13 -1.48
N GLY E 12 75.78 -21.10 -1.35
CA GLY E 12 75.37 -21.49 0.01
C GLY E 12 74.62 -22.80 0.16
N SER E 13 73.97 -23.01 1.31
CA SER E 13 73.26 -24.23 1.63
C SER E 13 71.74 -24.03 1.66
N PRO E 14 71.00 -25.04 1.19
CA PRO E 14 69.54 -24.98 1.23
C PRO E 14 69.01 -25.01 2.65
N GLY E 15 67.85 -24.40 2.84
CA GLY E 15 67.15 -24.53 4.11
C GLY E 15 67.18 -23.33 5.04
N GLN E 16 68.32 -22.65 5.16
CA GLN E 16 68.43 -21.57 6.11
C GLN E 16 68.11 -20.23 5.43
N SER E 17 68.25 -19.12 6.16
CA SER E 17 67.86 -17.81 5.67
C SER E 17 69.05 -16.95 5.25
N ILE E 18 68.94 -16.33 4.09
CA ILE E 18 69.96 -15.43 3.56
C ILE E 18 69.35 -14.05 3.44
N THR E 19 70.06 -13.03 3.94
CA THR E 19 69.58 -11.66 3.93
C THR E 19 70.43 -10.82 2.99
N PHE E 20 69.86 -10.47 1.85
CA PHE E 20 70.52 -9.61 0.87
C PHE E 20 69.93 -8.21 0.96
N SER E 21 70.77 -7.24 1.31
CA SER E 21 70.36 -5.85 1.44
C SER E 21 70.93 -5.07 0.27
N CYS E 22 70.12 -4.18 -0.31
CA CYS E 22 70.52 -3.40 -1.46
C CYS E 22 70.27 -1.93 -1.20
N THR E 23 71.25 -1.10 -1.54
CA THR E 23 71.25 0.31 -1.24
C THR E 23 70.41 1.06 -2.27
N GLY E 24 69.99 2.28 -1.90
CA GLY E 24 69.25 3.14 -2.78
C GLY E 24 69.34 4.57 -2.29
N THR E 25 68.52 5.43 -2.88
CA THR E 25 68.46 6.83 -2.47
C THR E 25 67.17 7.11 -1.71
N SER E 26 67.18 8.23 -0.98
CA SER E 26 66.00 8.62 -0.21
C SER E 26 64.87 9.16 -1.08
N SER E 27 65.16 9.54 -2.33
CA SER E 27 64.12 10.08 -3.20
C SER E 27 63.06 9.04 -3.52
N ASP E 28 63.49 7.81 -3.82
CA ASP E 28 62.60 6.74 -4.25
C ASP E 28 62.33 5.68 -3.18
N VAL E 29 63.37 5.08 -2.61
CA VAL E 29 63.17 4.00 -1.65
C VAL E 29 62.87 4.55 -0.26
N GLY E 30 63.62 5.56 0.18
CA GLY E 30 63.48 6.07 1.53
C GLY E 30 62.11 6.67 1.81
N GLY E 31 61.59 7.45 0.88
CA GLY E 31 60.30 8.08 1.03
C GLY E 31 59.08 7.33 0.54
N TYR E 32 59.13 6.86 -0.71
CA TYR E 32 58.01 6.20 -1.36
C TYR E 32 58.11 4.68 -1.20
N ASN E 33 56.95 4.00 -1.29
CA ASN E 33 56.87 2.58 -0.96
C ASN E 33 56.22 1.72 -2.05
N TYR E 34 56.62 1.91 -3.32
CA TYR E 34 56.11 1.08 -4.42
C TYR E 34 57.21 0.19 -4.99
N VAL E 35 58.05 -0.37 -4.12
CA VAL E 35 59.10 -1.28 -4.55
C VAL E 35 58.54 -2.67 -4.84
N SER E 36 59.03 -3.28 -5.93
CA SER E 36 58.68 -4.63 -6.33
C SER E 36 59.96 -5.39 -6.70
N TRP E 37 59.93 -6.73 -6.55
CA TRP E 37 61.08 -7.55 -6.91
C TRP E 37 60.70 -8.71 -7.84
N TYR E 38 61.66 -9.11 -8.69
CA TYR E 38 61.43 -10.04 -9.79
C TYR E 38 62.43 -11.19 -9.75
N GLN E 39 62.26 -12.14 -10.68
CA GLN E 39 63.22 -13.26 -10.80
C GLN E 39 63.21 -13.72 -12.27
N GLN E 40 64.38 -13.95 -12.85
CA GLN E 40 64.44 -14.36 -14.28
C GLN E 40 65.42 -15.51 -14.48
N TYR E 41 65.15 -16.38 -15.46
CA TYR E 41 66.11 -17.47 -15.77
C TYR E 41 66.83 -17.09 -17.09
N PRO E 42 68.17 -17.23 -17.25
CA PRO E 42 68.82 -16.76 -18.49
C PRO E 42 68.14 -17.21 -19.78
N GLY E 43 67.57 -16.26 -20.52
CA GLY E 43 66.86 -16.53 -21.76
C GLY E 43 65.38 -16.27 -21.69
N LYS E 44 64.77 -16.43 -20.53
CA LYS E 44 63.33 -16.27 -20.34
C LYS E 44 63.11 -14.87 -19.78
N ALA E 45 61.92 -14.30 -20.04
CA ALA E 45 61.64 -12.99 -19.51
C ALA E 45 61.39 -13.05 -18.00
N PRO E 46 61.77 -11.99 -17.28
CA PRO E 46 61.56 -11.93 -15.82
C PRO E 46 60.13 -12.13 -15.36
N LYS E 47 59.97 -12.91 -14.29
CA LYS E 47 58.66 -13.21 -13.74
C LYS E 47 58.55 -12.52 -12.37
N LEU E 48 57.33 -12.16 -12.04
CA LEU E 48 57.05 -11.45 -10.79
C LEU E 48 57.24 -12.35 -9.58
N LEU E 49 58.01 -11.87 -8.60
CA LEU E 49 58.04 -12.51 -7.28
C LEU E 49 57.27 -11.73 -6.22
N ILE E 50 57.59 -10.45 -6.02
CA ILE E 50 56.90 -9.73 -4.91
C ILE E 50 56.61 -8.28 -5.32
N TYR E 51 55.34 -7.86 -5.29
CA TYR E 51 55.04 -6.43 -5.55
C TYR E 51 54.70 -5.77 -4.21
N ASP E 52 55.34 -4.63 -3.91
CA ASP E 52 55.15 -3.94 -2.60
C ASP E 52 55.92 -4.73 -1.54
N VAL E 53 56.67 -5.76 -1.94
CA VAL E 53 57.50 -6.62 -1.02
C VAL E 53 56.62 -7.46 -0.08
N THR E 54 55.78 -6.80 0.74
CA THR E 54 54.89 -7.52 1.69
C THR E 54 53.89 -8.38 0.92
N ASN E 55 53.31 -7.84 -0.16
CA ASN E 55 52.29 -8.60 -0.94
C ASN E 55 52.99 -9.69 -1.75
N ARG E 56 52.38 -10.88 -1.84
CA ARG E 56 52.99 -12.00 -2.60
C ARG E 56 51.99 -12.55 -3.63
N PRO E 57 52.22 -12.42 -4.97
CA PRO E 57 51.33 -13.03 -5.96
C PRO E 57 51.27 -14.55 -5.84
N SER E 58 50.16 -15.10 -6.33
CA SER E 58 49.97 -16.55 -6.35
C SER E 58 50.91 -17.20 -7.35
N GLY E 59 51.04 -18.52 -7.22
CA GLY E 59 51.96 -19.29 -8.04
C GLY E 59 53.40 -19.14 -7.63
N VAL E 60 53.65 -18.56 -6.46
CA VAL E 60 54.99 -18.31 -5.93
C VAL E 60 55.02 -18.90 -4.54
N SER E 61 56.11 -19.61 -4.21
CA SER E 61 56.28 -20.17 -2.88
C SER E 61 56.27 -19.07 -1.83
N ASP E 62 55.62 -19.34 -0.71
CA ASP E 62 55.44 -18.36 0.36
C ASP E 62 56.71 -18.07 1.15
N ARG E 63 57.78 -18.84 0.93
CA ARG E 63 59.02 -18.61 1.67
C ARG E 63 59.68 -17.28 1.30
N PHE E 64 59.49 -16.81 0.07
CA PHE E 64 60.04 -15.52 -0.34
C PHE E 64 59.43 -14.39 0.47
N SER E 65 60.27 -13.50 0.96
CA SER E 65 59.85 -12.33 1.73
C SER E 65 60.89 -11.24 1.55
N GLY E 66 60.44 -9.99 1.46
CA GLY E 66 61.33 -8.87 1.28
C GLY E 66 60.90 -7.71 2.17
N SER E 67 61.76 -6.70 2.22
CA SER E 67 61.52 -5.55 3.07
C SER E 67 62.40 -4.39 2.63
N LYS E 68 62.13 -3.23 3.22
CA LYS E 68 62.87 -2.00 2.98
C LYS E 68 63.14 -1.33 4.33
N SER E 69 64.34 -0.75 4.46
CA SER E 69 64.71 -0.02 5.67
C SER E 69 65.50 1.21 5.26
N GLY E 70 64.88 2.38 5.41
CA GLY E 70 65.52 3.62 5.00
C GLY E 70 65.87 3.59 3.53
N ASN E 71 67.13 3.84 3.21
CA ASN E 71 67.57 3.82 1.82
C ASN E 71 67.99 2.42 1.36
N THR E 72 67.69 1.39 2.16
CA THR E 72 68.12 0.03 1.89
C THR E 72 66.89 -0.87 1.82
N ALA E 73 66.92 -1.84 0.90
CA ALA E 73 65.87 -2.83 0.76
C ALA E 73 66.44 -4.21 1.06
N SER E 74 65.76 -4.97 1.89
CA SER E 74 66.25 -6.26 2.38
C SER E 74 65.36 -7.40 1.90
N LEU E 75 65.99 -8.52 1.57
CA LEU E 75 65.29 -9.74 1.19
C LEU E 75 65.56 -10.80 2.25
N THR E 76 64.53 -11.23 2.97
CA THR E 76 64.66 -12.34 3.90
C THR E 76 64.07 -13.60 3.26
N ILE E 77 64.89 -14.22 2.42
CA ILE E 77 64.51 -15.43 1.72
C ILE E 77 64.76 -16.63 2.63
N SER E 78 63.83 -17.58 2.62
CA SER E 78 63.91 -18.73 3.51
C SER E 78 63.80 -20.00 2.68
N GLY E 79 64.47 -21.06 3.16
CA GLY E 79 64.44 -22.39 2.59
C GLY E 79 64.76 -22.39 1.11
N LEU E 80 66.01 -22.06 0.78
CA LEU E 80 66.48 -21.99 -0.59
C LEU E 80 66.43 -23.40 -1.21
N GLN E 81 66.25 -23.50 -2.53
CA GLN E 81 66.34 -24.81 -3.18
C GLN E 81 67.18 -24.75 -4.46
N ALA E 82 67.15 -25.85 -5.21
CA ALA E 82 68.00 -25.98 -6.39
C ALA E 82 67.56 -25.07 -7.53
N GLU E 83 66.26 -25.01 -7.80
CA GLU E 83 65.79 -24.20 -8.93
C GLU E 83 65.86 -22.70 -8.62
N ASP E 84 66.14 -22.34 -7.37
CA ASP E 84 66.10 -20.96 -6.90
C ASP E 84 67.27 -20.14 -7.45
N GLU E 85 68.25 -20.79 -8.11
CA GLU E 85 69.43 -20.06 -8.57
C GLU E 85 69.05 -19.14 -9.72
N ALA E 86 68.76 -17.89 -9.37
CA ALA E 86 68.41 -16.85 -10.32
C ALA E 86 68.60 -15.49 -9.66
N ASP E 87 69.01 -14.53 -10.48
CA ASP E 87 69.26 -13.18 -10.03
C ASP E 87 67.97 -12.51 -9.57
N TYR E 88 68.06 -11.73 -8.50
CA TYR E 88 66.93 -11.08 -7.85
C TYR E 88 67.07 -9.59 -8.12
N TYR E 89 66.03 -9.01 -8.68
CA TYR E 89 66.02 -7.66 -9.22
C TYR E 89 65.11 -6.79 -8.38
N CYS E 90 65.60 -5.61 -8.00
CA CYS E 90 64.86 -4.71 -7.13
C CYS E 90 64.37 -3.55 -7.97
N SER E 91 63.05 -3.42 -8.08
CA SER E 91 62.43 -2.30 -8.76
C SER E 91 61.65 -1.45 -7.77
N SER E 92 62.15 -0.25 -7.51
CA SER E 92 61.52 0.66 -6.57
C SER E 92 60.47 1.49 -7.30
N PHE E 93 59.95 2.52 -6.62
CA PHE E 93 59.01 3.45 -7.19
C PHE E 93 59.63 4.16 -8.40
N THR E 94 58.80 4.77 -9.23
CA THR E 94 59.30 5.39 -10.43
C THR E 94 60.03 6.73 -10.21
N SER E 95 60.41 7.10 -8.98
CA SER E 95 61.33 8.20 -8.63
C SER E 95 61.08 9.48 -9.43
N SER E 96 59.87 10.03 -9.26
CA SER E 96 59.36 11.18 -10.03
C SER E 96 59.38 10.84 -11.52
N ASN E 97 58.70 9.74 -11.84
CA ASN E 97 58.38 9.26 -13.18
C ASN E 97 59.62 8.81 -13.96
N THR E 98 60.64 8.25 -13.28
CA THR E 98 61.82 7.66 -13.94
C THR E 98 62.28 6.40 -13.19
N ARG E 99 61.77 5.23 -13.58
CA ARG E 99 62.08 4.01 -12.84
C ARG E 99 63.54 3.60 -12.95
N VAL E 100 64.05 2.99 -11.88
CA VAL E 100 65.44 2.58 -11.73
C VAL E 100 65.42 1.17 -11.14
N PHE E 101 66.52 0.43 -11.31
CA PHE E 101 66.59 -0.93 -10.80
C PHE E 101 67.93 -1.18 -10.14
N GLY E 102 68.05 -2.37 -9.51
CA GLY E 102 69.30 -2.82 -8.93
C GLY E 102 70.09 -3.72 -9.88
N THR E 103 71.33 -4.03 -9.47
CA THR E 103 72.23 -4.80 -10.32
C THR E 103 71.94 -6.30 -10.37
N GLY E 104 71.59 -6.94 -9.25
CA GLY E 104 71.32 -8.37 -9.36
C GLY E 104 72.13 -9.24 -8.41
N THR E 105 71.51 -10.24 -7.78
CA THR E 105 72.17 -11.11 -6.80
C THR E 105 72.02 -12.56 -7.23
N LYS E 106 73.07 -13.10 -7.85
CA LYS E 106 73.15 -14.48 -8.33
C LYS E 106 73.52 -15.44 -7.20
N VAL E 107 72.57 -16.29 -6.81
CA VAL E 107 72.76 -17.28 -5.74
C VAL E 107 73.25 -18.59 -6.35
N THR E 108 74.07 -19.33 -5.59
CA THR E 108 74.58 -20.64 -5.97
C THR E 108 74.40 -21.60 -4.80
N VAL E 109 74.23 -22.89 -5.12
CA VAL E 109 73.95 -23.95 -4.16
C VAL E 109 74.97 -25.07 -4.39
N LEU E 110 75.14 -25.94 -3.40
CA LEU E 110 76.03 -27.09 -3.50
C LEU E 110 75.21 -28.30 -3.89
N VAL F 2 27.53 -31.19 -35.81
CA VAL F 2 26.43 -31.90 -36.44
C VAL F 2 26.94 -32.86 -37.52
N GLN F 3 26.48 -34.11 -37.46
CA GLN F 3 26.85 -35.14 -38.42
C GLN F 3 25.61 -35.86 -38.90
N LEU F 4 25.65 -36.27 -40.16
CA LEU F 4 24.56 -36.98 -40.83
C LEU F 4 25.16 -38.19 -41.51
N VAL F 5 24.72 -39.38 -41.16
CA VAL F 5 25.21 -40.61 -41.77
C VAL F 5 24.10 -41.17 -42.65
N GLU F 6 24.51 -41.74 -43.78
CA GLU F 6 23.61 -42.24 -44.81
C GLU F 6 24.00 -43.67 -45.18
N SER F 7 23.02 -44.43 -45.68
CA SER F 7 23.28 -45.78 -46.18
C SER F 7 22.14 -46.19 -47.10
N GLY F 8 22.36 -47.29 -47.84
CA GLY F 8 21.36 -47.89 -48.69
C GLY F 8 21.76 -48.04 -50.15
N GLY F 9 22.60 -47.14 -50.65
CA GLY F 9 23.01 -47.21 -52.05
C GLY F 9 23.89 -48.42 -52.35
N GLY F 10 23.71 -48.98 -53.54
CA GLY F 10 24.48 -50.13 -53.96
C GLY F 10 24.21 -50.48 -55.42
N LEU F 11 25.05 -51.38 -55.95
CA LEU F 11 24.93 -51.79 -57.34
C LEU F 11 23.81 -52.81 -57.51
N ILE F 12 22.78 -52.44 -58.25
CA ILE F 12 21.63 -53.30 -58.52
C ILE F 12 21.30 -53.18 -60.01
N GLN F 13 20.64 -54.21 -60.52
CA GLN F 13 20.20 -54.20 -61.91
C GLN F 13 19.03 -53.23 -62.07
N ALA F 14 18.69 -52.93 -63.32
CA ALA F 14 17.63 -51.98 -63.64
C ALA F 14 16.27 -52.48 -63.17
N GLY F 15 15.50 -51.55 -62.58
CA GLY F 15 14.16 -51.89 -62.13
C GLY F 15 14.10 -52.49 -60.75
N GLY F 16 15.17 -52.38 -59.97
CA GLY F 16 15.20 -52.94 -58.64
C GLY F 16 14.55 -52.04 -57.60
N SER F 17 14.84 -52.35 -56.33
CA SER F 17 14.29 -51.64 -55.18
C SER F 17 15.37 -51.39 -54.14
N LEU F 18 15.21 -50.30 -53.38
CA LEU F 18 16.18 -49.90 -52.37
C LEU F 18 15.43 -49.37 -51.16
N ARG F 19 16.19 -48.94 -50.15
CA ARG F 19 15.62 -48.26 -48.99
C ARG F 19 16.73 -47.30 -48.61
N LEU F 20 16.52 -45.99 -48.74
CA LEU F 20 17.53 -45.02 -48.30
C LEU F 20 17.37 -44.66 -46.83
N SER F 21 18.44 -44.81 -46.06
CA SER F 21 18.41 -44.50 -44.63
C SER F 21 19.36 -43.35 -44.34
N CYS F 22 18.85 -42.31 -43.68
CA CYS F 22 19.61 -41.12 -43.31
C CYS F 22 19.35 -40.84 -41.84
N ALA F 23 20.33 -41.10 -40.98
CA ALA F 23 20.20 -40.84 -39.56
C ALA F 23 20.93 -39.55 -39.20
N ALA F 24 20.28 -38.69 -38.44
CA ALA F 24 20.81 -37.38 -38.08
C ALA F 24 21.13 -37.36 -36.59
N SER F 25 22.37 -37.01 -36.27
CA SER F 25 22.80 -36.82 -34.89
C SER F 25 23.06 -35.36 -34.61
N GLY F 26 22.51 -34.87 -33.50
CA GLY F 26 22.53 -33.46 -33.16
C GLY F 26 21.27 -32.71 -33.51
N PHE F 27 20.42 -33.28 -34.38
CA PHE F 27 19.13 -32.71 -34.69
C PHE F 27 18.27 -33.80 -35.29
N GLY F 28 16.97 -33.54 -35.36
CA GLY F 28 15.99 -34.50 -35.80
C GLY F 28 15.38 -34.19 -37.15
N VAL F 29 14.33 -34.94 -37.48
CA VAL F 29 13.64 -34.79 -38.75
C VAL F 29 12.51 -33.78 -38.59
N ARG F 30 12.36 -33.28 -37.39
CA ARG F 30 11.28 -32.40 -36.99
C ARG F 30 11.74 -30.95 -36.95
N ASN F 31 12.97 -30.72 -36.48
CA ASN F 31 13.51 -29.38 -36.28
C ASN F 31 13.39 -28.53 -37.54
N ASN F 32 13.88 -29.05 -38.65
CA ASN F 32 13.89 -28.33 -39.91
C ASN F 32 13.36 -29.23 -41.01
N TYR F 33 13.13 -28.64 -42.17
CA TYR F 33 12.57 -29.38 -43.30
C TYR F 33 13.59 -30.41 -43.71
N MET F 34 13.14 -31.61 -44.01
CA MET F 34 14.06 -32.67 -44.41
C MET F 34 13.82 -32.91 -45.90
N SER F 35 14.75 -32.43 -46.71
CA SER F 35 14.62 -32.48 -48.16
C SER F 35 15.46 -33.63 -48.73
N TRP F 36 15.15 -34.00 -49.96
CA TRP F 36 15.92 -34.98 -50.69
C TRP F 36 16.35 -34.40 -52.03
N VAL F 37 17.65 -34.47 -52.31
CA VAL F 37 18.20 -33.98 -53.56
C VAL F 37 19.12 -35.04 -54.15
N ARG F 38 19.20 -35.11 -55.49
CA ARG F 38 20.16 -36.01 -56.12
C ARG F 38 21.11 -35.12 -56.89
N GLN F 39 22.41 -35.38 -56.80
CA GLN F 39 23.38 -34.59 -57.54
C GLN F 39 24.06 -35.55 -58.53
N ALA F 40 23.60 -35.47 -59.77
CA ALA F 40 24.13 -36.27 -60.85
C ALA F 40 25.60 -35.94 -61.10
N PRO F 41 26.44 -36.94 -61.45
CA PRO F 41 27.89 -36.69 -61.64
C PRO F 41 28.18 -35.62 -62.69
N GLY F 42 28.73 -34.50 -62.23
CA GLY F 42 28.99 -33.36 -63.09
C GLY F 42 27.78 -32.56 -63.52
N LYS F 43 26.73 -32.52 -62.69
CA LYS F 43 25.56 -31.71 -62.99
C LYS F 43 25.19 -30.97 -61.72
N GLY F 44 24.05 -30.28 -61.67
CA GLY F 44 23.72 -29.59 -60.44
C GLY F 44 23.13 -30.57 -59.44
N LEU F 45 22.85 -30.07 -58.24
CA LEU F 45 22.13 -30.88 -57.26
C LEU F 45 20.66 -30.53 -57.48
N GLU F 46 19.96 -31.38 -58.22
CA GLU F 46 18.56 -31.19 -58.61
C GLU F 46 17.66 -31.79 -57.53
N TRP F 47 16.88 -30.94 -56.88
CA TRP F 47 15.97 -31.35 -55.81
C TRP F 47 14.96 -32.40 -56.26
N VAL F 48 14.83 -33.44 -55.44
CA VAL F 48 13.97 -34.59 -55.69
C VAL F 48 12.64 -34.38 -54.98
N SER F 49 12.71 -34.38 -53.66
CA SER F 49 11.53 -34.40 -52.80
C SER F 49 11.88 -33.74 -51.48
N VAL F 50 10.88 -33.59 -50.62
CA VAL F 50 11.07 -33.07 -49.26
C VAL F 50 9.94 -33.56 -48.34
N ILE F 51 10.33 -34.08 -47.17
CA ILE F 51 9.39 -34.39 -46.12
C ILE F 51 9.51 -33.24 -45.12
N TYR F 52 8.37 -32.59 -44.83
CA TYR F 52 8.36 -31.48 -43.90
C TYR F 52 8.25 -32.05 -42.49
N SER F 53 8.02 -31.16 -41.52
CA SER F 53 7.87 -31.58 -40.13
C SER F 53 6.65 -32.50 -39.97
N GLY F 54 5.69 -32.48 -40.91
CA GLY F 54 4.61 -33.43 -40.94
C GLY F 54 3.74 -33.40 -42.19
N GLY F 55 3.56 -34.56 -42.84
CA GLY F 55 2.57 -34.71 -43.89
C GLY F 55 2.78 -34.03 -45.23
N THR F 56 3.74 -34.49 -46.03
CA THR F 56 3.96 -33.95 -47.37
C THR F 56 4.14 -35.04 -48.40
N THR F 57 3.62 -34.79 -49.61
CA THR F 57 3.82 -35.65 -50.77
C THR F 57 4.31 -34.82 -51.95
N TYR F 58 5.31 -33.98 -51.68
CA TYR F 58 5.88 -33.07 -52.67
C TYR F 58 7.01 -33.73 -53.43
N TYR F 59 6.86 -33.80 -54.75
CA TYR F 59 7.81 -34.52 -55.58
C TYR F 59 8.18 -33.62 -56.74
N ALA F 60 9.15 -34.05 -57.54
CA ALA F 60 9.52 -33.28 -58.72
C ALA F 60 8.60 -33.65 -59.88
N ASP F 61 8.60 -32.81 -60.91
CA ASP F 61 7.72 -33.02 -62.05
C ASP F 61 8.03 -34.31 -62.80
N SER F 62 9.28 -34.73 -62.82
CA SER F 62 9.70 -35.87 -63.63
C SER F 62 9.66 -37.18 -62.86
N VAL F 63 9.31 -37.18 -61.58
CA VAL F 63 9.38 -38.37 -60.75
C VAL F 63 8.09 -38.58 -59.97
N LYS F 64 7.00 -37.99 -60.46
CA LYS F 64 5.71 -38.07 -59.79
C LYS F 64 5.20 -39.51 -59.71
N GLY F 65 4.62 -39.86 -58.57
CA GLY F 65 3.96 -41.13 -58.39
C GLY F 65 4.83 -42.34 -58.12
N ARG F 66 6.13 -42.17 -57.90
CA ARG F 66 6.99 -43.31 -57.57
C ARG F 66 7.59 -43.19 -56.17
N PHE F 67 8.23 -42.07 -55.85
CA PHE F 67 8.92 -41.93 -54.57
C PHE F 67 7.94 -41.82 -53.40
N THR F 68 8.29 -42.48 -52.31
CA THR F 68 7.48 -42.49 -51.09
C THR F 68 8.41 -42.08 -49.95
N ILE F 69 7.95 -41.10 -49.16
CA ILE F 69 8.76 -40.48 -48.11
C ILE F 69 8.08 -40.70 -46.76
N SER F 70 8.87 -41.11 -45.77
CA SER F 70 8.37 -41.37 -44.43
C SER F 70 9.52 -41.22 -43.45
N ARG F 71 9.19 -41.31 -42.16
CA ARG F 71 10.15 -41.19 -41.08
C ARG F 71 9.82 -42.22 -40.01
N ASP F 72 10.85 -42.75 -39.37
CA ASP F 72 10.71 -43.34 -38.04
C ASP F 72 11.29 -42.32 -37.05
N ASN F 73 10.39 -41.62 -36.36
CA ASN F 73 10.80 -40.67 -35.32
C ASN F 73 11.40 -41.37 -34.10
N SER F 74 11.08 -42.65 -33.91
CA SER F 74 11.65 -43.41 -32.80
C SER F 74 13.17 -43.52 -32.87
N LYS F 75 13.70 -43.80 -34.06
CA LYS F 75 15.14 -43.90 -34.25
C LYS F 75 15.69 -42.66 -34.97
N ASN F 76 14.82 -41.68 -35.24
CA ASN F 76 15.13 -40.41 -35.92
C ASN F 76 15.75 -40.66 -37.30
N THR F 77 15.03 -41.43 -38.10
CA THR F 77 15.50 -41.90 -39.40
C THR F 77 14.50 -41.59 -40.50
N VAL F 78 14.99 -41.03 -41.61
CA VAL F 78 14.17 -40.80 -42.78
C VAL F 78 14.40 -41.98 -43.72
N PHE F 79 13.32 -42.60 -44.14
CA PHE F 79 13.40 -43.68 -45.11
C PHE F 79 12.81 -43.16 -46.41
N LEU F 80 13.55 -43.40 -47.50
CA LEU F 80 13.15 -43.12 -48.88
C LEU F 80 13.15 -44.43 -49.64
N GLN F 81 11.96 -45.02 -49.78
CA GLN F 81 11.77 -46.32 -50.41
C GLN F 81 11.67 -46.11 -51.91
N MET F 82 12.54 -46.82 -52.65
CA MET F 82 12.77 -46.60 -54.07
C MET F 82 12.15 -47.77 -54.82
N ASN F 83 11.07 -47.50 -55.58
CA ASN F 83 10.45 -48.54 -56.39
C ASN F 83 10.29 -48.07 -57.84
N SER F 84 10.41 -49.03 -58.77
CA SER F 84 10.29 -48.80 -60.21
C SER F 84 11.33 -47.79 -60.69
N LEU F 85 12.60 -48.22 -60.63
CA LEU F 85 13.72 -47.41 -61.10
C LEU F 85 13.54 -46.96 -62.55
N ARG F 86 14.16 -45.82 -62.88
CA ARG F 86 14.35 -45.36 -64.25
C ARG F 86 15.76 -44.80 -64.39
N ALA F 87 16.07 -44.35 -65.61
CA ALA F 87 17.43 -43.97 -65.98
C ALA F 87 17.92 -42.74 -65.20
N GLU F 88 17.07 -41.73 -65.06
CA GLU F 88 17.55 -40.44 -64.57
C GLU F 88 17.81 -40.43 -63.07
N ASP F 89 17.33 -41.43 -62.33
CA ASP F 89 17.56 -41.45 -60.89
C ASP F 89 19.01 -41.81 -60.53
N THR F 90 19.82 -42.24 -61.49
CA THR F 90 21.23 -42.55 -61.23
C THR F 90 21.96 -41.27 -60.83
N ALA F 91 22.32 -41.16 -59.55
CA ALA F 91 23.02 -40.00 -59.02
C ALA F 91 23.47 -40.31 -57.60
N VAL F 92 24.20 -39.38 -57.02
CA VAL F 92 24.52 -39.39 -55.60
C VAL F 92 23.40 -38.66 -54.88
N TYR F 93 22.80 -39.30 -53.88
CA TYR F 93 21.66 -38.73 -53.19
C TYR F 93 22.10 -38.17 -51.86
N TYR F 94 21.65 -36.96 -51.59
CA TYR F 94 21.94 -36.25 -50.36
C TYR F 94 20.62 -36.03 -49.62
N CYS F 95 20.61 -36.42 -48.35
CA CYS F 95 19.52 -36.03 -47.47
C CYS F 95 19.92 -34.67 -46.94
N ALA F 96 19.17 -33.65 -47.29
CA ALA F 96 19.55 -32.27 -47.03
C ALA F 96 18.79 -31.72 -45.83
N ARG F 97 19.52 -31.13 -44.90
CA ARG F 97 18.93 -30.44 -43.77
C ARG F 97 18.68 -28.99 -44.17
N GLU F 98 17.41 -28.62 -44.22
CA GLU F 98 17.05 -27.25 -44.52
C GLU F 98 17.45 -26.36 -43.35
N GLY F 99 17.76 -25.09 -43.66
CA GLY F 99 18.20 -24.16 -42.65
C GLY F 99 17.18 -23.99 -41.54
N ASP F 100 17.51 -24.50 -40.36
CA ASP F 100 16.55 -24.53 -39.25
C ASP F 100 16.17 -23.15 -38.75
N VAL F 101 15.23 -23.10 -37.79
CA VAL F 101 14.81 -21.83 -37.24
C VAL F 101 16.01 -21.17 -36.57
N GLU F 102 16.12 -19.84 -36.70
CA GLU F 102 17.32 -19.07 -36.33
C GLU F 102 18.56 -19.58 -37.08
N GLY F 103 18.52 -19.49 -38.41
CA GLY F 103 19.60 -19.99 -39.25
C GLY F 103 20.90 -19.24 -39.03
N PHE F 104 21.89 -19.89 -38.41
CA PHE F 104 23.18 -19.27 -38.07
C PHE F 104 22.99 -17.98 -37.27
N SER F 105 21.91 -17.92 -36.48
CA SER F 105 21.55 -16.78 -35.63
C SER F 105 21.48 -15.47 -36.42
N ASP F 106 20.98 -15.55 -37.64
CA ASP F 106 20.78 -14.37 -38.48
C ASP F 106 19.79 -13.41 -37.84
N LEU F 107 20.19 -12.14 -37.71
CA LEU F 107 19.47 -11.19 -36.87
C LEU F 107 18.33 -10.53 -37.62
N TRP F 108 17.54 -11.29 -38.39
CA TRP F 108 16.32 -10.73 -38.98
C TRP F 108 15.14 -11.68 -39.00
N SER F 109 15.32 -12.99 -38.97
CA SER F 109 14.24 -13.94 -39.21
C SER F 109 13.74 -14.47 -37.88
N GLY F 110 12.53 -14.10 -37.50
CA GLY F 110 11.99 -14.58 -36.24
C GLY F 110 10.93 -15.64 -36.44
N TYR F 111 11.31 -16.89 -36.17
CA TYR F 111 10.45 -18.08 -36.25
C TYR F 111 9.83 -18.33 -37.61
N SER F 112 10.27 -17.65 -38.67
CA SER F 112 9.78 -17.96 -40.01
C SER F 112 10.55 -19.19 -40.45
N ARG F 113 9.90 -20.34 -40.45
CA ARG F 113 10.62 -21.57 -40.74
C ARG F 113 10.73 -21.85 -42.25
N ASP F 114 10.16 -20.99 -43.12
CA ASP F 114 10.26 -21.13 -44.57
C ASP F 114 11.69 -21.25 -45.07
N ARG F 115 12.45 -20.16 -44.95
CA ARG F 115 13.91 -20.10 -45.08
C ARG F 115 14.48 -21.04 -46.15
N TYR F 116 13.98 -20.92 -47.37
CA TYR F 116 14.19 -21.99 -48.36
C TYR F 116 15.61 -21.96 -48.92
N TYR F 117 16.53 -22.41 -48.06
CA TYR F 117 17.93 -22.69 -48.40
C TYR F 117 18.27 -23.99 -47.68
N PHE F 118 19.54 -24.37 -47.67
CA PHE F 118 19.96 -25.66 -47.14
C PHE F 118 21.09 -25.45 -46.15
N ASP F 119 20.99 -26.15 -45.01
CA ASP F 119 22.04 -26.08 -43.98
C ASP F 119 23.07 -27.17 -44.29
N TYR F 120 23.92 -27.52 -43.34
CA TYR F 120 24.83 -28.63 -43.56
C TYR F 120 24.07 -29.95 -43.66
N TRP F 121 24.59 -30.86 -44.49
CA TRP F 121 24.05 -32.21 -44.67
C TRP F 121 25.15 -33.25 -44.47
N GLY F 122 24.83 -34.51 -44.79
CA GLY F 122 25.81 -35.59 -44.73
C GLY F 122 26.72 -35.67 -45.93
N GLN F 123 27.36 -36.84 -46.09
CA GLN F 123 28.29 -37.03 -47.19
C GLN F 123 27.67 -37.64 -48.44
N GLY F 124 26.40 -38.07 -48.40
CA GLY F 124 25.80 -38.61 -49.60
C GLY F 124 26.11 -40.04 -50.01
N THR F 125 25.12 -40.72 -50.57
CA THR F 125 25.24 -42.09 -51.06
C THR F 125 25.03 -42.11 -52.56
N LEU F 126 25.94 -42.77 -53.28
CA LEU F 126 25.81 -42.93 -54.72
C LEU F 126 24.77 -44.01 -54.98
N VAL F 127 23.72 -43.66 -55.71
CA VAL F 127 22.65 -44.58 -56.05
C VAL F 127 22.61 -44.68 -57.58
N THR F 128 22.97 -45.85 -58.09
CA THR F 128 23.14 -46.08 -59.51
C THR F 128 22.12 -47.10 -60.00
N VAL F 129 21.50 -46.81 -61.14
CA VAL F 129 20.57 -47.72 -61.80
C VAL F 129 21.32 -48.37 -62.95
N SER F 130 21.51 -49.68 -62.86
CA SER F 130 22.28 -50.39 -63.86
C SER F 130 21.69 -51.78 -64.12
N VAL G 3 15.16 -26.91 -65.76
CA VAL G 3 16.53 -26.84 -65.27
C VAL G 3 17.16 -25.53 -65.70
N LEU G 4 17.39 -24.64 -64.73
CA LEU G 4 18.02 -23.36 -65.00
C LEU G 4 19.46 -23.53 -65.46
N THR G 5 19.86 -22.71 -66.43
CA THR G 5 21.15 -22.82 -67.09
C THR G 5 22.09 -21.72 -66.58
N GLN G 6 23.37 -22.04 -66.46
CA GLN G 6 24.39 -21.06 -65.98
C GLN G 6 25.58 -21.15 -66.94
N PRO G 7 26.56 -20.20 -66.99
CA PRO G 7 27.76 -20.38 -67.82
C PRO G 7 28.54 -21.60 -67.31
N ALA G 8 28.70 -22.64 -68.15
CA ALA G 8 29.31 -23.89 -67.64
C ALA G 8 30.74 -23.71 -67.14
N SER G 9 31.63 -23.03 -67.89
CA SER G 9 33.04 -22.95 -67.46
C SER G 9 33.69 -21.63 -67.86
N VAL G 10 34.53 -21.06 -66.99
CA VAL G 10 35.25 -19.79 -67.31
C VAL G 10 36.73 -19.92 -66.95
N SER G 11 37.47 -18.80 -66.91
CA SER G 11 38.87 -18.82 -66.43
C SER G 11 39.35 -17.37 -66.31
N GLY G 12 40.02 -17.00 -65.22
CA GLY G 12 40.37 -15.58 -65.06
C GLY G 12 41.54 -15.29 -64.14
N SER G 13 41.74 -14.01 -63.80
CA SER G 13 42.85 -13.58 -62.96
C SER G 13 42.39 -13.29 -61.53
N PRO G 14 43.21 -13.64 -60.55
CA PRO G 14 42.87 -13.33 -59.15
C PRO G 14 42.89 -11.84 -58.89
N GLY G 15 42.07 -11.40 -57.94
CA GLY G 15 42.15 -10.03 -57.50
C GLY G 15 41.02 -9.13 -57.97
N GLN G 16 40.64 -9.26 -59.23
CA GLN G 16 39.64 -8.38 -59.82
C GLN G 16 38.25 -9.00 -59.70
N SER G 17 37.24 -8.34 -60.27
CA SER G 17 35.86 -8.76 -60.12
C SER G 17 35.34 -9.47 -61.37
N ILE G 18 34.67 -10.60 -61.15
CA ILE G 18 34.07 -11.41 -62.22
C ILE G 18 32.57 -11.43 -62.00
N THR G 19 31.81 -11.16 -63.07
CA THR G 19 30.35 -11.11 -62.98
C THR G 19 29.76 -12.27 -63.77
N PHE G 20 29.23 -13.26 -63.05
CA PHE G 20 28.57 -14.41 -63.66
C PHE G 20 27.06 -14.26 -63.48
N SER G 21 26.34 -14.18 -64.60
CA SER G 21 24.89 -14.04 -64.60
C SER G 21 24.26 -15.35 -65.04
N CYS G 22 23.19 -15.74 -64.35
CA CYS G 22 22.51 -17.00 -64.65
C CYS G 22 21.02 -16.75 -64.81
N THR G 23 20.45 -17.34 -65.85
CA THR G 23 19.08 -17.11 -66.26
C THR G 23 18.10 -17.95 -65.45
N GLY G 24 16.84 -17.53 -65.48
CA GLY G 24 15.77 -18.25 -64.84
C GLY G 24 14.44 -17.82 -65.43
N THR G 25 13.36 -18.25 -64.78
CA THR G 25 12.02 -17.88 -65.22
C THR G 25 11.41 -16.86 -64.28
N SER G 26 10.35 -16.20 -64.77
CA SER G 26 9.67 -15.20 -63.95
C SER G 26 8.81 -15.82 -62.86
N SER G 27 8.51 -17.11 -62.95
CA SER G 27 7.68 -17.76 -61.94
C SER G 27 8.39 -17.80 -60.59
N ASP G 28 9.67 -18.14 -60.59
CA ASP G 28 10.46 -18.33 -59.38
C ASP G 28 11.43 -17.18 -59.08
N VAL G 29 12.30 -16.82 -60.03
CA VAL G 29 13.32 -15.82 -59.76
C VAL G 29 12.78 -14.41 -59.94
N GLY G 30 11.99 -14.19 -61.00
CA GLY G 30 11.51 -12.85 -61.31
C GLY G 30 10.61 -12.25 -60.24
N GLY G 31 9.69 -13.04 -59.69
CA GLY G 31 8.79 -12.55 -58.68
C GLY G 31 9.25 -12.71 -57.24
N TYR G 32 9.66 -13.91 -56.88
CA TYR G 32 10.04 -14.24 -55.51
C TYR G 32 11.55 -14.12 -55.33
N ASN G 33 11.97 -13.91 -54.08
CA ASN G 33 13.35 -13.57 -53.75
C ASN G 33 13.96 -14.48 -52.69
N TYR G 34 13.82 -15.80 -52.84
CA TYR G 34 14.44 -16.76 -51.93
C TYR G 34 15.57 -17.54 -52.58
N VAL G 35 16.36 -16.86 -53.41
CA VAL G 35 17.52 -17.49 -54.05
C VAL G 35 18.68 -17.60 -53.06
N SER G 36 19.38 -18.75 -53.11
CA SER G 36 20.57 -18.99 -52.29
C SER G 36 21.66 -19.59 -53.18
N TRP G 37 22.92 -19.37 -52.80
CA TRP G 37 24.05 -19.94 -53.55
C TRP G 37 25.02 -20.72 -52.67
N TYR G 38 25.64 -21.75 -53.26
CA TYR G 38 26.46 -22.73 -52.57
C TYR G 38 27.82 -22.87 -53.23
N GLN G 39 28.74 -23.59 -52.55
CA GLN G 39 30.05 -23.94 -53.09
C GLN G 39 30.36 -25.40 -52.81
N GLN G 40 31.11 -26.06 -53.70
CA GLN G 40 31.55 -27.42 -53.41
C GLN G 40 32.81 -27.83 -54.15
N TYR G 41 33.75 -28.54 -53.40
CA TYR G 41 34.86 -29.21 -54.07
C TYR G 41 34.45 -30.63 -54.43
N PRO G 42 34.96 -31.15 -55.57
CA PRO G 42 34.66 -32.55 -55.96
C PRO G 42 35.03 -33.55 -54.87
N GLY G 43 34.02 -34.21 -54.30
CA GLY G 43 34.19 -35.18 -53.24
C GLY G 43 33.62 -34.72 -51.91
N LYS G 44 33.59 -33.43 -51.65
CA LYS G 44 33.12 -32.86 -50.40
C LYS G 44 31.68 -32.43 -50.61
N ALA G 45 30.88 -32.42 -49.53
CA ALA G 45 29.51 -31.96 -49.69
C ALA G 45 29.46 -30.45 -49.84
N PRO G 46 28.51 -29.94 -50.63
CA PRO G 46 28.37 -28.50 -50.82
C PRO G 46 28.16 -27.71 -49.53
N LYS G 47 28.86 -26.59 -49.44
CA LYS G 47 28.76 -25.73 -48.26
C LYS G 47 28.07 -24.43 -48.65
N LEU G 48 27.36 -23.86 -47.69
CA LEU G 48 26.61 -22.63 -47.91
C LEU G 48 27.55 -21.44 -48.09
N LEU G 49 27.34 -20.68 -49.17
CA LEU G 49 27.97 -19.37 -49.31
C LEU G 49 27.01 -18.22 -49.06
N ILE G 50 25.88 -18.17 -49.77
CA ILE G 50 25.00 -16.97 -49.58
C ILE G 50 23.53 -17.38 -49.63
N TYR G 51 22.76 -17.08 -48.58
CA TYR G 51 21.30 -17.34 -48.64
C TYR G 51 20.57 -16.00 -48.77
N ASP G 52 19.63 -15.90 -49.72
CA ASP G 52 18.90 -14.64 -50.00
C ASP G 52 19.86 -13.69 -50.72
N VAL G 53 21.06 -14.17 -51.11
CA VAL G 53 22.10 -13.38 -51.84
C VAL G 53 22.67 -12.25 -50.99
N THR G 54 21.82 -11.32 -50.52
CA THR G 54 22.30 -10.18 -49.69
C THR G 54 22.88 -10.70 -48.37
N ASN G 55 22.21 -11.66 -47.74
CA ASN G 55 22.68 -12.18 -46.43
C ASN G 55 23.92 -13.06 -46.64
N ARG G 56 24.92 -12.93 -45.76
CA ARG G 56 26.15 -13.75 -45.87
C ARG G 56 26.40 -14.52 -44.56
N PRO G 57 26.28 -15.87 -44.49
CA PRO G 57 26.61 -16.61 -43.28
C PRO G 57 28.04 -16.39 -42.83
N SER G 58 28.26 -16.60 -41.54
CA SER G 58 29.60 -16.49 -40.96
C SER G 58 30.49 -17.63 -41.43
N GLY G 59 31.80 -17.47 -41.22
CA GLY G 59 32.77 -18.43 -41.71
C GLY G 59 33.05 -18.34 -43.19
N VAL G 60 32.58 -17.28 -43.84
CA VAL G 60 32.73 -17.07 -45.27
C VAL G 60 33.35 -15.70 -45.47
N SER G 61 34.34 -15.60 -46.36
CA SER G 61 34.97 -14.32 -46.66
C SER G 61 33.94 -13.33 -47.20
N ASP G 62 34.07 -12.07 -46.76
CA ASP G 62 33.10 -11.03 -47.10
C ASP G 62 33.20 -10.56 -48.54
N ARG G 63 34.23 -10.97 -49.28
CA ARG G 63 34.38 -10.55 -50.67
C ARG G 63 33.28 -11.12 -51.55
N PHE G 64 32.75 -12.29 -51.20
CA PHE G 64 31.65 -12.88 -51.94
C PHE G 64 30.41 -11.99 -51.86
N SER G 65 29.78 -11.76 -53.01
CA SER G 65 28.57 -10.96 -53.07
C SER G 65 27.76 -11.42 -54.27
N GLY G 66 26.44 -11.44 -54.12
CA GLY G 66 25.56 -11.86 -55.19
C GLY G 66 24.35 -10.96 -55.28
N SER G 67 23.58 -11.14 -56.35
CA SER G 67 22.41 -10.31 -56.61
C SER G 67 21.51 -10.99 -57.63
N LYS G 68 20.33 -10.42 -57.80
CA LYS G 68 19.34 -10.89 -58.76
C LYS G 68 18.78 -9.69 -59.52
N SER G 69 18.54 -9.88 -60.81
CA SER G 69 17.95 -8.83 -61.64
C SER G 69 16.96 -9.49 -62.60
N GLY G 70 15.66 -9.27 -62.37
CA GLY G 70 14.63 -9.88 -63.19
C GLY G 70 14.73 -11.39 -63.14
N ASN G 71 14.81 -12.01 -64.32
CA ASN G 71 14.94 -13.45 -64.40
C ASN G 71 16.39 -13.91 -64.35
N THR G 72 17.31 -13.01 -64.00
CA THR G 72 18.74 -13.29 -63.98
C THR G 72 19.29 -13.02 -62.59
N ALA G 73 20.24 -13.86 -62.17
CA ALA G 73 20.93 -13.69 -60.90
C ALA G 73 22.40 -13.44 -61.19
N SER G 74 22.96 -12.41 -60.56
CA SER G 74 24.32 -11.95 -60.83
C SER G 74 25.19 -12.16 -59.60
N LEU G 75 26.44 -12.53 -59.85
CA LEU G 75 27.46 -12.68 -58.83
C LEU G 75 28.58 -11.66 -59.02
N THR G 76 28.72 -10.75 -58.07
CA THR G 76 29.86 -9.83 -58.08
C THR G 76 30.90 -10.33 -57.08
N ILE G 77 31.67 -11.32 -57.53
CA ILE G 77 32.73 -11.92 -56.72
C ILE G 77 33.98 -11.06 -56.82
N SER G 78 34.67 -10.87 -55.70
CA SER G 78 35.81 -9.99 -55.64
C SER G 78 37.00 -10.74 -55.07
N GLY G 79 38.20 -10.35 -55.53
CA GLY G 79 39.46 -10.87 -55.03
C GLY G 79 39.62 -12.38 -55.01
N LEU G 80 39.71 -13.01 -56.18
CA LEU G 80 39.84 -14.45 -56.27
C LEU G 80 41.16 -14.91 -55.65
N GLN G 81 41.16 -16.15 -55.14
CA GLN G 81 42.37 -16.80 -54.65
C GLN G 81 42.40 -18.23 -55.19
N ALA G 82 43.34 -19.02 -54.66
CA ALA G 82 43.59 -20.37 -55.16
C ALA G 82 42.44 -21.32 -54.79
N GLU G 83 41.96 -21.25 -53.55
CA GLU G 83 40.93 -22.17 -53.08
C GLU G 83 39.55 -21.88 -53.67
N ASP G 84 39.38 -20.76 -54.38
CA ASP G 84 38.07 -20.34 -54.86
C ASP G 84 37.54 -21.21 -56.00
N GLU G 85 38.36 -22.12 -56.55
CA GLU G 85 37.92 -22.92 -57.70
C GLU G 85 36.85 -23.94 -57.32
N ALA G 86 35.59 -23.56 -57.49
CA ALA G 86 34.47 -24.46 -57.21
C ALA G 86 33.22 -23.95 -57.91
N ASP G 87 32.38 -24.89 -58.35
CA ASP G 87 31.14 -24.54 -59.03
C ASP G 87 30.17 -23.88 -58.05
N TYR G 88 29.46 -22.85 -58.52
CA TYR G 88 28.56 -22.04 -57.72
C TYR G 88 27.14 -22.35 -58.20
N TYR G 89 26.28 -22.74 -57.27
CA TYR G 89 24.98 -23.32 -57.57
C TYR G 89 23.89 -22.37 -57.09
N CYS G 90 22.90 -22.09 -57.95
CA CYS G 90 21.83 -21.15 -57.65
C CYS G 90 20.52 -21.89 -57.40
N SER G 91 19.99 -21.78 -56.18
CA SER G 91 18.68 -22.32 -55.84
C SER G 91 17.69 -21.23 -55.47
N SER G 92 16.68 -21.03 -56.32
CA SER G 92 15.66 -20.01 -56.11
C SER G 92 14.54 -20.59 -55.27
N PHE G 93 13.42 -19.86 -55.18
CA PHE G 93 12.23 -20.31 -54.47
C PHE G 93 11.74 -21.64 -55.07
N THR G 94 10.89 -22.35 -54.33
CA THR G 94 10.45 -23.65 -54.79
C THR G 94 9.39 -23.60 -55.90
N SER G 95 9.17 -22.46 -56.57
CA SER G 95 8.39 -22.35 -57.82
C SER G 95 7.09 -23.15 -57.79
N SER G 96 6.23 -22.80 -56.84
CA SER G 96 4.98 -23.53 -56.55
C SER G 96 5.30 -24.98 -56.16
N ASN G 97 6.14 -25.10 -55.13
CA ASN G 97 6.46 -26.36 -54.43
C ASN G 97 7.27 -27.34 -55.31
N THR G 98 8.15 -26.82 -56.18
CA THR G 98 9.08 -27.61 -57.00
C THR G 98 10.44 -26.92 -57.11
N ARG G 99 11.39 -27.24 -56.23
CA ARG G 99 12.67 -26.53 -56.20
C ARG G 99 13.47 -26.81 -57.46
N VAL G 100 14.27 -25.81 -57.87
CA VAL G 100 15.04 -25.88 -59.11
C VAL G 100 16.45 -25.37 -58.81
N PHE G 101 17.40 -25.75 -59.67
CA PHE G 101 18.79 -25.37 -59.51
C PHE G 101 19.38 -24.93 -60.85
N GLY G 102 20.61 -24.40 -60.78
CA GLY G 102 21.36 -24.05 -61.98
C GLY G 102 22.32 -25.16 -62.39
N THR G 103 22.92 -24.98 -63.57
CA THR G 103 23.79 -26.01 -64.13
C THR G 103 25.17 -26.06 -63.47
N GLY G 104 25.78 -24.91 -63.18
CA GLY G 104 27.09 -24.96 -62.54
C GLY G 104 28.16 -24.18 -63.29
N THR G 105 29.00 -23.43 -62.57
CA THR G 105 30.03 -22.58 -63.20
C THR G 105 31.39 -22.96 -62.62
N LYS G 106 32.12 -23.79 -63.38
CA LYS G 106 33.47 -24.24 -62.96
C LYS G 106 34.50 -23.18 -63.34
N VAL G 107 35.08 -22.51 -62.34
CA VAL G 107 36.08 -21.47 -62.55
C VAL G 107 37.46 -22.11 -62.53
N THR G 108 38.38 -21.56 -63.31
CA THR G 108 39.77 -22.01 -63.34
C THR G 108 40.70 -20.80 -63.26
N VAL G 109 41.86 -21.00 -62.64
CA VAL G 109 42.86 -19.96 -62.42
C VAL G 109 44.19 -20.53 -62.92
N LEU G 110 45.15 -19.64 -63.17
CA LEU G 110 46.49 -20.05 -63.60
C LEU G 110 47.43 -20.11 -62.41
N VAL H 2 36.48 -39.23 -8.75
CA VAL H 2 36.82 -39.71 -7.41
C VAL H 2 37.97 -40.71 -7.49
N GLN H 3 39.00 -40.50 -6.66
CA GLN H 3 40.16 -41.38 -6.63
C GLN H 3 40.53 -41.75 -5.20
N LEU H 4 41.01 -42.97 -5.03
CA LEU H 4 41.44 -43.50 -3.74
C LEU H 4 42.81 -44.16 -3.90
N VAL H 5 43.79 -43.65 -3.18
CA VAL H 5 45.14 -44.20 -3.20
C VAL H 5 45.37 -44.86 -1.84
N GLU H 6 46.08 -46.00 -1.86
CA GLU H 6 46.31 -46.80 -0.66
C GLU H 6 47.80 -47.11 -0.52
N SER H 7 48.23 -47.34 0.71
CA SER H 7 49.60 -47.76 1.00
C SER H 7 49.65 -48.38 2.40
N GLY H 8 50.77 -49.05 2.69
CA GLY H 8 51.04 -49.60 4.01
C GLY H 8 51.33 -51.10 4.03
N GLY H 9 50.75 -51.85 3.09
CA GLY H 9 50.97 -53.29 3.07
C GLY H 9 52.38 -53.70 2.70
N GLY H 10 52.86 -54.77 3.33
CA GLY H 10 54.20 -55.28 3.08
C GLY H 10 54.44 -56.60 3.77
N LEU H 11 55.55 -57.22 3.40
CA LEU H 11 55.96 -58.53 3.94
C LEU H 11 56.58 -58.36 5.32
N ILE H 12 55.93 -58.93 6.34
CA ILE H 12 56.44 -58.84 7.71
C ILE H 12 56.36 -60.21 8.36
N GLN H 13 57.22 -60.41 9.36
CA GLN H 13 57.22 -61.62 10.16
C GLN H 13 56.01 -61.62 11.10
N ALA H 14 55.74 -62.77 11.71
CA ALA H 14 54.60 -62.92 12.60
C ALA H 14 54.74 -62.03 13.82
N GLY H 15 53.65 -61.39 14.19
CA GLY H 15 53.58 -60.54 15.36
C GLY H 15 54.08 -59.13 15.13
N GLY H 16 54.21 -58.70 13.87
CA GLY H 16 54.68 -57.36 13.57
C GLY H 16 53.62 -56.28 13.62
N SER H 17 53.98 -55.13 13.06
CA SER H 17 53.14 -53.94 13.00
C SER H 17 53.20 -53.27 11.63
N LEU H 18 52.11 -52.60 11.27
CA LEU H 18 51.98 -51.92 9.98
C LEU H 18 51.21 -50.64 10.24
N ARG H 19 50.97 -49.87 9.19
CA ARG H 19 50.10 -48.70 9.31
C ARG H 19 49.46 -48.61 7.94
N LEU H 20 48.15 -48.81 7.83
CA LEU H 20 47.49 -48.65 6.54
C LEU H 20 47.04 -47.21 6.31
N SER H 21 47.45 -46.65 5.17
CA SER H 21 47.14 -45.28 4.81
C SER H 21 46.27 -45.25 3.56
N CYS H 22 45.14 -44.54 3.64
CA CYS H 22 44.20 -44.40 2.54
C CYS H 22 43.86 -42.93 2.39
N ALA H 23 44.37 -42.29 1.34
CA ALA H 23 44.10 -40.88 1.08
C ALA H 23 43.06 -40.75 -0.03
N ALA H 24 42.07 -39.90 0.20
CA ALA H 24 40.94 -39.73 -0.71
C ALA H 24 40.98 -38.36 -1.38
N SER H 25 40.95 -38.36 -2.71
CA SER H 25 40.87 -37.14 -3.51
C SER H 25 39.50 -37.03 -4.17
N GLY H 26 38.87 -35.87 -4.05
CA GLY H 26 37.51 -35.64 -4.50
C GLY H 26 36.48 -35.76 -3.42
N PHE H 27 36.84 -36.36 -2.29
CA PHE H 27 36.01 -36.47 -1.11
C PHE H 27 36.92 -36.78 0.06
N GLY H 28 36.39 -36.62 1.28
CA GLY H 28 37.14 -36.78 2.50
C GLY H 28 36.74 -38.03 3.28
N VAL H 29 37.26 -38.11 4.51
CA VAL H 29 36.96 -39.27 5.35
C VAL H 29 35.69 -38.94 6.15
N ARG H 30 35.16 -37.75 5.94
CA ARG H 30 34.04 -37.15 6.63
C ARG H 30 32.76 -37.24 5.80
N ASN H 31 32.91 -37.02 4.48
CA ASN H 31 31.76 -36.96 3.55
C ASN H 31 30.91 -38.22 3.64
N ASN H 32 31.52 -39.38 3.53
CA ASN H 32 30.78 -40.62 3.55
C ASN H 32 31.47 -41.59 4.51
N TYR H 33 30.80 -42.69 4.82
CA TYR H 33 31.34 -43.64 5.78
C TYR H 33 32.60 -44.24 5.18
N MET H 34 33.61 -44.39 6.01
CA MET H 34 34.90 -44.93 5.61
C MET H 34 35.05 -46.32 6.23
N SER H 35 34.88 -47.33 5.38
CA SER H 35 34.88 -48.72 5.79
C SER H 35 36.23 -49.35 5.50
N TRP H 36 36.48 -50.48 6.13
CA TRP H 36 37.66 -51.27 5.84
C TRP H 36 37.13 -52.66 5.50
N VAL H 37 37.58 -53.19 4.37
CA VAL H 37 37.14 -54.51 3.94
C VAL H 37 38.37 -55.33 3.60
N ARG H 38 38.31 -56.64 3.83
CA ARG H 38 39.40 -57.51 3.40
C ARG H 38 38.81 -58.48 2.37
N GLN H 39 39.49 -58.68 1.26
CA GLN H 39 39.02 -59.65 0.25
C GLN H 39 40.08 -60.73 0.15
N ALA H 40 39.83 -61.87 0.81
CA ALA H 40 40.77 -62.98 0.76
C ALA H 40 40.88 -63.51 -0.67
N PRO H 41 42.08 -63.95 -1.11
CA PRO H 41 42.23 -64.39 -2.51
C PRO H 41 41.29 -65.54 -2.88
N GLY H 42 40.33 -65.27 -3.75
CA GLY H 42 39.35 -66.26 -4.13
C GLY H 42 38.32 -66.61 -3.07
N LYS H 43 37.99 -65.67 -2.18
CA LYS H 43 36.96 -65.88 -1.17
C LYS H 43 36.09 -64.65 -1.14
N GLY H 44 35.20 -64.54 -0.17
CA GLY H 44 34.39 -63.35 -0.15
C GLY H 44 35.14 -62.20 0.48
N LEU H 45 34.49 -61.05 0.47
CA LEU H 45 34.97 -59.85 1.16
C LEU H 45 34.34 -59.82 2.55
N GLU H 46 35.10 -60.25 3.55
CA GLU H 46 34.66 -60.33 4.95
C GLU H 46 34.92 -58.98 5.59
N TRP H 47 33.85 -58.29 5.98
CA TRP H 47 33.96 -56.97 6.60
C TRP H 47 34.77 -56.95 7.87
N VAL H 48 35.70 -56.00 7.95
CA VAL H 48 36.60 -55.84 9.07
C VAL H 48 36.04 -54.78 10.01
N SER H 49 36.02 -53.53 9.54
CA SER H 49 35.69 -52.39 10.38
C SER H 49 35.13 -51.26 9.52
N VAL H 50 34.68 -50.21 10.19
CA VAL H 50 34.25 -48.98 9.53
C VAL H 50 34.39 -47.80 10.50
N ILE H 51 35.01 -46.74 10.02
CA ILE H 51 35.02 -45.47 10.72
C ILE H 51 33.99 -44.59 10.04
N TYR H 52 33.04 -44.08 10.82
CA TYR H 52 32.00 -43.22 10.28
C TYR H 52 32.57 -41.81 10.21
N SER H 53 31.69 -40.85 9.95
CA SER H 53 32.13 -39.47 9.88
C SER H 53 32.69 -38.99 11.22
N GLY H 54 32.37 -39.66 12.33
CA GLY H 54 33.04 -39.36 13.58
C GLY H 54 32.79 -40.32 14.74
N GLY H 55 33.85 -40.83 15.35
CA GLY H 55 33.75 -41.54 16.60
C GLY H 55 33.08 -42.90 16.56
N THR H 56 33.70 -43.90 15.95
CA THR H 56 33.15 -45.26 15.93
C THR H 56 34.22 -46.28 16.25
N THR H 57 33.82 -47.33 16.97
CA THR H 57 34.67 -48.49 17.24
C THR H 57 33.94 -49.78 16.87
N TYR H 58 33.36 -49.79 15.67
CA TYR H 58 32.60 -50.93 15.17
C TYR H 58 33.51 -51.92 14.45
N TYR H 59 33.53 -53.15 14.93
CA TYR H 59 34.44 -54.15 14.40
C TYR H 59 33.64 -55.43 14.14
N ALA H 60 34.29 -56.40 13.52
CA ALA H 60 33.63 -57.68 13.27
C ALA H 60 33.76 -58.59 14.49
N ASP H 61 32.93 -59.64 14.49
CA ASP H 61 32.88 -60.56 15.62
C ASP H 61 34.19 -61.31 15.80
N SER H 62 34.92 -61.58 14.72
CA SER H 62 36.11 -62.42 14.80
C SER H 62 37.39 -61.63 14.99
N VAL H 63 37.32 -60.29 15.05
CA VAL H 63 38.52 -59.45 15.10
C VAL H 63 38.39 -58.42 16.21
N LYS H 64 37.53 -58.70 17.19
CA LYS H 64 37.28 -57.77 18.28
C LYS H 64 38.52 -57.53 19.13
N GLY H 65 38.71 -56.27 19.52
CA GLY H 65 39.75 -55.91 20.46
C GLY H 65 41.17 -55.77 19.92
N ARG H 66 41.37 -55.83 18.60
CA ARG H 66 42.70 -55.64 18.04
C ARG H 66 42.79 -54.42 17.16
N PHE H 67 41.90 -54.28 16.17
CA PHE H 67 41.99 -53.19 15.20
C PHE H 67 41.63 -51.85 15.83
N THR H 68 42.38 -50.81 15.48
CA THR H 68 42.17 -49.47 15.98
C THR H 68 42.05 -48.56 14.76
N ILE H 69 41.00 -47.75 14.74
CA ILE H 69 40.68 -46.92 13.58
C ILE H 69 40.69 -45.46 13.99
N SER H 70 41.34 -44.64 13.17
CA SER H 70 41.48 -43.21 13.42
C SER H 70 41.70 -42.52 12.09
N ARG H 71 41.72 -41.19 12.13
CA ARG H 71 41.91 -40.38 10.95
C ARG H 71 42.81 -39.21 11.31
N ASP H 72 43.65 -38.79 10.36
CA ASP H 72 44.18 -37.43 10.37
C ASP H 72 43.38 -36.68 9.31
N ASN H 73 42.44 -35.85 9.80
CA ASN H 73 41.63 -34.99 8.94
C ASN H 73 42.43 -33.87 8.29
N SER H 74 43.57 -33.50 8.88
CA SER H 74 44.44 -32.47 8.31
C SER H 74 44.94 -32.85 6.92
N LYS H 75 45.37 -34.09 6.74
CA LYS H 75 45.87 -34.61 5.47
C LYS H 75 44.85 -35.50 4.76
N ASN H 76 43.65 -35.64 5.33
CA ASN H 76 42.54 -36.46 4.82
C ASN H 76 42.93 -37.93 4.67
N THR H 77 43.39 -38.51 5.78
CA THR H 77 43.90 -39.86 5.73
C THR H 77 43.21 -40.68 6.80
N VAL H 78 42.72 -41.84 6.42
CA VAL H 78 42.14 -42.79 7.36
C VAL H 78 43.26 -43.77 7.66
N PHE H 79 43.56 -43.96 8.94
CA PHE H 79 44.56 -44.90 9.38
C PHE H 79 43.96 -46.13 10.05
N LEU H 80 44.44 -47.30 9.65
CA LEU H 80 44.14 -48.59 10.25
C LEU H 80 45.46 -49.16 10.76
N GLN H 81 45.71 -48.98 12.05
CA GLN H 81 46.96 -49.37 12.67
C GLN H 81 46.86 -50.84 13.05
N MET H 82 47.81 -51.65 12.57
CA MET H 82 47.71 -53.11 12.65
C MET H 82 48.65 -53.65 13.70
N ASN H 83 48.08 -54.17 14.79
CA ASN H 83 48.82 -54.81 15.86
C ASN H 83 48.23 -56.19 16.18
N SER H 84 49.12 -57.12 16.55
CA SER H 84 48.80 -58.49 16.94
C SER H 84 48.08 -59.25 15.81
N LEU H 85 48.83 -59.46 14.72
CA LEU H 85 48.34 -60.22 13.59
C LEU H 85 47.90 -61.64 13.98
N ARG H 86 46.97 -62.19 13.19
CA ARG H 86 46.63 -63.60 13.24
C ARG H 86 46.48 -64.13 11.82
N ALA H 87 46.17 -65.42 11.71
CA ALA H 87 46.20 -66.12 10.43
C ALA H 87 45.15 -65.58 9.46
N GLU H 88 43.92 -65.34 9.93
CA GLU H 88 42.80 -65.08 9.03
C GLU H 88 42.84 -63.68 8.43
N ASP H 89 43.66 -62.77 8.99
CA ASP H 89 43.72 -61.42 8.46
C ASP H 89 44.44 -61.31 7.13
N THR H 90 45.08 -62.38 6.66
CA THR H 90 45.75 -62.39 5.37
C THR H 90 44.74 -62.23 4.25
N ALA H 91 44.76 -61.07 3.59
CA ALA H 91 43.83 -60.74 2.51
C ALA H 91 44.30 -59.45 1.84
N VAL H 92 43.59 -59.09 0.78
CA VAL H 92 43.75 -57.78 0.15
C VAL H 92 42.75 -56.84 0.84
N TYR H 93 43.25 -55.72 1.35
CA TYR H 93 42.42 -54.80 2.12
C TYR H 93 42.02 -53.59 1.30
N TYR H 94 40.73 -53.26 1.37
CA TYR H 94 40.11 -52.14 0.68
C TYR H 94 39.58 -51.13 1.69
N CYS H 95 39.94 -49.87 1.51
CA CYS H 95 39.30 -48.78 2.22
C CYS H 95 38.09 -48.43 1.36
N ALA H 96 36.90 -48.65 1.89
CA ALA H 96 35.70 -48.53 1.08
C ALA H 96 34.99 -47.23 1.36
N ARG H 97 34.66 -46.51 0.30
CA ARG H 97 33.85 -45.31 0.41
C ARG H 97 32.39 -45.71 0.31
N GLU H 98 31.65 -45.52 1.39
CA GLU H 98 30.23 -45.79 1.42
C GLU H 98 29.53 -44.76 0.55
N GLY H 99 28.39 -45.15 -0.02
CA GLY H 99 27.65 -44.26 -0.90
C GLY H 99 27.25 -42.96 -0.26
N ASP H 100 27.87 -41.85 -0.68
CA ASP H 100 27.66 -40.56 -0.05
C ASP H 100 26.24 -40.04 -0.20
N VAL H 101 25.94 -38.89 0.42
CA VAL H 101 24.60 -38.32 0.32
C VAL H 101 24.33 -37.99 -1.15
N GLU H 102 23.07 -38.21 -1.57
CA GLU H 102 22.60 -38.19 -2.98
C GLU H 102 23.40 -39.15 -3.86
N GLY H 103 23.30 -40.44 -3.53
CA GLY H 103 24.04 -41.49 -4.21
C GLY H 103 23.69 -41.66 -5.67
N PHE H 104 24.61 -41.29 -6.56
CA PHE H 104 24.44 -41.33 -8.03
C PHE H 104 23.18 -40.57 -8.45
N SER H 105 22.83 -39.52 -7.68
CA SER H 105 21.68 -38.64 -7.92
C SER H 105 20.38 -39.44 -8.04
N ASP H 106 20.27 -40.48 -7.22
CA ASP H 106 19.07 -41.30 -7.13
C ASP H 106 17.85 -40.51 -6.67
N LEU H 107 16.77 -40.61 -7.43
CA LEU H 107 15.65 -39.70 -7.26
C LEU H 107 14.67 -40.18 -6.20
N TRP H 108 15.15 -40.68 -5.06
CA TRP H 108 14.25 -40.99 -3.94
C TRP H 108 14.81 -40.68 -2.56
N SER H 109 16.13 -40.64 -2.37
CA SER H 109 16.74 -40.59 -1.03
C SER H 109 17.18 -39.17 -0.68
N GLY H 110 16.52 -38.57 0.30
CA GLY H 110 16.90 -37.23 0.69
C GLY H 110 17.65 -37.20 2.01
N TYR H 111 18.97 -37.00 1.93
CA TYR H 111 19.89 -36.87 3.05
C TYR H 111 19.93 -38.06 4.01
N SER H 112 19.33 -39.20 3.66
CA SER H 112 19.47 -40.38 4.50
C SER H 112 20.83 -40.99 4.21
N ARG H 113 21.78 -40.80 5.12
CA ARG H 113 23.15 -41.26 4.87
C ARG H 113 23.35 -42.74 5.25
N ASP H 114 22.33 -43.44 5.76
CA ASP H 114 22.45 -44.87 6.09
C ASP H 114 22.95 -45.66 4.90
N ARG H 115 22.10 -45.78 3.87
CA ARG H 115 22.45 -46.21 2.51
C ARG H 115 23.53 -47.30 2.46
N TYR H 116 23.30 -48.39 3.18
CA TYR H 116 24.40 -49.31 3.48
C TYR H 116 24.74 -50.15 2.23
N TYR H 117 25.38 -49.47 1.28
CA TYR H 117 25.99 -50.09 0.11
C TYR H 117 27.35 -49.40 -0.07
N PHE H 118 28.02 -49.68 -1.18
CA PHE H 118 29.39 -49.23 -1.42
C PHE H 118 29.54 -48.54 -2.77
N ASP H 119 30.27 -47.43 -2.77
CA ASP H 119 30.57 -46.63 -3.94
C ASP H 119 31.86 -47.15 -4.60
N TYR H 120 32.48 -46.34 -5.46
CA TYR H 120 33.77 -46.69 -6.06
C TYR H 120 34.85 -46.79 -4.98
N TRP H 121 35.84 -47.64 -5.23
CA TRP H 121 36.91 -47.80 -4.27
C TRP H 121 38.28 -47.56 -4.90
N GLY H 122 39.32 -47.84 -4.11
CA GLY H 122 40.70 -47.79 -4.55
C GLY H 122 41.14 -49.04 -5.27
N GLN H 123 42.45 -49.21 -5.34
CA GLN H 123 43.04 -50.36 -6.02
C GLN H 123 43.32 -51.52 -5.07
N GLY H 124 43.13 -51.31 -3.77
CA GLY H 124 43.32 -52.34 -2.77
C GLY H 124 44.76 -52.59 -2.35
N THR H 125 45.00 -52.89 -1.08
CA THR H 125 46.33 -53.16 -0.60
C THR H 125 46.42 -54.59 -0.11
N LEU H 126 47.44 -55.30 -0.59
CA LEU H 126 47.72 -56.68 -0.16
C LEU H 126 48.40 -56.65 1.21
N VAL H 127 47.79 -57.31 2.18
CA VAL H 127 48.34 -57.40 3.54
C VAL H 127 48.57 -58.88 3.80
N THR H 128 49.84 -59.27 3.90
CA THR H 128 50.26 -60.66 4.00
C THR H 128 50.92 -60.95 5.34
N VAL H 129 50.55 -62.07 5.95
CA VAL H 129 51.14 -62.59 7.18
C VAL H 129 52.10 -63.72 6.83
N SER H 130 53.38 -63.49 7.11
CA SER H 130 54.43 -64.46 6.75
C SER H 130 55.51 -64.47 7.84
N VAL I 3 26.99 -65.77 7.59
CA VAL I 3 27.51 -65.82 6.22
C VAL I 3 26.49 -66.44 5.26
N LEU I 4 25.97 -65.58 4.38
CA LEU I 4 25.01 -65.99 3.38
C LEU I 4 25.64 -66.96 2.39
N THR I 5 24.90 -67.97 1.99
CA THR I 5 25.48 -69.01 1.13
C THR I 5 25.00 -68.80 -0.29
N GLN I 6 25.94 -68.88 -1.25
CA GLN I 6 25.59 -68.61 -2.67
C GLN I 6 25.93 -69.86 -3.50
N PRO I 7 25.31 -70.05 -4.69
CA PRO I 7 25.65 -71.19 -5.56
C PRO I 7 27.10 -71.15 -6.07
N ALA I 8 27.67 -72.31 -6.36
CA ALA I 8 29.09 -72.40 -6.79
C ALA I 8 29.25 -72.13 -8.28
N SER I 9 30.45 -72.36 -8.83
CA SER I 9 30.73 -72.06 -10.26
C SER I 9 29.83 -72.89 -11.19
N VAL I 10 29.36 -72.26 -12.26
CA VAL I 10 28.40 -72.88 -13.23
C VAL I 10 28.77 -72.41 -14.65
N SER I 11 28.32 -73.14 -15.68
CA SER I 11 28.57 -72.75 -17.09
C SER I 11 27.24 -72.66 -17.84
N GLY I 12 27.13 -71.82 -18.87
CA GLY I 12 25.81 -71.68 -19.52
C GLY I 12 25.78 -71.02 -20.89
N SER I 13 24.57 -70.77 -21.41
CA SER I 13 24.35 -70.17 -22.72
C SER I 13 23.87 -68.73 -22.63
N PRO I 14 24.35 -67.89 -23.56
CA PRO I 14 23.92 -66.50 -23.61
C PRO I 14 22.45 -66.39 -23.98
N GLY I 15 21.83 -65.31 -23.51
CA GLY I 15 20.48 -65.00 -23.95
C GLY I 15 19.35 -65.25 -22.98
N GLN I 16 19.37 -66.36 -22.26
CA GLN I 16 18.25 -66.70 -21.40
C GLN I 16 18.48 -66.20 -19.97
N SER I 17 17.55 -66.54 -19.08
CA SER I 17 17.55 -66.04 -17.71
C SER I 17 18.03 -67.11 -16.74
N ILE I 18 18.92 -66.71 -15.83
CA ILE I 18 19.47 -67.57 -14.79
C ILE I 18 19.04 -67.00 -13.45
N THR I 19 18.53 -67.86 -12.57
CA THR I 19 18.04 -67.44 -11.27
C THR I 19 18.96 -68.02 -10.18
N PHE I 20 19.75 -67.14 -9.56
CA PHE I 20 20.62 -67.53 -8.46
C PHE I 20 20.00 -67.05 -7.15
N SER I 21 19.66 -67.98 -6.29
CA SER I 21 19.06 -67.70 -4.99
C SER I 21 20.09 -67.95 -3.90
N CYS I 22 20.16 -67.06 -2.92
CA CYS I 22 21.14 -67.20 -1.86
C CYS I 22 20.44 -67.10 -0.51
N THR I 23 20.80 -68.02 0.39
CA THR I 23 20.15 -68.19 1.68
C THR I 23 20.70 -67.18 2.68
N GLY I 24 19.94 -66.97 3.76
CA GLY I 24 20.38 -66.11 4.83
C GLY I 24 19.62 -66.40 6.10
N THR I 25 19.79 -65.51 7.07
CA THR I 25 19.11 -65.60 8.35
C THR I 25 18.02 -64.54 8.46
N SER I 26 17.12 -64.74 9.41
CA SER I 26 16.03 -63.78 9.58
C SER I 26 16.50 -62.48 10.23
N SER I 27 17.69 -62.49 10.83
CA SER I 27 18.20 -61.28 11.47
C SER I 27 18.46 -60.17 10.46
N ASP I 28 19.08 -60.52 9.32
CA ASP I 28 19.48 -59.51 8.34
C ASP I 28 18.60 -59.42 7.08
N VAL I 29 18.40 -60.52 6.36
CA VAL I 29 17.64 -60.43 5.11
C VAL I 29 16.14 -60.50 5.36
N GLY I 30 15.69 -61.39 6.24
CA GLY I 30 14.26 -61.58 6.46
C GLY I 30 13.56 -60.36 7.00
N GLY I 31 14.18 -59.68 7.96
CA GLY I 31 13.58 -58.49 8.54
C GLY I 31 13.91 -57.17 7.90
N TYR I 32 15.19 -56.89 7.69
CA TYR I 32 15.64 -55.61 7.17
C TYR I 32 15.82 -55.68 5.66
N ASN I 33 15.72 -54.52 5.00
CA ASN I 33 15.69 -54.47 3.54
C ASN I 33 16.73 -53.50 2.94
N TYR I 34 17.96 -53.56 3.41
CA TYR I 34 19.07 -52.75 2.86
C TYR I 34 20.09 -53.62 2.14
N VAL I 35 19.64 -54.63 1.41
CA VAL I 35 20.52 -55.48 0.62
C VAL I 35 20.98 -54.79 -0.66
N SER I 36 22.27 -54.97 -0.98
CA SER I 36 22.87 -54.47 -2.20
C SER I 36 23.72 -55.56 -2.84
N TRP I 37 23.88 -55.51 -4.17
CA TRP I 37 24.70 -56.48 -4.89
C TRP I 37 25.75 -55.82 -5.78
N TYR I 38 26.88 -56.52 -5.97
CA TYR I 38 28.07 -55.96 -6.62
C TYR I 38 28.55 -56.87 -7.76
N GLN I 39 29.57 -56.40 -8.48
CA GLN I 39 30.21 -57.23 -9.53
C GLN I 39 31.69 -56.84 -9.56
N GLN I 40 32.61 -57.79 -9.67
CA GLN I 40 34.04 -57.39 -9.77
C GLN I 40 34.77 -58.18 -10.85
N TYR I 41 35.82 -57.59 -11.42
CA TYR I 41 36.66 -58.33 -12.41
C TYR I 41 37.97 -58.70 -11.70
N PRO I 42 38.47 -59.97 -11.68
CA PRO I 42 39.67 -60.29 -10.90
C PRO I 42 40.86 -59.35 -11.02
N GLY I 43 41.17 -58.67 -9.91
CA GLY I 43 42.25 -57.70 -9.81
C GLY I 43 41.78 -56.27 -9.62
N LYS I 44 40.61 -55.93 -10.15
CA LYS I 44 40.04 -54.60 -10.09
C LYS I 44 39.03 -54.57 -8.95
N ALA I 45 38.78 -53.40 -8.38
CA ALA I 45 37.83 -53.33 -7.29
C ALA I 45 36.38 -53.47 -7.72
N PRO I 46 35.55 -54.07 -6.86
CA PRO I 46 34.11 -54.28 -7.17
C PRO I 46 33.32 -53.02 -7.50
N LYS I 47 32.45 -53.14 -8.51
CA LYS I 47 31.63 -52.01 -8.90
C LYS I 47 30.20 -52.33 -8.52
N LEU I 48 29.45 -51.29 -8.21
CA LEU I 48 28.07 -51.42 -7.79
C LEU I 48 27.18 -51.88 -8.94
N LEU I 49 26.39 -52.93 -8.70
CA LEU I 49 25.30 -53.28 -9.62
C LEU I 49 23.93 -52.89 -9.12
N ILE I 50 23.54 -53.36 -7.93
CA ILE I 50 22.13 -53.08 -7.52
C ILE I 50 22.04 -52.69 -6.05
N TYR I 51 22.15 -51.39 -5.75
CA TYR I 51 21.92 -50.96 -4.35
C TYR I 51 20.43 -51.09 -4.09
N ASP I 52 20.05 -51.73 -2.97
CA ASP I 52 18.62 -51.92 -2.61
C ASP I 52 18.01 -52.99 -3.52
N VAL I 53 18.80 -53.62 -4.40
CA VAL I 53 18.35 -54.69 -5.34
C VAL I 53 17.34 -54.17 -6.38
N THR I 54 16.19 -53.65 -5.94
CA THR I 54 15.18 -53.10 -6.87
C THR I 54 15.76 -51.88 -7.60
N ASN I 55 16.46 -51.00 -6.88
CA ASN I 55 17.03 -49.77 -7.50
C ASN I 55 18.25 -50.14 -8.34
N ARG I 56 18.47 -49.43 -9.47
CA ARG I 56 19.59 -49.78 -10.37
C ARG I 56 20.44 -48.54 -10.68
N PRO I 57 21.72 -48.41 -10.21
CA PRO I 57 22.58 -47.30 -10.60
C PRO I 57 22.83 -47.24 -12.10
N SER I 58 23.17 -46.03 -12.56
CA SER I 58 23.50 -45.79 -13.95
C SER I 58 24.83 -46.43 -14.34
N GLY I 59 25.06 -46.52 -15.64
CA GLY I 59 26.23 -47.18 -16.19
C GLY I 59 26.16 -48.68 -16.15
N VAL I 60 24.98 -49.24 -15.86
CA VAL I 60 24.77 -50.67 -15.74
C VAL I 60 23.59 -51.03 -16.65
N SER I 61 23.74 -52.10 -17.41
CA SER I 61 22.65 -52.58 -18.27
C SER I 61 21.43 -52.90 -17.43
N ASP I 62 20.25 -52.56 -17.96
CA ASP I 62 18.99 -52.72 -17.25
C ASP I 62 18.54 -54.17 -17.12
N ARG I 63 19.20 -55.11 -17.81
CA ARG I 63 18.80 -56.51 -17.73
C ARG I 63 19.04 -57.10 -16.35
N PHE I 64 20.05 -56.61 -15.63
CA PHE I 64 20.30 -57.07 -14.27
C PHE I 64 19.11 -56.73 -13.37
N SER I 65 18.67 -57.71 -12.59
CA SER I 65 17.57 -57.53 -11.65
C SER I 65 17.75 -58.52 -10.51
N GLY I 66 17.42 -58.08 -9.30
CA GLY I 66 17.55 -58.93 -8.13
C GLY I 66 16.34 -58.78 -7.24
N SER I 67 16.25 -59.65 -6.24
CA SER I 67 15.10 -59.66 -5.35
C SER I 67 15.43 -60.43 -4.08
N LYS I 68 14.53 -60.35 -3.12
CA LYS I 68 14.62 -61.04 -1.84
C LYS I 68 13.27 -61.67 -1.53
N SER I 69 13.29 -62.88 -0.97
CA SER I 69 12.09 -63.58 -0.57
C SER I 69 12.35 -64.28 0.76
N GLY I 70 11.74 -63.77 1.83
CA GLY I 70 11.97 -64.33 3.16
C GLY I 70 13.44 -64.27 3.52
N ASN I 71 14.01 -65.41 3.91
CA ASN I 71 15.41 -65.46 4.25
C ASN I 71 16.31 -65.70 3.05
N THR I 72 15.77 -65.61 1.83
CA THR I 72 16.50 -65.90 0.61
C THR I 72 16.49 -64.68 -0.30
N ALA I 73 17.59 -64.44 -0.99
CA ALA I 73 17.70 -63.36 -1.96
C ALA I 73 17.95 -63.96 -3.35
N SER I 74 17.19 -63.51 -4.34
CA SER I 74 17.23 -64.08 -5.68
C SER I 74 17.72 -63.05 -6.69
N LEU I 75 18.49 -63.52 -7.67
CA LEU I 75 18.97 -62.70 -8.78
C LEU I 75 18.35 -63.22 -10.06
N THR I 76 17.50 -62.41 -10.70
CA THR I 76 16.95 -62.75 -12.00
C THR I 76 17.71 -61.98 -13.10
N ILE I 77 18.86 -62.52 -13.46
CA ILE I 77 19.70 -61.93 -14.49
C ILE I 77 19.19 -62.37 -15.86
N SER I 78 19.17 -61.44 -16.80
CA SER I 78 18.61 -61.67 -18.13
C SER I 78 19.64 -61.31 -19.19
N GLY I 79 19.55 -62.00 -20.33
CA GLY I 79 20.38 -61.74 -21.50
C GLY I 79 21.88 -61.69 -21.30
N LEU I 80 22.49 -62.84 -21.01
CA LEU I 80 23.93 -62.93 -20.78
C LEU I 80 24.71 -62.54 -22.02
N GLN I 81 25.93 -62.03 -21.81
CA GLN I 81 26.85 -61.77 -22.91
C GLN I 81 28.23 -62.29 -22.51
N ALA I 82 29.23 -61.96 -23.33
CA ALA I 82 30.58 -62.48 -23.13
C ALA I 82 31.26 -61.86 -21.91
N GLU I 83 31.16 -60.54 -21.76
CA GLU I 83 31.83 -59.84 -20.66
C GLU I 83 31.18 -60.07 -19.31
N ASP I 84 30.01 -60.69 -19.26
CA ASP I 84 29.24 -60.81 -18.03
C ASP I 84 29.89 -61.82 -17.06
N GLU I 85 30.91 -62.57 -17.49
CA GLU I 85 31.49 -63.60 -16.64
C GLU I 85 32.28 -62.98 -15.48
N ALA I 86 31.60 -62.83 -14.34
CA ALA I 86 32.17 -62.30 -13.13
C ALA I 86 31.30 -62.70 -11.95
N ASP I 87 31.95 -62.92 -10.80
CA ASP I 87 31.26 -63.34 -9.59
C ASP I 87 30.34 -62.23 -9.07
N TYR I 88 29.17 -62.63 -8.58
CA TYR I 88 28.13 -61.71 -8.11
C TYR I 88 28.02 -61.85 -6.61
N TYR I 89 28.15 -60.73 -5.90
CA TYR I 89 28.29 -60.70 -4.46
C TYR I 89 27.09 -60.00 -3.85
N CYS I 90 26.52 -60.61 -2.81
CA CYS I 90 25.30 -60.15 -2.12
C CYS I 90 25.67 -59.53 -0.78
N SER I 91 25.39 -58.24 -0.62
CA SER I 91 25.56 -57.56 0.66
C SER I 91 24.24 -57.09 1.24
N SER I 92 23.83 -57.73 2.32
CA SER I 92 22.57 -57.40 3.00
C SER I 92 22.84 -56.29 4.00
N PHE I 93 21.84 -56.01 4.85
CA PHE I 93 21.98 -55.01 5.91
C PHE I 93 23.12 -55.40 6.84
N THR I 94 23.60 -54.44 7.63
CA THR I 94 24.73 -54.72 8.49
C THR I 94 24.37 -55.53 9.77
N SER I 95 23.19 -56.16 9.86
CA SER I 95 22.80 -57.17 10.86
C SER I 95 23.24 -56.82 12.29
N SER I 96 22.72 -55.70 12.78
CA SER I 96 23.10 -55.10 14.06
C SER I 96 24.60 -54.79 14.08
N ASN I 97 24.98 -54.01 13.07
CA ASN I 97 26.30 -53.38 12.88
C ASN I 97 27.42 -54.39 12.61
N THR I 98 27.13 -55.52 11.92
CA THR I 98 28.17 -56.47 11.47
C THR I 98 27.75 -57.01 10.11
N ARG I 99 28.16 -56.33 9.04
CA ARG I 99 27.70 -56.70 7.69
C ARG I 99 28.29 -58.03 7.23
N VAL I 100 27.53 -58.73 6.39
CA VAL I 100 27.85 -60.07 5.92
C VAL I 100 27.63 -60.16 4.41
N PHE I 101 28.27 -61.16 3.80
CA PHE I 101 28.20 -61.40 2.36
C PHE I 101 27.99 -62.86 2.04
N GLY I 102 27.79 -63.13 0.75
CA GLY I 102 27.69 -64.46 0.22
C GLY I 102 29.04 -64.96 -0.31
N THR I 103 29.06 -66.25 -0.67
CA THR I 103 30.32 -66.87 -1.08
C THR I 103 30.77 -66.49 -2.48
N GLY I 104 29.85 -66.39 -3.44
CA GLY I 104 30.28 -66.01 -4.78
C GLY I 104 29.83 -67.01 -5.82
N THR I 105 29.37 -66.53 -6.97
CA THR I 105 28.84 -67.39 -8.03
C THR I 105 29.61 -67.08 -9.31
N LYS I 106 30.60 -67.93 -9.59
CA LYS I 106 31.45 -67.83 -10.78
C LYS I 106 30.72 -68.44 -11.97
N VAL I 107 30.32 -67.60 -12.91
CA VAL I 107 29.61 -68.02 -14.11
C VAL I 107 30.64 -68.28 -15.20
N THR I 108 30.33 -69.24 -16.07
CA THR I 108 31.17 -69.57 -17.22
C THR I 108 30.31 -69.65 -18.47
N VAL I 109 30.90 -69.30 -19.61
CA VAL I 109 30.26 -69.24 -20.91
C VAL I 109 31.12 -70.05 -21.87
N LEU I 110 30.54 -70.43 -23.01
CA LEU I 110 31.26 -71.17 -24.04
C LEU I 110 31.78 -70.22 -25.10
#